data_4MGG
#
_entry.id   4MGG
#
_cell.length_a   110.313
_cell.length_b   154.897
_cell.length_c   181.983
_cell.angle_alpha   90.00
_cell.angle_beta   90.00
_cell.angle_gamma   90.00
#
_symmetry.space_group_name_H-M   'P 21 21 21'
#
loop_
_entity.id
_entity.type
_entity.pdbx_description
1 polymer 'Muconate lactonizing enzyme'
2 non-polymer 'CHLORIDE ION'
3 non-polymer 'NICKEL (II) ION'
4 non-polymer 'MAGNESIUM ION'
5 water water
#
_entity_poly.entity_id   1
_entity_poly.type   'polypeptide(L)'
_entity_poly.pdbx_seq_one_letter_code
;SHMKITAINVFQVDLPLREGRYSWSNGNFVEVFDSTVVEIETDEGLKGYAECCPLGSAYLPSYALGVRSGLQELAPHLIG
KDPLNIGEINRVMDAALRGHPYAKAPIDIACWDLLGKATGQPLYTLLGGAAQDDVALYRAISQEAPEIMAKKIEGYAAEG
YTKFQLKVGGDANDDINRIHATRSVLKKSDLLVADANTGWTRHEAARVVGAVSSLDVYIEQPCLTYEESVSIRRRTALPF
VLDEVIDGPNTLVRGIAEDAMDCINLKISKVGGLTKAKLMRDLCIAHGIPMTIEDTWGGDIVTAAIAHLARSTPSEFTFS
ATDFNSYGTVDIAEGAPKRVNGRMTTSDLPGLGITPIFDVLGEPVARYS
;
_entity_poly.pdbx_strand_id   A,B,C,D,E,F,G,H
#
# COMPACT_ATOMS: atom_id res chain seq x y z
N SER A 1 37.59 39.72 15.65
CA SER A 1 36.92 38.72 16.52
C SER A 1 36.47 37.51 15.67
N HIS A 2 36.22 37.75 14.37
CA HIS A 2 35.89 36.72 13.39
C HIS A 2 37.13 35.80 13.09
N MET A 3 37.27 34.76 13.91
CA MET A 3 38.22 33.65 13.75
C MET A 3 38.24 33.03 12.34
N LYS A 4 39.43 32.77 11.81
CA LYS A 4 39.51 32.08 10.52
C LYS A 4 40.50 30.92 10.50
N ILE A 5 40.19 29.94 9.68
CA ILE A 5 41.07 28.80 9.52
C ILE A 5 42.33 29.21 8.75
N THR A 6 43.51 28.99 9.34
CA THR A 6 44.77 29.31 8.67
C THR A 6 45.54 28.12 8.06
N ALA A 7 45.25 26.92 8.52
CA ALA A 7 45.91 25.72 8.03
C ALA A 7 45.19 24.48 8.51
N ILE A 8 45.35 23.39 7.77
CA ILE A 8 44.90 22.08 8.20
C ILE A 8 46.08 21.13 8.18
N ASN A 9 46.41 20.56 9.32
CA ASN A 9 47.51 19.60 9.38
C ASN A 9 46.88 18.23 9.60
N VAL A 10 47.44 17.24 8.91
CA VAL A 10 46.91 15.86 8.93
C VAL A 10 48.03 14.91 9.41
N PHE A 11 47.74 14.15 10.46
CA PHE A 11 48.69 13.21 11.05
C PHE A 11 48.22 11.79 10.80
N GLN A 12 49.16 10.86 10.77
CA GLN A 12 48.86 9.45 10.60
C GLN A 12 49.43 8.75 11.82
N VAL A 13 48.68 7.81 12.39
CA VAL A 13 49.19 7.04 13.52
C VAL A 13 48.69 5.61 13.49
N ASP A 14 49.60 4.64 13.71
CA ASP A 14 49.28 3.22 13.75
C ASP A 14 48.59 2.89 15.07
N LEU A 15 47.52 2.11 15.04
CA LEU A 15 46.88 1.67 16.29
C LEU A 15 46.80 0.17 16.38
N PRO A 16 47.75 -0.46 17.10
CA PRO A 16 47.64 -1.92 17.25
C PRO A 16 46.55 -2.30 18.24
N LEU A 17 46.25 -3.59 18.29
CA LEU A 17 45.19 -4.17 19.12
C LEU A 17 45.79 -4.95 20.26
N ARG A 18 45.24 -4.81 21.47
CA ARG A 18 45.69 -5.62 22.60
C ARG A 18 45.52 -7.10 22.24
N GLU A 19 44.43 -7.42 21.57
CA GLU A 19 44.13 -8.80 21.21
C GLU A 19 44.94 -9.30 20.00
N GLY A 20 45.66 -8.40 19.35
CA GLY A 20 46.52 -8.78 18.24
C GLY A 20 45.84 -8.81 16.88
N ARG A 21 44.57 -9.21 16.84
CA ARG A 21 43.83 -9.18 15.61
C ARG A 21 42.33 -8.93 15.85
N TYR A 22 41.67 -8.31 14.87
CA TYR A 22 40.24 -8.09 14.95
C TYR A 22 39.59 -8.54 13.67
N SER A 23 38.62 -9.43 13.80
CA SER A 23 38.01 -10.06 12.62
C SER A 23 36.49 -9.83 12.57
N TRP A 24 35.98 -9.53 11.40
CA TRP A 24 34.54 -9.40 11.25
C TRP A 24 34.05 -10.11 9.98
N SER A 25 32.90 -9.69 9.45
CA SER A 25 32.21 -10.39 8.37
C SER A 25 33.04 -10.46 7.08
N ASN A 26 32.68 -11.37 6.18
CA ASN A 26 33.39 -11.54 4.89
C ASN A 26 34.86 -11.90 5.00
N GLY A 27 35.27 -12.51 6.10
CA GLY A 27 36.68 -12.81 6.31
C GLY A 27 37.57 -11.58 6.40
N ASN A 28 37.00 -10.44 6.69
CA ASN A 28 37.84 -9.29 6.95
C ASN A 28 38.55 -9.40 8.27
N PHE A 29 39.74 -8.84 8.31
CA PHE A 29 40.45 -8.70 9.57
C PHE A 29 41.53 -7.68 9.44
N VAL A 30 41.95 -7.14 10.60
CA VAL A 30 43.03 -6.18 10.70
C VAL A 30 43.83 -6.49 11.97
N GLU A 31 45.12 -6.18 11.95
CA GLU A 31 45.93 -6.32 13.16
C GLU A 31 46.42 -4.97 13.65
N VAL A 32 46.69 -4.07 12.70
CA VAL A 32 47.07 -2.71 13.02
C VAL A 32 46.23 -1.74 12.17
N PHE A 33 45.42 -0.92 12.85
CA PHE A 33 44.59 0.08 12.16
C PHE A 33 45.38 1.32 11.78
N ASP A 34 44.92 1.97 10.71
CA ASP A 34 45.57 3.15 10.18
C ASP A 34 44.69 4.33 10.50
N SER A 35 45.03 5.06 11.57
CA SER A 35 44.27 6.23 11.99
C SER A 35 44.75 7.57 11.49
N THR A 36 43.78 8.50 11.33
CA THR A 36 44.11 9.86 10.89
C THR A 36 43.69 10.90 11.95
N VAL A 37 44.57 11.83 12.25
CA VAL A 37 44.23 12.88 13.17
C VAL A 37 44.33 14.22 12.44
N VAL A 38 43.31 15.04 12.62
CA VAL A 38 43.20 16.31 11.93
C VAL A 38 43.40 17.39 12.96
N GLU A 39 44.19 18.38 12.59
CA GLU A 39 44.40 19.53 13.40
C GLU A 39 44.02 20.74 12.56
N ILE A 40 43.03 21.49 13.02
CA ILE A 40 42.63 22.73 12.38
C ILE A 40 43.22 23.88 13.16
N GLU A 41 44.03 24.68 12.47
CA GLU A 41 44.69 25.82 13.08
C GLU A 41 43.90 27.07 12.76
N THR A 42 43.95 28.04 13.66
CA THR A 42 43.25 29.31 13.43
C THR A 42 44.15 30.51 13.62
N ASP A 43 43.71 31.66 13.13
CA ASP A 43 44.51 32.86 13.33
C ASP A 43 44.54 33.35 14.78
N GLU A 44 43.77 32.75 15.66
CA GLU A 44 43.77 33.17 17.06
C GLU A 44 44.68 32.28 17.90
N GLY A 45 45.19 31.21 17.31
CA GLY A 45 46.09 30.31 17.99
C GLY A 45 45.38 29.11 18.53
N LEU A 46 44.05 29.11 18.50
CA LEU A 46 43.32 27.93 18.95
C LEU A 46 43.31 26.88 17.82
N LYS A 47 43.31 25.63 18.23
CA LYS A 47 43.28 24.47 17.35
C LYS A 47 42.13 23.57 17.70
N GLY A 48 41.60 22.93 16.68
CA GLY A 48 40.59 21.90 16.85
C GLY A 48 41.12 20.60 16.35
N TYR A 49 40.77 19.53 17.08
CA TYR A 49 41.23 18.18 16.78
C TYR A 49 40.08 17.19 16.53
N ALA A 50 40.38 16.17 15.72
CA ALA A 50 39.46 15.08 15.46
C ALA A 50 40.25 13.90 14.95
N GLU A 51 39.66 12.72 15.04
CA GLU A 51 40.30 11.51 14.60
C GLU A 51 39.31 10.76 13.77
N CYS A 52 39.80 10.10 12.72
CA CYS A 52 38.97 9.21 11.93
C CYS A 52 39.74 7.95 11.53
N CYS A 53 39.11 6.80 11.73
CA CYS A 53 39.76 5.51 11.59
C CYS A 53 38.79 4.48 11.05
N PRO A 54 38.72 4.37 9.72
CA PRO A 54 37.83 3.36 9.17
C PRO A 54 38.41 1.96 9.34
N LEU A 55 37.60 0.95 9.07
CA LEU A 55 38.07 -0.41 9.28
C LEU A 55 39.11 -0.81 8.20
N GLY A 56 40.42 -0.76 8.54
CA GLY A 56 41.49 -1.07 7.58
C GLY A 56 42.93 -1.03 8.15
N SER A 57 43.83 -1.79 7.51
CA SER A 57 45.20 -1.93 8.04
C SER A 57 46.18 -0.84 7.58
N ALA A 58 47.06 -0.48 8.52
CA ALA A 58 48.16 0.44 8.26
C ALA A 58 49.20 -0.21 7.33
N TYR A 59 49.11 -1.53 7.17
CA TYR A 59 50.10 -2.29 6.41
C TYR A 59 49.74 -2.53 4.94
N LEU A 60 48.52 -2.19 4.52
CA LEU A 60 48.12 -2.25 3.12
C LEU A 60 47.57 -0.91 2.68
N PRO A 61 47.54 -0.65 1.36
CA PRO A 61 46.89 0.60 0.97
C PRO A 61 45.36 0.47 1.09
N SER A 62 44.76 1.12 2.09
CA SER A 62 43.35 0.89 2.40
C SER A 62 42.54 2.19 2.51
N TYR A 63 41.33 2.08 3.06
CA TYR A 63 40.39 3.21 3.23
C TYR A 63 40.99 4.46 3.88
N ALA A 64 41.99 4.33 4.75
CA ALA A 64 42.59 5.51 5.37
C ALA A 64 43.19 6.46 4.31
N LEU A 65 43.70 5.90 3.21
CA LEU A 65 44.19 6.75 2.13
C LEU A 65 43.08 7.71 1.60
N GLY A 66 41.85 7.20 1.50
CA GLY A 66 40.74 7.97 1.00
C GLY A 66 40.33 9.01 2.02
N VAL A 67 40.49 8.74 3.31
CA VAL A 67 40.27 9.79 4.30
C VAL A 67 41.29 10.90 4.02
N ARG A 68 42.54 10.52 3.80
CA ARG A 68 43.58 11.54 3.71
C ARG A 68 43.52 12.27 2.35
N SER A 69 43.22 11.54 1.27
CA SER A 69 43.09 12.21 -0.02
C SER A 69 41.83 13.10 -0.05
N GLY A 70 40.77 12.68 0.64
CA GLY A 70 39.60 13.53 0.78
C GLY A 70 39.91 14.83 1.54
N LEU A 71 40.69 14.72 2.62
CA LEU A 71 41.12 15.92 3.32
C LEU A 71 41.95 16.81 2.36
N GLN A 72 42.76 16.19 1.51
CA GLN A 72 43.58 16.95 0.58
C GLN A 72 42.67 17.74 -0.35
N GLU A 73 41.59 17.12 -0.80
CA GLU A 73 40.68 17.80 -1.72
C GLU A 73 39.80 18.87 -1.03
N LEU A 74 39.45 18.65 0.24
CA LEU A 74 38.65 19.63 1.00
C LEU A 74 39.44 20.87 1.44
N ALA A 75 40.67 20.65 1.92
CA ALA A 75 41.41 21.65 2.66
C ALA A 75 41.51 22.99 2.02
N PRO A 76 41.84 23.03 0.73
CA PRO A 76 41.99 24.36 0.14
C PRO A 76 40.72 25.20 0.24
N HIS A 77 39.57 24.56 0.26
CA HIS A 77 38.31 25.26 0.30
C HIS A 77 37.96 25.76 1.69
N LEU A 78 38.73 25.35 2.69
CA LEU A 78 38.43 25.66 4.10
C LEU A 78 39.30 26.80 4.61
N ILE A 79 40.48 26.98 4.00
CA ILE A 79 41.36 28.06 4.40
C ILE A 79 40.62 29.40 4.31
N GLY A 80 40.74 30.21 5.35
CA GLY A 80 40.01 31.47 5.43
C GLY A 80 38.57 31.37 5.93
N LYS A 81 38.01 30.18 6.02
CA LYS A 81 36.62 30.09 6.48
C LYS A 81 36.55 30.22 8.01
N ASP A 82 35.37 30.55 8.51
CA ASP A 82 35.10 30.66 9.94
C ASP A 82 34.71 29.30 10.52
N PRO A 83 35.57 28.71 11.34
CA PRO A 83 35.28 27.37 11.83
C PRO A 83 34.16 27.30 12.88
N LEU A 84 33.75 28.42 13.46
CA LEU A 84 32.62 28.37 14.40
C LEU A 84 31.28 28.40 13.66
N ASN A 85 31.33 28.72 12.37
CA ASN A 85 30.13 28.68 11.57
C ASN A 85 30.02 27.29 10.95
N ILE A 86 29.57 26.35 11.77
CA ILE A 86 29.74 24.95 11.45
C ILE A 86 28.83 24.61 10.27
N GLY A 87 27.66 25.26 10.21
CA GLY A 87 26.75 25.05 9.11
C GLY A 87 27.38 25.38 7.77
N GLU A 88 28.12 26.48 7.74
CA GLU A 88 28.76 26.95 6.50
C GLU A 88 29.96 26.05 6.13
N ILE A 89 30.73 25.66 7.12
CA ILE A 89 31.79 24.69 6.91
C ILE A 89 31.26 23.46 6.16
N ASN A 90 30.16 22.88 6.66
CA ASN A 90 29.57 21.73 6.03
C ASN A 90 29.02 21.99 4.64
N ARG A 91 28.49 23.18 4.42
CA ARG A 91 27.99 23.55 3.11
C ARG A 91 29.17 23.69 2.14
N VAL A 92 30.28 24.26 2.63
CA VAL A 92 31.46 24.43 1.77
C VAL A 92 32.05 23.03 1.40
N MET A 93 32.07 22.12 2.35
CA MET A 93 32.59 20.78 2.10
C MET A 93 31.72 20.04 1.09
N ASP A 94 30.41 20.09 1.27
CA ASP A 94 29.51 19.35 0.38
C ASP A 94 29.55 19.85 -1.06
N ALA A 95 29.81 21.14 -1.23
CA ALA A 95 29.92 21.73 -2.55
C ALA A 95 31.23 21.30 -3.22
N ALA A 96 32.26 21.07 -2.41
CA ALA A 96 33.59 20.81 -2.93
C ALA A 96 33.80 19.35 -3.30
N LEU A 97 33.06 18.46 -2.67
CA LEU A 97 33.37 17.06 -2.81
C LEU A 97 32.12 16.26 -2.54
N ARG A 98 31.84 15.30 -3.42
CA ARG A 98 30.72 14.39 -3.21
C ARG A 98 31.16 13.19 -2.38
N GLY A 99 30.32 12.75 -1.48
CA GLY A 99 30.62 11.60 -0.64
C GLY A 99 31.71 11.91 0.35
N HIS A 100 32.62 10.96 0.50
CA HIS A 100 33.74 11.06 1.46
C HIS A 100 33.29 11.48 2.86
N PRO A 101 32.25 10.82 3.40
CA PRO A 101 31.86 11.19 4.75
C PRO A 101 33.03 11.04 5.74
N TYR A 102 33.95 10.09 5.51
CA TYR A 102 35.05 9.87 6.46
C TYR A 102 36.08 10.99 6.43
N ALA A 103 36.14 11.71 5.32
CA ALA A 103 37.02 12.84 5.21
C ALA A 103 36.36 14.08 5.83
N LYS A 104 35.06 14.24 5.61
CA LYS A 104 34.35 15.38 6.13
C LYS A 104 34.07 15.31 7.64
N ALA A 105 33.83 14.11 8.15
CA ALA A 105 33.56 13.98 9.56
C ALA A 105 34.61 14.68 10.46
N PRO A 106 35.92 14.41 10.26
CA PRO A 106 36.84 14.99 11.24
C PRO A 106 36.96 16.51 11.15
N ILE A 107 36.67 17.09 10.00
CA ILE A 107 36.65 18.54 9.87
C ILE A 107 35.49 19.08 10.74
N ASP A 108 34.32 18.47 10.60
CA ASP A 108 33.16 18.90 11.38
C ASP A 108 33.45 18.79 12.88
N ILE A 109 33.98 17.65 13.31
CA ILE A 109 34.28 17.42 14.72
C ILE A 109 35.36 18.39 15.24
N ALA A 110 36.35 18.65 14.41
CA ALA A 110 37.41 19.57 14.82
C ALA A 110 36.82 21.00 14.94
N CYS A 111 35.83 21.33 14.10
CA CYS A 111 35.17 22.64 14.23
C CYS A 111 34.35 22.72 15.51
N TRP A 112 33.66 21.64 15.86
CA TRP A 112 32.98 21.58 17.17
C TRP A 112 33.95 21.74 18.35
N ASP A 113 35.15 21.14 18.22
CA ASP A 113 36.20 21.23 19.23
C ASP A 113 36.61 22.70 19.34
N LEU A 114 36.80 23.36 18.19
CA LEU A 114 37.06 24.79 18.17
C LEU A 114 35.90 25.65 18.75
N LEU A 115 34.65 25.27 18.50
CA LEU A 115 33.50 26.02 19.07
C LEU A 115 33.53 25.90 20.59
N GLY A 116 33.84 24.70 21.07
CA GLY A 116 33.89 24.48 22.49
C GLY A 116 35.01 25.34 23.09
N LYS A 117 36.15 25.35 22.41
CA LYS A 117 37.26 26.15 22.90
C LYS A 117 36.97 27.66 22.86
N ALA A 118 36.33 28.12 21.78
CA ALA A 118 36.01 29.55 21.68
C ALA A 118 34.96 29.97 22.70
N THR A 119 34.16 29.04 23.19
CA THR A 119 33.04 29.40 24.02
C THR A 119 33.28 29.01 25.47
N GLY A 120 34.36 28.28 25.71
CA GLY A 120 34.64 27.76 27.04
C GLY A 120 33.70 26.66 27.49
N GLN A 121 33.05 25.93 26.57
CA GLN A 121 32.12 24.88 26.95
C GLN A 121 32.57 23.49 26.48
N PRO A 122 32.27 22.44 27.28
CA PRO A 122 32.53 21.05 26.85
C PRO A 122 31.56 20.64 25.77
N LEU A 123 31.98 19.74 24.87
CA LEU A 123 31.11 19.32 23.77
C LEU A 123 29.70 18.90 24.24
N TYR A 124 29.62 18.19 25.35
CA TYR A 124 28.32 17.61 25.70
C TYR A 124 27.27 18.72 25.93
N THR A 125 27.70 19.91 26.36
CA THR A 125 26.80 21.03 26.54
C THR A 125 26.34 21.58 25.20
N LEU A 126 27.30 21.84 24.31
CA LEU A 126 26.96 22.37 22.99
C LEU A 126 26.12 21.40 22.17
N LEU A 127 26.21 20.11 22.44
CA LEU A 127 25.45 19.12 21.72
C LEU A 127 24.08 18.97 22.36
N GLY A 128 23.76 19.75 23.40
CA GLY A 128 22.39 19.73 23.89
C GLY A 128 22.19 19.65 25.37
N GLY A 129 23.28 19.32 26.07
CA GLY A 129 23.31 19.33 27.52
C GLY A 129 23.62 17.95 28.07
N ALA A 130 24.28 17.90 29.21
CA ALA A 130 24.60 16.61 29.85
C ALA A 130 23.34 15.93 30.37
N ALA A 131 23.05 14.76 29.84
CA ALA A 131 21.93 13.98 30.33
C ALA A 131 22.36 12.81 31.22
N GLN A 132 23.64 12.46 31.21
CA GLN A 132 24.15 11.34 32.02
C GLN A 132 25.54 11.69 32.56
N ASP A 133 25.85 11.26 33.76
CA ASP A 133 27.18 11.40 34.34
C ASP A 133 28.19 10.50 33.65
N ASP A 134 27.75 9.31 33.28
CA ASP A 134 28.62 8.38 32.60
C ASP A 134 27.77 7.40 31.84
N VAL A 135 28.38 6.69 30.90
CA VAL A 135 27.58 5.98 29.93
C VAL A 135 27.93 4.52 29.91
N ALA A 136 26.93 3.67 29.71
CA ALA A 136 27.14 2.23 29.64
C ALA A 136 27.91 1.82 28.39
N LEU A 137 28.76 0.81 28.49
CA LEU A 137 29.61 0.43 27.36
C LEU A 137 29.39 -0.99 26.94
N TYR A 138 29.55 -1.24 25.66
CA TYR A 138 29.61 -2.59 25.18
C TYR A 138 31.02 -2.94 24.73
N ARG A 139 31.31 -4.22 24.64
CA ARG A 139 32.56 -4.67 24.09
C ARG A 139 32.29 -5.40 22.77
N ALA A 140 33.02 -5.01 21.71
CA ALA A 140 32.96 -5.74 20.43
C ALA A 140 33.77 -7.02 20.53
N ILE A 141 33.18 -8.14 20.15
CA ILE A 141 33.86 -9.41 20.21
C ILE A 141 34.25 -9.94 18.81
N SER A 142 35.55 -10.03 18.57
CA SER A 142 36.09 -10.43 17.27
C SER A 142 35.54 -11.79 16.82
N GLN A 143 35.37 -11.93 15.52
CA GLN A 143 34.87 -13.17 14.97
C GLN A 143 35.92 -14.30 15.02
N GLU A 144 35.69 -15.29 15.89
CA GLU A 144 36.60 -16.45 16.01
C GLU A 144 35.80 -17.71 16.34
N ALA A 145 36.48 -18.78 16.78
CA ALA A 145 35.81 -20.01 17.22
C ALA A 145 34.89 -19.68 18.37
N PRO A 146 33.70 -20.28 18.38
CA PRO A 146 32.73 -20.03 19.45
C PRO A 146 33.37 -20.09 20.86
N GLU A 147 34.26 -21.05 21.07
CA GLU A 147 34.87 -21.22 22.37
C GLU A 147 35.77 -20.04 22.69
N ILE A 148 36.39 -19.46 21.68
CA ILE A 148 37.26 -18.31 21.95
C ILE A 148 36.41 -17.03 22.21
N MET A 149 35.38 -16.84 21.39
CA MET A 149 34.43 -15.75 21.65
C MET A 149 33.84 -15.88 23.06
N ALA A 150 33.41 -17.09 23.44
CA ALA A 150 32.81 -17.31 24.76
C ALA A 150 33.79 -16.95 25.89
N LYS A 151 35.05 -17.39 25.75
CA LYS A 151 36.10 -17.13 26.75
C LYS A 151 36.49 -15.64 26.86
N LYS A 152 36.65 -14.96 25.73
CA LYS A 152 36.91 -13.52 25.77
C LYS A 152 35.75 -12.72 26.42
N ILE A 153 34.52 -13.04 26.05
CA ILE A 153 33.36 -12.41 26.64
C ILE A 153 33.32 -12.52 28.19
N GLU A 154 33.60 -13.70 28.72
CA GLU A 154 33.68 -13.92 30.18
C GLU A 154 34.70 -12.99 30.81
N GLY A 155 35.85 -12.85 30.15
CA GLY A 155 36.90 -11.98 30.63
C GLY A 155 36.42 -10.54 30.70
N TYR A 156 35.86 -10.06 29.59
CA TYR A 156 35.36 -8.69 29.54
C TYR A 156 34.16 -8.44 30.49
N ALA A 157 33.29 -9.42 30.65
CA ALA A 157 32.18 -9.26 31.60
C ALA A 157 32.71 -9.18 33.01
N ALA A 158 33.80 -9.92 33.29
CA ALA A 158 34.44 -9.81 34.60
C ALA A 158 35.04 -8.42 34.81
N GLU A 159 35.50 -7.75 33.74
CA GLU A 159 36.02 -6.37 33.86
C GLU A 159 34.91 -5.34 34.03
N GLY A 160 33.65 -5.78 33.95
CA GLY A 160 32.54 -4.87 34.20
C GLY A 160 31.70 -4.49 32.98
N TYR A 161 32.03 -5.03 31.81
CA TYR A 161 31.21 -4.72 30.66
C TYR A 161 29.91 -5.48 30.81
N THR A 162 28.78 -4.83 30.55
CA THR A 162 27.52 -5.54 30.62
C THR A 162 26.81 -5.70 29.27
N LYS A 163 27.41 -5.15 28.22
CA LYS A 163 26.85 -5.32 26.89
C LYS A 163 27.89 -5.75 25.88
N PHE A 164 27.43 -6.46 24.86
CA PHE A 164 28.36 -7.11 23.94
C PHE A 164 27.85 -7.10 22.52
N GLN A 165 28.76 -6.87 21.59
CA GLN A 165 28.48 -6.98 20.16
C GLN A 165 29.27 -8.11 19.52
N LEU A 166 28.62 -9.21 19.16
CA LEU A 166 29.31 -10.28 18.46
C LEU A 166 29.55 -9.87 17.03
N LYS A 167 30.75 -10.13 16.54
CA LYS A 167 31.01 -9.94 15.12
C LYS A 167 30.70 -11.22 14.35
N VAL A 168 29.47 -11.35 13.88
CA VAL A 168 29.09 -12.55 13.14
C VAL A 168 29.05 -12.14 11.68
N GLY A 169 28.07 -12.63 10.92
CA GLY A 169 28.09 -12.38 9.47
C GLY A 169 29.21 -13.13 8.73
N GLY A 170 29.58 -14.30 9.26
CA GLY A 170 30.45 -15.23 8.58
C GLY A 170 29.60 -16.36 7.99
N ASP A 171 30.12 -17.57 8.02
CA ASP A 171 29.32 -18.77 7.68
C ASP A 171 28.16 -18.92 8.70
N ALA A 172 26.97 -19.19 8.17
CA ALA A 172 25.76 -19.18 8.96
C ALA A 172 25.77 -20.15 10.12
N ASN A 173 26.25 -21.38 9.86
CA ASN A 173 26.31 -22.45 10.86
C ASN A 173 27.29 -22.11 12.00
N ASP A 174 28.44 -21.54 11.65
CA ASP A 174 29.38 -21.03 12.64
C ASP A 174 28.73 -19.97 13.48
N ASP A 175 28.00 -19.06 12.83
CA ASP A 175 27.43 -17.94 13.54
C ASP A 175 26.35 -18.42 14.54
N ILE A 176 25.63 -19.48 14.19
CA ILE A 176 24.61 -20.03 15.07
C ILE A 176 25.29 -20.54 16.34
N ASN A 177 26.38 -21.29 16.17
CA ASN A 177 27.15 -21.75 17.32
C ASN A 177 27.76 -20.61 18.13
N ARG A 178 28.23 -19.58 17.45
CA ARG A 178 28.84 -18.47 18.14
C ARG A 178 27.81 -17.80 19.06
N ILE A 179 26.58 -17.67 18.57
CA ILE A 179 25.54 -16.91 19.29
C ILE A 179 25.08 -17.72 20.48
N HIS A 180 24.90 -19.02 20.30
CA HIS A 180 24.54 -19.86 21.45
C HIS A 180 25.67 -19.90 22.52
N ALA A 181 26.90 -19.95 22.05
CA ALA A 181 28.00 -20.19 22.98
C ALA A 181 28.13 -18.95 23.84
N THR A 182 28.13 -17.77 23.22
CA THR A 182 28.33 -16.52 23.96
C THR A 182 27.12 -16.15 24.81
N ARG A 183 25.91 -16.41 24.30
CA ARG A 183 24.71 -16.14 25.08
C ARG A 183 24.73 -16.97 26.37
N SER A 184 25.27 -18.19 26.27
CA SER A 184 25.25 -19.10 27.40
C SER A 184 26.17 -18.65 28.51
N VAL A 185 27.26 -17.95 28.21
CA VAL A 185 28.20 -17.55 29.27
C VAL A 185 27.82 -16.25 29.97
N LEU A 186 26.85 -15.52 29.43
CA LEU A 186 26.39 -14.26 30.01
C LEU A 186 25.15 -14.40 30.90
N LYS A 187 25.21 -13.79 32.09
CA LYS A 187 24.02 -13.60 32.94
C LYS A 187 22.90 -12.97 32.15
N LYS A 188 21.66 -13.31 32.52
CA LYS A 188 20.47 -12.86 31.78
C LYS A 188 20.38 -11.37 31.58
N SER A 189 20.85 -10.61 32.55
CA SER A 189 20.71 -9.17 32.45
C SER A 189 21.75 -8.53 31.50
N ASP A 190 22.79 -9.27 31.09
CA ASP A 190 23.75 -8.72 30.12
C ASP A 190 23.13 -8.80 28.73
N LEU A 191 23.34 -7.77 27.90
CA LEU A 191 22.70 -7.73 26.57
C LEU A 191 23.62 -8.25 25.50
N LEU A 192 23.06 -8.97 24.54
CA LEU A 192 23.90 -9.56 23.50
C LEU A 192 23.39 -9.21 22.11
N VAL A 193 24.18 -8.48 21.35
CA VAL A 193 23.84 -8.13 19.99
C VAL A 193 24.63 -9.01 19.00
N ALA A 194 23.93 -9.68 18.10
CA ALA A 194 24.57 -10.39 16.99
C ALA A 194 24.67 -9.44 15.81
N ASP A 195 25.84 -8.86 15.62
CA ASP A 195 26.07 -7.91 14.53
C ASP A 195 26.69 -8.59 13.31
N ALA A 196 25.87 -8.77 12.28
CA ALA A 196 26.31 -9.41 11.05
C ALA A 196 27.18 -8.49 10.16
N ASN A 197 27.16 -7.19 10.42
CA ASN A 197 27.83 -6.20 9.57
C ASN A 197 27.63 -6.50 8.10
N THR A 198 26.37 -6.68 7.70
CA THR A 198 26.02 -6.87 6.31
C THR A 198 26.48 -8.20 5.71
N GLY A 199 27.00 -9.11 6.54
CA GLY A 199 27.64 -10.33 6.09
C GLY A 199 26.79 -11.50 5.65
N TRP A 200 25.47 -11.38 5.64
CA TRP A 200 24.61 -12.46 5.18
C TRP A 200 23.73 -12.02 4.00
N THR A 201 23.50 -12.96 3.09
CA THR A 201 22.37 -12.86 2.17
C THR A 201 21.09 -13.18 2.93
N ARG A 202 19.95 -12.88 2.35
CA ARG A 202 18.73 -13.12 3.11
C ARG A 202 18.45 -14.58 3.45
N HIS A 203 18.84 -15.57 2.61
CA HIS A 203 18.56 -16.96 2.98
C HIS A 203 19.43 -17.39 4.15
N GLU A 204 20.68 -16.92 4.16
CA GLU A 204 21.57 -17.14 5.28
C GLU A 204 21.01 -16.51 6.57
N ALA A 205 20.61 -15.25 6.46
CA ALA A 205 20.07 -14.51 7.59
C ALA A 205 18.82 -15.23 8.10
N ALA A 206 17.96 -15.68 7.18
CA ALA A 206 16.74 -16.37 7.57
C ALA A 206 17.05 -17.60 8.41
N ARG A 207 18.05 -18.37 7.98
CA ARG A 207 18.43 -19.56 8.73
C ARG A 207 18.97 -19.18 10.11
N VAL A 208 19.82 -18.15 10.17
CA VAL A 208 20.41 -17.79 11.45
C VAL A 208 19.36 -17.31 12.44
N VAL A 209 18.48 -16.36 12.04
CA VAL A 209 17.47 -15.80 12.96
C VAL A 209 16.42 -16.81 13.37
N GLY A 210 16.09 -17.72 12.46
CA GLY A 210 15.25 -18.84 12.82
C GLY A 210 15.86 -19.73 13.89
N ALA A 211 17.19 -19.92 13.85
CA ALA A 211 17.86 -20.87 14.74
C ALA A 211 18.15 -20.27 16.13
N VAL A 212 18.01 -18.96 16.27
CA VAL A 212 18.28 -18.27 17.54
C VAL A 212 17.02 -17.57 18.05
N SER A 213 15.87 -17.95 17.50
CA SER A 213 14.63 -17.21 17.72
C SER A 213 14.25 -17.23 19.19
N SER A 214 14.68 -18.26 19.91
CA SER A 214 14.27 -18.43 21.29
C SER A 214 15.29 -17.95 22.29
N LEU A 215 16.38 -17.34 21.79
CA LEU A 215 17.41 -16.73 22.62
C LEU A 215 17.19 -15.21 22.80
N ASP A 216 17.61 -14.71 23.95
CA ASP A 216 17.53 -13.28 24.21
C ASP A 216 18.68 -12.53 23.52
N VAL A 217 18.52 -12.27 22.24
CA VAL A 217 19.57 -11.67 21.46
C VAL A 217 18.97 -10.61 20.56
N TYR A 218 19.80 -9.65 20.16
CA TYR A 218 19.41 -8.64 19.18
C TYR A 218 20.07 -8.97 17.87
N ILE A 219 19.39 -8.72 16.76
CA ILE A 219 19.96 -8.97 15.44
C ILE A 219 20.27 -7.64 14.79
N GLU A 220 21.51 -7.44 14.40
CA GLU A 220 21.95 -6.15 13.83
C GLU A 220 22.50 -6.34 12.42
N GLN A 221 22.04 -5.47 11.52
CA GLN A 221 22.51 -5.36 10.14
C GLN A 221 22.82 -6.69 9.48
N PRO A 222 21.80 -7.54 9.30
CA PRO A 222 22.03 -8.85 8.67
C PRO A 222 22.58 -8.82 7.24
N CYS A 223 22.15 -7.84 6.45
CA CYS A 223 22.41 -7.86 5.02
C CYS A 223 22.97 -6.54 4.58
N LEU A 224 23.34 -6.47 3.32
CA LEU A 224 24.01 -5.30 2.77
C LEU A 224 23.12 -4.09 2.56
N THR A 225 21.92 -4.31 2.05
CA THR A 225 21.04 -3.21 1.73
C THR A 225 19.88 -3.08 2.74
N TYR A 226 19.20 -1.96 2.66
CA TYR A 226 18.04 -1.73 3.46
C TYR A 226 16.95 -2.73 3.12
N GLU A 227 16.69 -2.89 1.83
CA GLU A 227 15.63 -3.79 1.40
C GLU A 227 15.87 -5.22 1.88
N GLU A 228 17.09 -5.74 1.73
CA GLU A 228 17.36 -7.11 2.20
C GLU A 228 17.14 -7.22 3.72
N SER A 229 17.46 -6.18 4.45
CA SER A 229 17.42 -6.24 5.93
C SER A 229 16.00 -6.23 6.43
N VAL A 230 15.16 -5.42 5.78
CA VAL A 230 13.75 -5.35 6.12
C VAL A 230 13.04 -6.67 5.88
N SER A 231 13.45 -7.39 4.85
CA SER A 231 12.97 -8.75 4.63
C SER A 231 13.25 -9.71 5.82
N ILE A 232 14.40 -9.56 6.47
CA ILE A 232 14.70 -10.32 7.70
C ILE A 232 13.87 -9.77 8.87
N ARG A 233 13.75 -8.46 8.94
CA ARG A 233 12.96 -7.83 10.00
C ARG A 233 11.52 -8.38 10.03
N ARG A 234 10.91 -8.53 8.87
CA ARG A 234 9.52 -8.98 8.81
C ARG A 234 9.34 -10.43 9.20
N ARG A 235 10.41 -11.20 9.24
CA ARG A 235 10.30 -12.61 9.50
C ARG A 235 10.84 -12.99 10.87
N THR A 236 11.25 -11.99 11.65
CA THR A 236 11.67 -12.26 13.04
C THR A 236 10.97 -11.37 14.05
N ALA A 237 10.55 -11.96 15.18
CA ALA A 237 10.02 -11.18 16.28
C ALA A 237 11.14 -10.62 17.19
N LEU A 238 12.38 -10.99 16.93
CA LEU A 238 13.48 -10.51 17.77
C LEU A 238 13.67 -9.02 17.58
N PRO A 239 14.16 -8.34 18.62
CA PRO A 239 14.52 -6.94 18.44
C PRO A 239 15.62 -6.77 17.41
N PHE A 240 15.48 -5.73 16.59
CA PHE A 240 16.21 -5.66 15.35
C PHE A 240 16.92 -4.31 15.22
N VAL A 241 18.16 -4.33 14.74
CA VAL A 241 19.00 -3.13 14.77
C VAL A 241 19.56 -2.83 13.41
N LEU A 242 19.52 -1.55 13.02
CA LEU A 242 20.16 -1.14 11.77
C LEU A 242 21.31 -0.22 12.05
N ASP A 243 22.30 -0.27 11.15
CA ASP A 243 23.61 0.35 11.36
C ASP A 243 24.13 0.97 10.06
N GLU A 244 24.82 0.15 9.26
CA GLU A 244 25.46 0.62 8.05
C GLU A 244 24.51 1.28 7.08
N VAL A 245 23.31 0.74 6.93
CA VAL A 245 22.35 1.34 6.00
C VAL A 245 21.69 2.62 6.52
N ILE A 246 21.84 2.93 7.81
CA ILE A 246 21.37 4.21 8.32
C ILE A 246 22.53 5.23 8.23
N ASP A 247 22.77 5.75 7.04
CA ASP A 247 23.92 6.63 6.77
C ASP A 247 23.62 8.12 6.89
N GLY A 248 22.41 8.46 7.32
CA GLY A 248 21.99 9.84 7.37
C GLY A 248 20.54 10.03 7.77
N PRO A 249 20.14 11.29 7.91
CA PRO A 249 18.79 11.59 8.37
C PRO A 249 17.72 11.10 7.41
N ASN A 250 18.02 11.05 6.13
CA ASN A 250 17.04 10.60 5.14
C ASN A 250 16.73 9.11 5.19
N THR A 251 17.75 8.27 5.23
CA THR A 251 17.50 6.85 5.42
C THR A 251 16.95 6.62 6.84
N LEU A 252 17.38 7.42 7.80
CA LEU A 252 16.82 7.24 9.15
C LEU A 252 15.30 7.51 9.07
N VAL A 253 14.91 8.60 8.41
CA VAL A 253 13.52 8.94 8.33
C VAL A 253 12.73 7.84 7.65
N ARG A 254 13.32 7.29 6.58
CA ARG A 254 12.66 6.20 5.89
C ARG A 254 12.46 5.01 6.80
N GLY A 255 13.51 4.65 7.54
CA GLY A 255 13.40 3.50 8.43
C GLY A 255 12.39 3.66 9.57
N ILE A 256 12.24 4.89 10.05
CA ILE A 256 11.26 5.20 11.09
C ILE A 256 9.85 5.05 10.51
N ALA A 257 9.63 5.63 9.33
CA ALA A 257 8.29 5.62 8.79
C ALA A 257 7.89 4.24 8.44
N GLU A 258 8.85 3.40 8.07
CA GLU A 258 8.49 2.05 7.59
C GLU A 258 8.67 0.97 8.67
N ASP A 259 8.94 1.36 9.91
CA ASP A 259 9.11 0.38 11.02
C ASP A 259 10.18 -0.65 10.69
N ALA A 260 11.32 -0.18 10.23
CA ALA A 260 12.36 -1.08 9.75
C ALA A 260 13.30 -1.56 10.89
N MET A 261 13.27 -0.89 12.03
CA MET A 261 14.13 -1.30 13.13
C MET A 261 13.60 -0.82 14.49
N ASP A 262 14.08 -1.46 15.54
CA ASP A 262 13.81 -1.05 16.92
C ASP A 262 14.91 -0.20 17.54
N CYS A 263 16.13 -0.32 17.03
CA CYS A 263 17.27 0.47 17.50
C CYS A 263 18.16 0.82 16.31
N ILE A 264 18.97 1.86 16.42
CA ILE A 264 20.08 2.01 15.49
C ILE A 264 21.43 2.11 16.20
N ASN A 265 22.47 1.80 15.43
CA ASN A 265 23.83 2.18 15.73
C ASN A 265 24.18 3.42 14.96
N LEU A 266 24.76 4.36 15.68
CA LEU A 266 25.13 5.65 15.13
C LEU A 266 26.66 5.74 15.09
N LYS A 267 27.26 5.60 13.90
CA LYS A 267 28.71 5.73 13.73
C LYS A 267 29.05 7.16 13.28
N ILE A 268 29.61 7.93 14.20
CA ILE A 268 29.74 9.37 14.06
C ILE A 268 30.47 9.73 12.76
N SER A 269 31.57 9.07 12.47
CA SER A 269 32.34 9.41 11.28
C SER A 269 31.68 8.93 9.96
N LYS A 270 31.03 7.79 10.02
CA LYS A 270 30.36 7.23 8.87
C LYS A 270 29.16 8.11 8.45
N VAL A 271 28.47 8.74 9.41
CA VAL A 271 27.37 9.62 9.03
C VAL A 271 27.85 11.02 8.65
N GLY A 272 29.16 11.25 8.72
CA GLY A 272 29.74 12.53 8.34
C GLY A 272 29.98 13.60 9.40
N GLY A 273 30.03 13.25 10.68
CA GLY A 273 30.39 14.19 11.73
C GLY A 273 29.34 14.36 12.82
N LEU A 274 29.69 15.15 13.82
CA LEU A 274 28.80 15.37 14.95
C LEU A 274 27.53 16.15 14.57
N THR A 275 27.61 17.04 13.58
CA THR A 275 26.44 17.82 13.17
C THR A 275 25.36 16.86 12.64
N LYS A 276 25.74 15.95 11.75
CA LYS A 276 24.78 15.00 11.23
C LYS A 276 24.34 14.02 12.30
N ALA A 277 25.29 13.49 13.06
CA ALA A 277 24.98 12.54 14.11
C ALA A 277 23.99 13.15 15.16
N LYS A 278 24.19 14.41 15.56
CA LYS A 278 23.29 15.05 16.52
C LYS A 278 21.82 15.10 16.00
N LEU A 279 21.64 15.47 14.73
CA LEU A 279 20.32 15.55 14.11
C LEU A 279 19.67 14.19 14.17
N MET A 280 20.43 13.18 13.82
CA MET A 280 19.88 11.84 13.80
C MET A 280 19.57 11.40 15.21
N ARG A 281 20.46 11.75 16.14
CA ARG A 281 20.29 11.41 17.53
C ARG A 281 18.96 11.98 18.07
N ASP A 282 18.73 13.27 17.82
CA ASP A 282 17.54 13.96 18.37
C ASP A 282 16.28 13.42 17.72
N LEU A 283 16.40 13.00 16.46
CA LEU A 283 15.25 12.42 15.75
C LEU A 283 14.94 11.05 16.38
N CYS A 284 15.99 10.30 16.72
CA CYS A 284 15.78 8.99 17.35
C CYS A 284 15.05 9.14 18.66
N ILE A 285 15.51 10.08 19.49
CA ILE A 285 14.85 10.31 20.78
C ILE A 285 13.36 10.58 20.59
N ALA A 286 13.01 11.44 19.64
CA ALA A 286 11.62 11.84 19.44
C ALA A 286 10.76 10.70 18.97
N HIS A 287 11.35 9.67 18.38
CA HIS A 287 10.61 8.53 17.95
C HIS A 287 10.82 7.26 18.80
N GLY A 288 11.39 7.41 20.00
CA GLY A 288 11.62 6.28 20.89
C GLY A 288 12.58 5.19 20.40
N ILE A 289 13.62 5.59 19.70
CA ILE A 289 14.56 4.61 19.17
C ILE A 289 15.86 4.75 19.92
N PRO A 290 16.21 3.73 20.72
CA PRO A 290 17.52 3.76 21.37
C PRO A 290 18.63 3.66 20.39
N MET A 291 19.77 4.29 20.72
CA MET A 291 20.94 4.22 19.85
C MET A 291 22.18 3.66 20.54
N THR A 292 23.00 2.98 19.76
CA THR A 292 24.37 2.68 20.17
C THR A 292 25.23 3.80 19.63
N ILE A 293 25.93 4.50 20.51
CA ILE A 293 26.76 5.61 20.07
C ILE A 293 28.20 5.11 19.86
N GLU A 294 28.68 5.17 18.63
CA GLU A 294 29.99 4.54 18.37
C GLU A 294 30.65 5.16 17.19
N ASP A 295 31.63 4.47 16.63
CA ASP A 295 32.25 4.91 15.38
C ASP A 295 32.85 3.66 14.70
N THR A 296 33.45 3.79 13.54
CA THR A 296 34.01 2.60 12.86
C THR A 296 35.13 1.97 13.68
N TRP A 297 36.04 2.81 14.16
CA TRP A 297 37.14 2.40 15.06
C TRP A 297 37.87 3.68 15.50
N GLY A 298 38.90 3.53 16.32
CA GLY A 298 39.80 4.63 16.60
C GLY A 298 40.47 4.52 17.96
N GLY A 299 41.14 5.60 18.36
CA GLY A 299 41.82 5.65 19.64
C GLY A 299 41.19 6.68 20.58
N ASP A 300 42.02 7.45 21.29
CA ASP A 300 41.48 8.31 22.35
C ASP A 300 40.57 9.45 21.82
N ILE A 301 40.86 9.97 20.64
CA ILE A 301 40.18 11.17 20.18
C ILE A 301 38.80 10.79 19.62
N VAL A 302 38.71 9.65 18.91
CA VAL A 302 37.41 9.07 18.56
C VAL A 302 36.61 8.80 19.83
N THR A 303 37.26 8.20 20.83
CA THR A 303 36.59 7.86 22.10
C THR A 303 36.03 9.10 22.80
N ALA A 304 36.76 10.22 22.77
CA ALA A 304 36.24 11.45 23.36
C ALA A 304 34.94 11.94 22.66
N ALA A 305 34.93 11.91 21.33
CA ALA A 305 33.78 12.37 20.57
C ALA A 305 32.54 11.51 20.91
N ILE A 306 32.74 10.21 20.93
CA ILE A 306 31.72 9.26 21.31
C ILE A 306 31.13 9.60 22.68
N ALA A 307 32.01 9.77 23.68
CA ALA A 307 31.63 10.04 25.05
C ALA A 307 30.82 11.32 25.22
N HIS A 308 31.20 12.38 24.54
CA HIS A 308 30.42 13.61 24.58
C HIS A 308 29.03 13.46 23.95
N LEU A 309 28.94 12.75 22.83
CA LEU A 309 27.64 12.57 22.20
C LEU A 309 26.77 11.68 23.10
N ALA A 310 27.35 10.60 23.60
CA ALA A 310 26.62 9.72 24.51
C ALA A 310 26.17 10.48 25.77
N ARG A 311 27.02 11.34 26.31
CA ARG A 311 26.68 12.01 27.56
C ARG A 311 25.49 12.93 27.36
N SER A 312 25.32 13.42 26.14
CA SER A 312 24.25 14.32 25.82
C SER A 312 23.01 13.57 25.35
N THR A 313 23.00 12.24 25.51
CA THR A 313 21.84 11.42 25.19
C THR A 313 21.28 10.88 26.48
N PRO A 314 19.95 10.98 26.67
CA PRO A 314 19.36 10.35 27.87
C PRO A 314 19.67 8.85 27.92
N SER A 315 19.89 8.35 29.13
CA SER A 315 20.16 6.95 29.33
C SER A 315 19.13 6.04 28.68
N GLU A 316 17.85 6.40 28.85
CA GLU A 316 16.71 5.65 28.26
C GLU A 316 16.91 5.41 26.75
N PHE A 317 17.61 6.32 26.07
CA PHE A 317 17.82 6.20 24.61
C PHE A 317 19.29 5.92 24.20
N THR A 318 20.10 5.61 25.22
CA THR A 318 21.45 5.15 24.99
C THR A 318 21.48 3.66 25.18
N PHE A 319 21.39 2.90 24.11
CA PHE A 319 21.49 1.46 24.24
C PHE A 319 22.90 1.14 24.72
N SER A 320 23.91 1.81 24.14
CA SER A 320 25.29 1.67 24.60
C SER A 320 26.20 2.62 23.87
N ALA A 321 27.46 2.60 24.29
CA ALA A 321 28.56 3.22 23.57
C ALA A 321 29.76 2.31 23.74
N THR A 322 30.85 2.61 23.04
CA THR A 322 32.04 1.78 23.26
C THR A 322 33.28 2.65 23.39
N ASP A 323 34.25 2.13 24.13
CA ASP A 323 35.51 2.86 24.40
C ASP A 323 36.67 2.27 23.60
N PHE A 324 36.78 2.73 22.36
CA PHE A 324 37.74 2.15 21.43
C PHE A 324 39.16 2.22 21.98
N ASN A 325 39.45 3.19 22.85
CA ASN A 325 40.86 3.36 23.30
C ASN A 325 41.42 2.20 24.14
N SER A 326 40.57 1.50 24.89
CA SER A 326 41.04 0.34 25.64
C SER A 326 41.15 -0.94 24.79
N TYR A 327 40.91 -0.87 23.48
CA TYR A 327 41.09 -2.05 22.61
C TYR A 327 42.49 -2.05 22.03
N GLY A 328 43.22 -0.95 22.23
CA GLY A 328 44.50 -0.74 21.58
C GLY A 328 45.62 -0.58 22.60
N THR A 329 46.81 -0.39 22.08
CA THR A 329 48.04 -0.40 22.87
C THR A 329 48.72 0.97 22.91
N VAL A 330 48.26 1.93 22.11
CA VAL A 330 49.01 3.16 21.82
C VAL A 330 48.13 4.35 22.20
N ASP A 331 48.56 5.14 23.18
CA ASP A 331 47.80 6.30 23.59
C ASP A 331 48.14 7.52 22.71
N ILE A 332 47.14 8.25 22.23
CA ILE A 332 47.40 9.36 21.33
C ILE A 332 46.95 10.72 21.83
N ALA A 333 46.29 10.77 22.99
CA ALA A 333 45.86 12.04 23.57
C ALA A 333 45.64 11.96 25.08
N GLU A 334 46.00 13.03 25.76
CA GLU A 334 45.69 13.19 27.19
C GLU A 334 44.27 13.77 27.36
N GLY A 335 43.60 13.42 28.46
CA GLY A 335 42.30 14.02 28.76
C GLY A 335 41.18 13.19 28.15
N ALA A 336 41.50 12.03 27.58
CA ALA A 336 40.47 11.18 26.96
C ALA A 336 39.72 10.36 28.00
N PRO A 337 38.53 9.86 27.64
CA PRO A 337 37.75 9.02 28.54
C PRO A 337 38.50 7.74 28.86
N LYS A 338 38.27 7.23 30.06
CA LYS A 338 38.83 5.97 30.49
C LYS A 338 37.71 5.19 31.13
N ARG A 339 37.46 4.00 30.60
CA ARG A 339 36.51 3.09 31.19
C ARG A 339 36.83 2.75 32.67
N VAL A 340 35.81 2.79 33.52
CA VAL A 340 35.92 2.30 34.89
C VAL A 340 34.67 1.47 35.15
N ASN A 341 34.85 0.21 35.54
CA ASN A 341 33.74 -0.72 35.74
C ASN A 341 32.67 -0.67 34.63
N GLY A 342 33.11 -0.78 33.39
CA GLY A 342 32.15 -0.89 32.31
C GLY A 342 31.41 0.39 31.92
N ARG A 343 31.92 1.53 32.36
CA ARG A 343 31.31 2.81 32.01
C ARG A 343 32.37 3.89 31.80
N MET A 344 32.07 4.90 30.98
CA MET A 344 32.98 6.02 30.84
C MET A 344 32.24 7.33 30.98
N THR A 345 33.02 8.39 31.19
CA THR A 345 32.50 9.73 31.31
C THR A 345 33.42 10.69 30.56
N THR A 346 33.24 12.01 30.73
CA THR A 346 34.21 13.00 30.27
C THR A 346 34.55 14.00 31.38
N SER A 347 35.54 14.86 31.14
CA SER A 347 35.83 15.99 32.02
C SER A 347 34.94 17.16 31.57
N ASP A 348 34.97 18.30 32.25
CA ASP A 348 34.22 19.46 31.75
C ASP A 348 35.09 20.46 31.00
N LEU A 349 36.26 20.01 30.57
CA LEU A 349 37.11 20.87 29.79
C LEU A 349 36.48 21.24 28.44
N PRO A 350 36.87 22.38 27.89
CA PRO A 350 36.18 22.84 26.67
C PRO A 350 36.35 21.89 25.47
N GLY A 351 35.38 21.88 24.58
CA GLY A 351 35.51 21.07 23.39
C GLY A 351 35.55 19.61 23.78
N LEU A 352 36.39 18.84 23.08
CA LEU A 352 36.51 17.41 23.33
C LEU A 352 37.19 17.17 24.62
N GLY A 353 37.84 18.20 25.15
CA GLY A 353 38.67 18.06 26.32
C GLY A 353 39.96 17.26 26.18
N ILE A 354 40.49 17.12 24.96
CA ILE A 354 41.73 16.37 24.72
C ILE A 354 42.89 17.23 24.18
N THR A 355 44.12 16.75 24.37
CA THR A 355 45.31 17.39 23.87
C THR A 355 46.14 16.28 23.27
N PRO A 356 46.45 16.38 21.97
CA PRO A 356 47.14 15.23 21.40
C PRO A 356 48.58 15.06 21.92
N ILE A 357 49.08 13.84 21.81
CA ILE A 357 50.46 13.53 22.21
C ILE A 357 51.27 13.45 20.93
N PHE A 358 51.92 14.56 20.60
CA PHE A 358 52.65 14.67 19.35
C PHE A 358 53.88 13.79 19.28
N ASP A 359 54.49 13.42 20.41
CA ASP A 359 55.56 12.41 20.39
C ASP A 359 55.08 11.19 19.62
N VAL A 360 53.81 10.85 19.80
CA VAL A 360 53.27 9.68 19.14
C VAL A 360 52.74 9.97 17.74
N LEU A 361 52.15 11.15 17.53
CA LEU A 361 51.52 11.43 16.21
C LEU A 361 52.59 11.71 15.20
N GLY A 362 53.72 12.20 15.69
CA GLY A 362 54.86 12.50 14.85
C GLY A 362 54.67 13.74 14.03
N GLU A 363 55.40 13.77 12.92
CA GLU A 363 55.37 14.85 11.96
C GLU A 363 54.08 14.68 11.14
N PRO A 364 53.40 15.80 10.83
CA PRO A 364 52.25 15.71 9.93
C PRO A 364 52.67 15.09 8.60
N VAL A 365 51.82 14.29 7.97
CA VAL A 365 52.07 13.77 6.65
C VAL A 365 51.53 14.77 5.62
N ALA A 366 50.72 15.74 6.05
CA ALA A 366 50.36 16.81 5.15
C ALA A 366 50.02 18.07 5.95
N ARG A 367 50.38 19.22 5.37
CA ARG A 367 49.96 20.56 5.82
C ARG A 367 49.35 21.28 4.63
N TYR A 368 48.21 21.91 4.85
CA TYR A 368 47.57 22.72 3.85
C TYR A 368 47.37 24.10 4.47
N SER A 369 47.84 25.15 3.79
CA SER A 369 47.67 26.50 4.31
C SER A 369 47.34 27.43 3.17
N MET B 3 27.09 27.61 36.82
CA MET B 3 26.00 28.66 36.78
C MET B 3 24.66 28.05 37.17
N LYS B 4 23.87 28.78 37.93
CA LYS B 4 22.54 28.28 38.27
C LYS B 4 21.47 29.36 38.40
N ILE B 5 20.24 28.94 38.12
CA ILE B 5 19.11 29.85 38.10
C ILE B 5 18.79 30.28 39.54
N THR B 6 18.71 31.60 39.79
CA THR B 6 18.36 32.11 41.11
C THR B 6 16.95 32.70 41.21
N ALA B 7 16.41 33.14 40.08
CA ALA B 7 15.06 33.67 40.06
C ALA B 7 14.48 33.62 38.66
N ILE B 8 13.17 33.54 38.57
CA ILE B 8 12.46 33.65 37.30
C ILE B 8 11.32 34.69 37.44
N ASN B 9 11.39 35.75 36.64
CA ASN B 9 10.34 36.76 36.62
C ASN B 9 9.48 36.65 35.40
N VAL B 10 8.18 36.85 35.62
CA VAL B 10 7.21 36.88 34.54
C VAL B 10 6.56 38.27 34.40
N PHE B 11 6.73 38.89 33.23
CA PHE B 11 6.08 40.18 32.90
C PHE B 11 4.92 40.03 31.92
N GLN B 12 3.97 40.96 31.99
CA GLN B 12 2.84 41.00 31.07
C GLN B 12 2.85 42.34 30.39
N VAL B 13 2.63 42.33 29.07
CA VAL B 13 2.58 43.56 28.31
C VAL B 13 1.54 43.44 27.19
N ASP B 14 0.69 44.44 27.08
CA ASP B 14 -0.28 44.56 25.99
C ASP B 14 0.41 45.02 24.70
N LEU B 15 0.10 44.37 23.59
CA LEU B 15 0.61 44.74 22.28
C LEU B 15 -0.55 45.06 21.33
N PRO B 16 -0.91 46.36 21.23
CA PRO B 16 -1.89 46.82 20.23
C PRO B 16 -1.36 46.79 18.79
N LEU B 17 -2.29 46.78 17.85
CA LEU B 17 -1.99 46.67 16.44
C LEU B 17 -2.05 48.02 15.76
N ARG B 18 -1.09 48.30 14.89
CA ARG B 18 -1.16 49.47 14.05
C ARG B 18 -2.48 49.56 13.28
N GLU B 19 -2.98 48.43 12.80
CA GLU B 19 -4.21 48.40 12.00
C GLU B 19 -5.47 48.37 12.88
N GLY B 20 -5.29 48.32 14.20
CA GLY B 20 -6.41 48.36 15.14
C GLY B 20 -7.08 47.02 15.30
N ARG B 21 -7.07 46.19 14.27
CA ARG B 21 -7.63 44.83 14.40
C ARG B 21 -7.01 43.83 13.44
N TYR B 22 -6.92 42.57 13.88
CA TYR B 22 -6.44 41.49 13.03
C TYR B 22 -7.44 40.38 13.11
N SER B 23 -7.89 39.90 11.94
CA SER B 23 -8.96 38.89 11.85
C SER B 23 -8.53 37.72 11.01
N TRP B 24 -8.98 36.52 11.36
CA TRP B 24 -8.60 35.34 10.62
C TRP B 24 -9.78 34.36 10.65
N SER B 25 -9.55 33.10 10.30
CA SER B 25 -10.63 32.16 10.00
C SER B 25 -11.61 32.08 11.13
N ASN B 26 -12.79 31.56 10.83
CA ASN B 26 -13.80 31.27 11.85
C ASN B 26 -14.35 32.50 12.55
N GLY B 27 -14.15 33.69 11.97
CA GLY B 27 -14.70 34.91 12.53
C GLY B 27 -13.84 35.51 13.63
N ASN B 28 -12.72 34.86 13.94
CA ASN B 28 -11.79 35.30 14.98
C ASN B 28 -11.11 36.62 14.66
N PHE B 29 -10.82 37.37 15.71
CA PHE B 29 -10.16 38.66 15.59
C PHE B 29 -9.62 39.02 16.97
N VAL B 30 -8.69 39.97 17.02
CA VAL B 30 -8.07 40.39 18.25
C VAL B 30 -7.78 41.85 17.96
N GLU B 31 -7.86 42.69 18.99
CA GLU B 31 -7.42 44.08 18.83
C GLU B 31 -6.14 44.36 19.62
N VAL B 32 -6.00 43.76 20.79
CA VAL B 32 -4.79 43.99 21.58
C VAL B 32 -4.27 42.65 22.06
N PHE B 33 -3.02 42.32 21.72
CA PHE B 33 -2.44 41.02 22.10
C PHE B 33 -1.91 41.09 23.49
N ASP B 34 -2.05 39.98 24.21
CA ASP B 34 -1.57 39.81 25.57
C ASP B 34 -0.31 38.96 25.56
N SER B 35 0.85 39.61 25.58
CA SER B 35 2.11 38.91 25.55
C SER B 35 2.77 38.78 26.95
N THR B 36 3.59 37.73 27.06
CA THR B 36 4.32 37.39 28.28
C THR B 36 5.82 37.43 27.97
N VAL B 37 6.58 38.08 28.84
CA VAL B 37 8.01 38.11 28.75
C VAL B 37 8.61 37.42 29.97
N VAL B 38 9.54 36.51 29.74
CA VAL B 38 10.16 35.78 30.84
C VAL B 38 11.60 36.24 30.99
N GLU B 39 12.03 36.38 32.23
CA GLU B 39 13.41 36.70 32.51
C GLU B 39 13.93 35.72 33.53
N ILE B 40 15.05 35.09 33.15
CA ILE B 40 15.72 34.13 34.00
C ILE B 40 17.02 34.72 34.52
N GLU B 41 17.11 34.82 35.85
CA GLU B 41 18.28 35.36 36.55
C GLU B 41 19.18 34.23 37.00
N THR B 42 20.48 34.43 36.91
CA THR B 42 21.43 33.42 37.36
C THR B 42 22.28 34.03 38.44
N ASP B 43 23.00 33.18 39.16
CA ASP B 43 23.84 33.59 40.28
C ASP B 43 25.09 34.32 39.82
N GLU B 44 25.38 34.32 38.52
CA GLU B 44 26.53 35.07 38.03
C GLU B 44 26.13 36.46 37.55
N GLY B 45 24.82 36.75 37.53
CA GLY B 45 24.36 38.07 37.15
C GLY B 45 23.91 38.20 35.70
N LEU B 46 24.08 37.15 34.91
CA LEU B 46 23.58 37.16 33.55
C LEU B 46 22.09 36.86 33.57
N LYS B 47 21.37 37.47 32.63
CA LYS B 47 19.94 37.27 32.50
C LYS B 47 19.59 36.74 31.12
N GLY B 48 18.65 35.79 31.05
CA GLY B 48 18.10 35.35 29.77
C GLY B 48 16.67 35.82 29.56
N TYR B 49 16.32 36.19 28.32
CA TYR B 49 14.98 36.71 28.05
C TYR B 49 14.26 35.92 26.97
N ALA B 50 12.93 35.92 27.05
CA ALA B 50 12.07 35.38 26.00
C ALA B 50 10.69 35.98 26.07
N GLU B 51 9.90 35.70 25.03
CA GLU B 51 8.56 36.25 24.89
C GLU B 51 7.63 35.21 24.25
N CYS B 52 6.41 35.10 24.75
CA CYS B 52 5.43 34.20 24.17
C CYS B 52 4.08 34.90 24.12
N CYS B 53 3.46 34.88 22.94
CA CYS B 53 2.25 35.63 22.70
C CYS B 53 1.36 34.88 21.73
N PRO B 54 0.62 33.89 22.23
CA PRO B 54 -0.18 33.01 21.38
C PRO B 54 -1.40 33.77 20.84
N LEU B 55 -2.09 33.24 19.83
CA LEU B 55 -3.10 34.05 19.16
C LEU B 55 -4.31 34.29 20.03
N SER B 62 -6.17 34.72 27.89
CA SER B 62 -6.70 33.36 27.90
C SER B 62 -5.63 32.31 27.49
N TYR B 63 -5.25 32.31 26.22
CA TYR B 63 -4.05 31.60 25.87
C TYR B 63 -2.89 32.13 26.76
N ALA B 64 -2.81 33.44 26.87
CA ALA B 64 -1.87 34.13 27.76
C ALA B 64 -2.01 33.72 29.23
N LEU B 65 -3.25 33.59 29.70
CA LEU B 65 -3.45 33.10 31.07
C LEU B 65 -2.90 31.67 31.18
N GLY B 66 -3.13 30.88 30.13
CA GLY B 66 -2.54 29.54 30.06
C GLY B 66 -1.02 29.56 30.11
N VAL B 67 -0.37 30.51 29.42
CA VAL B 67 1.10 30.58 29.42
C VAL B 67 1.59 30.82 30.85
N ARG B 68 0.96 31.80 31.48
CA ARG B 68 1.44 32.29 32.77
C ARG B 68 1.16 31.31 33.89
N SER B 69 0.02 30.63 33.84
CA SER B 69 -0.26 29.61 34.86
C SER B 69 0.56 28.33 34.61
N GLY B 70 0.93 28.10 33.35
CA GLY B 70 1.86 27.03 33.06
C GLY B 70 3.20 27.35 33.71
N LEU B 71 3.64 28.58 33.55
CA LEU B 71 4.92 28.98 34.13
C LEU B 71 4.87 28.86 35.64
N GLN B 72 3.69 29.05 36.20
CA GLN B 72 3.52 28.97 37.64
C GLN B 72 3.78 27.54 38.11
N GLU B 73 3.44 26.58 37.27
CA GLU B 73 3.77 25.17 37.53
C GLU B 73 5.23 24.80 37.29
N LEU B 74 5.87 25.44 36.33
CA LEU B 74 7.20 25.01 35.88
C LEU B 74 8.32 25.66 36.69
N ALA B 75 8.24 26.96 36.85
CA ALA B 75 9.33 27.76 37.37
C ALA B 75 9.93 27.28 38.66
N PRO B 76 9.09 26.91 39.66
CA PRO B 76 9.69 26.53 40.93
C PRO B 76 10.62 25.36 40.83
N HIS B 77 10.40 24.52 39.81
CA HIS B 77 11.19 23.31 39.60
C HIS B 77 12.57 23.65 39.00
N LEU B 78 12.73 24.88 38.54
CA LEU B 78 13.90 25.30 37.79
C LEU B 78 14.86 26.12 38.65
N ILE B 79 14.36 26.65 39.77
CA ILE B 79 15.20 27.38 40.68
C ILE B 79 16.31 26.39 41.07
N GLY B 80 17.57 26.84 41.02
CA GLY B 80 18.69 25.98 41.36
C GLY B 80 19.34 25.22 40.19
N LYS B 81 18.61 25.02 39.10
CA LYS B 81 19.12 24.24 37.95
C LYS B 81 20.11 25.02 37.08
N ASP B 82 20.87 24.29 36.28
CA ASP B 82 21.82 24.86 35.33
C ASP B 82 21.13 25.31 34.03
N PRO B 83 21.07 26.62 33.76
CA PRO B 83 20.30 26.91 32.54
C PRO B 83 21.12 26.67 31.26
N LEU B 84 22.41 26.39 31.35
CA LEU B 84 23.17 26.17 30.14
C LEU B 84 22.96 24.73 29.67
N ASN B 85 22.48 23.87 30.58
CA ASN B 85 22.11 22.49 30.25
C ASN B 85 20.68 22.42 29.66
N ILE B 86 20.51 22.78 28.39
CA ILE B 86 19.17 23.06 27.89
C ILE B 86 18.34 21.79 27.84
N GLY B 87 19.03 20.67 27.64
CA GLY B 87 18.40 19.38 27.68
C GLY B 87 17.82 19.04 29.04
N GLU B 88 18.57 19.32 30.11
CA GLU B 88 18.06 18.99 31.44
C GLU B 88 16.94 19.95 31.87
N ILE B 89 17.05 21.22 31.52
CA ILE B 89 15.93 22.16 31.74
C ILE B 89 14.63 21.63 31.10
N ASN B 90 14.73 21.21 29.85
CA ASN B 90 13.58 20.62 29.15
C ASN B 90 13.05 19.36 29.81
N ARG B 91 13.94 18.49 30.28
CA ARG B 91 13.49 17.30 30.96
C ARG B 91 12.75 17.61 32.26
N VAL B 92 13.27 18.58 33.00
CA VAL B 92 12.66 18.92 34.27
C VAL B 92 11.23 19.42 33.96
N MET B 93 11.12 20.34 32.98
CA MET B 93 9.82 20.87 32.54
C MET B 93 8.88 19.77 32.09
N ASP B 94 9.34 18.78 31.31
CA ASP B 94 8.45 17.70 30.85
C ASP B 94 7.96 16.75 31.96
N ALA B 95 8.76 16.60 33.00
CA ALA B 95 8.35 15.71 34.09
C ALA B 95 7.42 16.46 35.03
N ALA B 96 7.35 17.77 34.87
CA ALA B 96 6.50 18.57 35.75
C ALA B 96 5.13 18.78 35.12
N LEU B 97 5.08 18.84 33.80
CA LEU B 97 3.88 19.31 33.14
C LEU B 97 3.82 18.69 31.76
N ARG B 98 2.69 18.06 31.48
CA ARG B 98 2.50 17.34 30.22
C ARG B 98 1.93 18.28 29.16
N GLY B 99 2.58 18.34 28.02
CA GLY B 99 2.16 19.28 27.00
C GLY B 99 2.58 20.70 27.32
N HIS B 100 1.66 21.63 27.06
CA HIS B 100 1.87 23.05 27.31
C HIS B 100 3.09 23.66 26.62
N PRO B 101 3.26 23.40 25.31
CA PRO B 101 4.39 24.00 24.59
C PRO B 101 4.49 25.51 24.79
N TYR B 102 3.37 26.23 24.87
CA TYR B 102 3.47 27.70 24.99
C TYR B 102 4.06 28.14 26.33
N ALA B 103 3.83 27.37 27.38
CA ALA B 103 4.45 27.70 28.67
C ALA B 103 5.95 27.30 28.74
N LYS B 104 6.31 26.23 28.06
CA LYS B 104 7.71 25.73 28.06
C LYS B 104 8.65 26.50 27.14
N ALA B 105 8.11 27.03 26.05
CA ALA B 105 8.89 27.69 25.03
C ALA B 105 9.77 28.87 25.50
N PRO B 106 9.18 29.85 26.20
CA PRO B 106 9.98 30.99 26.65
C PRO B 106 11.07 30.60 27.68
N ILE B 107 10.84 29.58 28.48
CA ILE B 107 11.92 29.01 29.28
C ILE B 107 13.08 28.45 28.43
N ASP B 108 12.75 27.60 27.46
CA ASP B 108 13.75 27.05 26.58
C ASP B 108 14.47 28.20 25.88
N ILE B 109 13.71 29.15 25.34
CA ILE B 109 14.31 30.27 24.63
C ILE B 109 15.18 31.16 25.52
N ALA B 110 14.70 31.41 26.73
CA ALA B 110 15.47 32.21 27.69
C ALA B 110 16.81 31.53 28.06
N CYS B 111 16.84 30.20 28.13
CA CYS B 111 18.10 29.48 28.36
C CYS B 111 19.08 29.57 27.17
N TRP B 112 18.55 29.51 25.94
CA TRP B 112 19.37 29.73 24.74
C TRP B 112 20.01 31.12 24.76
N ASP B 113 19.23 32.12 25.21
CA ASP B 113 19.76 33.48 25.36
C ASP B 113 20.90 33.48 26.39
N LEU B 114 20.69 32.77 27.50
CA LEU B 114 21.74 32.62 28.50
C LEU B 114 22.98 31.92 27.93
N LEU B 115 22.80 30.81 27.24
CA LEU B 115 23.92 30.15 26.57
C LEU B 115 24.68 31.10 25.65
N GLY B 116 23.95 31.90 24.86
CA GLY B 116 24.64 32.86 24.04
C GLY B 116 25.46 33.81 24.90
N LYS B 117 24.88 34.22 26.02
CA LYS B 117 25.53 35.24 26.84
C LYS B 117 26.76 34.67 27.55
N ALA B 118 26.65 33.42 27.98
CA ALA B 118 27.71 32.77 28.70
C ALA B 118 28.83 32.40 27.76
N THR B 119 28.51 32.21 26.46
CA THR B 119 29.54 31.88 25.46
C THR B 119 30.02 33.02 24.58
N GLY B 120 29.41 34.21 24.67
CA GLY B 120 29.83 35.32 23.84
C GLY B 120 29.39 35.18 22.40
N GLN B 121 28.39 34.34 22.14
CA GLN B 121 27.94 34.11 20.76
C GLN B 121 26.49 34.51 20.52
N PRO B 122 26.23 35.07 19.34
CA PRO B 122 24.85 35.29 18.88
C PRO B 122 24.12 33.97 18.63
N LEU B 123 22.81 33.93 18.88
CA LEU B 123 22.04 32.70 18.66
C LEU B 123 22.17 32.06 17.26
N TYR B 124 22.30 32.87 16.22
CA TYR B 124 22.41 32.29 14.90
C TYR B 124 23.68 31.41 14.78
N THR B 125 24.72 31.71 15.56
CA THR B 125 25.86 30.81 15.59
C THR B 125 25.55 29.54 16.38
N LEU B 126 24.92 29.67 17.55
CA LEU B 126 24.65 28.51 18.37
C LEU B 126 23.57 27.61 17.76
N LEU B 127 22.70 28.17 16.91
CA LEU B 127 21.63 27.41 16.26
C LEU B 127 22.12 26.68 15.02
N GLY B 128 23.38 26.93 14.60
CA GLY B 128 24.00 26.19 13.52
C GLY B 128 24.95 26.96 12.65
N GLY B 129 24.96 28.28 12.79
CA GLY B 129 25.87 29.14 12.05
C GLY B 129 25.18 30.06 11.05
N ALA B 130 25.65 31.28 10.83
CA ALA B 130 25.00 32.18 9.86
C ALA B 130 24.95 31.60 8.44
N ALA B 131 23.76 31.53 7.89
CA ALA B 131 23.55 31.06 6.54
C ALA B 131 23.07 32.20 5.63
N GLN B 132 22.50 33.27 6.18
CA GLN B 132 22.10 34.45 5.39
C GLN B 132 22.45 35.72 6.13
N ASP B 133 22.78 36.79 5.40
CA ASP B 133 23.07 38.10 6.00
C ASP B 133 21.78 38.78 6.49
N ASP B 134 20.69 38.56 5.77
CA ASP B 134 19.42 39.10 6.16
C ASP B 134 18.35 38.22 5.56
N VAL B 135 17.09 38.46 5.93
CA VAL B 135 16.06 37.50 5.57
C VAL B 135 14.78 38.12 4.98
N ALA B 136 14.21 37.39 4.03
CA ALA B 136 12.98 37.78 3.38
C ALA B 136 11.78 37.76 4.30
N LEU B 137 10.96 38.79 4.20
CA LEU B 137 9.78 38.95 5.04
C LEU B 137 8.46 38.90 4.25
N TYR B 138 7.42 38.34 4.88
CA TYR B 138 6.08 38.40 4.34
C TYR B 138 5.25 39.26 5.31
N ARG B 139 4.15 39.84 4.81
CA ARG B 139 3.20 40.55 5.66
C ARG B 139 1.94 39.74 5.72
N ALA B 140 1.44 39.47 6.91
CA ALA B 140 0.14 38.80 7.03
C ALA B 140 -0.97 39.82 6.71
N ILE B 141 -1.96 39.40 5.93
CA ILE B 141 -3.04 40.31 5.56
C ILE B 141 -4.37 39.92 6.25
N SER B 142 -4.88 40.80 7.09
CA SER B 142 -6.08 40.50 7.87
C SER B 142 -7.32 40.15 6.99
N GLN B 143 -8.16 39.23 7.47
CA GLN B 143 -9.37 38.83 6.75
C GLN B 143 -10.41 39.97 6.77
N GLU B 144 -10.56 40.64 5.63
CA GLU B 144 -11.52 41.73 5.48
C GLU B 144 -12.20 41.60 4.10
N ALA B 145 -12.97 42.62 3.71
CA ALA B 145 -13.53 42.67 2.37
C ALA B 145 -12.38 42.62 1.37
N PRO B 146 -12.57 41.94 0.25
CA PRO B 146 -11.58 41.78 -0.83
C PRO B 146 -10.83 43.07 -1.19
N GLU B 147 -11.57 44.13 -1.48
CA GLU B 147 -10.97 45.38 -1.92
C GLU B 147 -10.15 46.07 -0.82
N ILE B 148 -10.52 45.85 0.43
CA ILE B 148 -9.73 46.30 1.57
C ILE B 148 -8.40 45.53 1.73
N MET B 149 -8.47 44.20 1.66
CA MET B 149 -7.27 43.37 1.66
C MET B 149 -6.38 43.78 0.49
N ALA B 150 -7.00 44.05 -0.67
CA ALA B 150 -6.24 44.43 -1.87
C ALA B 150 -5.52 45.77 -1.68
N LYS B 151 -6.21 46.74 -1.08
CA LYS B 151 -5.65 48.07 -0.87
C LYS B 151 -4.50 48.04 0.16
N LYS B 152 -4.68 47.25 1.22
CA LYS B 152 -3.64 47.06 2.24
C LYS B 152 -2.42 46.31 1.69
N ILE B 153 -2.64 45.32 0.83
CA ILE B 153 -1.51 44.55 0.30
C ILE B 153 -0.63 45.45 -0.61
N GLU B 154 -1.27 46.35 -1.35
CA GLU B 154 -0.58 47.32 -2.20
C GLU B 154 0.32 48.25 -1.40
N GLY B 155 -0.21 48.73 -0.29
CA GLY B 155 0.56 49.60 0.58
C GLY B 155 1.78 48.91 1.17
N TYR B 156 1.60 47.67 1.60
CA TYR B 156 2.70 46.88 2.14
C TYR B 156 3.73 46.51 1.10
N ALA B 157 3.28 46.20 -0.11
CA ALA B 157 4.18 46.00 -1.24
C ALA B 157 4.98 47.26 -1.53
N ALA B 158 4.33 48.42 -1.44
CA ALA B 158 5.04 49.67 -1.65
C ALA B 158 6.14 49.92 -0.61
N GLU B 159 5.98 49.33 0.58
CA GLU B 159 7.00 49.49 1.62
C GLU B 159 8.20 48.58 1.39
N GLY B 160 8.07 47.63 0.48
CA GLY B 160 9.17 46.73 0.17
C GLY B 160 8.91 45.24 0.41
N TYR B 161 7.82 44.89 1.11
CA TYR B 161 7.46 43.49 1.31
C TYR B 161 7.19 42.87 -0.05
N THR B 162 7.69 41.65 -0.31
CA THR B 162 7.45 40.96 -1.58
C THR B 162 6.72 39.62 -1.40
N LYS B 163 6.28 39.36 -0.17
CA LYS B 163 5.58 38.12 0.13
C LYS B 163 4.41 38.39 1.07
N PHE B 164 3.36 37.60 0.93
CA PHE B 164 2.13 37.88 1.65
C PHE B 164 1.37 36.61 1.98
N GLN B 165 0.80 36.58 3.17
CA GLN B 165 -0.14 35.55 3.55
C GLN B 165 -1.52 36.17 3.72
N LEU B 166 -2.48 35.73 2.91
CA LEU B 166 -3.84 36.15 3.14
C LEU B 166 -4.41 35.35 4.32
N LYS B 167 -5.14 35.99 5.21
CA LYS B 167 -5.94 35.25 6.18
C LYS B 167 -7.35 34.90 5.59
N VAL B 168 -7.44 33.76 4.92
CA VAL B 168 -8.73 33.27 4.43
C VAL B 168 -9.26 32.22 5.41
N GLY B 169 -9.95 31.20 4.94
CA GLY B 169 -10.53 30.28 5.89
C GLY B 169 -11.85 30.81 6.46
N GLY B 170 -12.52 31.65 5.69
CA GLY B 170 -13.86 32.12 6.03
C GLY B 170 -14.90 31.49 5.15
N ASP B 171 -15.85 32.28 4.61
CA ASP B 171 -16.77 31.79 3.58
C ASP B 171 -16.01 31.54 2.26
N ALA B 172 -16.21 30.38 1.66
CA ALA B 172 -15.48 29.98 0.46
C ALA B 172 -15.52 30.99 -0.68
N ASN B 173 -16.73 31.42 -1.04
CA ASN B 173 -16.97 32.48 -2.03
C ASN B 173 -16.26 33.81 -1.71
N ASP B 174 -16.37 34.29 -0.47
CA ASP B 174 -15.60 35.44 -0.04
C ASP B 174 -14.10 35.17 -0.24
N ASP B 175 -13.63 34.00 0.17
CA ASP B 175 -12.19 33.69 0.06
C ASP B 175 -11.71 33.68 -1.41
N ILE B 176 -12.52 33.10 -2.30
CA ILE B 176 -12.22 33.10 -3.73
C ILE B 176 -12.10 34.55 -4.20
N ASN B 177 -13.01 35.41 -3.76
CA ASN B 177 -12.90 36.81 -4.14
C ASN B 177 -11.70 37.50 -3.54
N ARG B 178 -11.40 37.20 -2.28
CA ARG B 178 -10.21 37.75 -1.66
C ARG B 178 -8.94 37.40 -2.45
N ILE B 179 -8.79 36.11 -2.79
CA ILE B 179 -7.56 35.61 -3.42
C ILE B 179 -7.42 36.22 -4.81
N HIS B 180 -8.53 36.33 -5.54
CA HIS B 180 -8.46 36.99 -6.86
C HIS B 180 -8.06 38.48 -6.76
N ALA B 181 -8.67 39.21 -5.82
CA ALA B 181 -8.46 40.67 -5.75
C ALA B 181 -7.02 41.04 -5.34
N THR B 182 -6.43 40.23 -4.47
CA THR B 182 -5.11 40.51 -3.95
C THR B 182 -4.04 40.10 -4.94
N ARG B 183 -4.24 38.95 -5.61
CA ARG B 183 -3.30 38.49 -6.61
C ARG B 183 -3.17 39.51 -7.71
N SER B 184 -4.31 40.14 -8.05
CA SER B 184 -4.30 40.97 -9.26
C SER B 184 -3.62 42.33 -9.06
N VAL B 185 -3.43 42.77 -7.80
CA VAL B 185 -2.75 44.04 -7.59
C VAL B 185 -1.26 43.89 -7.31
N LEU B 186 -0.78 42.67 -7.31
CA LEU B 186 0.63 42.43 -7.00
C LEU B 186 1.46 42.29 -8.28
N LYS B 187 2.74 42.66 -8.21
CA LYS B 187 3.69 42.31 -9.27
C LYS B 187 3.74 40.78 -9.39
N LYS B 188 3.98 40.31 -10.62
CA LYS B 188 4.17 38.87 -10.92
C LYS B 188 5.12 38.15 -9.97
N SER B 189 6.22 38.80 -9.63
CA SER B 189 7.27 38.16 -8.82
C SER B 189 6.90 38.05 -7.32
N ASP B 190 5.94 38.84 -6.86
CA ASP B 190 5.52 38.74 -5.44
C ASP B 190 4.81 37.40 -5.19
N LEU B 191 5.04 36.84 -4.01
CA LEU B 191 4.43 35.56 -3.67
C LEU B 191 3.18 35.80 -2.84
N LEU B 192 2.20 34.94 -3.05
CA LEU B 192 0.90 35.08 -2.41
C LEU B 192 0.51 33.73 -1.85
N VAL B 193 0.48 33.64 -0.54
CA VAL B 193 0.00 32.43 0.11
C VAL B 193 -1.43 32.65 0.65
N ALA B 194 -2.34 31.73 0.36
CA ALA B 194 -3.69 31.82 0.91
C ALA B 194 -3.76 30.89 2.11
N ASP B 195 -3.69 31.46 3.32
CA ASP B 195 -3.68 30.68 4.53
C ASP B 195 -5.06 30.59 5.14
N ALA B 196 -5.70 29.42 5.01
CA ALA B 196 -7.03 29.26 5.61
C ALA B 196 -7.06 28.99 7.14
N ASN B 197 -5.89 28.78 7.75
CA ASN B 197 -5.81 28.49 9.18
C ASN B 197 -6.89 27.49 9.60
N THR B 198 -7.03 26.42 8.84
CA THR B 198 -7.95 25.31 9.19
C THR B 198 -9.43 25.62 8.92
N GLY B 199 -9.73 26.81 8.41
CA GLY B 199 -11.12 27.24 8.35
C GLY B 199 -12.07 26.65 7.31
N TRP B 200 -11.60 25.70 6.51
CA TRP B 200 -12.46 25.02 5.55
C TRP B 200 -12.63 23.54 5.89
N THR B 201 -13.83 23.01 5.69
CA THR B 201 -14.00 21.57 5.49
C THR B 201 -13.49 21.22 4.07
N ARG B 202 -13.40 19.95 3.73
CA ARG B 202 -12.83 19.66 2.41
C ARG B 202 -13.70 19.96 1.19
N HIS B 203 -15.02 19.82 1.24
CA HIS B 203 -15.84 20.29 0.12
C HIS B 203 -15.63 21.82 -0.10
N GLU B 204 -15.53 22.61 0.97
CA GLU B 204 -15.25 24.04 0.81
C GLU B 204 -13.87 24.32 0.19
N ALA B 205 -12.86 23.65 0.72
CA ALA B 205 -11.50 23.79 0.25
C ALA B 205 -11.41 23.40 -1.25
N ALA B 206 -12.12 22.35 -1.62
CA ALA B 206 -12.08 21.85 -2.98
C ALA B 206 -12.61 22.92 -3.91
N ARG B 207 -13.73 23.55 -3.55
CA ARG B 207 -14.26 24.62 -4.36
C ARG B 207 -13.28 25.80 -4.43
N VAL B 208 -12.65 26.14 -3.31
CA VAL B 208 -11.74 27.27 -3.32
C VAL B 208 -10.57 26.98 -4.23
N VAL B 209 -9.91 25.83 -4.06
CA VAL B 209 -8.70 25.54 -4.86
C VAL B 209 -9.03 25.29 -6.32
N GLY B 210 -10.24 24.82 -6.60
CA GLY B 210 -10.70 24.66 -7.97
C GLY B 210 -10.79 26.04 -8.60
N ALA B 211 -11.40 26.95 -7.87
CA ALA B 211 -11.64 28.31 -8.37
C ALA B 211 -10.38 29.17 -8.50
N VAL B 212 -9.25 28.81 -7.88
CA VAL B 212 -8.06 29.66 -7.97
C VAL B 212 -6.88 28.92 -8.63
N SER B 213 -7.20 27.81 -9.30
CA SER B 213 -6.20 26.90 -9.86
C SER B 213 -5.29 27.50 -10.92
N SER B 214 -5.76 28.54 -11.61
CA SER B 214 -4.89 29.21 -12.59
C SER B 214 -4.19 30.47 -12.04
N LEU B 215 -4.37 30.78 -10.75
CA LEU B 215 -3.65 31.89 -10.15
C LEU B 215 -2.32 31.41 -9.59
N ASP B 216 -1.36 32.32 -9.52
CA ASP B 216 -0.07 31.97 -8.96
C ASP B 216 -0.11 32.13 -7.42
N VAL B 217 -0.64 31.11 -6.75
CA VAL B 217 -0.89 31.16 -5.33
C VAL B 217 -0.50 29.86 -4.68
N TYR B 218 -0.14 29.94 -3.39
CA TYR B 218 0.13 28.77 -2.51
C TYR B 218 -1.08 28.56 -1.62
N ILE B 219 -1.40 27.30 -1.34
CA ILE B 219 -2.51 26.94 -0.46
C ILE B 219 -1.94 26.42 0.87
N GLU B 220 -2.33 27.05 1.97
CA GLU B 220 -1.81 26.71 3.28
C GLU B 220 -2.93 26.25 4.26
N GLN B 221 -2.73 25.06 4.82
CA GLN B 221 -3.51 24.56 5.95
C GLN B 221 -5.02 24.76 5.78
N PRO B 222 -5.59 24.10 4.77
CA PRO B 222 -7.00 24.31 4.43
C PRO B 222 -7.94 23.84 5.53
N CYS B 223 -7.59 22.73 6.16
CA CYS B 223 -8.48 22.06 7.12
C CYS B 223 -7.89 21.84 8.52
N LEU B 224 -8.73 21.38 9.44
CA LEU B 224 -8.33 21.11 10.84
C LEU B 224 -7.34 19.98 10.98
N THR B 225 -7.59 18.87 10.31
CA THR B 225 -6.77 17.68 10.51
C THR B 225 -5.79 17.48 9.36
N TYR B 226 -4.76 16.70 9.66
CA TYR B 226 -3.79 16.31 8.67
C TYR B 226 -4.48 15.56 7.53
N GLU B 227 -5.34 14.60 7.90
CA GLU B 227 -6.05 13.78 6.91
C GLU B 227 -6.92 14.61 5.98
N GLU B 228 -7.61 15.59 6.52
CA GLU B 228 -8.49 16.38 5.67
C GLU B 228 -7.65 17.21 4.74
N SER B 229 -6.58 17.75 5.29
CA SER B 229 -5.68 18.60 4.51
C SER B 229 -4.98 17.83 3.37
N VAL B 230 -4.58 16.58 3.62
CA VAL B 230 -3.91 15.78 2.57
C VAL B 230 -4.88 15.50 1.42
N SER B 231 -6.15 15.35 1.78
CA SER B 231 -7.19 15.09 0.76
C SER B 231 -7.28 16.27 -0.22
N ILE B 232 -7.02 17.47 0.27
CA ILE B 232 -6.98 18.64 -0.59
C ILE B 232 -5.64 18.65 -1.37
N ARG B 233 -4.54 18.32 -0.68
CA ARG B 233 -3.19 18.27 -1.30
C ARG B 233 -3.20 17.43 -2.59
N ARG B 234 -3.86 16.27 -2.56
CA ARG B 234 -3.89 15.33 -3.69
C ARG B 234 -4.77 15.77 -4.88
N ARG B 235 -5.53 16.84 -4.71
CA ARG B 235 -6.49 17.26 -5.72
C ARG B 235 -6.01 18.42 -6.51
N THR B 236 -4.97 19.08 -6.02
CA THR B 236 -4.56 20.34 -6.58
C THR B 236 -3.11 20.26 -7.06
N ALA B 237 -2.79 21.02 -8.10
CA ALA B 237 -1.45 21.10 -8.64
C ALA B 237 -0.68 22.27 -8.01
N LEU B 238 -1.39 23.07 -7.24
CA LEU B 238 -0.81 24.23 -6.58
C LEU B 238 0.15 23.82 -5.45
N PRO B 239 1.23 24.57 -5.25
CA PRO B 239 2.14 24.29 -4.11
C PRO B 239 1.39 24.41 -2.78
N PHE B 240 1.78 23.58 -1.85
CA PHE B 240 0.94 23.29 -0.69
C PHE B 240 1.76 23.35 0.60
N VAL B 241 1.18 24.01 1.60
CA VAL B 241 1.87 24.31 2.84
C VAL B 241 1.05 23.81 4.04
N LEU B 242 1.73 23.14 4.97
CA LEU B 242 1.11 22.77 6.23
C LEU B 242 1.72 23.61 7.34
N ASP B 243 0.92 23.86 8.37
CA ASP B 243 1.27 24.77 9.43
C ASP B 243 0.80 24.19 10.79
N GLU B 244 -0.48 24.39 11.12
CA GLU B 244 -0.98 24.03 12.42
C GLU B 244 -0.85 22.54 12.75
N VAL B 245 -1.01 21.65 11.77
CA VAL B 245 -0.86 20.25 12.06
C VAL B 245 0.61 19.80 12.18
N ILE B 246 1.56 20.67 11.83
CA ILE B 246 2.98 20.32 11.98
C ILE B 246 3.43 20.87 13.32
N ASP B 247 3.16 20.12 14.37
CA ASP B 247 3.37 20.60 15.71
C ASP B 247 4.61 20.04 16.43
N GLY B 248 5.43 19.28 15.72
CA GLY B 248 6.58 18.67 16.34
C GLY B 248 7.33 17.78 15.38
N PRO B 249 8.44 17.18 15.85
CA PRO B 249 9.21 16.35 14.93
C PRO B 249 8.42 15.16 14.41
N ASN B 250 7.51 14.64 15.22
CA ASN B 250 6.79 13.43 14.83
C ASN B 250 5.78 13.62 13.70
N THR B 251 5.00 14.70 13.74
CA THR B 251 4.04 14.93 12.66
C THR B 251 4.80 15.40 11.43
N LEU B 252 5.90 16.10 11.63
CA LEU B 252 6.73 16.51 10.51
C LEU B 252 7.26 15.32 9.70
N VAL B 253 7.72 14.29 10.41
CA VAL B 253 8.34 13.15 9.77
C VAL B 253 7.26 12.39 9.04
N ARG B 254 6.11 12.21 9.66
CA ARG B 254 4.95 11.61 8.97
C ARG B 254 4.64 12.36 7.69
N GLY B 255 4.58 13.67 7.75
CA GLY B 255 4.28 14.48 6.58
C GLY B 255 5.32 14.36 5.47
N ILE B 256 6.58 14.34 5.86
CA ILE B 256 7.68 14.18 4.91
C ILE B 256 7.57 12.82 4.21
N ALA B 257 7.41 11.79 5.02
CA ALA B 257 7.38 10.43 4.53
C ALA B 257 6.19 10.18 3.62
N GLU B 258 5.08 10.90 3.85
CA GLU B 258 3.87 10.70 3.08
C GLU B 258 3.68 11.75 1.96
N ASP B 259 4.66 12.63 1.79
CA ASP B 259 4.59 13.67 0.76
C ASP B 259 3.32 14.53 0.89
N ALA B 260 3.10 15.03 2.10
CA ALA B 260 1.88 15.76 2.45
C ALA B 260 2.00 17.24 2.15
N MET B 261 3.20 17.73 1.85
CA MET B 261 3.39 19.17 1.68
C MET B 261 4.66 19.53 0.98
N ASP B 262 4.65 20.70 0.34
CA ASP B 262 5.85 21.21 -0.30
C ASP B 262 6.64 22.13 0.65
N CYS B 263 5.96 22.86 1.51
CA CYS B 263 6.60 23.72 2.47
C CYS B 263 5.92 23.57 3.81
N ILE B 264 6.57 24.05 4.88
CA ILE B 264 5.91 24.19 6.15
C ILE B 264 6.04 25.58 6.75
N ASN B 265 5.20 25.83 7.75
CA ASN B 265 5.37 26.99 8.65
C ASN B 265 5.78 26.47 9.99
N LEU B 266 6.83 27.08 10.52
CA LEU B 266 7.42 26.70 11.79
C LEU B 266 7.17 27.82 12.79
N LYS B 267 6.24 27.61 13.74
CA LYS B 267 5.97 28.60 14.78
C LYS B 267 6.80 28.24 16.02
N ILE B 268 7.79 29.05 16.34
CA ILE B 268 8.75 28.69 17.40
C ILE B 268 8.10 28.32 18.75
N SER B 269 7.18 29.14 19.23
CA SER B 269 6.54 28.89 20.55
C SER B 269 5.55 27.75 20.48
N LYS B 270 4.90 27.54 19.33
CA LYS B 270 3.90 26.50 19.26
C LYS B 270 4.54 25.10 19.33
N VAL B 271 5.75 24.98 18.80
CA VAL B 271 6.40 23.69 18.80
C VAL B 271 7.22 23.45 20.08
N GLY B 272 7.33 24.46 20.94
CA GLY B 272 7.92 24.25 22.25
C GLY B 272 9.23 24.96 22.53
N GLY B 273 9.69 25.80 21.60
CA GLY B 273 10.91 26.55 21.80
C GLY B 273 11.94 26.37 20.69
N LEU B 274 13.07 27.07 20.83
CA LEU B 274 14.15 26.98 19.87
C LEU B 274 14.73 25.56 19.72
N THR B 275 14.72 24.78 20.78
CA THR B 275 15.33 23.46 20.71
C THR B 275 14.57 22.57 19.73
N LYS B 276 13.24 22.53 19.88
CA LYS B 276 12.41 21.69 19.03
C LYS B 276 12.33 22.29 17.65
N ALA B 277 12.37 23.62 17.57
CA ALA B 277 12.23 24.27 16.27
C ALA B 277 13.48 24.07 15.44
N LYS B 278 14.65 24.12 16.09
CA LYS B 278 15.90 23.89 15.40
C LYS B 278 15.93 22.46 14.86
N LEU B 279 15.51 21.50 15.68
CA LEU B 279 15.44 20.13 15.23
C LEU B 279 14.59 20.01 13.96
N MET B 280 13.42 20.63 14.02
CA MET B 280 12.50 20.59 12.88
C MET B 280 13.05 21.30 11.66
N ARG B 281 13.74 22.40 11.89
CA ARG B 281 14.34 23.14 10.81
C ARG B 281 15.45 22.31 10.16
N ASP B 282 16.26 21.65 10.98
CA ASP B 282 17.41 20.92 10.45
C ASP B 282 16.91 19.67 9.63
N LEU B 283 15.84 19.04 10.09
CA LEU B 283 15.19 17.98 9.33
C LEU B 283 14.55 18.43 8.01
N CYS B 284 13.93 19.60 8.04
CA CYS B 284 13.42 20.21 6.81
C CYS B 284 14.51 20.49 5.79
N ILE B 285 15.61 21.09 6.23
CA ILE B 285 16.75 21.26 5.33
C ILE B 285 17.16 19.89 4.74
N ALA B 286 17.33 18.85 5.55
CA ALA B 286 17.79 17.57 5.01
C ALA B 286 16.88 17.04 3.94
N HIS B 287 15.57 17.29 4.04
CA HIS B 287 14.63 16.77 3.06
C HIS B 287 14.16 17.79 2.02
N GLY B 288 14.85 18.92 1.88
CA GLY B 288 14.51 19.91 0.87
C GLY B 288 13.18 20.64 1.09
N ILE B 289 12.74 20.79 2.33
CA ILE B 289 11.46 21.42 2.63
C ILE B 289 11.65 22.90 3.06
N PRO B 290 11.27 23.85 2.21
CA PRO B 290 11.41 25.25 2.70
C PRO B 290 10.40 25.59 3.81
N MET B 291 10.79 26.53 4.66
CA MET B 291 9.99 26.86 5.85
C MET B 291 9.66 28.32 5.93
N THR B 292 8.52 28.61 6.51
CA THR B 292 8.23 29.98 6.89
C THR B 292 8.54 30.07 8.37
N ILE B 293 9.52 30.89 8.72
CA ILE B 293 10.01 30.90 10.08
C ILE B 293 9.28 31.99 10.78
N GLU B 294 8.41 31.60 11.72
CA GLU B 294 7.58 32.57 12.40
C GLU B 294 7.21 32.16 13.83
N ASP B 295 6.10 32.71 14.32
CA ASP B 295 5.54 32.34 15.61
C ASP B 295 4.07 32.71 15.56
N THR B 296 3.36 32.53 16.68
CA THR B 296 1.93 32.84 16.72
C THR B 296 1.71 34.34 16.58
N TRP B 297 2.44 35.10 17.39
CA TRP B 297 2.47 36.56 17.33
C TRP B 297 3.57 37.05 18.25
N GLY B 298 3.74 38.38 18.36
CA GLY B 298 4.58 38.94 19.41
C GLY B 298 5.16 40.30 19.12
N GLY B 299 6.10 40.71 19.96
CA GLY B 299 6.77 41.99 19.84
C GLY B 299 8.25 41.83 19.42
N ASP B 300 9.11 42.71 19.92
CA ASP B 300 10.52 42.72 19.60
C ASP B 300 11.27 41.45 19.99
N ILE B 301 10.84 40.77 21.04
CA ILE B 301 11.64 39.67 21.57
C ILE B 301 11.31 38.42 20.78
N VAL B 302 10.04 38.23 20.45
CA VAL B 302 9.66 37.15 19.55
C VAL B 302 10.35 37.31 18.18
N THR B 303 10.39 38.54 17.69
CA THR B 303 11.00 38.90 16.45
C THR B 303 12.49 38.56 16.46
N ALA B 304 13.18 38.87 17.57
CA ALA B 304 14.61 38.55 17.65
C ALA B 304 14.87 37.04 17.51
N ALA B 305 14.02 36.23 18.12
CA ALA B 305 14.15 34.79 18.03
C ALA B 305 13.89 34.26 16.60
N ILE B 306 12.82 34.72 15.99
CA ILE B 306 12.55 34.44 14.60
C ILE B 306 13.79 34.76 13.75
N ALA B 307 14.35 35.97 13.92
CA ALA B 307 15.43 36.42 13.06
C ALA B 307 16.72 35.57 13.23
N HIS B 308 17.04 35.17 14.45
CA HIS B 308 18.18 34.32 14.67
C HIS B 308 18.01 32.93 14.06
N LEU B 309 16.80 32.37 14.15
CA LEU B 309 16.58 31.10 13.53
C LEU B 309 16.60 31.21 12.02
N ALA B 310 15.99 32.27 11.48
CA ALA B 310 15.97 32.49 10.04
C ALA B 310 17.41 32.66 9.52
N ARG B 311 18.26 33.37 10.26
CA ARG B 311 19.59 33.63 9.77
C ARG B 311 20.44 32.40 9.70
N SER B 312 20.15 31.38 10.50
CA SER B 312 20.93 30.15 10.43
C SER B 312 20.26 29.14 9.51
N THR B 313 19.29 29.60 8.74
CA THR B 313 18.64 28.78 7.72
C THR B 313 19.09 29.27 6.32
N PRO B 314 19.56 28.34 5.45
CA PRO B 314 19.93 28.84 4.11
C PRO B 314 18.74 29.53 3.41
N SER B 315 19.03 30.52 2.59
CA SER B 315 18.01 31.25 1.85
C SER B 315 17.10 30.29 1.11
N GLU B 316 17.70 29.27 0.53
CA GLU B 316 16.97 28.27 -0.26
C GLU B 316 15.86 27.58 0.54
N PHE B 317 15.97 27.53 1.85
CA PHE B 317 14.96 26.82 2.62
C PHE B 317 14.22 27.75 3.57
N THR B 318 14.38 29.04 3.33
CA THR B 318 13.64 30.04 4.06
C THR B 318 12.63 30.57 3.05
N PHE B 319 11.41 30.04 3.12
CA PHE B 319 10.34 30.54 2.23
C PHE B 319 10.09 32.02 2.63
N SER B 320 10.05 32.29 3.93
CA SER B 320 9.96 33.66 4.45
C SER B 320 10.05 33.65 5.96
N ALA B 321 10.17 34.84 6.54
CA ALA B 321 9.93 35.04 7.96
C ALA B 321 8.97 36.23 8.06
N THR B 322 8.52 36.62 9.24
CA THR B 322 7.79 37.88 9.36
C THR B 322 8.28 38.66 10.58
N ASP B 323 8.21 39.99 10.50
CA ASP B 323 8.66 40.88 11.58
C ASP B 323 7.48 41.41 12.39
N PHE B 324 7.07 40.66 13.40
CA PHE B 324 5.90 41.01 14.20
C PHE B 324 6.01 42.39 14.86
N ASN B 325 7.22 42.83 15.22
CA ASN B 325 7.35 44.10 15.92
C ASN B 325 6.81 45.32 15.09
N SER B 326 6.87 45.24 13.76
CA SER B 326 6.31 46.28 12.89
C SER B 326 4.78 46.22 12.71
N TYR B 327 4.11 45.20 13.27
CA TYR B 327 2.65 45.16 13.26
C TYR B 327 2.00 45.93 14.43
N GLY B 328 2.80 46.17 15.48
CA GLY B 328 2.32 46.78 16.73
C GLY B 328 2.87 48.18 17.03
N THR B 329 2.43 48.78 18.13
CA THR B 329 2.85 50.15 18.40
C THR B 329 3.71 50.31 19.65
N VAL B 330 3.94 49.22 20.35
CA VAL B 330 4.66 49.26 21.61
C VAL B 330 6.03 48.58 21.48
N ASP B 331 7.11 49.34 21.66
CA ASP B 331 8.47 48.79 21.69
C ASP B 331 8.79 48.18 23.06
N ILE B 332 9.15 46.89 23.12
CA ILE B 332 9.48 46.30 24.43
C ILE B 332 10.96 45.98 24.63
N ALA B 333 11.79 46.12 23.61
CA ALA B 333 13.21 45.87 23.80
C ALA B 333 14.10 46.65 22.85
N GLU B 334 15.32 46.92 23.27
CA GLU B 334 16.31 47.55 22.42
C GLU B 334 17.13 46.45 21.76
N GLY B 335 17.79 46.79 20.64
CA GLY B 335 18.58 45.84 19.91
C GLY B 335 17.82 44.84 19.07
N ALA B 336 16.53 45.03 18.90
CA ALA B 336 15.76 44.09 18.09
C ALA B 336 15.94 44.32 16.59
N PRO B 337 15.56 43.33 15.79
CA PRO B 337 15.55 43.46 14.31
C PRO B 337 14.59 44.55 13.88
N LYS B 338 14.93 45.32 12.84
CA LYS B 338 14.03 46.27 12.26
C LYS B 338 13.96 46.08 10.76
N ARG B 339 12.76 45.88 10.24
CA ARG B 339 12.60 45.68 8.82
C ARG B 339 13.15 46.87 8.02
N VAL B 340 13.94 46.59 6.98
CA VAL B 340 14.40 47.60 6.03
C VAL B 340 14.22 47.05 4.63
N ASN B 341 13.34 47.67 3.87
CA ASN B 341 13.00 47.22 2.52
C ASN B 341 12.59 45.73 2.41
N GLY B 342 11.68 45.32 3.27
CA GLY B 342 11.12 43.99 3.18
C GLY B 342 12.04 42.89 3.61
N ARG B 343 13.14 43.26 4.25
CA ARG B 343 14.06 42.28 4.85
C ARG B 343 14.43 42.65 6.29
N MET B 344 14.82 41.68 7.12
CA MET B 344 15.41 42.03 8.41
C MET B 344 16.67 41.22 8.65
N THR B 345 17.46 41.66 9.62
CA THR B 345 18.65 40.92 10.03
C THR B 345 18.83 41.02 11.57
N THR B 346 19.97 40.58 12.09
CA THR B 346 20.26 40.74 13.51
C THR B 346 21.61 41.39 13.62
N SER B 347 21.93 41.87 14.81
CA SER B 347 23.30 42.21 15.14
C SER B 347 24.06 40.92 15.44
N ASP B 348 25.36 41.07 15.73
CA ASP B 348 26.14 39.93 16.21
C ASP B 348 26.27 39.88 17.73
N LEU B 349 25.47 40.65 18.46
CA LEU B 349 25.50 40.60 19.92
C LEU B 349 25.11 39.21 20.47
N PRO B 350 25.64 38.91 21.66
CA PRO B 350 25.42 37.61 22.28
C PRO B 350 23.96 37.33 22.55
N GLY B 351 23.62 36.05 22.46
CA GLY B 351 22.25 35.59 22.61
C GLY B 351 21.31 36.16 21.57
N LEU B 352 20.10 36.51 22.04
CA LEU B 352 19.10 37.16 21.23
C LEU B 352 19.52 38.56 20.83
N GLY B 353 20.49 39.11 21.57
CA GLY B 353 21.02 40.42 21.30
C GLY B 353 20.09 41.58 21.67
N ILE B 354 19.09 41.32 22.52
CA ILE B 354 18.15 42.37 22.94
C ILE B 354 18.26 42.67 24.42
N THR B 355 17.75 43.83 24.83
CA THR B 355 17.68 44.23 26.24
C THR B 355 16.29 44.80 26.49
N PRO B 356 15.57 44.23 27.46
CA PRO B 356 14.17 44.62 27.65
C PRO B 356 14.05 46.04 28.18
N ILE B 357 13.01 46.75 27.79
CA ILE B 357 12.78 48.09 28.31
C ILE B 357 11.90 47.91 29.53
N PHE B 358 12.47 47.84 30.74
CA PHE B 358 11.70 47.41 31.92
C PHE B 358 10.54 48.37 32.24
N ASP B 359 10.78 49.63 31.91
CA ASP B 359 9.82 50.70 31.90
C ASP B 359 8.46 50.34 31.23
N VAL B 360 8.53 49.65 30.08
CA VAL B 360 7.33 49.28 29.32
C VAL B 360 6.73 48.00 29.90
N LEU B 361 7.58 47.08 30.34
CA LEU B 361 7.11 45.78 30.86
C LEU B 361 6.38 45.94 32.19
N GLY B 362 6.78 46.95 32.94
CA GLY B 362 6.23 47.20 34.27
C GLY B 362 6.68 46.22 35.33
N GLU B 363 6.07 46.33 36.50
CA GLU B 363 6.36 45.42 37.57
C GLU B 363 5.99 43.99 37.15
N PRO B 364 6.84 43.00 37.47
CA PRO B 364 6.57 41.60 37.19
C PRO B 364 5.18 41.23 37.69
N VAL B 365 4.44 40.39 36.97
CA VAL B 365 3.15 39.93 37.48
C VAL B 365 3.30 38.64 38.28
N ALA B 366 4.46 38.00 38.19
CA ALA B 366 4.74 36.83 39.00
C ALA B 366 6.24 36.73 39.21
N ARG B 367 6.65 36.18 40.35
CA ARG B 367 8.07 36.01 40.63
C ARG B 367 8.29 34.65 41.27
N TYR B 368 9.41 34.03 40.93
CA TYR B 368 9.78 32.72 41.43
C TYR B 368 11.23 32.74 41.86
N SER B 369 11.50 32.30 43.08
CA SER B 369 12.86 32.33 43.60
C SER B 369 13.01 31.30 44.70
N MET C 3 -21.70 -39.73 -27.12
CA MET C 3 -21.14 -39.05 -28.33
C MET C 3 -19.62 -38.99 -28.28
N LYS C 4 -18.97 -39.32 -29.39
CA LYS C 4 -17.51 -39.26 -29.46
C LYS C 4 -16.96 -38.57 -30.71
N ILE C 5 -15.84 -37.87 -30.51
CA ILE C 5 -15.07 -37.27 -31.59
C ILE C 5 -14.39 -38.34 -32.44
N THR C 6 -14.72 -38.35 -33.72
CA THR C 6 -14.17 -39.31 -34.66
C THR C 6 -13.10 -38.67 -35.57
N ALA C 7 -13.31 -37.44 -36.00
CA ALA C 7 -12.33 -36.80 -36.84
C ALA C 7 -12.30 -35.32 -36.60
N ILE C 8 -11.13 -34.73 -36.81
CA ILE C 8 -10.99 -33.29 -36.79
C ILE C 8 -10.34 -32.91 -38.10
N ASN C 9 -11.05 -32.09 -38.88
CA ASN C 9 -10.55 -31.60 -40.15
C ASN C 9 -10.21 -30.13 -40.09
N VAL C 10 -9.05 -29.77 -40.64
CA VAL C 10 -8.64 -28.38 -40.72
C VAL C 10 -8.74 -27.87 -42.18
N PHE C 11 -9.43 -26.76 -42.35
CA PHE C 11 -9.53 -26.10 -43.66
C PHE C 11 -8.79 -24.78 -43.60
N GLN C 12 -8.30 -24.33 -44.75
CA GLN C 12 -7.59 -23.07 -44.85
C GLN C 12 -8.33 -22.21 -45.89
N VAL C 13 -8.52 -20.93 -45.60
CA VAL C 13 -9.15 -20.06 -46.58
C VAL C 13 -8.68 -18.64 -46.45
N ASP C 14 -8.44 -18.03 -47.60
CA ASP C 14 -8.00 -16.65 -47.71
C ASP C 14 -9.16 -15.65 -47.57
N LEU C 15 -8.99 -14.68 -46.66
CA LEU C 15 -9.95 -13.60 -46.52
C LEU C 15 -9.36 -12.27 -46.95
N PRO C 16 -9.44 -11.94 -48.24
CA PRO C 16 -9.00 -10.62 -48.72
C PRO C 16 -9.81 -9.47 -48.13
N LEU C 17 -9.23 -8.27 -48.15
CA LEU C 17 -9.86 -7.10 -47.53
C LEU C 17 -10.45 -6.21 -48.61
N ARG C 18 -11.66 -5.70 -48.38
CA ARG C 18 -12.31 -4.76 -49.31
C ARG C 18 -11.51 -3.51 -49.53
N GLU C 19 -10.93 -2.98 -48.46
CA GLU C 19 -10.06 -1.80 -48.60
C GLU C 19 -8.69 -2.20 -49.18
N GLY C 20 -8.41 -3.50 -49.26
CA GLY C 20 -7.18 -3.95 -49.89
C GLY C 20 -6.04 -4.05 -48.92
N ARG C 21 -6.22 -3.50 -47.73
CA ARG C 21 -5.16 -3.53 -46.75
C ARG C 21 -5.61 -3.04 -45.41
N TYR C 22 -5.01 -3.57 -44.34
CA TYR C 22 -5.33 -3.14 -43.00
C TYR C 22 -3.99 -2.92 -42.26
N SER C 23 -3.83 -1.74 -41.67
CA SER C 23 -2.59 -1.33 -41.05
C SER C 23 -2.83 -0.95 -39.60
N TRP C 24 -1.93 -1.35 -38.70
CA TRP C 24 -2.05 -1.00 -37.29
C TRP C 24 -0.69 -0.82 -36.60
N SER C 25 -0.74 -0.52 -35.31
CA SER C 25 0.38 -0.02 -34.50
C SER C 25 1.74 0.28 -35.20
N ASN C 26 2.70 -0.63 -35.03
CA ASN C 26 4.10 -0.45 -35.39
C ASN C 26 4.33 -0.53 -36.89
N GLY C 27 3.50 0.11 -37.71
CA GLY C 27 3.60 -0.04 -39.15
C GLY C 27 3.27 -1.43 -39.65
N ASN C 28 2.58 -2.24 -38.86
CA ASN C 28 2.14 -3.56 -39.30
C ASN C 28 1.03 -3.43 -40.34
N PHE C 29 0.89 -4.43 -41.21
CA PHE C 29 -0.17 -4.45 -42.21
C PHE C 29 -0.45 -5.86 -42.69
N VAL C 30 -1.66 -6.09 -43.15
CA VAL C 30 -2.04 -7.33 -43.78
C VAL C 30 -2.86 -6.94 -45.02
N GLU C 31 -2.72 -7.73 -46.10
CA GLU C 31 -3.55 -7.60 -47.29
C GLU C 31 -4.58 -8.72 -47.45
N VAL C 32 -4.16 -9.96 -47.28
CA VAL C 32 -5.09 -11.08 -47.26
C VAL C 32 -4.96 -11.89 -45.97
N PHE C 33 -6.05 -12.01 -45.22
CA PHE C 33 -6.00 -12.83 -44.01
C PHE C 33 -5.94 -14.32 -44.32
N ASP C 34 -5.09 -15.05 -43.58
CA ASP C 34 -5.07 -16.50 -43.68
C ASP C 34 -5.90 -17.07 -42.54
N SER C 35 -7.12 -17.49 -42.83
CA SER C 35 -8.01 -17.99 -41.78
C SER C 35 -8.05 -19.48 -41.79
N THR C 36 -8.29 -20.05 -40.62
CA THR C 36 -8.45 -21.48 -40.45
C THR C 36 -9.86 -21.79 -39.98
N VAL C 37 -10.48 -22.79 -40.59
CA VAL C 37 -11.79 -23.25 -40.15
C VAL C 37 -11.62 -24.68 -39.63
N VAL C 38 -12.29 -24.99 -38.54
CA VAL C 38 -12.15 -26.28 -37.89
C VAL C 38 -13.50 -26.96 -37.91
N GLU C 39 -13.48 -28.27 -38.16
CA GLU C 39 -14.68 -29.10 -38.22
C GLU C 39 -14.45 -30.35 -37.36
N ILE C 40 -15.35 -30.58 -36.43
CA ILE C 40 -15.25 -31.72 -35.56
C ILE C 40 -16.34 -32.70 -35.94
N GLU C 41 -15.93 -33.94 -36.19
CA GLU C 41 -16.88 -34.95 -36.61
C GLU C 41 -17.15 -35.95 -35.48
N THR C 42 -18.42 -36.26 -35.25
CA THR C 42 -18.81 -37.18 -34.18
C THR C 42 -19.34 -38.47 -34.79
N ASP C 43 -19.40 -39.52 -33.97
CA ASP C 43 -19.96 -40.80 -34.39
C ASP C 43 -21.50 -40.77 -34.42
N GLU C 44 -22.08 -39.60 -34.17
CA GLU C 44 -23.53 -39.49 -34.12
C GLU C 44 -24.05 -38.65 -35.27
N GLY C 45 -23.18 -38.35 -36.24
CA GLY C 45 -23.59 -37.60 -37.41
C GLY C 45 -23.37 -36.10 -37.34
N LEU C 46 -23.56 -35.49 -36.18
CA LEU C 46 -23.45 -34.02 -36.06
C LEU C 46 -22.01 -33.58 -36.28
N LYS C 47 -21.85 -32.34 -36.72
CA LYS C 47 -20.53 -31.75 -36.87
C LYS C 47 -20.49 -30.37 -36.22
N GLY C 48 -19.32 -30.01 -35.70
CA GLY C 48 -19.14 -28.70 -35.09
C GLY C 48 -18.16 -27.90 -35.92
N TYR C 49 -18.41 -26.60 -36.00
CA TYR C 49 -17.53 -25.71 -36.77
C TYR C 49 -16.99 -24.60 -35.88
N ALA C 50 -15.85 -24.04 -36.25
CA ALA C 50 -15.31 -22.87 -35.58
C ALA C 50 -14.29 -22.24 -36.53
N GLU C 51 -14.11 -20.93 -36.48
CA GLU C 51 -13.06 -20.29 -37.28
C GLU C 51 -12.04 -19.57 -36.38
N CYS C 52 -10.80 -19.49 -36.82
CA CYS C 52 -9.80 -18.78 -36.08
C CYS C 52 -8.83 -18.09 -37.05
N CYS C 53 -8.59 -16.80 -36.81
CA CYS C 53 -7.85 -16.00 -37.77
C CYS C 53 -7.08 -14.92 -37.03
N PRO C 54 -5.91 -15.28 -36.52
CA PRO C 54 -5.12 -14.30 -35.77
C PRO C 54 -4.71 -13.13 -36.65
N LEU C 55 -4.27 -12.06 -36.01
CA LEU C 55 -3.83 -10.86 -36.71
C LEU C 55 -2.35 -10.75 -36.48
N GLY C 56 -1.58 -10.75 -37.56
CA GLY C 56 -0.13 -10.64 -37.43
C GLY C 56 0.32 -10.03 -38.74
N SER C 57 1.41 -9.27 -38.69
CA SER C 57 1.89 -8.51 -39.83
C SER C 57 2.29 -9.43 -41.00
N ALA C 58 2.04 -8.98 -42.23
CA ALA C 58 2.37 -9.78 -43.43
C ALA C 58 3.87 -9.91 -43.60
N TYR C 59 4.61 -8.92 -43.12
CA TYR C 59 6.03 -8.96 -43.34
C TYR C 59 6.73 -9.78 -42.27
N LEU C 60 5.95 -10.28 -41.30
CA LEU C 60 6.51 -11.22 -40.34
C LEU C 60 5.98 -12.59 -40.65
N PRO C 61 6.63 -13.63 -40.11
CA PRO C 61 6.10 -14.99 -40.19
C PRO C 61 4.63 -15.09 -39.76
N SER C 62 3.91 -15.96 -40.46
CA SER C 62 2.48 -16.15 -40.34
C SER C 62 2.04 -16.84 -39.06
N TYR C 63 1.10 -16.23 -38.33
CA TYR C 63 0.54 -16.86 -37.13
C TYR C 63 -0.49 -17.95 -37.47
N ALA C 64 -1.06 -17.92 -38.65
CA ALA C 64 -1.97 -18.98 -39.04
C ALA C 64 -1.22 -20.33 -39.09
N LEU C 65 0.06 -20.31 -39.45
CA LEU C 65 0.83 -21.56 -39.44
C LEU C 65 0.92 -22.11 -38.01
N GLY C 66 1.06 -21.22 -37.03
CA GLY C 66 1.07 -21.64 -35.66
C GLY C 66 -0.22 -22.31 -35.20
N VAL C 67 -1.37 -21.78 -35.65
CA VAL C 67 -2.70 -22.32 -35.35
C VAL C 67 -2.76 -23.77 -35.77
N ARG C 68 -2.32 -24.04 -36.99
CA ARG C 68 -2.52 -25.36 -37.58
C ARG C 68 -1.53 -26.40 -37.07
N SER C 69 -0.30 -26.00 -36.78
CA SER C 69 0.65 -26.93 -36.19
C SER C 69 0.26 -27.15 -34.72
N GLY C 70 -0.41 -26.16 -34.15
CA GLY C 70 -0.97 -26.29 -32.81
C GLY C 70 -2.06 -27.36 -32.80
N LEU C 71 -2.83 -27.41 -33.88
CA LEU C 71 -3.97 -28.31 -33.97
C LEU C 71 -3.46 -29.68 -34.26
N GLN C 72 -2.35 -29.73 -34.99
CA GLN C 72 -1.72 -30.98 -35.29
C GLN C 72 -1.33 -31.65 -33.98
N GLU C 73 -0.73 -30.87 -33.08
CA GLU C 73 -0.29 -31.37 -31.79
C GLU C 73 -1.46 -31.68 -30.87
N LEU C 74 -2.55 -30.95 -31.02
CA LEU C 74 -3.72 -31.12 -30.14
C LEU C 74 -4.64 -32.26 -30.56
N ALA C 75 -4.91 -32.33 -31.85
CA ALA C 75 -5.97 -33.18 -32.38
C ALA C 75 -5.91 -34.68 -32.00
N PRO C 76 -4.71 -35.29 -32.00
CA PRO C 76 -4.58 -36.71 -31.64
C PRO C 76 -5.04 -37.07 -30.22
N HIS C 77 -4.87 -36.16 -29.26
CA HIS C 77 -5.33 -36.38 -27.90
C HIS C 77 -6.83 -36.16 -27.77
N LEU C 78 -7.49 -35.79 -28.86
CA LEU C 78 -8.90 -35.42 -28.75
C LEU C 78 -9.80 -36.50 -29.31
N ILE C 79 -9.27 -37.34 -30.19
CA ILE C 79 -10.10 -38.33 -30.87
C ILE C 79 -10.66 -39.27 -29.80
N GLY C 80 -11.94 -39.63 -29.93
CA GLY C 80 -12.57 -40.53 -28.96
C GLY C 80 -13.07 -39.87 -27.68
N LYS C 81 -12.76 -38.59 -27.50
CA LYS C 81 -13.25 -37.91 -26.33
C LYS C 81 -14.66 -37.38 -26.61
N ASP C 82 -15.35 -36.95 -25.57
CA ASP C 82 -16.74 -36.56 -25.68
C ASP C 82 -16.84 -35.06 -25.82
N PRO C 83 -17.32 -34.58 -26.99
CA PRO C 83 -17.32 -33.16 -27.32
C PRO C 83 -18.33 -32.33 -26.51
N LEU C 84 -19.34 -32.96 -25.93
CA LEU C 84 -20.29 -32.22 -25.12
C LEU C 84 -19.71 -31.98 -23.72
N ASN C 85 -18.67 -32.72 -23.36
CA ASN C 85 -17.98 -32.48 -22.10
C ASN C 85 -16.88 -31.44 -22.26
N ILE C 86 -17.31 -30.19 -22.30
CA ILE C 86 -16.45 -29.13 -22.77
C ILE C 86 -15.32 -28.91 -21.77
N GLY C 87 -15.65 -29.08 -20.49
CA GLY C 87 -14.65 -28.98 -19.44
C GLY C 87 -13.53 -29.97 -19.63
N GLU C 88 -13.88 -31.22 -19.92
CA GLU C 88 -12.85 -32.24 -20.19
C GLU C 88 -12.00 -31.91 -21.43
N ILE C 89 -12.65 -31.50 -22.53
CA ILE C 89 -11.92 -31.18 -23.74
C ILE C 89 -10.80 -30.18 -23.42
N ASN C 90 -11.17 -29.13 -22.71
CA ASN C 90 -10.26 -28.05 -22.39
C ASN C 90 -9.13 -28.57 -21.48
N ARG C 91 -9.45 -29.50 -20.59
CA ARG C 91 -8.46 -30.07 -19.68
C ARG C 91 -7.50 -30.96 -20.47
N VAL C 92 -8.03 -31.68 -21.43
CA VAL C 92 -7.22 -32.46 -22.34
C VAL C 92 -6.25 -31.55 -23.09
N MET C 93 -6.78 -30.52 -23.76
CA MET C 93 -5.90 -29.65 -24.50
C MET C 93 -4.80 -29.04 -23.63
N ASP C 94 -5.12 -28.59 -22.42
CA ASP C 94 -4.14 -27.82 -21.68
C ASP C 94 -3.04 -28.70 -21.10
N ALA C 95 -3.39 -29.94 -20.82
CA ALA C 95 -2.40 -30.92 -20.43
C ALA C 95 -1.55 -31.33 -21.66
N ALA C 96 -2.13 -31.36 -22.86
CA ALA C 96 -1.35 -31.78 -24.02
C ALA C 96 -0.37 -30.70 -24.46
N LEU C 97 -0.75 -29.45 -24.32
CA LEU C 97 0.01 -28.40 -24.99
C LEU C 97 -0.07 -27.10 -24.24
N ARG C 98 1.07 -26.47 -24.03
CA ARG C 98 1.07 -25.23 -23.28
C ARG C 98 0.94 -24.02 -24.21
N GLY C 99 0.28 -22.98 -23.72
CA GLY C 99 -0.04 -21.82 -24.54
C GLY C 99 -0.95 -22.20 -25.72
N HIS C 100 -0.61 -21.72 -26.92
CA HIS C 100 -1.39 -21.97 -28.14
C HIS C 100 -2.92 -21.72 -28.02
N PRO C 101 -3.33 -20.55 -27.51
CA PRO C 101 -4.77 -20.24 -27.35
C PRO C 101 -5.52 -20.24 -28.70
N TYR C 102 -4.86 -19.73 -29.75
CA TYR C 102 -5.42 -19.72 -31.07
C TYR C 102 -5.70 -21.10 -31.63
N ALA C 103 -4.89 -22.09 -31.25
CA ALA C 103 -5.12 -23.46 -31.69
C ALA C 103 -6.26 -24.05 -30.89
N LYS C 104 -6.35 -23.67 -29.62
CA LYS C 104 -7.32 -24.25 -28.70
C LYS C 104 -8.74 -23.68 -28.88
N ALA C 105 -8.84 -22.39 -29.16
CA ALA C 105 -10.15 -21.71 -29.24
C ALA C 105 -11.14 -22.38 -30.22
N PRO C 106 -10.68 -22.68 -31.43
CA PRO C 106 -11.68 -23.23 -32.37
C PRO C 106 -12.15 -24.64 -32.00
N ILE C 107 -11.35 -25.37 -31.25
CA ILE C 107 -11.80 -26.66 -30.72
C ILE C 107 -12.90 -26.41 -29.67
N ASP C 108 -12.64 -25.49 -28.73
CA ASP C 108 -13.65 -25.09 -27.76
C ASP C 108 -14.94 -24.63 -28.42
N ILE C 109 -14.83 -23.76 -29.42
CA ILE C 109 -16.01 -23.15 -30.01
C ILE C 109 -16.79 -24.20 -30.81
N ALA C 110 -16.05 -25.05 -31.52
CA ALA C 110 -16.64 -26.15 -32.26
C ALA C 110 -17.40 -27.12 -31.34
N CYS C 111 -16.88 -27.37 -30.14
CA CYS C 111 -17.61 -28.19 -29.17
C CYS C 111 -18.88 -27.47 -28.65
N TRP C 112 -18.81 -26.15 -28.52
CA TRP C 112 -19.98 -25.33 -28.19
C TRP C 112 -21.04 -25.40 -29.32
N ASP C 113 -20.58 -25.35 -30.57
CA ASP C 113 -21.50 -25.51 -31.70
C ASP C 113 -22.20 -26.87 -31.63
N LEU C 114 -21.42 -27.90 -31.28
CA LEU C 114 -21.95 -29.26 -31.14
C LEU C 114 -22.97 -29.36 -30.01
N LEU C 115 -22.66 -28.75 -28.87
CA LEU C 115 -23.59 -28.77 -27.75
C LEU C 115 -24.93 -28.13 -28.12
N GLY C 116 -24.89 -26.97 -28.77
CA GLY C 116 -26.10 -26.38 -29.29
C GLY C 116 -26.81 -27.29 -30.27
N LYS C 117 -26.06 -27.91 -31.17
CA LYS C 117 -26.70 -28.80 -32.13
C LYS C 117 -27.36 -29.95 -31.40
N ALA C 118 -26.62 -30.62 -30.54
CA ALA C 118 -27.13 -31.78 -29.80
C ALA C 118 -28.28 -31.43 -28.87
N THR C 119 -28.42 -30.15 -28.54
CA THR C 119 -29.46 -29.74 -27.58
C THR C 119 -30.56 -28.94 -28.25
N GLY C 120 -30.37 -28.59 -29.51
CA GLY C 120 -31.36 -27.81 -30.23
C GLY C 120 -31.43 -26.36 -29.80
N GLN C 121 -30.35 -25.82 -29.26
CA GLN C 121 -30.38 -24.46 -28.76
C GLN C 121 -29.33 -23.57 -29.42
N PRO C 122 -29.71 -22.32 -29.71
CA PRO C 122 -28.73 -21.34 -30.18
C PRO C 122 -27.74 -21.04 -29.07
N LEU C 123 -26.50 -20.70 -29.40
CA LEU C 123 -25.46 -20.50 -28.39
C LEU C 123 -25.83 -19.39 -27.43
N TYR C 124 -26.58 -18.40 -27.90
CA TYR C 124 -26.84 -17.24 -27.07
C TYR C 124 -27.63 -17.66 -25.86
N THR C 125 -28.33 -18.78 -25.98
CA THR C 125 -29.06 -19.35 -24.84
C THR C 125 -28.13 -20.19 -23.94
N LEU C 126 -27.32 -21.06 -24.53
CA LEU C 126 -26.41 -21.84 -23.71
C LEU C 126 -25.34 -20.98 -23.06
N LEU C 127 -25.14 -19.77 -23.59
CA LEU C 127 -24.11 -18.88 -23.09
C LEU C 127 -24.68 -17.96 -22.00
N GLY C 128 -25.91 -18.23 -21.60
CA GLY C 128 -26.49 -17.52 -20.45
C GLY C 128 -27.91 -17.03 -20.66
N GLY C 129 -28.30 -16.90 -21.92
CA GLY C 129 -29.63 -16.42 -22.29
C GLY C 129 -29.56 -15.12 -23.05
N ALA C 130 -30.51 -14.91 -23.95
CA ALA C 130 -30.60 -13.67 -24.76
C ALA C 130 -30.87 -12.44 -23.87
N ALA C 131 -29.97 -11.47 -23.91
CA ALA C 131 -30.16 -10.20 -23.17
C ALA C 131 -30.40 -9.00 -24.08
N GLN C 132 -30.22 -9.19 -25.37
CA GLN C 132 -30.27 -8.07 -26.33
C GLN C 132 -30.78 -8.62 -27.63
N ASP C 133 -31.68 -7.92 -28.30
CA ASP C 133 -32.11 -8.31 -29.63
C ASP C 133 -31.01 -8.08 -30.70
N ASP C 134 -30.44 -6.88 -30.70
CA ASP C 134 -29.50 -6.40 -31.71
C ASP C 134 -28.26 -5.88 -30.97
N VAL C 135 -27.11 -5.82 -31.62
CA VAL C 135 -25.91 -5.31 -30.97
C VAL C 135 -25.25 -4.21 -31.79
N ALA C 136 -24.85 -3.18 -31.09
CA ALA C 136 -24.23 -2.03 -31.70
C ALA C 136 -22.87 -2.46 -32.23
N LEU C 137 -22.48 -1.94 -33.39
CA LEU C 137 -21.16 -2.22 -33.96
C LEU C 137 -20.25 -1.01 -34.03
N TYR C 138 -18.95 -1.26 -33.96
CA TYR C 138 -17.97 -0.24 -34.27
C TYR C 138 -17.30 -0.63 -35.58
N ARG C 139 -16.68 0.34 -36.26
CA ARG C 139 -15.82 0.02 -37.39
C ARG C 139 -14.37 0.32 -37.05
N ALA C 140 -13.48 -0.63 -37.34
CA ALA C 140 -12.04 -0.40 -37.17
C ALA C 140 -11.51 0.40 -38.33
N ILE C 141 -10.82 1.50 -38.04
CA ILE C 141 -10.29 2.37 -39.08
C ILE C 141 -8.77 2.22 -39.18
N SER C 142 -8.32 1.73 -40.31
CA SER C 142 -6.91 1.39 -40.55
C SER C 142 -5.97 2.59 -40.43
N GLN C 143 -4.76 2.37 -39.90
CA GLN C 143 -3.74 3.42 -39.79
C GLN C 143 -3.24 3.99 -41.11
N GLU C 144 -3.54 5.26 -41.38
CA GLU C 144 -3.13 5.94 -42.60
C GLU C 144 -3.06 7.41 -42.30
N ALA C 145 -2.78 8.20 -43.35
CA ALA C 145 -2.82 9.64 -43.22
C ALA C 145 -4.16 10.10 -42.57
N PRO C 146 -4.07 11.10 -41.70
CA PRO C 146 -5.20 11.67 -40.95
C PRO C 146 -6.38 11.94 -41.85
N GLU C 147 -6.10 12.60 -42.98
CA GLU C 147 -7.14 12.99 -43.92
C GLU C 147 -7.83 11.77 -44.59
N ILE C 148 -7.09 10.70 -44.84
CA ILE C 148 -7.70 9.49 -45.34
C ILE C 148 -8.53 8.80 -44.27
N MET C 149 -8.02 8.80 -43.04
CA MET C 149 -8.77 8.21 -41.94
C MET C 149 -10.11 8.95 -41.74
N ALA C 150 -10.06 10.28 -41.80
CA ALA C 150 -11.26 11.10 -41.69
C ALA C 150 -12.23 10.76 -42.78
N LYS C 151 -11.72 10.68 -44.00
CA LYS C 151 -12.60 10.42 -45.12
C LYS C 151 -13.28 9.08 -44.95
N LYS C 152 -12.50 8.05 -44.65
CA LYS C 152 -13.09 6.74 -44.48
C LYS C 152 -14.10 6.68 -43.32
N ILE C 153 -13.79 7.30 -42.20
CA ILE C 153 -14.70 7.26 -41.08
C ILE C 153 -16.00 7.99 -41.45
N GLU C 154 -15.89 9.08 -42.19
CA GLU C 154 -17.07 9.81 -42.68
C GLU C 154 -17.97 8.88 -43.43
N GLY C 155 -17.36 8.07 -44.29
CA GLY C 155 -18.11 7.16 -45.15
C GLY C 155 -18.78 6.02 -44.39
N TYR C 156 -18.11 5.48 -43.37
CA TYR C 156 -18.69 4.41 -42.56
C TYR C 156 -19.78 4.91 -41.60
N ALA C 157 -19.65 6.15 -41.16
CA ALA C 157 -20.73 6.79 -40.38
C ALA C 157 -22.02 6.88 -41.22
N ALA C 158 -21.86 7.19 -42.51
CA ALA C 158 -22.98 7.23 -43.46
C ALA C 158 -23.62 5.86 -43.63
N GLU C 159 -22.84 4.79 -43.42
CA GLU C 159 -23.38 3.43 -43.46
C GLU C 159 -24.18 3.09 -42.20
N GLY C 160 -24.11 3.94 -41.19
CA GLY C 160 -24.76 3.69 -39.91
C GLY C 160 -23.93 3.18 -38.74
N TYR C 161 -22.63 2.92 -38.92
CA TYR C 161 -21.80 2.72 -37.73
C TYR C 161 -21.76 4.00 -36.91
N THR C 162 -21.87 3.88 -35.59
CA THR C 162 -21.86 5.05 -34.72
C THR C 162 -20.71 4.97 -33.70
N LYS C 163 -19.88 3.96 -33.84
CA LYS C 163 -18.74 3.75 -32.96
C LYS C 163 -17.54 3.35 -33.78
N PHE C 164 -16.37 3.85 -33.41
CA PHE C 164 -15.20 3.70 -34.23
C PHE C 164 -13.97 3.45 -33.38
N GLN C 165 -13.12 2.54 -33.82
CA GLN C 165 -11.79 2.36 -33.26
C GLN C 165 -10.75 2.79 -34.26
N LEU C 166 -9.98 3.83 -33.92
CA LEU C 166 -8.85 4.25 -34.75
C LEU C 166 -7.67 3.33 -34.48
N LYS C 167 -6.93 2.96 -35.52
CA LYS C 167 -5.69 2.20 -35.31
C LYS C 167 -4.52 3.17 -35.22
N VAL C 168 -4.25 3.62 -33.99
CA VAL C 168 -3.12 4.50 -33.74
C VAL C 168 -1.97 3.64 -33.20
N GLY C 169 -1.16 4.13 -32.26
CA GLY C 169 0.02 3.36 -31.86
C GLY C 169 1.19 3.37 -32.86
N GLY C 170 1.23 4.40 -33.69
CA GLY C 170 2.37 4.65 -34.57
C GLY C 170 3.22 5.76 -33.96
N ASP C 171 3.61 6.71 -34.79
CA ASP C 171 4.34 7.86 -34.35
C ASP C 171 3.38 8.81 -33.64
N ALA C 172 3.81 9.33 -32.49
CA ALA C 172 2.87 9.99 -31.61
C ALA C 172 2.26 11.25 -32.26
N ASN C 173 3.07 12.05 -32.95
CA ASN C 173 2.56 13.24 -33.61
C ASN C 173 1.50 12.89 -34.66
N ASP C 174 1.82 11.92 -35.53
CA ASP C 174 0.84 11.48 -36.53
C ASP C 174 -0.46 11.05 -35.83
N ASP C 175 -0.33 10.36 -34.70
CA ASP C 175 -1.48 9.84 -33.98
C ASP C 175 -2.30 11.00 -33.40
N ILE C 176 -1.61 12.06 -32.98
CA ILE C 176 -2.32 13.20 -32.47
C ILE C 176 -3.15 13.77 -33.59
N ASN C 177 -2.53 13.88 -34.76
CA ASN C 177 -3.24 14.39 -35.95
C ASN C 177 -4.36 13.48 -36.38
N ARG C 178 -4.14 12.17 -36.30
CA ARG C 178 -5.19 11.22 -36.71
C ARG C 178 -6.43 11.40 -35.84
N ILE C 179 -6.21 11.54 -34.55
CA ILE C 179 -7.30 11.60 -33.59
C ILE C 179 -8.09 12.93 -33.72
N HIS C 180 -7.36 14.04 -33.91
CA HIS C 180 -8.05 15.32 -34.20
C HIS C 180 -8.83 15.27 -35.50
N ALA C 181 -8.17 14.89 -36.60
CA ALA C 181 -8.81 14.90 -37.91
C ALA C 181 -10.06 14.06 -37.87
N THR C 182 -10.04 12.97 -37.12
CA THR C 182 -11.19 12.08 -37.20
C THR C 182 -12.31 12.52 -36.26
N ARG C 183 -11.99 12.94 -35.03
CA ARG C 183 -13.03 13.43 -34.13
C ARG C 183 -13.78 14.61 -34.74
N SER C 184 -13.10 15.44 -35.51
CA SER C 184 -13.75 16.64 -36.01
C SER C 184 -14.78 16.39 -37.13
N VAL C 185 -14.77 15.22 -37.80
CA VAL C 185 -15.76 14.92 -38.84
C VAL C 185 -16.94 14.03 -38.39
N LEU C 186 -16.86 13.50 -37.20
CA LEU C 186 -17.97 12.74 -36.65
C LEU C 186 -18.98 13.68 -36.03
N LYS C 187 -20.22 13.23 -35.90
CA LYS C 187 -21.21 13.91 -35.07
C LYS C 187 -20.78 13.80 -33.60
N LYS C 188 -21.34 14.66 -32.77
CA LYS C 188 -21.13 14.58 -31.32
C LYS C 188 -21.53 13.23 -30.73
N SER C 189 -22.64 12.66 -31.17
CA SER C 189 -23.12 11.36 -30.66
C SER C 189 -22.25 10.16 -31.05
N ASP C 190 -21.38 10.30 -32.04
CA ASP C 190 -20.50 9.16 -32.36
C ASP C 190 -19.35 8.99 -31.37
N LEU C 191 -19.06 7.72 -31.04
CA LEU C 191 -17.97 7.38 -30.12
C LEU C 191 -16.69 7.04 -30.88
N LEU C 192 -15.58 7.54 -30.35
CA LEU C 192 -14.30 7.36 -30.98
C LEU C 192 -13.26 6.85 -29.98
N VAL C 193 -12.75 5.65 -30.25
CA VAL C 193 -11.74 5.00 -29.44
C VAL C 193 -10.40 5.06 -30.18
N ALA C 194 -9.37 5.52 -29.51
CA ALA C 194 -8.03 5.53 -30.05
C ALA C 194 -7.30 4.26 -29.51
N ASP C 195 -7.10 3.29 -30.38
CA ASP C 195 -6.50 2.01 -30.02
C ASP C 195 -5.07 1.95 -30.55
N ALA C 196 -4.13 1.98 -29.62
CA ALA C 196 -2.73 2.02 -29.93
C ALA C 196 -2.22 0.62 -30.19
N ASN C 197 -2.94 -0.37 -29.68
CA ASN C 197 -2.51 -1.76 -29.87
C ASN C 197 -1.10 -2.00 -29.38
N THR C 198 -0.79 -1.46 -28.20
CA THR C 198 0.48 -1.63 -27.49
C THR C 198 1.59 -0.83 -28.10
N GLY C 199 1.27 -0.04 -29.13
CA GLY C 199 2.26 0.63 -29.97
C GLY C 199 3.00 1.85 -29.44
N TRP C 200 2.76 2.24 -28.20
CA TRP C 200 3.45 3.38 -27.62
C TRP C 200 4.26 2.89 -26.45
N THR C 201 5.36 3.58 -26.18
CA THR C 201 5.97 3.63 -24.86
C THR C 201 5.31 4.74 -24.00
N ARG C 202 5.51 4.70 -22.70
CA ARG C 202 4.91 5.70 -21.83
C ARG C 202 5.12 7.14 -22.27
N HIS C 203 6.32 7.51 -22.67
CA HIS C 203 6.58 8.89 -22.99
C HIS C 203 5.76 9.30 -24.21
N GLU C 204 5.67 8.41 -25.19
CA GLU C 204 4.82 8.68 -26.35
C GLU C 204 3.32 8.69 -26.01
N ALA C 205 2.88 7.72 -25.21
CA ALA C 205 1.47 7.67 -24.80
C ALA C 205 1.10 8.94 -24.01
N ALA C 206 2.04 9.39 -23.19
CA ALA C 206 1.82 10.58 -22.38
C ALA C 206 1.58 11.80 -23.26
N ARG C 207 2.40 11.97 -24.29
CA ARG C 207 2.22 13.07 -25.23
C ARG C 207 0.88 12.99 -25.93
N VAL C 208 0.51 11.80 -26.34
CA VAL C 208 -0.74 11.70 -27.06
C VAL C 208 -1.93 12.05 -26.21
N VAL C 209 -2.10 11.38 -25.07
CA VAL C 209 -3.30 11.64 -24.27
C VAL C 209 -3.33 13.09 -23.76
N GLY C 210 -2.17 13.73 -23.68
CA GLY C 210 -2.10 15.10 -23.24
C GLY C 210 -2.62 16.02 -24.33
N ALA C 211 -2.25 15.72 -25.57
CA ALA C 211 -2.65 16.53 -26.72
C ALA C 211 -4.13 16.36 -27.13
N VAL C 212 -4.77 15.28 -26.69
CA VAL C 212 -6.18 15.06 -27.02
C VAL C 212 -7.07 15.07 -25.78
N SER C 213 -6.60 15.67 -24.67
CA SER C 213 -7.37 15.62 -23.42
C SER C 213 -8.71 16.37 -23.47
N SER C 214 -8.87 17.30 -24.41
CA SER C 214 -10.15 18.01 -24.48
C SER C 214 -11.07 17.42 -25.54
N LEU C 215 -10.62 16.35 -26.19
CA LEU C 215 -11.46 15.69 -27.18
C LEU C 215 -12.26 14.61 -26.50
N ASP C 216 -13.43 14.34 -27.02
CA ASP C 216 -14.28 13.27 -26.51
C ASP C 216 -13.79 11.96 -27.13
N VAL C 217 -12.76 11.38 -26.51
CA VAL C 217 -12.14 10.17 -27.06
C VAL C 217 -11.86 9.17 -25.93
N TYR C 218 -11.86 7.89 -26.28
CA TYR C 218 -11.43 6.83 -25.37
C TYR C 218 -10.00 6.42 -25.67
N ILE C 219 -9.24 6.05 -24.64
CA ILE C 219 -7.87 5.61 -24.83
C ILE C 219 -7.77 4.12 -24.58
N GLU C 220 -7.31 3.38 -25.59
CA GLU C 220 -7.25 1.92 -25.53
C GLU C 220 -5.84 1.33 -25.71
N GLN C 221 -5.46 0.49 -24.74
CA GLN C 221 -4.24 -0.30 -24.76
C GLN C 221 -2.99 0.45 -25.32
N PRO C 222 -2.51 1.46 -24.59
CA PRO C 222 -1.40 2.30 -25.04
C PRO C 222 -0.03 1.60 -25.15
N CYS C 223 0.21 0.58 -24.32
CA CYS C 223 1.55 0.01 -24.14
C CYS C 223 1.55 -1.52 -24.09
N LEU C 224 2.75 -2.10 -24.12
CA LEU C 224 2.90 -3.54 -24.17
C LEU C 224 2.52 -4.26 -22.89
N THR C 225 2.82 -3.65 -21.75
CA THR C 225 2.55 -4.33 -20.49
C THR C 225 1.43 -3.65 -19.69
N TYR C 226 0.85 -4.44 -18.79
CA TYR C 226 -0.13 -3.96 -17.85
C TYR C 226 0.43 -2.77 -17.06
N GLU C 227 1.65 -2.89 -16.57
CA GLU C 227 2.27 -1.88 -15.71
C GLU C 227 2.46 -0.53 -16.44
N GLU C 228 3.00 -0.58 -17.64
CA GLU C 228 3.15 0.62 -18.45
C GLU C 228 1.80 1.26 -18.77
N SER C 229 0.82 0.43 -19.08
CA SER C 229 -0.50 0.92 -19.44
C SER C 229 -1.16 1.56 -18.23
N VAL C 230 -0.98 0.96 -17.07
CA VAL C 230 -1.57 1.54 -15.89
C VAL C 230 -0.95 2.89 -15.56
N SER C 231 0.34 3.07 -15.87
CA SER C 231 1.01 4.37 -15.69
C SER C 231 0.32 5.48 -16.54
N ILE C 232 -0.26 5.09 -17.68
CA ILE C 232 -1.04 6.01 -18.49
C ILE C 232 -2.48 6.25 -17.94
N ARG C 233 -3.18 5.19 -17.53
CA ARG C 233 -4.52 5.35 -16.93
C ARG C 233 -4.49 6.34 -15.76
N ARG C 234 -3.46 6.28 -14.92
CA ARG C 234 -3.36 7.16 -13.75
C ARG C 234 -3.08 8.61 -14.08
N ARG C 235 -2.76 8.89 -15.34
CA ARG C 235 -2.35 10.21 -15.75
C ARG C 235 -3.40 10.92 -16.60
N THR C 236 -4.52 10.27 -16.89
CA THR C 236 -5.53 10.85 -17.76
C THR C 236 -6.89 10.71 -17.13
N ALA C 237 -7.72 11.72 -17.36
CA ALA C 237 -9.12 11.73 -16.98
C ALA C 237 -9.99 11.00 -18.02
N LEU C 238 -9.43 10.65 -19.17
CA LEU C 238 -10.24 10.06 -20.26
C LEU C 238 -10.67 8.63 -19.95
N PRO C 239 -11.82 8.22 -20.44
CA PRO C 239 -12.15 6.81 -20.20
C PRO C 239 -11.10 5.89 -20.83
N PHE C 240 -10.82 4.78 -20.18
CA PHE C 240 -9.65 3.95 -20.51
C PHE C 240 -10.03 2.48 -20.69
N VAL C 241 -9.52 1.90 -21.76
CA VAL C 241 -9.81 0.51 -22.19
C VAL C 241 -8.50 -0.30 -22.27
N LEU C 242 -8.53 -1.52 -21.76
CA LEU C 242 -7.42 -2.48 -21.89
C LEU C 242 -7.90 -3.67 -22.70
N ASP C 243 -6.98 -4.28 -23.42
CA ASP C 243 -7.33 -5.24 -24.44
C ASP C 243 -6.37 -6.40 -24.37
N GLU C 244 -5.23 -6.25 -25.04
CA GLU C 244 -4.23 -7.33 -25.18
C GLU C 244 -3.68 -7.82 -23.86
N VAL C 245 -3.49 -6.94 -22.88
CA VAL C 245 -2.94 -7.40 -21.61
C VAL C 245 -4.01 -8.09 -20.75
N ILE C 246 -5.27 -8.00 -21.12
CA ILE C 246 -6.30 -8.80 -20.43
C ILE C 246 -6.52 -10.10 -21.21
N ASP C 247 -5.75 -11.13 -20.88
CA ASP C 247 -5.75 -12.39 -21.65
C ASP C 247 -6.50 -13.57 -20.99
N GLY C 248 -7.09 -13.34 -19.84
CA GLY C 248 -7.83 -14.39 -19.18
C GLY C 248 -8.34 -13.89 -17.84
N PRO C 249 -9.02 -14.77 -17.10
CA PRO C 249 -9.65 -14.33 -15.85
C PRO C 249 -8.64 -13.79 -14.86
N ASN C 250 -7.42 -14.29 -14.87
CA ASN C 250 -6.46 -13.91 -13.83
C ASN C 250 -6.01 -12.44 -13.94
N THR C 251 -5.55 -12.08 -15.12
CA THR C 251 -5.14 -10.72 -15.36
C THR C 251 -6.39 -9.83 -15.29
N LEU C 252 -7.56 -10.38 -15.60
CA LEU C 252 -8.77 -9.57 -15.54
C LEU C 252 -9.13 -9.21 -14.07
N VAL C 253 -9.10 -10.19 -13.19
CA VAL C 253 -9.28 -9.96 -11.76
C VAL C 253 -8.27 -8.94 -11.18
N ARG C 254 -7.01 -9.02 -11.58
CA ARG C 254 -6.02 -8.04 -11.13
C ARG C 254 -6.39 -6.64 -11.60
N GLY C 255 -6.79 -6.51 -12.88
CA GLY C 255 -7.21 -5.22 -13.41
C GLY C 255 -8.45 -4.65 -12.73
N ILE C 256 -9.38 -5.53 -12.40
CA ILE C 256 -10.56 -5.11 -11.65
C ILE C 256 -10.19 -4.59 -10.25
N ALA C 257 -9.42 -5.39 -9.51
CA ALA C 257 -9.07 -5.07 -8.13
C ALA C 257 -8.22 -3.82 -8.05
N GLU C 258 -7.45 -3.52 -9.10
CA GLU C 258 -6.52 -2.39 -9.07
C GLU C 258 -7.06 -1.19 -9.86
N ASP C 259 -8.30 -1.27 -10.31
CA ASP C 259 -8.92 -0.14 -11.03
C ASP C 259 -8.03 0.30 -12.21
N ALA C 260 -7.67 -0.66 -13.06
CA ALA C 260 -6.73 -0.45 -14.13
C ALA C 260 -7.43 0.03 -15.43
N MET C 261 -8.77 -0.03 -15.49
CA MET C 261 -9.49 0.29 -16.72
C MET C 261 -10.96 0.46 -16.44
N ASP C 262 -11.63 1.18 -17.35
CA ASP C 262 -13.08 1.33 -17.31
C ASP C 262 -13.81 0.33 -18.21
N CYS C 263 -13.17 -0.05 -19.31
CA CYS C 263 -13.72 -1.07 -20.19
C CYS C 263 -12.64 -2.08 -20.58
N ILE C 264 -13.04 -3.26 -21.07
CA ILE C 264 -12.08 -4.13 -21.72
C ILE C 264 -12.58 -4.49 -23.13
N ASN C 265 -11.64 -4.88 -23.97
CA ASN C 265 -11.92 -5.63 -25.18
C ASN C 265 -11.70 -7.12 -24.94
N LEU C 266 -12.68 -7.90 -25.35
CA LEU C 266 -12.66 -9.34 -25.20
C LEU C 266 -12.52 -9.97 -26.60
N LYS C 267 -11.33 -10.52 -26.86
CA LYS C 267 -11.09 -11.23 -28.11
C LYS C 267 -11.22 -12.73 -27.86
N ILE C 268 -12.27 -13.32 -28.44
CA ILE C 268 -12.69 -14.69 -28.11
C ILE C 268 -11.59 -15.73 -28.30
N SER C 269 -10.90 -15.66 -29.44
CA SER C 269 -9.89 -16.66 -29.77
C SER C 269 -8.61 -16.37 -29.04
N LYS C 270 -8.26 -15.09 -28.89
CA LYS C 270 -7.09 -14.73 -28.08
C LYS C 270 -7.19 -15.25 -26.66
N VAL C 271 -8.39 -15.32 -26.09
CA VAL C 271 -8.52 -15.78 -24.70
C VAL C 271 -8.78 -17.29 -24.64
N GLY C 272 -8.75 -17.94 -25.79
CA GLY C 272 -8.76 -19.40 -25.81
C GLY C 272 -10.14 -20.00 -25.97
N GLY C 273 -11.10 -19.21 -26.41
CA GLY C 273 -12.40 -19.77 -26.78
C GLY C 273 -13.57 -19.21 -25.98
N LEU C 274 -14.75 -19.76 -26.25
CA LEU C 274 -15.97 -19.29 -25.66
C LEU C 274 -16.08 -19.61 -24.16
N THR C 275 -15.50 -20.73 -23.75
CA THR C 275 -15.58 -21.10 -22.34
C THR C 275 -14.90 -20.04 -21.47
N LYS C 276 -13.65 -19.72 -21.77
CA LYS C 276 -12.95 -18.66 -21.08
C LYS C 276 -13.58 -17.27 -21.31
N ALA C 277 -14.02 -16.99 -22.54
CA ALA C 277 -14.55 -15.65 -22.83
C ALA C 277 -15.86 -15.40 -22.06
N LYS C 278 -16.65 -16.45 -21.86
CA LYS C 278 -17.90 -16.33 -21.10
C LYS C 278 -17.60 -16.10 -19.63
N LEU C 279 -16.60 -16.82 -19.11
CA LEU C 279 -16.20 -16.62 -17.76
C LEU C 279 -15.86 -15.13 -17.58
N MET C 280 -15.02 -14.61 -18.46
CA MET C 280 -14.59 -13.23 -18.35
C MET C 280 -15.74 -12.24 -18.46
N ARG C 281 -16.66 -12.54 -19.37
CA ARG C 281 -17.82 -11.72 -19.64
C ARG C 281 -18.71 -11.63 -18.39
N ASP C 282 -18.94 -12.77 -17.74
CA ASP C 282 -19.75 -12.78 -16.52
C ASP C 282 -19.08 -12.02 -15.39
N LEU C 283 -17.77 -12.17 -15.28
CA LEU C 283 -17.00 -11.43 -14.29
C LEU C 283 -17.09 -9.91 -14.48
N CYS C 284 -17.04 -9.47 -15.75
CA CYS C 284 -17.15 -8.04 -16.11
C CYS C 284 -18.55 -7.47 -15.78
N ILE C 285 -19.60 -8.23 -16.10
CA ILE C 285 -20.97 -7.86 -15.72
C ILE C 285 -21.04 -7.66 -14.23
N ALA C 286 -20.57 -8.64 -13.47
CA ALA C 286 -20.67 -8.57 -12.01
C ALA C 286 -19.98 -7.33 -11.46
N HIS C 287 -19.00 -6.82 -12.18
CA HIS C 287 -18.23 -5.66 -11.69
C HIS C 287 -18.52 -4.36 -12.46
N GLY C 288 -19.56 -4.37 -13.28
CA GLY C 288 -19.94 -3.20 -14.09
C GLY C 288 -18.96 -2.75 -15.19
N ILE C 289 -18.23 -3.67 -15.80
CA ILE C 289 -17.25 -3.31 -16.82
C ILE C 289 -17.80 -3.61 -18.21
N PRO C 290 -18.06 -2.56 -19.01
CA PRO C 290 -18.51 -2.80 -20.38
C PRO C 290 -17.41 -3.41 -21.23
N MET C 291 -17.81 -4.20 -22.23
CA MET C 291 -16.89 -4.98 -23.06
C MET C 291 -17.15 -4.72 -24.52
N THR C 292 -16.08 -4.58 -25.28
CA THR C 292 -16.16 -4.73 -26.69
C THR C 292 -15.96 -6.24 -26.93
N ILE C 293 -17.00 -6.87 -27.46
CA ILE C 293 -16.99 -8.29 -27.76
C ILE C 293 -16.49 -8.42 -29.18
N GLU C 294 -15.39 -9.15 -29.34
CA GLU C 294 -14.82 -9.26 -30.63
C GLU C 294 -13.84 -10.43 -30.76
N ASP C 295 -12.92 -10.29 -31.71
CA ASP C 295 -11.88 -11.25 -31.94
C ASP C 295 -10.73 -10.60 -32.68
N THR C 296 -9.71 -11.38 -32.99
CA THR C 296 -8.53 -10.86 -33.65
C THR C 296 -8.89 -10.39 -35.07
N TRP C 297 -9.63 -11.24 -35.79
CA TRP C 297 -10.17 -10.97 -37.12
C TRP C 297 -10.92 -12.23 -37.49
N GLY C 298 -11.43 -12.28 -38.72
CA GLY C 298 -12.06 -13.48 -39.28
C GLY C 298 -13.15 -13.18 -40.30
N GLY C 299 -13.93 -14.18 -40.68
CA GLY C 299 -15.08 -14.00 -41.56
C GLY C 299 -16.42 -14.34 -40.91
N ASP C 300 -17.26 -15.05 -41.64
CA ASP C 300 -18.59 -15.44 -41.19
C ASP C 300 -18.70 -16.24 -39.88
N ILE C 301 -17.84 -17.20 -39.68
CA ILE C 301 -17.96 -18.10 -38.54
C ILE C 301 -17.42 -17.39 -37.27
N VAL C 302 -16.31 -16.67 -37.38
CA VAL C 302 -15.90 -15.76 -36.31
C VAL C 302 -17.00 -14.74 -35.98
N THR C 303 -17.67 -14.19 -36.99
CA THR C 303 -18.65 -13.13 -36.72
C THR C 303 -19.83 -13.75 -36.01
N ALA C 304 -20.13 -15.03 -36.31
CA ALA C 304 -21.28 -15.69 -35.68
C ALA C 304 -21.08 -15.82 -34.15
N ALA C 305 -19.87 -16.21 -33.76
CA ALA C 305 -19.51 -16.46 -32.38
C ALA C 305 -19.50 -15.13 -31.62
N ILE C 306 -18.93 -14.10 -32.24
CA ILE C 306 -19.04 -12.75 -31.70
C ILE C 306 -20.49 -12.41 -31.38
N ALA C 307 -21.35 -12.51 -32.40
CA ALA C 307 -22.79 -12.22 -32.27
C ALA C 307 -23.49 -13.00 -31.13
N HIS C 308 -23.27 -14.31 -31.03
CA HIS C 308 -23.91 -15.08 -29.97
C HIS C 308 -23.48 -14.64 -28.60
N LEU C 309 -22.18 -14.39 -28.43
CA LEU C 309 -21.70 -13.93 -27.13
C LEU C 309 -22.21 -12.51 -26.83
N ALA C 310 -22.16 -11.62 -27.82
CA ALA C 310 -22.69 -10.27 -27.65
C ALA C 310 -24.16 -10.31 -27.30
N ARG C 311 -24.91 -11.22 -27.93
CA ARG C 311 -26.33 -11.23 -27.66
C ARG C 311 -26.72 -11.67 -26.25
N SER C 312 -25.89 -12.50 -25.63
CA SER C 312 -26.14 -12.94 -24.27
C SER C 312 -25.53 -12.00 -23.23
N THR C 313 -25.20 -10.77 -23.65
CA THR C 313 -24.60 -9.71 -22.80
C THR C 313 -25.56 -8.51 -22.73
N PRO C 314 -25.90 -8.02 -21.52
CA PRO C 314 -26.86 -6.91 -21.51
C PRO C 314 -26.30 -5.74 -22.31
N SER C 315 -27.19 -4.92 -22.83
CA SER C 315 -26.80 -3.74 -23.61
C SER C 315 -25.91 -2.83 -22.79
N GLU C 316 -26.26 -2.69 -21.52
CA GLU C 316 -25.52 -1.84 -20.57
C GLU C 316 -24.02 -2.19 -20.52
N PHE C 317 -23.68 -3.47 -20.69
CA PHE C 317 -22.31 -3.92 -20.61
C PHE C 317 -21.68 -4.31 -21.95
N THR C 318 -22.37 -3.93 -23.04
CA THR C 318 -21.84 -4.10 -24.39
C THR C 318 -21.48 -2.74 -24.93
N PHE C 319 -20.21 -2.40 -24.78
CA PHE C 319 -19.71 -1.16 -25.30
C PHE C 319 -19.86 -1.19 -26.82
N SER C 320 -19.56 -2.35 -27.42
CA SER C 320 -19.77 -2.60 -28.84
C SER C 320 -19.24 -3.97 -29.21
N ALA C 321 -19.42 -4.28 -30.49
CA ALA C 321 -18.85 -5.45 -31.13
C ALA C 321 -18.50 -5.02 -32.55
N THR C 322 -17.90 -5.90 -33.34
CA THR C 322 -17.72 -5.58 -34.74
C THR C 322 -18.03 -6.78 -35.60
N ASP C 323 -18.34 -6.49 -36.87
CA ASP C 323 -18.81 -7.50 -37.81
C ASP C 323 -17.73 -7.77 -38.88
N PHE C 324 -16.79 -8.64 -38.53
CA PHE C 324 -15.64 -8.86 -39.40
C PHE C 324 -16.02 -9.28 -40.81
N ASN C 325 -17.13 -10.00 -40.98
CA ASN C 325 -17.52 -10.48 -42.31
C ASN C 325 -17.83 -9.40 -43.36
N SER C 326 -18.05 -8.14 -42.94
CA SER C 326 -18.30 -7.03 -43.87
C SER C 326 -17.02 -6.31 -44.28
N TYR C 327 -15.91 -6.69 -43.66
CA TYR C 327 -14.61 -6.12 -44.02
C TYR C 327 -13.94 -6.80 -45.22
N GLY C 328 -14.40 -8.01 -45.57
CA GLY C 328 -13.71 -8.87 -46.52
C GLY C 328 -14.55 -9.18 -47.75
N THR C 329 -13.99 -9.89 -48.73
CA THR C 329 -14.65 -10.12 -50.03
C THR C 329 -15.13 -11.56 -50.21
N VAL C 330 -14.67 -12.45 -49.35
CA VAL C 330 -15.03 -13.87 -49.47
C VAL C 330 -15.99 -14.32 -48.36
N ASP C 331 -17.16 -14.81 -48.76
CA ASP C 331 -18.13 -15.33 -47.82
C ASP C 331 -17.86 -16.82 -47.59
N ILE C 332 -17.84 -17.25 -46.34
CA ILE C 332 -17.48 -18.63 -46.05
C ILE C 332 -18.57 -19.48 -45.38
N ALA C 333 -19.65 -18.87 -44.97
CA ALA C 333 -20.73 -19.65 -44.35
C ALA C 333 -22.06 -19.03 -44.63
N GLU C 334 -23.07 -19.89 -44.63
CA GLU C 334 -24.44 -19.42 -44.68
C GLU C 334 -24.99 -19.28 -43.26
N GLY C 335 -26.00 -18.44 -43.12
CA GLY C 335 -26.64 -18.22 -41.84
C GLY C 335 -25.87 -17.28 -40.92
N ALA C 336 -24.83 -16.65 -41.44
CA ALA C 336 -24.03 -15.71 -40.64
C ALA C 336 -24.81 -14.45 -40.29
N PRO C 337 -24.40 -13.75 -39.21
CA PRO C 337 -25.00 -12.43 -38.99
C PRO C 337 -24.65 -11.47 -40.13
N LYS C 338 -25.53 -10.52 -40.39
CA LYS C 338 -25.28 -9.50 -41.39
C LYS C 338 -25.66 -8.12 -40.87
N ARG C 339 -24.69 -7.20 -40.86
CA ARG C 339 -24.92 -5.84 -40.39
C ARG C 339 -26.08 -5.14 -41.16
N VAL C 340 -26.96 -4.48 -40.43
CA VAL C 340 -28.03 -3.68 -41.00
C VAL C 340 -28.05 -2.37 -40.23
N ASN C 341 -27.85 -1.28 -40.97
CA ASN C 341 -27.73 0.05 -40.41
C ASN C 341 -26.94 0.09 -39.09
N GLY C 342 -25.72 -0.44 -39.10
CA GLY C 342 -24.84 -0.33 -37.94
C GLY C 342 -25.02 -1.32 -36.79
N ARG C 343 -25.86 -2.33 -36.97
CA ARG C 343 -26.17 -3.27 -35.91
C ARG C 343 -26.23 -4.67 -36.48
N MET C 344 -26.08 -5.69 -35.65
CA MET C 344 -26.33 -7.04 -36.13
C MET C 344 -26.99 -7.86 -35.06
N THR C 345 -27.58 -8.97 -35.46
CA THR C 345 -28.23 -9.89 -34.54
C THR C 345 -27.92 -11.33 -34.99
N THR C 346 -28.67 -12.33 -34.49
CA THR C 346 -28.48 -13.72 -34.92
C THR C 346 -29.83 -14.41 -35.14
N SER C 347 -29.82 -15.52 -35.84
CA SER C 347 -30.99 -16.37 -35.88
C SER C 347 -31.12 -17.12 -34.55
N ASP C 348 -32.23 -17.85 -34.40
CA ASP C 348 -32.41 -18.72 -33.24
C ASP C 348 -32.09 -20.16 -33.60
N LEU C 349 -31.36 -20.35 -34.70
CA LEU C 349 -30.86 -21.66 -35.10
C LEU C 349 -29.81 -22.20 -34.10
N PRO C 350 -29.81 -23.53 -33.89
CA PRO C 350 -28.94 -24.22 -32.93
C PRO C 350 -27.45 -23.89 -33.09
N GLY C 351 -26.72 -23.89 -31.97
CA GLY C 351 -25.31 -23.57 -32.02
C GLY C 351 -25.07 -22.21 -32.64
N LEU C 352 -23.98 -22.12 -33.41
CA LEU C 352 -23.59 -20.87 -34.06
C LEU C 352 -24.60 -20.44 -35.15
N GLY C 353 -25.45 -21.37 -35.57
CA GLY C 353 -26.44 -21.07 -36.58
C GLY C 353 -25.92 -21.03 -38.01
N ILE C 354 -24.68 -21.46 -38.21
CA ILE C 354 -24.06 -21.37 -39.54
C ILE C 354 -23.87 -22.73 -40.21
N THR C 355 -23.79 -22.73 -41.55
CA THR C 355 -23.37 -23.92 -42.28
C THR C 355 -22.29 -23.54 -43.31
N PRO C 356 -21.13 -24.16 -43.21
CA PRO C 356 -20.10 -23.60 -44.07
C PRO C 356 -20.36 -23.85 -45.57
N ILE C 357 -19.74 -23.01 -46.40
CA ILE C 357 -19.83 -23.15 -47.83
C ILE C 357 -18.59 -23.91 -48.27
N PHE C 358 -18.66 -25.23 -48.35
CA PHE C 358 -17.47 -26.02 -48.62
C PHE C 358 -16.82 -25.73 -49.96
N ASP C 359 -17.61 -25.26 -50.94
CA ASP C 359 -17.06 -24.89 -52.25
C ASP C 359 -15.94 -23.89 -52.07
N VAL C 360 -16.09 -23.01 -51.08
CA VAL C 360 -15.10 -21.96 -50.85
C VAL C 360 -13.98 -22.42 -49.93
N LEU C 361 -14.31 -23.29 -48.98
CA LEU C 361 -13.31 -23.76 -48.03
C LEU C 361 -12.41 -24.77 -48.71
N GLY C 362 -12.93 -25.39 -49.76
CA GLY C 362 -12.20 -26.42 -50.45
C GLY C 362 -11.92 -27.67 -49.63
N GLU C 363 -10.81 -28.29 -49.96
CA GLU C 363 -10.45 -29.57 -49.41
C GLU C 363 -9.63 -29.34 -48.13
N PRO C 364 -9.86 -30.13 -47.06
CA PRO C 364 -9.11 -30.03 -45.80
C PRO C 364 -7.61 -30.05 -46.01
N VAL C 365 -6.86 -29.18 -45.35
CA VAL C 365 -5.42 -29.26 -45.53
C VAL C 365 -4.83 -30.25 -44.53
N ALA C 366 -5.69 -30.78 -43.66
CA ALA C 366 -5.28 -31.77 -42.69
C ALA C 366 -6.50 -32.51 -42.18
N ARG C 367 -6.35 -33.81 -41.99
CA ARG C 367 -7.33 -34.61 -41.26
C ARG C 367 -6.68 -35.34 -40.10
N TYR C 368 -7.49 -35.64 -39.10
CA TYR C 368 -7.01 -36.32 -37.92
C TYR C 368 -8.13 -37.22 -37.48
N SER C 369 -7.85 -38.51 -37.35
CA SER C 369 -8.88 -39.47 -36.94
C SER C 369 -8.24 -40.60 -36.19
N HIS D 2 -40.44 -1.32 32.80
CA HIS D 2 -41.92 -1.25 33.06
C HIS D 2 -42.74 -1.52 31.77
N MET D 3 -42.90 -0.47 30.96
CA MET D 3 -43.73 -0.46 29.76
C MET D 3 -43.36 -1.50 28.72
N LYS D 4 -44.37 -2.06 28.07
CA LYS D 4 -44.15 -3.01 26.99
C LYS D 4 -45.13 -2.91 25.80
N ILE D 5 -44.65 -3.36 24.65
CA ILE D 5 -45.40 -3.34 23.42
C ILE D 5 -46.58 -4.31 23.53
N THR D 6 -47.78 -3.82 23.25
CA THR D 6 -49.00 -4.65 23.30
C THR D 6 -49.54 -4.96 21.91
N ALA D 7 -49.39 -4.01 20.99
CA ALA D 7 -49.81 -4.20 19.62
C ALA D 7 -48.96 -3.37 18.63
N ILE D 8 -48.79 -3.90 17.42
CA ILE D 8 -48.23 -3.16 16.31
C ILE D 8 -49.28 -3.09 15.19
N ASN D 9 -49.68 -1.88 14.82
CA ASN D 9 -50.61 -1.72 13.70
C ASN D 9 -49.90 -1.10 12.52
N VAL D 10 -50.27 -1.54 11.33
CA VAL D 10 -49.68 -1.06 10.11
C VAL D 10 -50.71 -0.43 9.20
N PHE D 11 -50.51 0.83 8.84
CA PHE D 11 -51.40 1.53 7.90
C PHE D 11 -50.78 1.74 6.51
N GLN D 12 -51.64 1.77 5.50
CA GLN D 12 -51.18 2.13 4.16
C GLN D 12 -51.85 3.41 3.71
N VAL D 13 -51.10 4.25 2.99
CA VAL D 13 -51.65 5.52 2.53
C VAL D 13 -50.93 6.00 1.29
N ASP D 14 -51.71 6.37 0.27
CA ASP D 14 -51.19 6.93 -0.96
C ASP D 14 -50.78 8.37 -0.76
N LEU D 15 -49.64 8.75 -1.34
CA LEU D 15 -49.17 10.12 -1.35
C LEU D 15 -48.97 10.61 -2.79
N PRO D 16 -49.94 11.34 -3.33
CA PRO D 16 -49.75 11.94 -4.66
C PRO D 16 -48.71 13.08 -4.71
N LEU D 17 -48.26 13.42 -5.92
CA LEU D 17 -47.26 14.47 -6.14
C LEU D 17 -47.82 15.74 -6.78
N ARG D 18 -47.43 16.88 -6.25
CA ARG D 18 -47.78 18.15 -6.88
C ARG D 18 -47.28 18.28 -8.34
N GLU D 19 -46.20 17.58 -8.68
CA GLU D 19 -45.66 17.65 -10.05
C GLU D 19 -46.27 16.61 -11.01
N GLY D 20 -47.06 15.68 -10.48
CA GLY D 20 -47.61 14.62 -11.30
C GLY D 20 -46.70 13.40 -11.42
N ARG D 21 -45.38 13.62 -11.56
CA ARG D 21 -44.41 12.51 -11.71
C ARG D 21 -42.99 12.83 -11.21
N TYR D 22 -42.38 11.86 -10.55
CA TYR D 22 -40.99 11.98 -10.14
C TYR D 22 -40.15 10.95 -10.87
N SER D 23 -39.20 11.40 -11.68
CA SER D 23 -38.33 10.52 -12.47
C SER D 23 -36.86 10.67 -12.03
N TRP D 24 -36.12 9.55 -12.00
CA TRP D 24 -34.68 9.62 -11.75
C TRP D 24 -33.87 8.74 -12.74
N SER D 25 -32.69 8.29 -12.34
CA SER D 25 -31.79 7.58 -13.25
C SER D 25 -32.37 6.24 -13.69
N ASN D 26 -31.93 5.76 -14.85
CA ASN D 26 -32.45 4.52 -15.44
C ASN D 26 -33.90 4.64 -15.91
N GLY D 27 -34.34 5.88 -16.14
CA GLY D 27 -35.70 6.15 -16.58
C GLY D 27 -36.78 5.66 -15.61
N ASN D 28 -36.46 5.59 -14.32
CA ASN D 28 -37.45 5.23 -13.30
C ASN D 28 -38.38 6.40 -12.99
N PHE D 29 -39.62 6.09 -12.60
CA PHE D 29 -40.62 7.12 -12.29
C PHE D 29 -41.82 6.56 -11.50
N VAL D 30 -42.44 7.44 -10.71
CA VAL D 30 -43.60 7.13 -9.88
C VAL D 30 -44.57 8.34 -9.99
N GLU D 31 -45.87 8.11 -9.90
CA GLU D 31 -46.84 9.21 -10.01
C GLU D 31 -47.66 9.45 -8.71
N VAL D 32 -47.90 8.39 -7.94
CA VAL D 32 -48.39 8.52 -6.56
C VAL D 32 -47.60 7.52 -5.73
N PHE D 33 -47.20 7.88 -4.51
CA PHE D 33 -46.28 7.02 -3.73
C PHE D 33 -47.03 6.16 -2.71
N ASP D 34 -46.55 4.93 -2.53
CA ASP D 34 -47.12 4.01 -1.58
C ASP D 34 -46.40 4.08 -0.22
N SER D 35 -46.92 4.86 0.72
CA SER D 35 -46.30 4.99 2.04
C SER D 35 -46.92 4.07 3.10
N THR D 36 -46.09 3.71 4.08
CA THR D 36 -46.50 2.85 5.19
C THR D 36 -46.40 3.60 6.51
N VAL D 37 -47.40 3.47 7.36
CA VAL D 37 -47.37 4.12 8.67
C VAL D 37 -47.52 3.04 9.73
N VAL D 38 -46.60 3.04 10.68
CA VAL D 38 -46.59 2.06 11.76
C VAL D 38 -47.02 2.72 13.08
N GLU D 39 -47.75 1.97 13.90
CA GLU D 39 -48.21 2.45 15.19
C GLU D 39 -47.86 1.38 16.18
N ILE D 40 -47.11 1.76 17.21
CA ILE D 40 -46.80 0.86 18.29
C ILE D 40 -47.57 1.27 19.54
N GLU D 41 -48.39 0.35 20.02
CA GLU D 41 -49.15 0.49 21.26
C GLU D 41 -48.42 -0.17 22.43
N THR D 42 -48.66 0.37 23.62
CA THR D 42 -48.07 -0.19 24.84
C THR D 42 -49.12 -0.41 25.94
N ASP D 43 -48.75 -1.14 26.98
CA ASP D 43 -49.66 -1.34 28.10
C ASP D 43 -49.69 -0.15 29.07
N GLU D 44 -49.33 1.04 28.61
CA GLU D 44 -49.46 2.24 29.42
C GLU D 44 -50.07 3.37 28.60
N GLY D 45 -50.67 3.03 27.47
CA GLY D 45 -51.49 3.96 26.72
C GLY D 45 -50.73 4.91 25.81
N LEU D 46 -49.42 4.93 25.93
CA LEU D 46 -48.61 5.74 25.05
C LEU D 46 -48.46 5.01 23.72
N LYS D 47 -48.43 5.77 22.63
CA LYS D 47 -48.25 5.18 21.32
C LYS D 47 -47.14 5.89 20.58
N GLY D 48 -46.40 5.14 19.78
CA GLY D 48 -45.34 5.71 18.98
C GLY D 48 -45.64 5.54 17.52
N TYR D 49 -45.27 6.52 16.73
CA TYR D 49 -45.54 6.45 15.30
C TYR D 49 -44.28 6.59 14.46
N ALA D 50 -44.36 6.02 13.27
CA ALA D 50 -43.31 6.19 12.27
C ALA D 50 -43.87 5.94 10.87
N GLU D 51 -43.09 6.36 9.87
CA GLU D 51 -43.49 6.24 8.48
C GLU D 51 -42.32 5.77 7.62
N CYS D 52 -42.61 4.91 6.64
CA CYS D 52 -41.61 4.51 5.65
C CYS D 52 -42.20 4.52 4.23
N CYS D 53 -41.50 5.18 3.33
CA CYS D 53 -41.94 5.27 1.95
C CYS D 53 -40.75 5.21 0.98
N PRO D 54 -40.35 3.98 0.60
CA PRO D 54 -39.27 3.80 -0.37
C PRO D 54 -39.68 4.28 -1.75
N LEU D 55 -38.73 4.33 -2.69
CA LEU D 55 -39.03 4.81 -4.03
C LEU D 55 -39.70 3.76 -4.91
N TYR D 63 -41.75 -2.39 -3.64
CA TYR D 63 -40.92 -2.05 -2.47
C TYR D 63 -41.74 -1.79 -1.23
N ALA D 64 -42.86 -1.06 -1.37
CA ALA D 64 -43.81 -0.95 -0.29
C ALA D 64 -44.19 -2.35 0.21
N LEU D 65 -44.37 -3.29 -0.72
CA LEU D 65 -44.73 -4.66 -0.32
C LEU D 65 -43.71 -5.22 0.65
N GLY D 66 -42.44 -4.93 0.37
CA GLY D 66 -41.38 -5.41 1.19
C GLY D 66 -41.31 -4.77 2.56
N VAL D 67 -41.68 -3.50 2.65
CA VAL D 67 -41.73 -2.86 3.94
C VAL D 67 -42.75 -3.63 4.79
N ARG D 68 -43.89 -3.94 4.20
CA ARG D 68 -44.99 -4.49 4.97
C ARG D 68 -44.85 -5.98 5.25
N SER D 69 -44.29 -6.74 4.31
CA SER D 69 -44.00 -8.14 4.61
C SER D 69 -42.86 -8.25 5.63
N GLY D 70 -41.92 -7.29 5.61
CA GLY D 70 -40.88 -7.19 6.62
C GLY D 70 -41.46 -6.98 8.01
N LEU D 71 -42.39 -6.03 8.10
CA LEU D 71 -43.13 -5.79 9.33
C LEU D 71 -43.88 -7.05 9.80
N GLN D 72 -44.46 -7.79 8.88
CA GLN D 72 -45.15 -9.03 9.24
C GLN D 72 -44.18 -10.01 9.91
N GLU D 73 -43.00 -10.14 9.34
CA GLU D 73 -41.97 -11.03 9.86
C GLU D 73 -41.37 -10.54 11.19
N LEU D 74 -41.31 -9.23 11.40
CA LEU D 74 -40.71 -8.65 12.65
C LEU D 74 -41.68 -8.58 13.82
N ALA D 75 -42.91 -8.20 13.54
CA ALA D 75 -43.84 -7.77 14.57
C ALA D 75 -44.08 -8.81 15.67
N PRO D 76 -44.19 -10.07 15.32
CA PRO D 76 -44.33 -11.15 16.31
C PRO D 76 -43.31 -11.07 17.44
N HIS D 77 -42.04 -10.84 17.09
CA HIS D 77 -40.95 -10.92 18.06
C HIS D 77 -40.87 -9.69 18.94
N LEU D 78 -41.51 -8.60 18.53
CA LEU D 78 -41.47 -7.36 19.32
C LEU D 78 -42.56 -7.27 20.40
N ILE D 79 -43.60 -8.08 20.27
CA ILE D 79 -44.70 -8.06 21.24
C ILE D 79 -44.20 -8.49 22.61
N GLY D 80 -44.40 -7.63 23.61
CA GLY D 80 -43.96 -7.89 24.96
C GLY D 80 -42.60 -7.28 25.28
N LYS D 81 -41.93 -6.69 24.29
CA LYS D 81 -40.61 -6.10 24.53
C LYS D 81 -40.70 -4.67 25.06
N ASP D 82 -39.63 -4.25 25.74
CA ASP D 82 -39.54 -2.89 26.25
C ASP D 82 -39.13 -1.95 25.09
N PRO D 83 -40.08 -1.14 24.63
CA PRO D 83 -39.82 -0.29 23.46
C PRO D 83 -38.86 0.87 23.76
N LEU D 84 -38.61 1.15 25.04
CA LEU D 84 -37.73 2.22 25.42
C LEU D 84 -36.29 1.71 25.45
N ASN D 85 -36.14 0.39 25.48
CA ASN D 85 -34.82 -0.20 25.40
C ASN D 85 -34.49 -0.34 23.94
N ILE D 86 -34.03 0.74 23.33
CA ILE D 86 -34.00 0.77 21.87
C ILE D 86 -32.89 -0.12 21.36
N GLY D 87 -31.84 -0.31 22.15
CA GLY D 87 -30.77 -1.23 21.81
C GLY D 87 -31.28 -2.66 21.71
N GLU D 88 -32.14 -3.07 22.65
CA GLU D 88 -32.67 -4.43 22.64
C GLU D 88 -33.62 -4.64 21.48
N ILE D 89 -34.45 -3.63 21.20
CA ILE D 89 -35.38 -3.69 20.09
C ILE D 89 -34.60 -3.92 18.78
N ASN D 90 -33.51 -3.19 18.57
CA ASN D 90 -32.74 -3.37 17.35
C ASN D 90 -32.09 -4.75 17.30
N ARG D 91 -31.71 -5.32 18.45
CA ARG D 91 -31.11 -6.65 18.46
C ARG D 91 -32.13 -7.75 18.14
N VAL D 92 -33.34 -7.63 18.69
CA VAL D 92 -34.41 -8.57 18.42
C VAL D 92 -34.69 -8.57 16.92
N MET D 93 -34.72 -7.38 16.32
CA MET D 93 -35.04 -7.26 14.90
C MET D 93 -33.96 -7.88 14.01
N ASP D 94 -32.71 -7.52 14.26
CA ASP D 94 -31.61 -8.03 13.45
C ASP D 94 -31.40 -9.52 13.61
N ALA D 95 -31.74 -10.05 14.78
CA ALA D 95 -31.64 -11.49 15.05
C ALA D 95 -32.72 -12.26 14.30
N ALA D 96 -33.82 -11.57 14.08
CA ALA D 96 -35.01 -12.16 13.52
C ALA D 96 -35.04 -12.11 12.00
N LEU D 97 -34.40 -11.11 11.40
CA LEU D 97 -34.59 -10.86 9.99
C LEU D 97 -33.35 -10.24 9.38
N ARG D 98 -32.83 -10.86 8.32
CA ARG D 98 -31.66 -10.32 7.65
C ARG D 98 -32.08 -9.23 6.68
N GLY D 99 -31.37 -8.12 6.71
CA GLY D 99 -31.65 -7.01 5.82
C GLY D 99 -32.93 -6.28 6.17
N HIS D 100 -33.72 -5.99 5.15
CA HIS D 100 -34.98 -5.29 5.30
C HIS D 100 -34.81 -4.01 6.14
N PRO D 101 -33.91 -3.12 5.72
CA PRO D 101 -33.78 -1.91 6.53
C PRO D 101 -35.06 -1.03 6.52
N TYR D 102 -35.80 -1.03 5.43
CA TYR D 102 -36.98 -0.19 5.30
C TYR D 102 -38.13 -0.67 6.21
N ALA D 103 -38.16 -1.96 6.49
CA ALA D 103 -39.10 -2.50 7.49
C ALA D 103 -38.66 -2.22 8.94
N LYS D 104 -37.35 -2.29 9.20
CA LYS D 104 -36.80 -2.13 10.54
C LYS D 104 -36.80 -0.68 11.01
N ALA D 105 -36.63 0.22 10.03
CA ALA D 105 -36.57 1.66 10.30
C ALA D 105 -37.78 2.20 11.10
N PRO D 106 -39.01 2.00 10.58
CA PRO D 106 -40.18 2.57 11.27
C PRO D 106 -40.38 2.01 12.69
N ILE D 107 -40.02 0.74 12.92
CA ILE D 107 -40.03 0.22 14.28
C ILE D 107 -39.11 1.03 15.18
N ASP D 108 -37.86 1.22 14.71
CA ASP D 108 -36.87 1.96 15.49
C ASP D 108 -37.38 3.38 15.73
N ILE D 109 -37.94 4.00 14.70
CA ILE D 109 -38.34 5.39 14.83
C ILE D 109 -39.55 5.55 15.77
N ALA D 110 -40.51 4.64 15.68
CA ALA D 110 -41.68 4.66 16.54
C ALA D 110 -41.29 4.44 17.99
N CYS D 111 -40.20 3.71 18.22
CA CYS D 111 -39.69 3.55 19.57
C CYS D 111 -39.02 4.84 20.09
N TRP D 112 -38.31 5.57 19.23
CA TRP D 112 -37.74 6.85 19.65
C TRP D 112 -38.87 7.81 20.02
N ASP D 113 -39.96 7.77 19.26
CA ASP D 113 -41.10 8.62 19.49
C ASP D 113 -41.70 8.30 20.86
N LEU D 114 -41.86 7.01 21.14
CA LEU D 114 -42.26 6.55 22.45
C LEU D 114 -41.28 7.02 23.55
N LEU D 115 -39.98 6.92 23.30
CA LEU D 115 -39.03 7.36 24.31
C LEU D 115 -39.27 8.84 24.57
N GLY D 116 -39.59 9.57 23.51
CA GLY D 116 -39.82 11.01 23.62
C GLY D 116 -41.02 11.31 24.49
N LYS D 117 -42.11 10.59 24.25
CA LYS D 117 -43.37 10.77 24.97
C LYS D 117 -43.26 10.32 26.40
N ALA D 118 -42.48 9.27 26.66
CA ALA D 118 -42.23 8.81 28.02
C ALA D 118 -41.32 9.74 28.80
N THR D 119 -40.40 10.42 28.13
CA THR D 119 -39.47 11.32 28.80
C THR D 119 -39.98 12.75 28.76
N GLY D 120 -40.98 12.98 27.92
CA GLY D 120 -41.51 14.31 27.70
C GLY D 120 -40.50 15.21 27.04
N GLN D 121 -39.70 14.62 26.15
CA GLN D 121 -38.65 15.36 25.43
C GLN D 121 -38.84 15.25 23.92
N PRO D 122 -38.56 16.34 23.20
CA PRO D 122 -38.65 16.24 21.73
C PRO D 122 -37.45 15.44 21.17
N LEU D 123 -37.59 14.82 20.01
CA LEU D 123 -36.52 13.96 19.50
C LEU D 123 -35.17 14.65 19.40
N TYR D 124 -35.12 15.94 19.09
CA TYR D 124 -33.83 16.57 18.81
C TYR D 124 -33.03 16.61 20.10
N THR D 125 -33.71 16.73 21.24
CA THR D 125 -32.98 16.66 22.52
C THR D 125 -32.38 15.27 22.72
N LEU D 126 -33.20 14.24 22.59
CA LEU D 126 -32.72 12.88 22.79
C LEU D 126 -31.68 12.45 21.74
N LEU D 127 -31.64 13.12 20.60
CA LEU D 127 -30.72 12.76 19.55
C LEU D 127 -29.37 13.42 19.80
N GLY D 128 -29.28 14.28 20.83
CA GLY D 128 -28.01 14.91 21.15
C GLY D 128 -28.12 16.37 21.51
N GLY D 129 -29.27 16.97 21.25
CA GLY D 129 -29.48 18.36 21.60
C GLY D 129 -29.68 19.21 20.38
N ALA D 130 -30.46 20.28 20.54
CA ALA D 130 -30.74 21.18 19.42
C ALA D 130 -29.49 21.99 19.09
N ALA D 131 -29.01 21.85 17.86
CA ALA D 131 -27.88 22.61 17.40
C ALA D 131 -28.33 23.73 16.47
N GLN D 132 -29.57 23.66 15.95
CA GLN D 132 -30.07 24.66 14.99
C GLN D 132 -31.53 25.02 15.24
N ASP D 133 -31.84 26.31 15.17
CA ASP D 133 -33.24 26.73 15.30
C ASP D 133 -34.08 26.25 14.12
N ASP D 134 -33.47 26.22 12.94
CA ASP D 134 -34.16 25.75 11.74
C ASP D 134 -33.12 25.34 10.69
N VAL D 135 -33.55 24.61 9.67
CA VAL D 135 -32.61 23.92 8.81
C VAL D 135 -32.81 24.20 7.32
N ALA D 136 -31.67 24.33 6.64
CA ALA D 136 -31.62 24.59 5.22
C ALA D 136 -32.27 23.47 4.45
N LEU D 137 -32.88 23.80 3.33
CA LEU D 137 -33.48 22.80 2.47
C LEU D 137 -32.90 22.94 1.06
N TYR D 138 -33.01 21.88 0.28
CA TYR D 138 -32.70 21.96 -1.13
C TYR D 138 -33.93 21.51 -1.93
N ARG D 139 -34.10 22.11 -3.12
CA ARG D 139 -35.15 21.70 -4.06
C ARG D 139 -34.63 20.71 -5.12
N ALA D 140 -34.96 19.42 -4.92
CA ALA D 140 -34.65 18.30 -5.85
C ALA D 140 -35.46 18.29 -7.16
N ILE D 141 -34.78 18.31 -8.32
CA ILE D 141 -35.45 18.29 -9.65
C ILE D 141 -35.47 16.91 -10.39
N SER D 142 -36.69 16.44 -10.68
CA SER D 142 -36.94 15.20 -11.46
C SER D 142 -36.23 15.13 -12.85
N GLN D 143 -35.78 13.93 -13.25
CA GLN D 143 -34.99 13.78 -14.48
C GLN D 143 -35.89 14.07 -15.68
N GLU D 144 -35.65 15.20 -16.32
CA GLU D 144 -36.40 15.62 -17.52
C GLU D 144 -35.45 16.32 -18.50
N ALA D 145 -35.97 16.73 -19.65
CA ALA D 145 -35.16 17.50 -20.59
C ALA D 145 -34.63 18.76 -19.89
N PRO D 146 -33.42 19.20 -20.28
CA PRO D 146 -32.71 20.36 -19.68
C PRO D 146 -33.58 21.61 -19.39
N GLU D 147 -34.11 22.26 -20.44
CA GLU D 147 -34.79 23.56 -20.27
C GLU D 147 -35.99 23.44 -19.35
N ILE D 148 -36.57 22.24 -19.29
CA ILE D 148 -37.75 22.05 -18.47
C ILE D 148 -37.33 21.74 -17.04
N MET D 149 -36.13 21.15 -16.87
CA MET D 149 -35.51 21.02 -15.55
C MET D 149 -35.07 22.40 -15.09
N ALA D 150 -34.57 23.22 -16.02
CA ALA D 150 -34.06 24.56 -15.70
C ALA D 150 -35.17 25.63 -15.45
N LYS D 151 -36.42 25.29 -15.71
CA LYS D 151 -37.60 26.12 -15.37
C LYS D 151 -38.14 25.80 -13.95
N LYS D 152 -38.08 24.53 -13.58
CA LYS D 152 -38.54 24.08 -12.25
C LYS D 152 -37.57 24.55 -11.15
N ILE D 153 -36.29 24.66 -11.51
CA ILE D 153 -35.25 25.15 -10.58
C ILE D 153 -35.44 26.69 -10.32
N GLU D 154 -35.53 27.50 -11.38
CA GLU D 154 -35.77 28.96 -11.29
C GLU D 154 -36.98 29.40 -10.45
N GLY D 155 -38.07 28.66 -10.59
CA GLY D 155 -39.28 28.92 -9.83
C GLY D 155 -39.26 28.27 -8.46
N TYR D 156 -38.57 27.12 -8.39
CA TYR D 156 -38.35 26.45 -7.12
C TYR D 156 -37.38 27.29 -6.29
N ALA D 157 -36.51 28.06 -6.97
CA ALA D 157 -35.58 29.00 -6.31
C ALA D 157 -36.26 30.29 -5.83
N ALA D 158 -37.19 30.76 -6.65
CA ALA D 158 -37.96 31.97 -6.36
C ALA D 158 -38.71 31.87 -5.01
N GLU D 159 -38.89 30.65 -4.50
CA GLU D 159 -39.51 30.39 -3.18
C GLU D 159 -38.64 30.57 -1.91
N GLY D 160 -37.34 30.85 -2.07
CA GLY D 160 -36.43 30.98 -0.92
C GLY D 160 -35.27 29.97 -0.90
N TYR D 161 -35.39 28.93 -1.74
CA TYR D 161 -34.37 27.90 -1.87
C TYR D 161 -33.03 28.40 -2.43
N THR D 162 -31.92 27.87 -1.95
CA THR D 162 -30.61 28.25 -2.49
C THR D 162 -29.67 27.06 -2.76
N LYS D 163 -30.23 25.85 -2.72
CA LYS D 163 -29.50 24.62 -2.96
C LYS D 163 -30.38 23.69 -3.77
N PHE D 164 -29.78 23.02 -4.75
CA PHE D 164 -30.52 22.19 -5.69
C PHE D 164 -29.78 20.88 -6.01
N GLN D 165 -30.55 19.81 -6.19
CA GLN D 165 -30.06 18.45 -6.41
C GLN D 165 -30.59 17.86 -7.71
N LEU D 166 -29.89 18.12 -8.82
CA LEU D 166 -30.24 17.58 -10.17
C LEU D 166 -30.30 16.07 -10.30
N LYS D 167 -31.30 15.59 -11.03
CA LYS D 167 -31.43 14.15 -11.25
C LYS D 167 -30.82 13.83 -12.62
N VAL D 168 -29.50 13.67 -12.65
CA VAL D 168 -28.83 13.15 -13.82
C VAL D 168 -28.72 11.63 -13.68
N GLY D 169 -27.67 11.04 -14.23
CA GLY D 169 -27.53 9.60 -14.15
C GLY D 169 -28.23 8.93 -15.33
N GLY D 170 -28.45 9.70 -16.38
CA GLY D 170 -29.08 9.16 -17.57
C GLY D 170 -28.06 8.95 -18.66
N ASP D 171 -28.33 9.54 -19.82
CA ASP D 171 -27.39 9.49 -20.93
C ASP D 171 -26.34 10.54 -20.66
N ALA D 172 -25.07 10.21 -20.87
CA ALA D 172 -23.97 11.11 -20.49
C ALA D 172 -24.02 12.50 -21.14
N ASN D 173 -24.39 12.58 -22.41
CA ASN D 173 -24.36 13.89 -23.07
C ASN D 173 -25.54 14.75 -22.67
N ASP D 174 -26.71 14.14 -22.55
CA ASP D 174 -27.85 14.83 -21.99
C ASP D 174 -27.38 15.41 -20.66
N ASP D 175 -26.83 14.54 -19.81
CA ASP D 175 -26.47 14.92 -18.46
C ASP D 175 -25.49 16.10 -18.50
N ILE D 176 -24.47 16.05 -19.36
CA ILE D 176 -23.50 17.15 -19.48
C ILE D 176 -24.16 18.48 -19.91
N ASN D 177 -25.13 18.40 -20.80
CA ASN D 177 -25.86 19.60 -21.22
C ASN D 177 -26.72 20.15 -20.08
N ARG D 178 -27.47 19.26 -19.45
CA ARG D 178 -28.40 19.72 -18.44
C ARG D 178 -27.69 20.16 -17.15
N ILE D 179 -26.39 19.88 -17.00
CA ILE D 179 -25.64 20.41 -15.87
C ILE D 179 -25.15 21.83 -16.20
N HIS D 180 -24.55 22.03 -17.38
CA HIS D 180 -24.16 23.39 -17.82
C HIS D 180 -25.35 24.36 -17.83
N ALA D 181 -26.47 23.87 -18.35
CA ALA D 181 -27.67 24.67 -18.50
C ALA D 181 -28.15 25.19 -17.17
N THR D 182 -28.26 24.30 -16.18
CA THR D 182 -28.80 24.70 -14.89
C THR D 182 -27.77 25.53 -14.11
N ARG D 183 -26.49 25.23 -14.23
CA ARG D 183 -25.47 26.03 -13.52
C ARG D 183 -25.51 27.49 -13.97
N SER D 184 -25.72 27.71 -15.28
CA SER D 184 -25.59 29.05 -15.83
C SER D 184 -26.77 29.98 -15.54
N VAL D 185 -27.94 29.43 -15.19
CA VAL D 185 -29.07 30.28 -14.77
C VAL D 185 -29.28 30.42 -13.27
N LEU D 186 -28.32 29.96 -12.48
CA LEU D 186 -28.37 30.10 -11.03
C LEU D 186 -27.45 31.24 -10.61
N LYS D 187 -27.66 31.85 -9.44
CA LYS D 187 -26.72 32.87 -9.03
C LYS D 187 -25.42 32.17 -8.67
N LYS D 188 -24.33 32.91 -8.64
CA LYS D 188 -23.02 32.32 -8.40
C LYS D 188 -22.97 31.67 -7.00
N SER D 189 -23.81 32.14 -6.09
CA SER D 189 -23.75 31.71 -4.69
C SER D 189 -24.60 30.47 -4.42
N ASP D 190 -25.52 30.14 -5.34
CA ASP D 190 -26.32 28.93 -5.15
C ASP D 190 -25.41 27.70 -5.30
N LEU D 191 -25.80 26.61 -4.65
CA LEU D 191 -25.08 25.36 -4.74
C LEU D 191 -25.87 24.42 -5.66
N LEU D 192 -25.15 23.66 -6.46
CA LEU D 192 -25.76 22.74 -7.41
C LEU D 192 -25.11 21.37 -7.26
N VAL D 193 -25.90 20.40 -6.85
CA VAL D 193 -25.44 19.02 -6.80
C VAL D 193 -25.95 18.28 -8.05
N ALA D 194 -25.04 17.69 -8.83
CA ALA D 194 -25.45 16.73 -9.86
C ALA D 194 -25.53 15.30 -9.28
N ASP D 195 -26.76 14.80 -9.08
CA ASP D 195 -27.00 13.48 -8.49
C ASP D 195 -27.36 12.44 -9.56
N ALA D 196 -26.45 11.51 -9.74
CA ALA D 196 -26.58 10.52 -10.81
C ALA D 196 -27.35 9.29 -10.34
N ASN D 197 -27.62 9.21 -9.03
CA ASN D 197 -28.23 8.01 -8.38
C ASN D 197 -27.78 6.67 -8.92
N THR D 198 -26.47 6.45 -8.94
CA THR D 198 -25.85 5.18 -9.39
C THR D 198 -25.96 4.94 -10.88
N GLY D 199 -26.51 5.90 -11.62
CA GLY D 199 -26.87 5.69 -13.01
C GLY D 199 -25.78 5.65 -14.07
N TRP D 200 -24.53 5.87 -13.72
CA TRP D 200 -23.47 5.81 -14.71
C TRP D 200 -22.54 4.64 -14.46
N THR D 201 -22.10 4.00 -15.55
CA THR D 201 -20.88 3.15 -15.49
C THR D 201 -19.68 4.06 -15.36
N ARG D 202 -18.53 3.54 -14.96
CA ARG D 202 -17.42 4.43 -14.83
C ARG D 202 -17.01 5.17 -16.10
N HIS D 203 -17.16 4.58 -17.30
CA HIS D 203 -16.71 5.33 -18.50
C HIS D 203 -17.62 6.52 -18.78
N GLU D 204 -18.90 6.36 -18.57
CA GLU D 204 -19.86 7.46 -18.66
C GLU D 204 -19.58 8.55 -17.59
N ALA D 205 -19.36 8.14 -16.33
CA ALA D 205 -19.03 9.06 -15.26
C ALA D 205 -17.75 9.88 -15.53
N ALA D 206 -16.76 9.21 -16.09
CA ALA D 206 -15.50 9.85 -16.42
C ALA D 206 -15.73 10.91 -17.48
N ARG D 207 -16.48 10.57 -18.54
CA ARG D 207 -16.84 11.56 -19.54
C ARG D 207 -17.60 12.75 -18.92
N VAL D 208 -18.63 12.49 -18.12
CA VAL D 208 -19.38 13.60 -17.50
C VAL D 208 -18.56 14.47 -16.56
N VAL D 209 -17.86 13.90 -15.58
CA VAL D 209 -17.14 14.76 -14.63
C VAL D 209 -15.97 15.49 -15.31
N GLY D 210 -15.42 14.90 -16.37
CA GLY D 210 -14.41 15.58 -17.15
C GLY D 210 -14.96 16.82 -17.83
N ALA D 211 -16.17 16.68 -18.36
CA ALA D 211 -16.79 17.76 -19.09
C ALA D 211 -17.40 18.87 -18.24
N VAL D 212 -17.52 18.66 -16.92
CA VAL D 212 -18.08 19.72 -16.06
C VAL D 212 -17.04 20.13 -15.02
N SER D 213 -15.77 19.85 -15.31
CA SER D 213 -14.72 19.98 -14.30
C SER D 213 -14.41 21.45 -13.91
N SER D 214 -14.82 22.39 -14.76
CA SER D 214 -14.56 23.79 -14.50
C SER D 214 -15.81 24.52 -14.00
N LEU D 215 -16.92 23.78 -13.86
CA LEU D 215 -18.14 24.29 -13.25
C LEU D 215 -18.19 24.05 -11.76
N ASP D 216 -18.87 24.95 -11.08
CA ASP D 216 -19.00 24.93 -9.61
C ASP D 216 -20.20 24.06 -9.28
N VAL D 217 -19.95 22.75 -9.25
CA VAL D 217 -21.00 21.78 -9.06
C VAL D 217 -20.45 20.72 -8.13
N TYR D 218 -21.33 20.00 -7.44
CA TYR D 218 -20.97 18.81 -6.70
C TYR D 218 -21.32 17.54 -7.51
N ILE D 219 -20.55 16.48 -7.34
CA ILE D 219 -20.88 15.21 -7.95
C ILE D 219 -21.34 14.21 -6.92
N GLU D 220 -22.53 13.66 -7.12
CA GLU D 220 -23.08 12.74 -6.14
C GLU D 220 -23.41 11.35 -6.73
N GLN D 221 -22.88 10.33 -6.05
CA GLN D 221 -23.15 8.92 -6.30
C GLN D 221 -23.17 8.57 -7.79
N PRO D 222 -22.00 8.66 -8.43
CA PRO D 222 -21.95 8.48 -9.88
C PRO D 222 -22.34 7.09 -10.35
N CYS D 223 -22.05 6.08 -9.53
CA CYS D 223 -22.11 4.69 -9.94
C CYS D 223 -22.76 3.82 -8.87
N LEU D 224 -22.90 2.53 -9.18
CA LEU D 224 -23.68 1.59 -8.39
C LEU D 224 -22.94 1.10 -7.16
N THR D 225 -21.63 0.89 -7.28
CA THR D 225 -20.87 0.39 -6.17
C THR D 225 -19.84 1.38 -5.63
N TYR D 226 -19.39 1.09 -4.42
CA TYR D 226 -18.37 1.87 -3.75
C TYR D 226 -17.10 1.92 -4.57
N GLU D 227 -16.68 0.78 -5.07
CA GLU D 227 -15.43 0.72 -5.84
C GLU D 227 -15.54 1.47 -7.17
N GLU D 228 -16.65 1.33 -7.88
CA GLU D 228 -16.82 2.16 -9.10
C GLU D 228 -16.78 3.63 -8.70
N SER D 229 -17.45 3.97 -7.60
CA SER D 229 -17.52 5.40 -7.27
C SER D 229 -16.15 5.98 -6.90
N VAL D 230 -15.33 5.18 -6.21
CA VAL D 230 -13.99 5.64 -5.80
C VAL D 230 -13.12 5.88 -7.05
N SER D 231 -13.23 4.99 -8.03
CA SER D 231 -12.55 5.20 -9.28
C SER D 231 -12.92 6.55 -9.89
N ILE D 232 -14.15 7.03 -9.69
CA ILE D 232 -14.49 8.35 -10.22
C ILE D 232 -13.91 9.46 -9.32
N ARG D 233 -14.03 9.23 -8.02
CA ARG D 233 -13.44 10.09 -7.03
C ARG D 233 -11.97 10.37 -7.33
N ARG D 234 -11.19 9.34 -7.64
CA ARG D 234 -9.77 9.54 -7.85
C ARG D 234 -9.46 10.34 -9.09
N ARG D 235 -10.45 10.63 -9.93
CA ARG D 235 -10.18 11.34 -11.20
C ARG D 235 -10.81 12.71 -11.36
N THR D 236 -11.47 13.18 -10.29
CA THR D 236 -12.04 14.53 -10.29
C THR D 236 -11.62 15.28 -9.03
N ALA D 237 -11.45 16.59 -9.17
CA ALA D 237 -11.16 17.46 -8.06
C ALA D 237 -12.44 18.02 -7.46
N LEU D 238 -13.56 17.84 -8.15
CA LEU D 238 -14.83 18.41 -7.71
C LEU D 238 -15.28 17.85 -6.34
N PRO D 239 -15.93 18.67 -5.54
CA PRO D 239 -16.44 18.11 -4.29
C PRO D 239 -17.36 16.89 -4.58
N PHE D 240 -17.25 15.83 -3.79
CA PHE D 240 -17.85 14.54 -4.12
C PHE D 240 -18.73 13.98 -3.00
N VAL D 241 -19.87 13.42 -3.35
CA VAL D 241 -20.85 13.05 -2.34
C VAL D 241 -21.19 11.60 -2.57
N LEU D 242 -21.20 10.79 -1.52
CA LEU D 242 -21.79 9.47 -1.62
C LEU D 242 -23.10 9.37 -0.82
N ASP D 243 -23.96 8.48 -1.27
CA ASP D 243 -25.32 8.33 -0.78
C ASP D 243 -25.59 6.82 -0.64
N GLU D 244 -26.12 6.22 -1.71
CA GLU D 244 -26.61 4.83 -1.73
C GLU D 244 -25.61 3.78 -1.21
N VAL D 245 -24.34 3.88 -1.59
CA VAL D 245 -23.35 2.90 -1.14
C VAL D 245 -22.93 3.07 0.34
N ILE D 246 -23.27 4.20 0.94
CA ILE D 246 -22.99 4.41 2.36
C ILE D 246 -24.25 4.06 3.15
N ASP D 247 -24.42 2.78 3.49
CA ASP D 247 -25.67 2.27 4.02
C ASP D 247 -25.57 1.87 5.49
N GLY D 248 -24.47 2.22 6.15
CA GLY D 248 -24.30 1.89 7.54
C GLY D 248 -22.97 2.38 8.01
N PRO D 249 -22.74 2.24 9.30
CA PRO D 249 -21.49 2.69 9.92
C PRO D 249 -20.28 2.00 9.41
N ASN D 250 -20.38 0.73 9.07
CA ASN D 250 -19.19 0.03 8.59
C ASN D 250 -18.67 0.59 7.25
N THR D 251 -19.56 0.76 6.29
CA THR D 251 -19.18 1.31 4.99
C THR D 251 -18.79 2.77 5.11
N LEU D 252 -19.42 3.51 6.03
CA LEU D 252 -19.05 4.91 6.27
C LEU D 252 -17.62 5.00 6.80
N VAL D 253 -17.28 4.14 7.73
CA VAL D 253 -15.92 4.15 8.29
C VAL D 253 -14.89 3.85 7.19
N ARG D 254 -15.21 2.88 6.34
CA ARG D 254 -14.30 2.57 5.25
C ARG D 254 -14.16 3.78 4.30
N GLY D 255 -15.28 4.38 3.93
CA GLY D 255 -15.22 5.57 3.11
C GLY D 255 -14.41 6.69 3.78
N ILE D 256 -14.53 6.85 5.11
CA ILE D 256 -13.79 7.90 5.83
C ILE D 256 -12.28 7.61 5.79
N ALA D 257 -11.93 6.36 6.13
CA ALA D 257 -10.53 5.93 6.13
C ALA D 257 -9.87 5.94 4.74
N GLU D 258 -10.65 5.74 3.68
CA GLU D 258 -10.06 5.76 2.32
C GLU D 258 -10.27 7.10 1.58
N ASP D 259 -10.72 8.15 2.27
CA ASP D 259 -10.95 9.44 1.60
C ASP D 259 -11.76 9.24 0.33
N ALA D 260 -12.89 8.56 0.47
CA ALA D 260 -13.80 8.26 -0.66
C ALA D 260 -14.79 9.40 -0.97
N MET D 261 -15.01 10.32 -0.04
CA MET D 261 -15.98 11.39 -0.29
C MET D 261 -15.76 12.61 0.60
N ASP D 262 -16.32 13.74 0.19
CA ASP D 262 -16.25 14.97 0.96
C ASP D 262 -17.52 15.20 1.80
N CYS D 263 -18.62 14.65 1.31
CA CYS D 263 -19.93 14.77 1.97
C CYS D 263 -20.68 13.47 1.81
N ILE D 264 -21.72 13.27 2.60
CA ILE D 264 -22.60 12.15 2.33
C ILE D 264 -24.02 12.58 2.38
N ASN D 265 -24.86 11.72 1.82
CA ASN D 265 -26.29 11.90 1.82
C ASN D 265 -26.81 10.79 2.73
N LEU D 266 -27.46 11.19 3.82
CA LEU D 266 -27.88 10.24 4.84
C LEU D 266 -29.40 10.08 4.76
N LYS D 267 -29.85 8.93 4.27
CA LYS D 267 -31.28 8.60 4.25
C LYS D 267 -31.69 7.75 5.47
N ILE D 268 -32.51 8.30 6.36
CA ILE D 268 -32.82 7.64 7.62
C ILE D 268 -33.35 6.20 7.49
N SER D 269 -34.34 5.98 6.62
CA SER D 269 -34.97 4.65 6.44
C SER D 269 -34.05 3.67 5.74
N LYS D 270 -33.33 4.14 4.74
CA LYS D 270 -32.43 3.27 4.03
C LYS D 270 -31.32 2.73 4.96
N VAL D 271 -30.88 3.50 5.95
CA VAL D 271 -29.83 3.01 6.83
C VAL D 271 -30.41 2.28 8.05
N GLY D 272 -31.73 2.14 8.11
CA GLY D 272 -32.32 1.31 9.15
C GLY D 272 -32.84 2.02 10.39
N GLY D 273 -32.99 3.34 10.34
CA GLY D 273 -33.67 4.07 11.40
C GLY D 273 -32.81 5.15 12.05
N LEU D 274 -33.39 5.85 13.02
CA LEU D 274 -32.67 6.93 13.68
C LEU D 274 -31.47 6.45 14.50
N THR D 275 -31.56 5.27 15.10
CA THR D 275 -30.45 4.76 15.90
C THR D 275 -29.22 4.66 15.02
N LYS D 276 -29.34 3.98 13.91
CA LYS D 276 -28.22 3.85 12.98
C LYS D 276 -27.82 5.21 12.37
N ALA D 277 -28.80 6.06 12.06
CA ALA D 277 -28.50 7.35 11.43
C ALA D 277 -27.75 8.27 12.39
N LYS D 278 -28.12 8.22 13.66
CA LYS D 278 -27.50 9.06 14.66
C LYS D 278 -26.02 8.70 14.82
N LEU D 279 -25.74 7.41 14.86
CA LEU D 279 -24.38 6.96 14.91
C LEU D 279 -23.58 7.47 13.70
N MET D 280 -24.16 7.38 12.51
CA MET D 280 -23.42 7.78 11.32
C MET D 280 -23.24 9.29 11.29
N ARG D 281 -24.26 9.99 11.77
CA ARG D 281 -24.20 11.44 11.92
C ARG D 281 -23.07 11.91 12.84
N ASP D 282 -22.99 11.33 14.04
CA ASP D 282 -21.94 11.69 15.03
C ASP D 282 -20.56 11.30 14.50
N LEU D 283 -20.51 10.21 13.75
CA LEU D 283 -19.29 9.79 13.09
C LEU D 283 -18.87 10.74 11.97
N CYS D 284 -19.82 11.29 11.22
CA CYS D 284 -19.47 12.26 10.18
C CYS D 284 -18.96 13.55 10.81
N ILE D 285 -19.64 14.01 11.86
CA ILE D 285 -19.22 15.24 12.53
C ILE D 285 -17.75 15.12 12.96
N ALA D 286 -17.40 14.07 13.68
CA ALA D 286 -16.02 13.86 14.14
C ALA D 286 -15.01 13.92 13.03
N HIS D 287 -15.40 13.60 11.79
CA HIS D 287 -14.45 13.57 10.69
C HIS D 287 -14.66 14.68 9.66
N GLY D 288 -15.49 15.67 10.02
CA GLY D 288 -15.66 16.86 9.20
C GLY D 288 -16.38 16.57 7.90
N ILE D 289 -17.30 15.63 7.95
CA ILE D 289 -18.09 15.32 6.79
C ILE D 289 -19.54 15.82 6.93
N PRO D 290 -19.90 16.85 6.14
CA PRO D 290 -21.26 17.35 6.10
C PRO D 290 -22.17 16.36 5.43
N MET D 291 -23.43 16.47 5.80
CA MET D 291 -24.45 15.53 5.45
C MET D 291 -25.63 16.22 4.88
N THR D 292 -26.24 15.58 3.91
CA THR D 292 -27.58 15.94 3.50
C THR D 292 -28.46 14.98 4.25
N ILE D 293 -29.30 15.51 5.13
CA ILE D 293 -30.12 14.67 5.97
C ILE D 293 -31.48 14.52 5.28
N GLU D 294 -31.90 13.30 4.96
CA GLU D 294 -33.19 13.15 4.30
C GLU D 294 -33.68 11.69 4.40
N ASP D 295 -34.35 11.23 3.35
CA ASP D 295 -34.82 9.86 3.29
C ASP D 295 -35.15 9.59 1.84
N THR D 296 -35.60 8.39 1.55
CA THR D 296 -36.00 8.04 0.20
C THR D 296 -37.15 8.92 -0.23
N TRP D 297 -38.17 9.02 0.61
CA TRP D 297 -39.36 9.80 0.31
C TRP D 297 -40.28 9.73 1.52
N GLY D 298 -41.41 10.42 1.45
CA GLY D 298 -42.39 10.33 2.50
C GLY D 298 -43.26 11.57 2.67
N GLY D 299 -44.10 11.55 3.69
CA GLY D 299 -44.98 12.65 4.00
C GLY D 299 -44.60 13.30 5.31
N ASP D 300 -45.62 13.71 6.04
CA ASP D 300 -45.43 14.49 7.24
C ASP D 300 -44.57 13.78 8.29
N ILE D 301 -44.72 12.47 8.41
CA ILE D 301 -44.10 11.77 9.55
C ILE D 301 -42.65 11.49 9.22
N VAL D 302 -42.35 11.22 7.95
CA VAL D 302 -40.96 11.08 7.52
C VAL D 302 -40.29 12.42 7.71
N THR D 303 -40.97 13.49 7.30
CA THR D 303 -40.42 14.84 7.42
C THR D 303 -40.18 15.20 8.87
N ALA D 304 -41.03 14.72 9.77
CA ALA D 304 -40.80 14.99 11.19
C ALA D 304 -39.42 14.45 11.67
N ALA D 305 -39.18 13.17 11.40
CA ALA D 305 -37.95 12.50 11.79
C ALA D 305 -36.73 13.17 11.16
N ILE D 306 -36.85 13.53 9.88
CA ILE D 306 -35.80 14.30 9.19
C ILE D 306 -35.46 15.58 9.96
N ALA D 307 -36.49 16.31 10.34
CA ALA D 307 -36.33 17.62 10.92
C ALA D 307 -35.61 17.56 12.28
N HIS D 308 -36.04 16.62 13.12
CA HIS D 308 -35.41 16.44 14.42
C HIS D 308 -33.95 16.00 14.34
N LEU D 309 -33.63 15.07 13.43
CA LEU D 309 -32.20 14.66 13.28
C LEU D 309 -31.36 15.82 12.72
N ALA D 310 -31.91 16.53 11.73
CA ALA D 310 -31.22 17.72 11.18
C ALA D 310 -31.00 18.80 12.24
N ARG D 311 -32.03 19.04 13.07
CA ARG D 311 -31.92 20.13 14.06
C ARG D 311 -30.88 19.80 15.09
N SER D 312 -30.61 18.52 15.29
CA SER D 312 -29.63 18.14 16.26
C SER D 312 -28.26 17.97 15.64
N THR D 313 -28.08 18.51 14.44
CA THR D 313 -26.81 18.48 13.72
C THR D 313 -26.39 19.95 13.58
N PRO D 314 -25.10 20.26 13.79
CA PRO D 314 -24.71 21.66 13.58
C PRO D 314 -24.79 22.11 12.12
N SER D 315 -25.09 23.40 11.96
CA SER D 315 -25.15 23.98 10.65
C SER D 315 -23.85 23.66 9.87
N GLU D 316 -22.70 23.77 10.53
CA GLU D 316 -21.42 23.47 9.89
C GLU D 316 -21.43 22.11 9.15
N PHE D 317 -22.24 21.17 9.61
CA PHE D 317 -22.20 19.81 9.10
C PHE D 317 -23.52 19.35 8.52
N THR D 318 -24.44 20.30 8.34
CA THR D 318 -25.70 20.05 7.65
C THR D 318 -25.58 20.66 6.23
N PHE D 319 -25.34 19.83 5.23
CA PHE D 319 -25.25 20.36 3.89
C PHE D 319 -26.62 20.85 3.52
N SER D 320 -27.63 20.10 3.94
CA SER D 320 -29.02 20.47 3.69
C SER D 320 -29.95 19.40 4.21
N ALA D 321 -31.25 19.67 4.24
CA ALA D 321 -32.23 18.59 4.52
C ALA D 321 -33.35 18.69 3.49
N THR D 322 -34.42 17.91 3.64
CA THR D 322 -35.50 18.08 2.69
C THR D 322 -36.87 17.91 3.34
N ASP D 323 -37.82 18.72 2.86
CA ASP D 323 -39.18 18.77 3.38
C ASP D 323 -40.16 18.03 2.47
N PHE D 324 -40.09 16.71 2.54
CA PHE D 324 -40.86 15.85 1.64
C PHE D 324 -42.36 16.18 1.64
N ASN D 325 -42.94 16.52 2.79
CA ASN D 325 -44.38 16.79 2.86
C ASN D 325 -44.84 17.89 1.93
N SER D 326 -43.97 18.87 1.69
CA SER D 326 -44.28 20.03 0.86
C SER D 326 -44.51 19.65 -0.59
N TYR D 327 -44.00 18.49 -0.98
CA TYR D 327 -44.18 17.99 -2.34
C TYR D 327 -45.38 17.03 -2.51
N GLY D 328 -46.11 16.78 -1.42
CA GLY D 328 -47.30 15.95 -1.47
C GLY D 328 -48.54 16.83 -1.34
N THR D 329 -49.71 16.22 -1.49
CA THR D 329 -50.96 16.95 -1.31
C THR D 329 -51.72 16.43 -0.10
N VAL D 330 -51.43 15.20 0.31
CA VAL D 330 -52.20 14.59 1.40
C VAL D 330 -51.47 14.76 2.71
N ASP D 331 -52.06 15.51 3.63
CA ASP D 331 -51.55 15.63 4.99
C ASP D 331 -51.99 14.40 5.80
N ILE D 332 -51.04 13.75 6.48
CA ILE D 332 -51.32 12.52 7.22
C ILE D 332 -51.09 12.67 8.71
N ALA D 333 -50.64 13.85 9.11
CA ALA D 333 -50.37 14.09 10.53
C ALA D 333 -50.35 15.55 10.86
N GLU D 334 -50.81 15.86 12.05
CA GLU D 334 -50.72 17.24 12.50
C GLU D 334 -49.46 17.35 13.30
N GLY D 335 -48.95 18.59 13.36
CA GLY D 335 -47.74 18.88 14.07
C GLY D 335 -46.46 18.74 13.25
N ALA D 336 -46.58 18.54 11.94
CA ALA D 336 -45.40 18.29 11.13
C ALA D 336 -44.61 19.58 10.81
N PRO D 337 -43.33 19.47 10.42
CA PRO D 337 -42.54 20.64 9.97
C PRO D 337 -43.21 21.33 8.78
N LYS D 338 -42.99 22.63 8.59
CA LYS D 338 -43.51 23.35 7.41
C LYS D 338 -42.42 24.25 6.87
N ARG D 339 -42.23 24.20 5.56
CA ARG D 339 -41.24 25.05 4.94
C ARG D 339 -41.69 26.51 5.03
N VAL D 340 -40.82 27.37 5.54
CA VAL D 340 -40.99 28.82 5.46
C VAL D 340 -39.69 29.44 4.99
N ASN D 341 -39.75 30.09 3.83
CA ASN D 341 -38.57 30.69 3.22
C ASN D 341 -37.34 29.74 3.16
N GLY D 342 -37.53 28.57 2.55
CA GLY D 342 -36.44 27.66 2.25
C GLY D 342 -35.79 26.98 3.44
N ARG D 343 -36.45 27.02 4.60
CA ARG D 343 -35.94 26.40 5.79
C ARG D 343 -37.09 25.75 6.53
N MET D 344 -36.79 24.74 7.35
CA MET D 344 -37.85 24.21 8.20
C MET D 344 -37.40 24.01 9.62
N THR D 345 -38.38 23.88 10.49
CA THR D 345 -38.06 23.60 11.88
C THR D 345 -38.99 22.56 12.48
N THR D 346 -39.00 22.49 13.79
CA THR D 346 -39.93 21.65 14.51
C THR D 346 -40.40 22.37 15.77
N SER D 347 -41.45 21.86 16.37
CA SER D 347 -41.90 22.35 17.67
C SER D 347 -41.07 21.68 18.77
N ASP D 348 -41.35 22.01 20.03
CA ASP D 348 -40.66 21.36 21.13
C ASP D 348 -41.50 20.25 21.74
N LEU D 349 -42.54 19.85 21.05
CA LEU D 349 -43.42 18.78 21.53
C LEU D 349 -42.68 17.45 21.66
N PRO D 350 -43.17 16.58 22.55
CA PRO D 350 -42.50 15.28 22.80
C PRO D 350 -42.36 14.40 21.57
N GLY D 351 -41.34 13.54 21.58
CA GLY D 351 -41.14 12.58 20.51
C GLY D 351 -40.98 13.29 19.19
N LEU D 352 -41.66 12.78 18.18
CA LEU D 352 -41.69 13.38 16.85
C LEU D 352 -42.47 14.67 16.80
N GLY D 353 -43.39 14.87 17.75
CA GLY D 353 -44.14 16.08 17.78
C GLY D 353 -45.34 16.06 16.85
N ILE D 354 -45.73 14.87 16.43
CA ILE D 354 -46.87 14.71 15.52
C ILE D 354 -48.03 13.84 16.06
N THR D 355 -49.19 14.05 15.46
CA THR D 355 -50.39 13.27 15.73
C THR D 355 -50.99 12.84 14.43
N PRO D 356 -51.04 11.52 14.18
CA PRO D 356 -51.53 11.10 12.86
C PRO D 356 -53.00 11.43 12.62
N ILE D 357 -53.34 11.80 11.40
CA ILE D 357 -54.74 12.02 11.03
C ILE D 357 -55.37 10.68 10.65
N PHE D 358 -55.99 10.04 11.62
CA PHE D 358 -56.38 8.65 11.45
C PHE D 358 -57.44 8.46 10.35
N ASP D 359 -58.20 9.50 10.10
CA ASP D 359 -59.20 9.47 9.03
C ASP D 359 -58.56 9.13 7.69
N VAL D 360 -57.38 9.66 7.43
CA VAL D 360 -56.71 9.49 6.14
C VAL D 360 -55.89 8.20 6.07
N LEU D 361 -55.50 7.70 7.23
CA LEU D 361 -54.73 6.45 7.28
C LEU D 361 -55.63 5.26 7.02
N GLY D 362 -56.90 5.42 7.38
CA GLY D 362 -57.86 4.36 7.18
C GLY D 362 -57.68 3.24 8.17
N GLU D 363 -58.30 2.12 7.85
CA GLU D 363 -58.23 0.96 8.71
C GLU D 363 -56.86 0.31 8.51
N PRO D 364 -56.25 -0.12 9.61
CA PRO D 364 -54.96 -0.83 9.56
C PRO D 364 -55.00 -1.97 8.56
N VAL D 365 -54.04 -2.05 7.63
CA VAL D 365 -54.00 -3.19 6.71
C VAL D 365 -53.40 -4.44 7.42
N ALA D 366 -52.92 -4.25 8.63
CA ALA D 366 -52.43 -5.37 9.39
C ALA D 366 -52.39 -4.97 10.84
N ARG D 367 -52.52 -5.96 11.70
CA ARG D 367 -52.51 -5.74 13.11
C ARG D 367 -51.90 -6.98 13.76
N TYR D 368 -50.89 -6.75 14.60
CA TYR D 368 -50.23 -7.84 15.32
C TYR D 368 -50.33 -7.58 16.82
N SER D 369 -50.64 -8.63 17.57
CA SER D 369 -50.71 -8.54 19.03
C SER D 369 -50.43 -9.90 19.65
N HIS E 2 30.11 -9.96 -40.95
CA HIS E 2 30.82 -10.70 -42.03
C HIS E 2 30.39 -12.18 -42.08
N MET E 3 30.46 -12.83 -40.92
CA MET E 3 30.09 -14.24 -40.79
C MET E 3 28.59 -14.42 -40.99
N LYS E 4 28.21 -15.46 -41.71
CA LYS E 4 26.81 -15.73 -41.92
C LYS E 4 26.41 -17.22 -41.66
N ILE E 5 25.24 -17.41 -41.08
CA ILE E 5 24.59 -18.72 -40.94
C ILE E 5 24.16 -19.32 -42.29
N THR E 6 24.67 -20.51 -42.58
CA THR E 6 24.41 -21.20 -43.83
C THR E 6 23.47 -22.40 -43.63
N ALA E 7 23.52 -23.04 -42.47
CA ALA E 7 22.58 -24.11 -42.15
C ALA E 7 22.31 -24.22 -40.67
N ILE E 8 21.09 -24.67 -40.35
CA ILE E 8 20.70 -25.07 -39.00
C ILE E 8 20.27 -26.55 -39.07
N ASN E 9 20.96 -27.41 -38.34
CA ASN E 9 20.62 -28.83 -38.31
C ASN E 9 20.06 -29.23 -36.96
N VAL E 10 19.01 -30.04 -36.97
CA VAL E 10 18.40 -30.49 -35.71
C VAL E 10 18.59 -32.02 -35.55
N PHE E 11 19.15 -32.41 -34.40
CA PHE E 11 19.43 -33.80 -34.09
C PHE E 11 18.56 -34.27 -32.93
N GLN E 12 18.24 -35.57 -32.87
CA GLN E 12 17.51 -36.13 -31.74
C GLN E 12 18.31 -37.24 -31.09
N VAL E 13 18.35 -37.26 -29.76
CA VAL E 13 19.07 -38.30 -29.04
C VAL E 13 18.39 -38.70 -27.73
N ASP E 14 18.27 -39.99 -27.48
CA ASP E 14 17.65 -40.44 -26.25
C ASP E 14 18.69 -40.39 -25.14
N LEU E 15 18.29 -39.87 -23.99
CA LEU E 15 19.14 -39.84 -22.82
C LEU E 15 18.50 -40.71 -21.79
N PRO E 16 18.93 -41.97 -21.68
CA PRO E 16 18.33 -42.76 -20.61
C PRO E 16 18.92 -42.35 -19.27
N LEU E 17 18.34 -42.86 -18.20
CA LEU E 17 18.70 -42.46 -16.85
C LEU E 17 19.44 -43.56 -16.10
N ARG E 18 20.52 -43.22 -15.40
CA ARG E 18 21.16 -44.20 -14.54
C ARG E 18 20.13 -44.85 -13.59
N GLU E 19 19.24 -44.06 -13.02
CA GLU E 19 18.24 -44.60 -12.11
C GLU E 19 17.02 -45.24 -12.80
N GLY E 20 16.93 -45.16 -14.12
CA GLY E 20 15.84 -45.80 -14.82
C GLY E 20 14.54 -44.99 -14.86
N ARG E 21 14.28 -44.18 -13.84
CA ARG E 21 13.08 -43.33 -13.88
C ARG E 21 13.28 -42.05 -13.11
N TYR E 22 12.66 -40.97 -13.58
CA TYR E 22 12.64 -39.72 -12.84
C TYR E 22 11.21 -39.23 -12.75
N SER E 23 10.78 -38.92 -11.53
CA SER E 23 9.39 -38.59 -11.22
C SER E 23 9.34 -37.30 -10.42
N TRP E 24 8.31 -36.52 -10.63
CA TRP E 24 8.17 -35.26 -9.89
C TRP E 24 6.69 -34.95 -9.61
N SER E 25 6.36 -33.69 -9.37
CA SER E 25 4.98 -33.28 -9.09
C SER E 25 3.91 -33.77 -10.09
N ASN E 26 2.68 -33.84 -9.62
CA ASN E 26 1.53 -34.22 -10.45
C ASN E 26 1.64 -35.60 -11.08
N GLY E 27 2.41 -36.49 -10.43
CA GLY E 27 2.51 -37.87 -10.88
C GLY E 27 3.34 -38.10 -12.15
N ASN E 28 3.90 -37.02 -12.69
CA ASN E 28 4.72 -37.10 -13.90
C ASN E 28 5.98 -37.92 -13.72
N PHE E 29 6.34 -38.67 -14.76
CA PHE E 29 7.62 -39.35 -14.78
C PHE E 29 8.14 -39.48 -16.20
N VAL E 30 9.44 -39.77 -16.31
CA VAL E 30 10.09 -40.01 -17.58
C VAL E 30 11.08 -41.15 -17.32
N GLU E 31 11.18 -42.09 -18.26
CA GLU E 31 12.20 -43.15 -18.22
C GLU E 31 13.38 -42.79 -19.16
N VAL E 32 13.09 -42.25 -20.32
CA VAL E 32 14.15 -41.90 -21.26
C VAL E 32 13.85 -40.51 -21.81
N PHE E 33 14.78 -39.59 -21.63
CA PHE E 33 14.55 -38.21 -22.03
C PHE E 33 14.79 -37.99 -23.47
N ASP E 34 14.01 -37.09 -24.03
CA ASP E 34 14.10 -36.84 -25.45
C ASP E 34 14.82 -35.52 -25.64
N SER E 35 16.10 -35.61 -25.99
CA SER E 35 16.94 -34.44 -26.12
C SER E 35 17.11 -34.02 -27.57
N THR E 36 17.32 -32.72 -27.76
CA THR E 36 17.49 -32.15 -29.09
C THR E 36 18.77 -31.40 -29.07
N VAL E 37 19.62 -31.65 -30.05
CA VAL E 37 20.86 -30.92 -30.21
C VAL E 37 20.75 -30.10 -31.50
N VAL E 38 21.19 -28.86 -31.44
CA VAL E 38 21.14 -27.96 -32.58
C VAL E 38 22.56 -27.64 -33.01
N GLU E 39 22.76 -27.63 -34.31
CA GLU E 39 24.05 -27.27 -34.88
C GLU E 39 23.82 -26.13 -35.87
N ILE E 40 24.58 -25.05 -35.68
CA ILE E 40 24.53 -23.92 -36.57
C ILE E 40 25.83 -23.87 -37.34
N GLU E 41 25.73 -23.95 -38.67
CA GLU E 41 26.88 -23.88 -39.56
C GLU E 41 26.97 -22.50 -40.16
N THR E 42 28.21 -22.02 -40.33
CA THR E 42 28.48 -20.74 -40.93
C THR E 42 29.22 -20.88 -42.25
N ASP E 43 29.30 -19.77 -42.98
CA ASP E 43 30.05 -19.71 -44.21
C ASP E 43 31.56 -19.57 -43.98
N GLU E 44 32.01 -19.48 -42.73
CA GLU E 44 33.46 -19.44 -42.49
C GLU E 44 34.01 -20.68 -41.76
N GLY E 45 33.27 -21.79 -41.78
CA GLY E 45 33.77 -23.06 -41.28
C GLY E 45 33.43 -23.34 -39.84
N LEU E 46 33.30 -22.28 -39.03
CA LEU E 46 32.91 -22.44 -37.62
C LEU E 46 31.48 -22.97 -37.47
N LYS E 47 31.30 -23.79 -36.45
CA LYS E 47 30.00 -24.32 -36.11
C LYS E 47 29.74 -24.11 -34.62
N GLY E 48 28.48 -23.86 -34.28
CA GLY E 48 28.11 -23.66 -32.90
C GLY E 48 27.11 -24.71 -32.52
N TYR E 49 27.12 -25.12 -31.25
CA TYR E 49 26.23 -26.18 -30.79
C TYR E 49 25.46 -25.78 -29.52
N ALA E 50 24.37 -26.48 -29.26
CA ALA E 50 23.54 -26.26 -28.09
C ALA E 50 22.61 -27.44 -27.93
N GLU E 51 22.02 -27.56 -26.75
CA GLU E 51 21.13 -28.65 -26.46
C GLU E 51 19.92 -28.12 -25.69
N CYS E 52 18.73 -28.62 -26.03
CA CYS E 52 17.55 -28.35 -25.23
C CYS E 52 16.83 -29.66 -24.93
N CYS E 53 16.50 -29.87 -23.67
CA CYS E 53 15.82 -31.09 -23.24
C CYS E 53 14.78 -30.85 -22.14
N PRO E 54 13.57 -30.42 -22.52
CA PRO E 54 12.56 -30.11 -21.49
C PRO E 54 12.00 -31.40 -20.86
N LEU E 55 11.16 -31.28 -19.82
CA LEU E 55 10.54 -32.45 -19.17
C LEU E 55 9.22 -32.96 -19.82
N TYR E 63 6.55 -31.91 -25.43
CA TYR E 63 7.57 -30.89 -25.18
C TYR E 63 8.66 -30.93 -26.23
N ALA E 64 9.34 -32.06 -26.33
CA ALA E 64 10.40 -32.20 -27.31
C ALA E 64 9.84 -32.04 -28.71
N LEU E 65 8.56 -32.39 -28.89
CA LEU E 65 7.92 -32.16 -30.19
C LEU E 65 7.86 -30.64 -30.42
N GLY E 66 7.39 -29.93 -29.40
CA GLY E 66 7.32 -28.47 -29.43
C GLY E 66 8.68 -27.81 -29.63
N VAL E 67 9.75 -28.37 -29.08
CA VAL E 67 11.07 -27.83 -29.36
C VAL E 67 11.35 -27.88 -30.86
N ARG E 68 11.11 -29.04 -31.45
CA ARG E 68 11.42 -29.28 -32.86
C ARG E 68 10.46 -28.60 -33.84
N SER E 69 9.16 -28.59 -33.55
CA SER E 69 8.19 -27.84 -34.37
C SER E 69 8.40 -26.33 -34.19
N GLY E 70 8.83 -25.95 -33.00
CA GLY E 70 9.18 -24.55 -32.76
C GLY E 70 10.36 -24.17 -33.64
N LEU E 71 11.36 -25.05 -33.70
CA LEU E 71 12.55 -24.80 -34.49
C LEU E 71 12.20 -24.74 -35.95
N GLN E 72 11.23 -25.54 -36.36
CA GLN E 72 10.71 -25.49 -37.71
C GLN E 72 10.23 -24.07 -38.00
N GLU E 73 9.52 -23.47 -37.06
CA GLU E 73 8.95 -22.15 -37.28
C GLU E 73 9.95 -21.00 -37.10
N LEU E 74 11.18 -21.30 -36.69
CA LEU E 74 12.19 -20.24 -36.42
C LEU E 74 13.40 -20.30 -37.38
N ALA E 75 13.91 -21.50 -37.61
CA ALA E 75 15.21 -21.69 -38.28
C ALA E 75 15.33 -21.06 -39.67
N PRO E 76 14.35 -21.31 -40.56
CA PRO E 76 14.42 -20.75 -41.92
C PRO E 76 14.63 -19.24 -41.96
N HIS E 77 14.11 -18.56 -40.93
CA HIS E 77 14.19 -17.10 -40.88
C HIS E 77 15.54 -16.60 -40.38
N LEU E 78 16.42 -17.53 -39.96
CA LEU E 78 17.76 -17.15 -39.47
C LEU E 78 18.86 -17.42 -40.51
N ILE E 79 18.56 -18.21 -41.53
CA ILE E 79 19.49 -18.43 -42.63
C ILE E 79 19.98 -17.12 -43.23
N GLY E 80 21.29 -17.00 -43.43
CA GLY E 80 21.88 -15.80 -44.01
C GLY E 80 22.25 -14.73 -43.00
N LYS E 81 21.59 -14.72 -41.84
CA LYS E 81 21.87 -13.77 -40.76
C LYS E 81 23.27 -13.94 -40.09
N ASP E 82 23.67 -12.95 -39.31
CA ASP E 82 24.94 -12.98 -38.59
C ASP E 82 24.75 -13.58 -37.19
N PRO E 83 25.40 -14.72 -36.93
CA PRO E 83 25.26 -15.42 -35.64
C PRO E 83 25.90 -14.65 -34.48
N LEU E 84 26.80 -13.72 -34.80
CA LEU E 84 27.57 -13.02 -33.79
C LEU E 84 26.82 -11.80 -33.29
N ASN E 85 25.85 -11.34 -34.08
CA ASN E 85 24.97 -10.27 -33.58
C ASN E 85 23.82 -10.90 -32.83
N ILE E 86 24.08 -11.23 -31.57
CA ILE E 86 23.18 -12.09 -30.84
C ILE E 86 21.88 -11.37 -30.51
N GLY E 87 21.95 -10.06 -30.32
CA GLY E 87 20.77 -9.25 -30.10
C GLY E 87 19.83 -9.33 -31.30
N GLU E 88 20.39 -9.26 -32.48
CA GLU E 88 19.56 -9.29 -33.69
C GLU E 88 18.95 -10.71 -33.93
N ILE E 89 19.72 -11.76 -33.64
CA ILE E 89 19.19 -13.10 -33.69
C ILE E 89 17.96 -13.19 -32.79
N ASN E 90 18.09 -12.76 -31.53
CA ASN E 90 16.95 -12.85 -30.63
C ASN E 90 15.75 -12.03 -31.10
N ARG E 91 16.03 -10.88 -31.71
CA ARG E 91 14.93 -10.01 -32.18
C ARG E 91 14.11 -10.73 -33.24
N VAL E 92 14.79 -11.29 -34.23
CA VAL E 92 14.14 -12.07 -35.26
C VAL E 92 13.21 -13.15 -34.69
N MET E 93 13.74 -13.99 -33.84
CA MET E 93 12.98 -15.10 -33.31
C MET E 93 11.74 -14.60 -32.53
N ASP E 94 11.92 -13.58 -31.69
CA ASP E 94 10.78 -13.05 -30.95
C ASP E 94 9.70 -12.51 -31.88
N ALA E 95 10.11 -11.94 -33.00
CA ALA E 95 9.18 -11.44 -34.00
C ALA E 95 8.57 -12.60 -34.77
N ALA E 96 9.26 -13.74 -34.82
CA ALA E 96 8.81 -14.89 -35.61
C ALA E 96 7.81 -15.77 -34.88
N LEU E 97 7.91 -15.84 -33.55
CA LEU E 97 7.18 -16.83 -32.82
C LEU E 97 6.91 -16.37 -31.38
N ARG E 98 5.65 -16.41 -30.98
CA ARG E 98 5.27 -16.12 -29.61
C ARG E 98 5.52 -17.34 -28.73
N GLY E 99 6.13 -17.09 -27.59
CA GLY E 99 6.45 -18.18 -26.68
C GLY E 99 7.52 -19.09 -27.27
N HIS E 100 7.37 -20.39 -27.08
CA HIS E 100 8.42 -21.37 -27.47
C HIS E 100 9.85 -20.98 -27.03
N PRO E 101 10.05 -20.69 -25.75
CA PRO E 101 11.41 -20.33 -25.35
C PRO E 101 12.34 -21.54 -25.51
N TYR E 102 11.80 -22.76 -25.44
CA TYR E 102 12.61 -23.99 -25.57
C TYR E 102 13.16 -24.16 -27.00
N ALA E 103 12.48 -23.61 -28.00
CA ALA E 103 13.00 -23.64 -29.36
C ALA E 103 14.01 -22.52 -29.54
N LYS E 104 13.79 -21.43 -28.83
CA LYS E 104 14.59 -20.26 -28.99
C LYS E 104 15.96 -20.44 -28.30
N ALA E 105 15.95 -21.01 -27.10
CA ALA E 105 17.16 -21.10 -26.26
C ALA E 105 18.35 -21.75 -26.98
N PRO E 106 18.14 -22.91 -27.63
CA PRO E 106 19.30 -23.51 -28.28
C PRO E 106 19.86 -22.67 -29.42
N ILE E 107 19.04 -21.90 -30.15
CA ILE E 107 19.60 -21.01 -31.17
C ILE E 107 20.51 -19.99 -30.53
N ASP E 108 20.00 -19.37 -29.49
CA ASP E 108 20.74 -18.39 -28.74
C ASP E 108 22.05 -18.95 -28.23
N ILE E 109 22.00 -20.15 -27.68
CA ILE E 109 23.22 -20.74 -27.07
C ILE E 109 24.25 -21.13 -28.12
N ALA E 110 23.77 -21.65 -29.25
CA ALA E 110 24.68 -22.04 -30.31
C ALA E 110 25.38 -20.79 -30.83
N CYS E 111 24.67 -19.67 -30.86
CA CYS E 111 25.28 -18.42 -31.32
C CYS E 111 26.41 -17.91 -30.39
N TRP E 112 26.22 -18.10 -29.08
CA TRP E 112 27.24 -17.75 -28.08
C TRP E 112 28.45 -18.67 -28.21
N ASP E 113 28.20 -19.94 -28.50
CA ASP E 113 29.28 -20.89 -28.82
C ASP E 113 30.10 -20.38 -30.02
N LEU E 114 29.40 -19.97 -31.08
CA LEU E 114 30.07 -19.42 -32.25
C LEU E 114 30.84 -18.15 -31.85
N LEU E 115 30.21 -17.28 -31.05
CA LEU E 115 30.90 -16.06 -30.62
C LEU E 115 32.20 -16.39 -29.89
N GLY E 116 32.16 -17.38 -29.02
CA GLY E 116 33.35 -17.82 -28.33
C GLY E 116 34.39 -18.40 -29.26
N LYS E 117 33.95 -19.21 -30.24
CA LYS E 117 34.89 -19.79 -31.21
C LYS E 117 35.51 -18.72 -32.08
N ALA E 118 34.71 -17.78 -32.56
CA ALA E 118 35.20 -16.68 -33.37
C ALA E 118 36.15 -15.77 -32.60
N THR E 119 36.00 -15.70 -31.28
CA THR E 119 36.82 -14.75 -30.53
C THR E 119 37.97 -15.43 -29.79
N GLY E 120 37.96 -16.76 -29.79
CA GLY E 120 38.94 -17.55 -29.06
C GLY E 120 38.78 -17.41 -27.54
N GLN E 121 37.56 -17.18 -27.07
CA GLN E 121 37.34 -16.99 -25.64
C GLN E 121 36.36 -18.00 -25.11
N PRO E 122 36.66 -18.55 -23.94
CA PRO E 122 35.71 -19.44 -23.26
C PRO E 122 34.46 -18.63 -22.86
N LEU E 123 33.30 -19.27 -22.86
CA LEU E 123 32.06 -18.54 -22.56
C LEU E 123 32.07 -17.83 -21.22
N TYR E 124 32.77 -18.34 -20.20
CA TYR E 124 32.64 -17.68 -18.90
C TYR E 124 33.26 -16.29 -18.96
N THR E 125 34.22 -16.11 -19.83
CA THR E 125 34.80 -14.79 -20.00
C THR E 125 33.77 -13.90 -20.69
N LEU E 126 33.14 -14.42 -21.74
CA LEU E 126 32.25 -13.60 -22.53
C LEU E 126 30.97 -13.27 -21.76
N LEU E 127 30.60 -14.13 -20.81
CA LEU E 127 29.41 -13.92 -19.95
C LEU E 127 29.73 -13.00 -18.77
N GLY E 128 30.95 -12.47 -18.70
CA GLY E 128 31.27 -11.47 -17.70
C GLY E 128 32.57 -11.64 -16.95
N GLY E 129 33.24 -12.78 -17.13
CA GLY E 129 34.50 -13.05 -16.48
C GLY E 129 34.37 -14.24 -15.53
N ALA E 130 35.42 -15.06 -15.41
CA ALA E 130 35.45 -16.10 -14.38
C ALA E 130 35.40 -15.50 -12.98
N ALA E 131 34.39 -15.89 -12.22
CA ALA E 131 34.25 -15.42 -10.84
C ALA E 131 34.55 -16.52 -9.83
N GLN E 132 34.66 -17.75 -10.31
CA GLN E 132 35.00 -18.88 -9.44
C GLN E 132 35.60 -20.03 -10.26
N ASP E 133 36.49 -20.78 -9.61
CA ASP E 133 37.25 -21.85 -10.29
C ASP E 133 36.39 -23.03 -10.57
N ASP E 134 35.47 -23.29 -9.65
CA ASP E 134 34.54 -24.40 -9.81
C ASP E 134 33.26 -24.14 -9.04
N VAL E 135 32.26 -25.00 -9.22
CA VAL E 135 30.96 -24.65 -8.73
C VAL E 135 30.25 -25.76 -7.98
N ALA E 136 29.59 -25.32 -6.90
CA ALA E 136 28.82 -26.16 -6.01
C ALA E 136 27.69 -26.86 -6.77
N LEU E 137 27.48 -28.14 -6.46
CA LEU E 137 26.43 -28.93 -7.09
C LEU E 137 25.38 -29.46 -6.14
N TYR E 138 24.14 -29.53 -6.63
CA TYR E 138 23.09 -30.25 -5.92
C TYR E 138 22.73 -31.49 -6.74
N ARG E 139 22.14 -32.49 -6.11
CA ARG E 139 21.53 -33.61 -6.79
C ARG E 139 20.01 -33.57 -6.59
N ALA E 140 19.30 -33.64 -7.70
CA ALA E 140 17.87 -33.81 -7.70
C ALA E 140 17.53 -35.24 -7.33
N ILE E 141 16.53 -35.39 -6.48
CA ILE E 141 16.15 -36.69 -5.95
C ILE E 141 14.73 -37.01 -6.39
N SER E 142 14.59 -38.03 -7.20
CA SER E 142 13.31 -38.35 -7.81
C SER E 142 12.24 -38.62 -6.76
N GLN E 143 11.00 -38.26 -7.06
CA GLN E 143 9.88 -38.45 -6.15
C GLN E 143 9.54 -39.93 -6.00
N GLU E 144 9.81 -40.48 -4.84
CA GLU E 144 9.45 -41.87 -4.54
C GLU E 144 9.03 -42.02 -3.09
N ALA E 145 8.92 -43.27 -2.66
CA ALA E 145 8.66 -43.57 -1.27
C ALA E 145 9.72 -42.91 -0.38
N PRO E 146 9.30 -42.38 0.78
CA PRO E 146 10.20 -41.68 1.71
C PRO E 146 11.50 -42.44 1.98
N GLU E 147 11.40 -43.72 2.32
CA GLU E 147 12.58 -44.52 2.65
C GLU E 147 13.54 -44.74 1.46
N ILE E 148 13.00 -44.87 0.25
CA ILE E 148 13.79 -44.95 -0.97
C ILE E 148 14.51 -43.63 -1.28
N MET E 149 13.77 -42.53 -1.19
CA MET E 149 14.41 -41.24 -1.33
C MET E 149 15.56 -41.10 -0.33
N ALA E 150 15.40 -41.61 0.88
CA ALA E 150 16.42 -41.44 1.92
C ALA E 150 17.68 -42.21 1.54
N LYS E 151 17.47 -43.46 1.15
CA LYS E 151 18.54 -44.33 0.70
C LYS E 151 19.32 -43.74 -0.50
N LYS E 152 18.64 -43.23 -1.51
CA LYS E 152 19.39 -42.66 -2.65
C LYS E 152 20.23 -41.45 -2.27
N ILE E 153 19.74 -40.70 -1.31
CA ILE E 153 20.37 -39.46 -0.95
C ILE E 153 21.66 -39.77 -0.16
N GLU E 154 21.62 -40.81 0.67
CA GLU E 154 22.86 -41.25 1.34
C GLU E 154 23.92 -41.64 0.33
N GLY E 155 23.52 -42.31 -0.75
CA GLY E 155 24.45 -42.70 -1.79
C GLY E 155 25.12 -41.48 -2.39
N TYR E 156 24.33 -40.49 -2.75
CA TYR E 156 24.86 -39.31 -3.43
C TYR E 156 25.73 -38.45 -2.52
N ALA E 157 25.34 -38.37 -1.26
CA ALA E 157 26.13 -37.70 -0.25
C ALA E 157 27.46 -38.37 -0.17
N ALA E 158 27.49 -39.70 -0.12
CA ALA E 158 28.76 -40.44 -0.11
C ALA E 158 29.64 -40.22 -1.37
N GLU E 159 29.07 -39.82 -2.52
CA GLU E 159 29.91 -39.48 -3.69
C GLU E 159 30.49 -38.08 -3.55
N GLY E 160 29.99 -37.33 -2.56
CA GLY E 160 30.47 -35.97 -2.30
C GLY E 160 29.52 -34.79 -2.56
N TYR E 161 28.32 -35.08 -3.05
CA TYR E 161 27.31 -34.00 -3.13
C TYR E 161 26.92 -33.50 -1.74
N THR E 162 26.77 -32.20 -1.57
CA THR E 162 26.38 -31.65 -0.27
C THR E 162 25.09 -30.83 -0.34
N LYS E 163 24.46 -30.80 -1.50
CA LYS E 163 23.21 -30.07 -1.68
C LYS E 163 22.27 -31.02 -2.40
N PHE E 164 20.99 -30.95 -2.08
CA PHE E 164 20.00 -31.87 -2.63
C PHE E 164 18.65 -31.17 -2.83
N GLN E 165 17.94 -31.57 -3.86
CA GLN E 165 16.65 -30.98 -4.15
C GLN E 165 15.72 -32.16 -4.26
N LEU E 166 14.79 -32.28 -3.33
CA LEU E 166 13.77 -33.30 -3.42
C LEU E 166 12.68 -32.84 -4.37
N LYS E 167 12.15 -33.80 -5.12
CA LYS E 167 10.99 -33.57 -5.97
C LYS E 167 9.74 -33.89 -5.16
N VAL E 168 9.24 -32.92 -4.42
CA VAL E 168 7.97 -33.13 -3.75
C VAL E 168 6.91 -32.53 -4.65
N GLY E 169 5.89 -31.88 -4.09
CA GLY E 169 4.77 -31.42 -4.91
C GLY E 169 3.84 -32.55 -5.31
N GLY E 170 3.79 -33.59 -4.47
CA GLY E 170 2.82 -34.67 -4.64
C GLY E 170 1.70 -34.53 -3.61
N ASP E 171 1.35 -35.65 -2.97
CA ASP E 171 0.40 -35.64 -1.86
C ASP E 171 1.07 -35.00 -0.66
N ALA E 172 0.35 -34.11 0.03
CA ALA E 172 0.95 -33.35 1.12
C ALA E 172 1.52 -34.25 2.22
N ASN E 173 0.77 -35.24 2.66
CA ASN E 173 1.28 -36.11 3.72
C ASN E 173 2.51 -36.86 3.27
N ASP E 174 2.47 -37.41 2.07
CA ASP E 174 3.62 -38.10 1.49
C ASP E 174 4.86 -37.20 1.59
N ASP E 175 4.71 -35.95 1.15
CA ASP E 175 5.83 -35.01 1.14
C ASP E 175 6.38 -34.65 2.53
N ILE E 176 5.48 -34.55 3.52
CA ILE E 176 5.91 -34.30 4.88
C ILE E 176 6.86 -35.44 5.28
N ASN E 177 6.42 -36.68 4.99
CA ASN E 177 7.21 -37.87 5.24
C ASN E 177 8.54 -37.90 4.48
N ARG E 178 8.49 -37.56 3.21
CA ARG E 178 9.69 -37.54 2.38
C ARG E 178 10.70 -36.52 2.93
N ILE E 179 10.23 -35.35 3.32
CA ILE E 179 11.15 -34.28 3.76
C ILE E 179 11.76 -34.65 5.10
N HIS E 180 10.94 -35.14 6.02
CA HIS E 180 11.45 -35.71 7.26
C HIS E 180 12.48 -36.84 7.05
N ALA E 181 12.15 -37.82 6.23
CA ALA E 181 13.03 -38.99 6.07
C ALA E 181 14.37 -38.62 5.45
N THR E 182 14.36 -37.74 4.47
CA THR E 182 15.62 -37.34 3.83
C THR E 182 16.46 -36.38 4.70
N ARG E 183 15.81 -35.46 5.40
CA ARG E 183 16.55 -34.57 6.32
C ARG E 183 17.23 -35.38 7.42
N SER E 184 16.57 -36.45 7.87
CA SER E 184 17.12 -37.31 8.93
C SER E 184 18.36 -38.09 8.57
N VAL E 185 18.59 -38.35 7.28
CA VAL E 185 19.76 -39.13 6.87
C VAL E 185 20.96 -38.28 6.40
N LEU E 186 20.80 -36.97 6.35
CA LEU E 186 21.88 -36.06 5.99
C LEU E 186 22.69 -35.62 7.22
N LYS E 187 23.90 -35.13 6.99
CA LYS E 187 24.62 -34.49 8.07
C LYS E 187 24.11 -33.07 8.18
N LYS E 188 24.30 -32.47 9.35
CA LYS E 188 23.81 -31.12 9.66
C LYS E 188 24.15 -30.13 8.54
N SER E 189 25.41 -30.14 8.11
CA SER E 189 25.91 -29.12 7.20
C SER E 189 25.46 -29.30 5.74
N ASP E 190 24.82 -30.42 5.45
CA ASP E 190 24.24 -30.65 4.12
C ASP E 190 22.94 -29.84 3.99
N LEU E 191 22.68 -29.42 2.77
CA LEU E 191 21.61 -28.49 2.48
C LEU E 191 20.51 -29.24 1.74
N LEU E 192 19.27 -29.06 2.19
CA LEU E 192 18.10 -29.75 1.60
C LEU E 192 17.03 -28.79 1.12
N VAL E 193 16.74 -28.83 -0.17
CA VAL E 193 15.64 -28.03 -0.73
C VAL E 193 14.47 -28.93 -1.06
N ALA E 194 13.27 -28.57 -0.57
CA ALA E 194 12.03 -29.23 -1.00
C ALA E 194 11.37 -28.50 -2.17
N ASP E 195 11.48 -29.05 -3.38
CA ASP E 195 10.99 -28.38 -4.58
C ASP E 195 9.69 -29.00 -5.05
N ALA E 196 8.60 -28.25 -4.86
CA ALA E 196 7.27 -28.73 -5.21
C ALA E 196 6.97 -28.70 -6.70
N ASN E 197 7.82 -28.02 -7.48
CA ASN E 197 7.55 -27.78 -8.90
C ASN E 197 6.08 -27.46 -9.17
N THR E 198 5.51 -26.56 -8.36
CA THR E 198 4.13 -26.08 -8.53
C THR E 198 3.03 -27.07 -8.11
N GLY E 199 3.40 -28.24 -7.58
CA GLY E 199 2.43 -29.30 -7.34
C GLY E 199 1.46 -29.15 -6.17
N TRP E 200 1.50 -28.04 -5.43
CA TRP E 200 0.57 -27.80 -4.31
C TRP E 200 -0.37 -26.62 -4.57
N THR E 201 -1.60 -26.74 -4.10
CA THR E 201 -2.45 -25.58 -3.92
C THR E 201 -2.10 -25.02 -2.57
N ARG E 202 -2.54 -23.80 -2.31
CA ARG E 202 -2.01 -23.14 -1.15
C ARG E 202 -2.39 -23.80 0.15
N HIS E 203 -3.55 -24.44 0.26
CA HIS E 203 -3.88 -25.08 1.53
C HIS E 203 -2.99 -26.32 1.76
N GLU E 204 -2.65 -27.01 0.67
CA GLU E 204 -1.71 -28.13 0.73
C GLU E 204 -0.33 -27.66 1.17
N ALA E 205 0.12 -26.55 0.59
CA ALA E 205 1.45 -26.03 0.85
C ALA E 205 1.57 -25.56 2.32
N ALA E 206 0.54 -24.84 2.76
CA ALA E 206 0.45 -24.43 4.17
C ALA E 206 0.64 -25.59 5.11
N ARG E 207 0.04 -26.72 4.80
CA ARG E 207 0.16 -27.89 5.67
C ARG E 207 1.60 -28.42 5.61
N VAL E 208 2.21 -28.44 4.43
CA VAL E 208 3.55 -29.00 4.34
C VAL E 208 4.55 -28.10 5.07
N VAL E 209 4.52 -26.80 4.81
CA VAL E 209 5.53 -25.94 5.41
C VAL E 209 5.27 -25.79 6.90
N GLY E 210 4.01 -25.98 7.31
CA GLY E 210 3.70 -26.00 8.73
C GLY E 210 4.38 -27.17 9.41
N ALA E 211 4.28 -28.33 8.80
CA ALA E 211 4.79 -29.55 9.42
C ALA E 211 6.31 -29.71 9.34
N VAL E 212 7.00 -28.91 8.53
CA VAL E 212 8.46 -28.97 8.46
C VAL E 212 9.16 -27.69 8.93
N SER E 213 8.45 -26.84 9.65
CA SER E 213 8.92 -25.50 10.05
C SER E 213 10.12 -25.49 11.01
N SER E 214 10.35 -26.60 11.71
CA SER E 214 11.56 -26.71 12.53
C SER E 214 12.70 -27.45 11.82
N LEU E 215 12.46 -27.97 10.61
CA LEU E 215 13.54 -28.64 9.86
C LEU E 215 14.39 -27.60 9.14
N ASP E 216 15.67 -27.89 8.98
CA ASP E 216 16.59 -27.00 8.24
C ASP E 216 16.39 -27.32 6.79
N VAL E 217 15.46 -26.63 6.17
CA VAL E 217 15.07 -26.94 4.81
C VAL E 217 14.71 -25.65 4.07
N TYR E 218 14.81 -25.69 2.74
CA TYR E 218 14.36 -24.61 1.87
C TYR E 218 13.04 -25.01 1.17
N ILE E 219 12.12 -24.06 0.98
CA ILE E 219 10.85 -24.34 0.30
C ILE E 219 10.97 -23.75 -1.10
N GLU E 220 10.81 -24.56 -2.15
CA GLU E 220 10.95 -24.04 -3.52
C GLU E 220 9.65 -24.21 -4.35
N GLN E 221 9.24 -23.14 -5.01
CA GLN E 221 8.09 -23.10 -5.91
C GLN E 221 6.88 -23.96 -5.50
N PRO E 222 6.23 -23.60 -4.37
CA PRO E 222 5.09 -24.39 -3.88
C PRO E 222 3.90 -24.52 -4.83
N CYS E 223 3.57 -23.45 -5.55
CA CYS E 223 2.34 -23.43 -6.30
C CYS E 223 2.57 -22.99 -7.75
N LEU E 224 1.50 -23.08 -8.54
CA LEU E 224 1.50 -22.72 -9.95
C LEU E 224 1.75 -21.23 -10.23
N THR E 225 1.10 -20.32 -9.52
CA THR E 225 1.28 -18.91 -9.80
C THR E 225 2.12 -18.16 -8.77
N TYR E 226 2.57 -16.99 -9.19
CA TYR E 226 3.29 -16.07 -8.36
C TYR E 226 2.52 -15.68 -7.11
N GLU E 227 1.26 -15.32 -7.31
CA GLU E 227 0.42 -14.86 -6.20
C GLU E 227 0.18 -16.00 -5.20
N GLU E 228 -0.09 -17.20 -5.69
CA GLU E 228 -0.28 -18.30 -4.76
C GLU E 228 1.01 -18.54 -3.98
N SER E 229 2.15 -18.40 -4.65
CA SER E 229 3.42 -18.72 -4.03
C SER E 229 3.78 -17.71 -2.94
N VAL E 230 3.50 -16.44 -3.20
CA VAL E 230 3.82 -15.39 -2.26
C VAL E 230 2.98 -15.60 -1.00
N SER E 231 1.78 -16.16 -1.17
CA SER E 231 0.87 -16.43 -0.06
C SER E 231 1.52 -17.43 0.89
N ILE E 232 2.35 -18.31 0.33
CA ILE E 232 3.09 -19.26 1.12
C ILE E 232 4.31 -18.56 1.71
N ARG E 233 5.06 -17.84 0.87
CA ARG E 233 6.25 -17.17 1.38
C ARG E 233 5.92 -16.33 2.63
N ARG E 234 4.75 -15.67 2.64
CA ARG E 234 4.37 -14.78 3.74
C ARG E 234 4.02 -15.52 5.02
N ARG E 235 3.86 -16.84 4.94
CA ARG E 235 3.50 -17.63 6.11
C ARG E 235 4.60 -18.53 6.65
N THR E 236 5.81 -18.46 6.10
CA THR E 236 6.92 -19.25 6.63
C THR E 236 8.14 -18.33 6.83
N ALA E 237 8.92 -18.67 7.86
CA ALA E 237 10.21 -18.04 8.09
C ALA E 237 11.33 -18.81 7.38
N LEU E 238 10.99 -19.97 6.79
CA LEU E 238 11.98 -20.78 6.08
C LEU E 238 12.43 -20.02 4.84
N PRO E 239 13.72 -20.15 4.49
CA PRO E 239 14.23 -19.52 3.27
C PRO E 239 13.47 -20.03 2.05
N PHE E 240 13.16 -19.15 1.11
CA PHE E 240 12.15 -19.45 0.08
C PHE E 240 12.70 -19.20 -1.33
N VAL E 241 12.37 -20.11 -2.24
CA VAL E 241 12.93 -20.08 -3.62
C VAL E 241 11.83 -20.04 -4.67
N LEU E 242 11.91 -19.13 -5.62
CA LEU E 242 11.02 -19.20 -6.77
C LEU E 242 11.76 -19.64 -8.02
N ASP E 243 11.03 -20.33 -8.90
CA ASP E 243 11.63 -21.02 -10.04
C ASP E 243 10.76 -20.81 -11.30
N GLU E 244 9.74 -21.64 -11.49
CA GLU E 244 8.92 -21.61 -12.71
C GLU E 244 8.24 -20.26 -12.91
N VAL E 245 7.78 -19.58 -11.86
CA VAL E 245 7.08 -18.31 -12.08
C VAL E 245 8.04 -17.13 -12.43
N ILE E 246 9.35 -17.32 -12.26
CA ILE E 246 10.33 -16.31 -12.67
C ILE E 246 10.88 -16.63 -14.07
N ASP E 247 10.19 -16.22 -15.12
CA ASP E 247 10.55 -16.59 -16.50
C ASP E 247 11.32 -15.54 -17.29
N GLY E 248 11.50 -14.34 -16.73
CA GLY E 248 12.24 -13.29 -17.42
C GLY E 248 12.60 -12.13 -16.49
N PRO E 249 13.24 -11.06 -17.03
CA PRO E 249 13.56 -9.89 -16.22
C PRO E 249 12.33 -9.18 -15.59
N ASN E 250 11.22 -9.05 -16.30
CA ASN E 250 10.05 -8.34 -15.74
C ASN E 250 9.51 -9.01 -14.47
N THR E 251 9.28 -10.31 -14.51
CA THR E 251 8.76 -11.02 -13.32
C THR E 251 9.83 -11.06 -12.23
N LEU E 252 11.08 -11.15 -12.65
CA LEU E 252 12.17 -11.08 -11.70
C LEU E 252 12.15 -9.75 -10.94
N VAL E 253 12.14 -8.62 -11.66
CA VAL E 253 12.07 -7.30 -11.00
C VAL E 253 10.87 -7.19 -10.03
N ARG E 254 9.73 -7.69 -10.45
CA ARG E 254 8.57 -7.65 -9.60
C ARG E 254 8.78 -8.42 -8.30
N GLY E 255 9.33 -9.62 -8.43
CA GLY E 255 9.63 -10.44 -7.26
C GLY E 255 10.67 -9.80 -6.34
N ILE E 256 11.58 -9.01 -6.92
CA ILE E 256 12.59 -8.29 -6.14
C ILE E 256 11.94 -7.13 -5.38
N ALA E 257 11.13 -6.33 -6.09
CA ALA E 257 10.48 -5.15 -5.47
C ALA E 257 9.52 -5.59 -4.38
N GLU E 258 8.91 -6.75 -4.54
CA GLU E 258 7.87 -7.18 -3.62
C GLU E 258 8.36 -8.18 -2.57
N ASP E 259 9.67 -8.41 -2.49
CA ASP E 259 10.29 -9.36 -1.53
C ASP E 259 9.59 -10.74 -1.60
N ALA E 260 9.44 -11.25 -2.81
CA ALA E 260 8.73 -12.51 -3.01
C ALA E 260 9.61 -13.76 -2.80
N MET E 261 10.92 -13.60 -2.65
CA MET E 261 11.80 -14.76 -2.54
C MET E 261 13.16 -14.40 -2.04
N ASP E 262 13.86 -15.39 -1.53
CA ASP E 262 15.23 -15.23 -1.09
C ASP E 262 16.24 -15.70 -2.14
N CYS E 263 15.85 -16.67 -2.98
CA CYS E 263 16.71 -17.19 -4.06
C CYS E 263 15.85 -17.49 -5.26
N ILE E 264 16.46 -17.67 -6.42
CA ILE E 264 15.70 -18.14 -7.55
C ILE E 264 16.44 -19.30 -8.16
N ASN E 265 15.70 -20.14 -8.87
CA ASN E 265 16.31 -21.12 -9.75
C ASN E 265 16.21 -20.58 -11.15
N LEU E 266 17.31 -20.62 -11.88
CA LEU E 266 17.38 -20.05 -13.21
C LEU E 266 17.59 -21.23 -14.17
N LYS E 267 16.56 -21.54 -14.96
CA LYS E 267 16.67 -22.60 -15.96
C LYS E 267 16.96 -21.97 -17.31
N ILE E 268 18.17 -22.20 -17.79
CA ILE E 268 18.64 -21.47 -18.95
C ILE E 268 17.68 -21.56 -20.16
N SER E 269 17.17 -22.75 -20.49
CA SER E 269 16.32 -22.87 -21.66
C SER E 269 14.90 -22.39 -21.41
N LYS E 270 14.39 -22.60 -20.20
CA LYS E 270 13.06 -22.16 -19.87
C LYS E 270 12.96 -20.62 -20.04
N VAL E 271 14.03 -19.88 -19.76
CA VAL E 271 13.98 -18.41 -19.86
C VAL E 271 14.44 -17.96 -21.23
N GLY E 272 14.77 -18.90 -22.09
CA GLY E 272 14.93 -18.59 -23.49
C GLY E 272 16.37 -18.45 -24.00
N GLY E 273 17.35 -18.94 -23.24
CA GLY E 273 18.74 -18.90 -23.62
C GLY E 273 19.64 -18.12 -22.68
N LEU E 274 20.92 -18.13 -23.01
CA LEU E 274 21.97 -17.46 -22.27
C LEU E 274 21.85 -15.95 -22.24
N THR E 275 21.45 -15.35 -23.35
CA THR E 275 21.27 -13.90 -23.35
C THR E 275 20.30 -13.45 -22.22
N LYS E 276 19.14 -14.11 -22.14
CA LYS E 276 18.16 -13.81 -21.13
C LYS E 276 18.64 -14.22 -19.74
N ALA E 277 19.20 -15.42 -19.62
CA ALA E 277 19.67 -15.92 -18.33
C ALA E 277 20.72 -15.00 -17.76
N LYS E 278 21.63 -14.53 -18.62
CA LYS E 278 22.68 -13.62 -18.19
C LYS E 278 22.11 -12.32 -17.62
N LEU E 279 21.12 -11.74 -18.31
CA LEU E 279 20.47 -10.55 -17.81
C LEU E 279 19.90 -10.80 -16.40
N MET E 280 19.22 -11.92 -16.21
CA MET E 280 18.59 -12.18 -14.93
C MET E 280 19.64 -12.40 -13.86
N ARG E 281 20.73 -13.03 -14.28
CA ARG E 281 21.83 -13.35 -13.38
C ARG E 281 22.45 -12.06 -12.89
N ASP E 282 22.71 -11.13 -13.82
CA ASP E 282 23.26 -9.82 -13.42
C ASP E 282 22.31 -9.02 -12.51
N LEU E 283 21.02 -9.14 -12.75
CA LEU E 283 20.02 -8.47 -11.91
C LEU E 283 20.08 -9.03 -10.48
N CYS E 284 20.03 -10.35 -10.38
CA CYS E 284 20.07 -11.01 -9.08
C CYS E 284 21.30 -10.59 -8.28
N ILE E 285 22.47 -10.64 -8.91
CA ILE E 285 23.69 -10.27 -8.23
C ILE E 285 23.55 -8.88 -7.66
N ALA E 286 22.94 -7.99 -8.43
CA ALA E 286 22.77 -6.60 -8.02
C ALA E 286 21.89 -6.49 -6.79
N HIS E 287 21.00 -7.47 -6.57
CA HIS E 287 20.07 -7.38 -5.43
C HIS E 287 20.29 -8.47 -4.39
N GLY E 288 21.49 -9.05 -4.41
CA GLY E 288 21.85 -10.09 -3.45
C GLY E 288 20.98 -11.33 -3.46
N ILE E 289 20.46 -11.69 -4.64
CA ILE E 289 19.62 -12.85 -4.78
C ILE E 289 20.46 -13.98 -5.37
N PRO E 290 20.88 -14.95 -4.53
CA PRO E 290 21.59 -16.13 -5.00
C PRO E 290 20.71 -16.96 -5.91
N MET E 291 21.34 -17.69 -6.84
CA MET E 291 20.61 -18.43 -7.88
C MET E 291 21.07 -19.86 -7.92
N THR E 292 20.16 -20.77 -8.19
CA THR E 292 20.55 -22.10 -8.64
C THR E 292 20.62 -22.02 -10.17
N ILE E 293 21.80 -22.28 -10.74
CA ILE E 293 21.97 -22.20 -12.18
C ILE E 293 21.77 -23.59 -12.74
N GLU E 294 20.70 -23.79 -13.49
CA GLU E 294 20.41 -25.13 -13.97
C GLU E 294 19.74 -25.09 -15.34
N ASP E 295 19.00 -26.14 -15.65
CA ASP E 295 18.15 -26.15 -16.82
C ASP E 295 17.06 -27.20 -16.58
N THR E 296 16.18 -27.41 -17.55
CA THR E 296 15.10 -28.37 -17.35
C THR E 296 15.67 -29.75 -17.19
N TRP E 297 16.63 -30.06 -18.05
CA TRP E 297 17.32 -31.36 -18.05
C TRP E 297 18.32 -31.34 -19.20
N GLY E 298 19.11 -32.40 -19.37
CA GLY E 298 20.01 -32.48 -20.51
C GLY E 298 21.18 -33.42 -20.30
N GLY E 299 22.14 -33.31 -21.21
CA GLY E 299 23.32 -34.17 -21.28
C GLY E 299 24.56 -33.29 -21.18
N ASP E 300 25.60 -33.66 -21.94
CA ASP E 300 26.90 -32.95 -21.91
C ASP E 300 26.84 -31.48 -22.36
N ILE E 301 25.96 -31.18 -23.28
CA ILE E 301 25.99 -29.87 -23.89
C ILE E 301 25.16 -28.93 -23.04
N VAL E 302 24.02 -29.39 -22.55
CA VAL E 302 23.31 -28.65 -21.51
C VAL E 302 24.23 -28.36 -20.29
N THR E 303 24.96 -29.36 -19.83
CA THR E 303 25.83 -29.19 -18.65
C THR E 303 26.94 -28.16 -18.92
N ALA E 304 27.42 -28.09 -20.15
CA ALA E 304 28.49 -27.15 -20.45
C ALA E 304 27.96 -25.71 -20.32
N ALA E 305 26.76 -25.45 -20.82
CA ALA E 305 26.15 -24.10 -20.73
C ALA E 305 25.96 -23.67 -19.29
N ILE E 306 25.46 -24.58 -18.48
CA ILE E 306 25.26 -24.38 -17.07
C ILE E 306 26.57 -23.97 -16.41
N ALA E 307 27.62 -24.77 -16.62
CA ALA E 307 28.89 -24.57 -15.94
C ALA E 307 29.53 -23.23 -16.31
N HIS E 308 29.40 -22.84 -17.57
CA HIS E 308 29.93 -21.53 -17.99
C HIS E 308 29.16 -20.35 -17.40
N LEU E 309 27.83 -20.43 -17.32
CA LEU E 309 27.09 -19.33 -16.75
C LEU E 309 27.45 -19.29 -15.25
N ALA E 310 27.50 -20.47 -14.64
CA ALA E 310 27.78 -20.56 -13.21
C ALA E 310 29.18 -20.06 -12.86
N ARG E 311 30.17 -20.37 -13.67
CA ARG E 311 31.52 -19.96 -13.33
C ARG E 311 31.68 -18.48 -13.40
N SER E 312 30.82 -17.83 -14.17
CA SER E 312 30.87 -16.42 -14.36
C SER E 312 30.04 -15.70 -13.26
N THR E 313 29.55 -16.49 -12.30
CA THR E 313 28.77 -15.97 -11.17
C THR E 313 29.60 -16.12 -9.87
N PRO E 314 29.70 -15.04 -9.08
CA PRO E 314 30.39 -15.19 -7.79
C PRO E 314 29.83 -16.38 -6.93
N SER E 315 30.69 -17.05 -6.18
CA SER E 315 30.28 -18.12 -5.28
C SER E 315 29.15 -17.62 -4.36
N GLU E 316 29.32 -16.41 -3.86
CA GLU E 316 28.36 -15.75 -2.98
C GLU E 316 26.91 -15.83 -3.49
N PHE E 317 26.73 -15.81 -4.81
CA PHE E 317 25.42 -15.76 -5.44
C PHE E 317 25.14 -16.99 -6.29
N THR E 318 25.97 -18.02 -6.12
CA THR E 318 25.68 -19.31 -6.65
C THR E 318 25.21 -20.17 -5.51
N PHE E 319 23.92 -20.38 -5.46
CA PHE E 319 23.35 -21.27 -4.46
C PHE E 319 23.78 -22.68 -4.82
N SER E 320 23.66 -23.02 -6.11
CA SER E 320 24.05 -24.32 -6.58
C SER E 320 23.85 -24.39 -8.07
N ALA E 321 24.43 -25.41 -8.67
CA ALA E 321 24.13 -25.80 -10.03
C ALA E 321 23.99 -27.34 -9.96
N THR E 322 23.63 -27.97 -11.06
CA THR E 322 23.69 -29.44 -11.11
C THR E 322 24.34 -29.92 -12.42
N ASP E 323 24.81 -31.16 -12.43
CA ASP E 323 25.58 -31.71 -13.52
C ASP E 323 24.78 -32.85 -14.18
N PHE E 324 23.84 -32.46 -15.07
CA PHE E 324 22.90 -33.41 -15.68
C PHE E 324 23.63 -34.56 -16.40
N ASN E 325 24.78 -34.33 -16.98
CA ASN E 325 25.46 -35.45 -17.65
C ASN E 325 25.68 -36.70 -16.78
N SER E 326 25.97 -36.54 -15.49
CA SER E 326 26.21 -37.70 -14.63
C SER E 326 24.92 -38.44 -14.24
N TYR E 327 23.77 -37.87 -14.58
CA TYR E 327 22.51 -38.56 -14.28
C TYR E 327 22.17 -39.59 -15.36
N GLY E 328 22.84 -39.49 -16.49
CA GLY E 328 22.52 -40.31 -17.65
C GLY E 328 23.62 -41.30 -18.00
N THR E 329 23.38 -42.16 -18.98
CA THR E 329 24.42 -43.12 -19.37
C THR E 329 24.98 -42.85 -20.77
N VAL E 330 24.38 -41.93 -21.52
CA VAL E 330 24.79 -41.69 -22.89
C VAL E 330 25.55 -40.38 -23.02
N ASP E 331 26.79 -40.46 -23.48
CA ASP E 331 27.62 -39.27 -23.72
C ASP E 331 27.41 -38.70 -25.13
N ILE E 332 27.19 -37.39 -25.22
CA ILE E 332 26.90 -36.81 -26.53
C ILE E 332 27.96 -35.80 -26.94
N ALA E 333 28.93 -35.59 -26.06
CA ALA E 333 29.96 -34.60 -26.35
C ALA E 333 31.23 -34.86 -25.55
N GLU E 334 32.36 -34.51 -26.15
CA GLU E 334 33.64 -34.55 -25.49
C GLU E 334 33.94 -33.15 -24.99
N GLY E 335 34.77 -33.09 -23.94
CA GLY E 335 35.21 -31.84 -23.35
C GLY E 335 34.22 -31.22 -22.36
N ALA E 336 33.26 -32.01 -21.90
CA ALA E 336 32.23 -31.52 -21.01
C ALA E 336 32.71 -31.45 -19.53
N PRO E 337 32.07 -30.62 -18.72
CA PRO E 337 32.44 -30.52 -17.30
C PRO E 337 32.19 -31.83 -16.60
N LYS E 338 32.96 -32.10 -15.55
CA LYS E 338 32.90 -33.37 -14.85
C LYS E 338 32.89 -33.02 -13.39
N ARG E 339 32.31 -33.89 -12.59
CA ARG E 339 32.13 -33.62 -11.20
C ARG E 339 33.24 -34.27 -10.36
N VAL E 340 33.79 -33.49 -9.44
CA VAL E 340 34.79 -33.95 -8.51
C VAL E 340 34.42 -33.47 -7.12
N ASN E 341 34.23 -34.43 -6.21
N ASN E 341 34.24 -34.42 -6.21
CA ASN E 341 33.85 -34.17 -4.84
CA ASN E 341 33.80 -34.16 -4.84
C ASN E 341 32.71 -33.13 -4.73
C ASN E 341 32.72 -33.09 -4.76
N GLY E 342 31.66 -33.30 -5.54
CA GLY E 342 30.46 -32.50 -5.45
C GLY E 342 30.50 -31.13 -6.12
N ARG E 343 31.52 -30.92 -6.96
CA ARG E 343 31.74 -29.63 -7.56
C ARG E 343 32.11 -29.84 -9.04
N MET E 344 31.86 -28.82 -9.83
CA MET E 344 32.04 -28.93 -11.28
C MET E 344 33.00 -27.86 -11.76
N THR E 345 33.91 -28.17 -12.67
CA THR E 345 34.59 -27.07 -13.39
C THR E 345 34.67 -27.28 -14.93
N THR E 346 35.15 -26.26 -15.63
CA THR E 346 35.29 -26.32 -17.05
C THR E 346 36.75 -26.15 -17.45
N SER E 347 37.01 -26.41 -18.73
CA SER E 347 38.28 -26.02 -19.34
C SER E 347 38.25 -24.56 -19.76
N ASP E 348 39.35 -24.07 -20.29
CA ASP E 348 39.39 -22.68 -20.74
C ASP E 348 39.27 -22.62 -22.28
N LEU E 349 38.66 -23.65 -22.86
CA LEU E 349 38.54 -23.70 -24.31
C LEU E 349 37.38 -22.83 -24.78
N PRO E 350 37.44 -22.39 -26.03
CA PRO E 350 36.54 -21.38 -26.61
C PRO E 350 35.09 -21.85 -26.69
N GLY E 351 34.17 -20.91 -26.57
CA GLY E 351 32.75 -21.23 -26.53
C GLY E 351 32.43 -22.15 -25.36
N LEU E 352 31.55 -23.11 -25.63
CA LEU E 352 31.12 -24.09 -24.62
C LEU E 352 32.21 -25.07 -24.28
N GLY E 353 33.25 -25.11 -25.12
CA GLY E 353 34.40 -25.95 -24.87
C GLY E 353 34.17 -27.39 -25.27
N ILE E 354 33.05 -27.67 -25.93
CA ILE E 354 32.67 -29.07 -26.23
C ILE E 354 32.66 -29.42 -27.73
N THR E 355 32.74 -30.72 -28.00
CA THR E 355 32.79 -31.27 -29.36
C THR E 355 31.82 -32.41 -29.46
N PRO E 356 30.77 -32.23 -30.27
CA PRO E 356 29.75 -33.28 -30.35
C PRO E 356 30.33 -34.62 -30.82
N ILE E 357 29.72 -35.70 -30.34
CA ILE E 357 30.03 -37.05 -30.80
C ILE E 357 28.94 -37.46 -31.82
N PHE E 358 29.21 -37.25 -33.10
CA PHE E 358 28.17 -37.38 -34.13
C PHE E 358 27.62 -38.79 -34.32
N ASP E 359 28.41 -39.78 -33.93
CA ASP E 359 28.00 -41.17 -33.96
C ASP E 359 26.80 -41.46 -33.05
N VAL E 360 26.72 -40.80 -31.89
CA VAL E 360 25.59 -41.02 -31.01
C VAL E 360 24.45 -40.08 -31.41
N LEU E 361 24.80 -38.95 -32.02
CA LEU E 361 23.76 -37.99 -32.43
C LEU E 361 22.95 -38.50 -33.61
N GLY E 362 23.56 -39.36 -34.42
CA GLY E 362 22.88 -39.88 -35.58
C GLY E 362 22.59 -38.82 -36.63
N GLU E 363 21.68 -39.15 -37.52
CA GLU E 363 21.32 -38.29 -38.65
C GLU E 363 20.43 -37.16 -38.23
N PRO E 364 20.64 -35.97 -38.80
CA PRO E 364 19.73 -34.88 -38.40
C PRO E 364 18.30 -35.19 -38.79
N VAL E 365 17.37 -35.18 -37.83
CA VAL E 365 15.95 -35.34 -38.16
C VAL E 365 15.38 -34.12 -38.92
N ALA E 366 16.17 -33.06 -39.04
CA ALA E 366 15.72 -31.90 -39.83
C ALA E 366 16.91 -31.03 -40.26
N ARG E 367 16.82 -30.48 -41.46
CA ARG E 367 17.80 -29.54 -41.96
C ARG E 367 17.12 -28.30 -42.47
N TYR E 368 17.76 -27.17 -42.22
CA TYR E 368 17.29 -25.89 -42.72
C TYR E 368 18.47 -25.15 -43.35
N SER E 369 18.31 -24.70 -44.59
CA SER E 369 19.44 -24.06 -45.28
C SER E 369 19.00 -23.21 -46.44
N HIS F 2 -38.01 24.65 30.18
CA HIS F 2 -36.60 24.96 29.79
C HIS F 2 -35.75 25.34 31.01
N MET F 3 -35.14 24.30 31.59
CA MET F 3 -34.17 24.35 32.69
C MET F 3 -32.93 25.21 32.36
N LYS F 4 -32.31 25.78 33.39
CA LYS F 4 -31.11 26.59 33.20
C LYS F 4 -30.10 26.28 34.29
N ILE F 5 -28.82 26.37 33.95
CA ILE F 5 -27.77 26.17 34.93
C ILE F 5 -27.65 27.45 35.74
N THR F 6 -27.70 27.33 37.07
CA THR F 6 -27.60 28.47 37.96
C THR F 6 -26.27 28.53 38.72
N ALA F 7 -25.60 27.38 38.86
CA ALA F 7 -24.32 27.29 39.59
C ALA F 7 -23.57 26.00 39.28
N ILE F 8 -22.25 26.11 39.20
CA ILE F 8 -21.38 24.96 39.16
C ILE F 8 -20.45 25.01 40.37
N ASN F 9 -20.49 23.97 41.19
CA ASN F 9 -19.64 23.87 42.36
C ASN F 9 -18.64 22.73 42.19
N VAL F 10 -17.42 22.94 42.69
CA VAL F 10 -16.34 21.99 42.56
C VAL F 10 -15.85 21.57 43.91
N PHE F 11 -15.92 20.28 44.20
CA PHE F 11 -15.48 19.77 45.49
C PHE F 11 -14.16 19.03 45.31
N GLN F 12 -13.37 18.93 46.38
CA GLN F 12 -12.13 18.16 46.36
C GLN F 12 -12.17 17.13 47.48
N VAL F 13 -11.88 15.88 47.14
CA VAL F 13 -11.93 14.84 48.15
C VAL F 13 -10.73 13.91 47.99
N ASP F 14 -10.05 13.60 49.10
CA ASP F 14 -8.94 12.66 49.13
C ASP F 14 -9.50 11.23 49.11
N LEU F 15 -8.90 10.37 48.33
CA LEU F 15 -9.32 8.97 48.26
C LEU F 15 -8.13 8.09 48.52
N PRO F 16 -7.97 7.61 49.78
CA PRO F 16 -6.90 6.68 50.13
C PRO F 16 -7.15 5.32 49.54
N LEU F 17 -6.12 4.48 49.52
CA LEU F 17 -6.21 3.14 48.97
C LEU F 17 -6.21 2.09 50.07
N ARG F 18 -7.01 1.04 49.90
CA ARG F 18 -6.96 -0.10 50.81
C ARG F 18 -5.54 -0.64 50.96
N GLU F 19 -4.88 -0.88 49.81
CA GLU F 19 -3.52 -1.43 49.76
C GLU F 19 -2.43 -0.44 50.18
N GLY F 20 -2.81 0.80 50.46
CA GLY F 20 -1.85 1.81 50.87
C GLY F 20 -1.03 2.46 49.75
N ARG F 21 -0.86 1.78 48.63
CA ARG F 21 -0.10 2.34 47.49
C ARG F 21 -0.44 1.66 46.17
N TYR F 22 -0.44 2.44 45.09
CA TYR F 22 -0.65 1.90 43.75
C TYR F 22 0.49 2.34 42.84
N SER F 23 1.11 1.38 42.16
CA SER F 23 2.34 1.64 41.39
C SER F 23 2.17 1.15 39.96
N TRP F 24 2.70 1.90 39.02
CA TRP F 24 2.62 1.49 37.61
C TRP F 24 3.91 1.83 36.84
N SER F 25 3.85 1.83 35.51
CA SER F 25 5.00 2.10 34.64
C SER F 25 5.84 3.33 35.02
N ASN F 26 7.11 3.29 34.67
CA ASN F 26 8.05 4.40 34.89
C ASN F 26 8.28 4.72 36.36
N GLY F 27 8.16 3.73 37.25
CA GLY F 27 8.36 3.95 38.68
C GLY F 27 7.28 4.81 39.33
N ASN F 28 6.24 5.17 38.57
CA ASN F 28 5.13 5.98 39.09
C ASN F 28 4.37 5.29 40.23
N PHE F 29 3.85 6.10 41.15
CA PHE F 29 3.05 5.57 42.25
C PHE F 29 2.24 6.65 42.93
N VAL F 30 1.17 6.22 43.58
CA VAL F 30 0.35 7.12 44.37
C VAL F 30 -0.10 6.41 45.67
N GLU F 31 -0.30 7.19 46.73
CA GLU F 31 -0.82 6.65 47.97
C GLU F 31 -2.22 7.18 48.27
N VAL F 32 -2.46 8.46 47.95
CA VAL F 32 -3.76 9.07 48.19
C VAL F 32 -4.17 9.85 46.95
N PHE F 33 -5.29 9.46 46.35
CA PHE F 33 -5.81 10.09 45.14
C PHE F 33 -6.56 11.37 45.44
N ASP F 34 -6.39 12.34 44.54
CA ASP F 34 -7.04 13.64 44.63
C ASP F 34 -8.15 13.72 43.61
N SER F 35 -9.36 13.46 44.07
CA SER F 35 -10.52 13.43 43.21
C SER F 35 -11.30 14.74 43.25
N THR F 36 -12.00 15.04 42.16
CA THR F 36 -12.87 16.19 42.07
C THR F 36 -14.30 15.73 41.82
N VAL F 37 -15.22 16.34 42.54
CA VAL F 37 -16.65 16.13 42.30
C VAL F 37 -17.28 17.45 41.91
N VAL F 38 -18.08 17.38 40.88
CA VAL F 38 -18.71 18.54 40.30
C VAL F 38 -20.20 18.46 40.55
N GLU F 39 -20.79 19.58 40.95
CA GLU F 39 -22.23 19.68 41.13
C GLU F 39 -22.77 20.77 40.23
N ILE F 40 -23.78 20.43 39.44
CA ILE F 40 -24.46 21.41 38.61
C ILE F 40 -25.87 21.64 39.16
N GLU F 41 -26.16 22.90 39.46
CA GLU F 41 -27.46 23.27 40.01
C GLU F 41 -28.33 23.90 38.95
N THR F 42 -29.63 23.66 39.01
CA THR F 42 -30.53 24.34 38.08
C THR F 42 -31.58 25.18 38.81
N ASP F 43 -32.16 26.14 38.09
CA ASP F 43 -33.28 26.90 38.60
C ASP F 43 -34.60 26.12 38.53
N GLU F 44 -34.54 24.79 38.55
CA GLU F 44 -35.72 23.98 38.59
C GLU F 44 -35.55 22.96 39.71
N GLY F 45 -34.61 23.23 40.62
CA GLY F 45 -34.37 22.37 41.77
C GLY F 45 -33.31 21.29 41.54
N LEU F 46 -33.51 20.49 40.51
CA LEU F 46 -32.65 19.35 40.21
C LEU F 46 -31.16 19.69 40.14
N LYS F 47 -30.33 18.72 40.52
CA LYS F 47 -28.88 18.84 40.44
C LYS F 47 -28.30 17.59 39.80
N GLY F 48 -27.22 17.78 39.04
CA GLY F 48 -26.47 16.66 38.50
C GLY F 48 -25.07 16.59 39.07
N TYR F 49 -24.52 15.39 39.13
CA TYR F 49 -23.21 15.18 39.72
C TYR F 49 -22.29 14.37 38.82
N ALA F 50 -20.99 14.53 39.00
CA ALA F 50 -20.01 13.67 38.35
C ALA F 50 -18.70 13.77 39.08
N GLU F 51 -17.84 12.80 38.85
CA GLU F 51 -16.58 12.78 39.56
C GLU F 51 -15.50 12.55 38.54
N CYS F 52 -14.35 13.18 38.74
CA CYS F 52 -13.20 12.98 37.86
C CYS F 52 -11.90 12.87 38.68
N CYS F 53 -11.13 11.81 38.44
CA CYS F 53 -9.93 11.53 39.23
C CYS F 53 -8.78 11.00 38.38
N PRO F 54 -8.04 11.89 37.73
CA PRO F 54 -6.96 11.42 36.87
C PRO F 54 -5.80 10.86 37.70
N LEU F 55 -4.93 10.04 37.10
CA LEU F 55 -3.81 9.49 37.86
C LEU F 55 -2.84 10.60 38.28
N SER F 62 -0.87 17.91 40.48
CA SER F 62 -0.36 17.48 39.17
C SER F 62 -1.54 17.53 38.17
N TYR F 63 -2.37 16.49 38.13
CA TYR F 63 -3.47 16.41 37.17
C TYR F 63 -4.78 16.94 37.74
N ALA F 64 -4.99 16.75 39.04
CA ALA F 64 -6.20 17.24 39.71
C ALA F 64 -6.26 18.77 39.73
N LEU F 65 -5.11 19.41 39.91
CA LEU F 65 -5.03 20.88 39.79
C LEU F 65 -5.40 21.31 38.37
N GLY F 66 -4.99 20.50 37.40
CA GLY F 66 -5.30 20.75 36.02
C GLY F 66 -6.79 20.66 35.81
N VAL F 67 -7.42 19.64 36.38
CA VAL F 67 -8.87 19.48 36.23
C VAL F 67 -9.58 20.72 36.75
N ARG F 68 -9.29 21.06 38.00
CA ARG F 68 -10.04 22.10 38.64
C ARG F 68 -9.75 23.45 38.02
N SER F 69 -8.55 23.66 37.50
CA SER F 69 -8.32 24.95 36.83
C SER F 69 -8.94 24.94 35.44
N GLY F 70 -9.06 23.77 34.82
CA GLY F 70 -9.83 23.66 33.62
C GLY F 70 -11.29 24.04 33.84
N LEU F 71 -11.90 23.53 34.90
CA LEU F 71 -13.28 23.87 35.20
C LEU F 71 -13.38 25.35 35.51
N GLN F 72 -12.34 25.87 36.14
CA GLN F 72 -12.27 27.28 36.40
C GLN F 72 -12.52 28.08 35.11
N GLU F 73 -11.89 27.69 34.00
CA GLU F 73 -12.11 28.42 32.76
C GLU F 73 -13.48 28.10 32.13
N LEU F 74 -13.89 26.85 32.26
CA LEU F 74 -15.11 26.38 31.61
C LEU F 74 -16.37 26.93 32.23
N ALA F 75 -16.48 26.79 33.54
CA ALA F 75 -17.74 27.02 34.26
C ALA F 75 -18.47 28.36 33.96
N PRO F 76 -17.74 29.49 33.91
CA PRO F 76 -18.42 30.77 33.63
C PRO F 76 -19.10 30.83 32.25
N HIS F 77 -18.61 30.09 31.25
CA HIS F 77 -19.28 30.08 29.97
C HIS F 77 -20.60 29.31 30.03
N LEU F 78 -20.79 28.54 31.11
CA LEU F 78 -21.90 27.58 31.18
C LEU F 78 -23.10 28.08 31.98
N ILE F 79 -22.84 29.01 32.87
CA ILE F 79 -23.92 29.64 33.64
C ILE F 79 -25.00 30.18 32.67
N GLY F 80 -26.25 29.75 32.88
CA GLY F 80 -27.36 30.16 32.04
C GLY F 80 -27.70 29.17 30.92
N LYS F 81 -26.79 28.24 30.63
CA LYS F 81 -27.01 27.31 29.55
C LYS F 81 -28.02 26.23 29.96
N ASP F 82 -28.62 25.61 28.96
CA ASP F 82 -29.56 24.50 29.15
C ASP F 82 -28.77 23.20 29.29
N PRO F 83 -28.80 22.60 30.49
CA PRO F 83 -27.97 21.41 30.73
C PRO F 83 -28.51 20.18 30.02
N LEU F 84 -29.79 20.22 29.64
CA LEU F 84 -30.37 19.08 28.93
C LEU F 84 -29.95 19.04 27.47
N ASN F 85 -29.40 20.15 26.95
CA ASN F 85 -28.92 20.20 25.58
C ASN F 85 -27.45 19.81 25.59
N ILE F 86 -27.17 18.51 25.62
CA ILE F 86 -25.82 18.06 25.91
C ILE F 86 -24.87 18.42 24.77
N GLY F 87 -25.41 18.48 23.55
CA GLY F 87 -24.65 18.92 22.39
C GLY F 87 -24.20 20.37 22.48
N GLU F 88 -25.09 21.23 22.96
CA GLU F 88 -24.77 22.63 23.05
C GLU F 88 -23.77 22.88 24.20
N ILE F 89 -23.93 22.15 25.31
CA ILE F 89 -23.03 22.27 26.45
C ILE F 89 -21.61 21.98 25.99
N ASN F 90 -21.48 20.88 25.25
CA ASN F 90 -20.20 20.46 24.76
C ASN F 90 -19.64 21.42 23.73
N ARG F 91 -20.50 21.96 22.85
CA ARG F 91 -20.03 22.94 21.86
C ARG F 91 -19.50 24.19 22.58
N VAL F 92 -20.18 24.60 23.65
CA VAL F 92 -19.75 25.77 24.40
C VAL F 92 -18.42 25.52 25.05
N MET F 93 -18.29 24.35 25.67
CA MET F 93 -17.04 23.96 26.29
C MET F 93 -15.93 23.96 25.26
N ASP F 94 -16.15 23.33 24.10
CA ASP F 94 -15.11 23.29 23.09
C ASP F 94 -14.74 24.69 22.58
N ALA F 95 -15.69 25.62 22.60
CA ALA F 95 -15.41 26.97 22.10
C ALA F 95 -14.46 27.72 23.03
N ALA F 96 -14.55 27.40 24.33
CA ALA F 96 -13.74 28.05 25.36
C ALA F 96 -12.34 27.46 25.49
N LEU F 97 -12.25 26.14 25.37
CA LEU F 97 -11.04 25.42 25.74
C LEU F 97 -10.76 24.30 24.73
N ARG F 98 -9.61 24.38 24.07
CA ARG F 98 -9.14 23.33 23.19
C ARG F 98 -8.53 22.24 24.06
N GLY F 99 -8.90 20.99 23.84
CA GLY F 99 -8.48 19.86 24.66
C GLY F 99 -9.11 19.84 26.07
N HIS F 100 -8.30 19.46 27.06
CA HIS F 100 -8.74 19.39 28.45
C HIS F 100 -9.97 18.48 28.66
N PRO F 101 -9.88 17.22 28.17
CA PRO F 101 -10.94 16.23 28.38
C PRO F 101 -11.30 15.98 29.85
N TYR F 102 -10.33 15.98 30.76
CA TYR F 102 -10.61 15.68 32.18
C TYR F 102 -11.48 16.74 32.83
N ALA F 103 -11.42 17.97 32.33
CA ALA F 103 -12.23 19.05 32.88
C ALA F 103 -13.61 19.06 32.23
N LYS F 104 -13.63 18.71 30.95
CA LYS F 104 -14.88 18.66 30.22
C LYS F 104 -15.71 17.46 30.64
N ALA F 105 -15.05 16.36 30.99
CA ALA F 105 -15.77 15.09 31.23
C ALA F 105 -16.84 15.17 32.31
N PRO F 106 -16.50 15.72 33.47
CA PRO F 106 -17.53 15.72 34.51
C PRO F 106 -18.69 16.71 34.27
N ILE F 107 -18.48 17.73 33.46
CA ILE F 107 -19.56 18.64 33.06
C ILE F 107 -20.49 17.80 32.21
N ASP F 108 -19.91 17.10 31.23
CA ASP F 108 -20.71 16.26 30.35
C ASP F 108 -21.52 15.23 31.16
N ILE F 109 -20.86 14.53 32.07
CA ILE F 109 -21.49 13.46 32.85
C ILE F 109 -22.59 14.02 33.77
N ALA F 110 -22.32 15.17 34.36
CA ALA F 110 -23.27 15.79 35.26
C ALA F 110 -24.54 16.19 34.47
N CYS F 111 -24.36 16.69 33.25
CA CYS F 111 -25.53 16.97 32.39
C CYS F 111 -26.28 15.70 31.97
N TRP F 112 -25.57 14.61 31.69
CA TRP F 112 -26.24 13.31 31.52
C TRP F 112 -27.07 12.95 32.79
N ASP F 113 -26.46 13.07 33.96
CA ASP F 113 -27.13 12.81 35.23
C ASP F 113 -28.42 13.66 35.32
N LEU F 114 -28.34 14.95 35.00
CA LEU F 114 -29.52 15.82 35.02
C LEU F 114 -30.59 15.38 34.04
N LEU F 115 -30.16 14.90 32.86
CA LEU F 115 -31.09 14.48 31.83
C LEU F 115 -31.83 13.25 32.34
N GLY F 116 -31.09 12.38 33.01
CA GLY F 116 -31.67 11.20 33.63
C GLY F 116 -32.71 11.64 34.64
N LYS F 117 -32.35 12.63 35.46
CA LYS F 117 -33.27 13.13 36.48
C LYS F 117 -34.48 13.84 35.86
N ALA F 118 -34.28 14.67 34.83
CA ALA F 118 -35.40 15.37 34.18
C ALA F 118 -36.37 14.46 33.45
N THR F 119 -35.97 13.22 33.14
CA THR F 119 -36.78 12.30 32.31
C THR F 119 -37.25 11.04 33.03
N GLY F 120 -36.81 10.85 34.26
CA GLY F 120 -37.19 9.67 35.00
C GLY F 120 -36.54 8.40 34.48
N GLN F 121 -35.32 8.50 33.96
CA GLN F 121 -34.67 7.35 33.34
C GLN F 121 -33.26 7.13 33.87
N PRO F 122 -32.92 5.88 34.19
CA PRO F 122 -31.53 5.62 34.58
C PRO F 122 -30.61 5.81 33.36
N LEU F 123 -29.35 6.20 33.57
CA LEU F 123 -28.43 6.49 32.46
C LEU F 123 -28.33 5.40 31.40
N TYR F 124 -28.38 4.14 31.80
CA TYR F 124 -28.18 3.06 30.84
C TYR F 124 -29.28 3.08 29.79
N THR F 125 -30.47 3.58 30.16
CA THR F 125 -31.55 3.61 29.20
C THR F 125 -31.25 4.73 28.22
N LEU F 126 -30.87 5.89 28.74
CA LEU F 126 -30.53 7.01 27.87
C LEU F 126 -29.30 6.76 27.00
N LEU F 127 -28.39 5.91 27.48
CA LEU F 127 -27.20 5.54 26.72
C LEU F 127 -27.54 4.55 25.59
N GLY F 128 -28.80 4.13 25.47
CA GLY F 128 -29.17 3.21 24.42
C GLY F 128 -29.94 1.97 24.84
N GLY F 129 -30.04 1.75 26.16
CA GLY F 129 -30.81 0.64 26.69
C GLY F 129 -29.97 -0.42 27.38
N ALA F 130 -30.57 -1.11 28.36
CA ALA F 130 -29.88 -2.18 29.09
C ALA F 130 -29.60 -3.38 28.22
N ALA F 131 -28.32 -3.68 28.04
CA ALA F 131 -27.90 -4.87 27.35
C ALA F 131 -27.43 -5.98 28.29
N GLN F 132 -27.26 -5.66 29.57
CA GLN F 132 -26.73 -6.59 30.57
C GLN F 132 -27.34 -6.29 31.91
N ASP F 133 -27.71 -7.34 32.62
CA ASP F 133 -28.15 -7.28 34.00
C ASP F 133 -27.05 -6.83 34.95
N ASP F 134 -25.87 -7.40 34.78
CA ASP F 134 -24.72 -7.00 35.58
C ASP F 134 -23.45 -7.20 34.77
N VAL F 135 -22.31 -6.73 35.28
CA VAL F 135 -21.09 -6.73 34.46
C VAL F 135 -19.87 -7.36 35.13
N ALA F 136 -19.05 -8.01 34.32
CA ALA F 136 -17.84 -8.68 34.77
C ALA F 136 -16.79 -7.63 35.18
N LEU F 137 -16.10 -7.87 36.29
CA LEU F 137 -15.06 -6.95 36.76
C LEU F 137 -13.69 -7.59 36.65
N TYR F 138 -12.65 -6.79 36.45
CA TYR F 138 -11.29 -7.27 36.65
C TYR F 138 -10.68 -6.52 37.82
N ARG F 139 -9.57 -7.01 38.34
CA ARG F 139 -8.83 -6.29 39.35
C ARG F 139 -7.44 -5.85 38.83
N ALA F 140 -7.16 -4.55 38.90
CA ALA F 140 -5.81 -4.00 38.67
C ALA F 140 -4.82 -4.45 39.75
N ILE F 141 -3.66 -4.96 39.33
CA ILE F 141 -2.63 -5.47 40.25
C ILE F 141 -1.39 -4.57 40.17
N SER F 142 -1.08 -3.92 41.28
CA SER F 142 0.01 -2.96 41.39
C SER F 142 1.39 -3.55 41.05
N GLN F 143 2.23 -2.71 40.42
CA GLN F 143 3.59 -3.08 40.10
C GLN F 143 4.47 -3.24 41.34
N GLU F 144 4.64 -4.47 41.82
CA GLU F 144 5.59 -4.82 42.89
C GLU F 144 6.48 -6.05 42.53
N ALA F 145 7.11 -6.66 43.53
CA ALA F 145 7.83 -7.92 43.29
C ALA F 145 6.89 -8.99 42.73
N PRO F 146 7.44 -9.86 41.85
CA PRO F 146 6.64 -10.95 41.25
C PRO F 146 5.81 -11.72 42.29
N GLU F 147 6.43 -12.16 43.41
CA GLU F 147 5.75 -12.99 44.39
C GLU F 147 4.70 -12.24 45.15
N ILE F 148 4.90 -10.94 45.38
CA ILE F 148 3.88 -10.14 46.08
C ILE F 148 2.66 -9.95 45.19
N MET F 149 2.90 -9.79 43.89
CA MET F 149 1.81 -9.69 42.93
C MET F 149 1.07 -11.02 42.73
N ALA F 150 1.80 -12.13 42.70
CA ALA F 150 1.20 -13.46 42.59
C ALA F 150 0.34 -13.75 43.83
N LYS F 151 0.74 -13.20 44.97
CA LYS F 151 0.00 -13.37 46.21
C LYS F 151 -1.26 -12.46 46.29
N LYS F 152 -1.13 -11.18 45.92
CA LYS F 152 -2.32 -10.31 45.92
C LYS F 152 -3.36 -10.74 44.88
N ILE F 153 -2.89 -11.18 43.71
CA ILE F 153 -3.79 -11.67 42.65
C ILE F 153 -4.59 -12.90 43.19
N GLU F 154 -3.87 -13.87 43.76
CA GLU F 154 -4.46 -15.04 44.41
C GLU F 154 -5.63 -14.72 45.36
N GLY F 155 -5.42 -13.76 46.27
CA GLY F 155 -6.47 -13.33 47.19
C GLY F 155 -7.67 -12.68 46.50
N TYR F 156 -7.42 -11.82 45.52
CA TYR F 156 -8.50 -11.22 44.73
C TYR F 156 -9.29 -12.25 43.90
N ALA F 157 -8.61 -13.27 43.37
CA ALA F 157 -9.34 -14.36 42.72
C ALA F 157 -10.25 -15.01 43.74
N ALA F 158 -9.71 -15.32 44.91
CA ALA F 158 -10.50 -15.91 45.97
C ALA F 158 -11.75 -15.08 46.28
N GLU F 159 -11.69 -13.76 46.13
CA GLU F 159 -12.88 -12.90 46.33
C GLU F 159 -13.90 -13.07 45.22
N GLY F 160 -13.52 -13.72 44.12
CA GLY F 160 -14.46 -14.03 43.05
C GLY F 160 -14.17 -13.32 41.72
N TYR F 161 -13.18 -12.44 41.72
CA TYR F 161 -12.70 -11.84 40.47
C TYR F 161 -12.16 -12.94 39.56
N THR F 162 -12.37 -12.83 38.25
CA THR F 162 -11.87 -13.83 37.32
C THR F 162 -11.14 -13.23 36.11
N LYS F 163 -10.86 -11.93 36.18
CA LYS F 163 -9.99 -11.28 35.20
C LYS F 163 -9.03 -10.32 35.91
N PHE F 164 -7.80 -10.23 35.40
CA PHE F 164 -6.79 -9.34 35.99
C PHE F 164 -5.98 -8.53 34.99
N GLN F 165 -5.59 -7.34 35.45
CA GLN F 165 -4.65 -6.49 34.73
C GLN F 165 -3.41 -6.27 35.57
N LEU F 166 -2.28 -6.85 35.16
CA LEU F 166 -1.00 -6.55 35.78
C LEU F 166 -0.47 -5.21 35.35
N LYS F 167 0.09 -4.47 36.29
CA LYS F 167 0.71 -3.20 35.95
C LYS F 167 2.21 -3.42 35.70
N VAL F 168 2.56 -3.74 34.46
CA VAL F 168 3.94 -3.98 34.08
C VAL F 168 4.46 -2.69 33.42
N GLY F 169 5.34 -2.80 32.43
CA GLY F 169 5.95 -1.62 31.81
C GLY F 169 7.06 -1.04 32.69
N GLY F 170 7.67 -1.91 33.47
CA GLY F 170 8.87 -1.54 34.19
C GLY F 170 10.07 -2.09 33.45
N ASP F 171 10.99 -2.68 34.19
CA ASP F 171 12.17 -3.36 33.63
C ASP F 171 11.73 -4.61 32.94
N ALA F 172 12.27 -4.82 31.75
CA ALA F 172 11.87 -5.91 30.88
C ALA F 172 11.91 -7.22 31.61
N ASN F 173 13.02 -7.49 32.29
CA ASN F 173 13.19 -8.78 32.93
C ASN F 173 12.32 -8.92 34.18
N ASP F 174 12.17 -7.85 34.95
CA ASP F 174 11.22 -7.87 36.06
C ASP F 174 9.83 -8.29 35.56
N ASP F 175 9.43 -7.74 34.40
CA ASP F 175 8.07 -7.91 33.88
C ASP F 175 7.83 -9.31 33.38
N ILE F 176 8.82 -9.88 32.71
CA ILE F 176 8.70 -11.27 32.33
C ILE F 176 8.45 -12.09 33.60
N ASN F 177 9.23 -11.89 34.65
CA ASN F 177 9.01 -12.66 35.88
C ASN F 177 7.61 -12.45 36.47
N ARG F 178 7.15 -11.20 36.45
CA ARG F 178 5.87 -10.84 37.03
C ARG F 178 4.74 -11.62 36.32
N ILE F 179 4.84 -11.69 35.00
CA ILE F 179 3.79 -12.30 34.18
C ILE F 179 3.78 -13.81 34.37
N HIS F 180 4.95 -14.45 34.40
CA HIS F 180 5.00 -15.88 34.67
C HIS F 180 4.46 -16.20 36.05
N ALA F 181 4.88 -15.43 37.05
CA ALA F 181 4.51 -15.72 38.45
C ALA F 181 3.00 -15.60 38.69
N THR F 182 2.37 -14.61 38.08
CA THR F 182 0.92 -14.44 38.24
C THR F 182 0.12 -15.43 37.39
N ARG F 183 0.52 -15.63 36.14
CA ARG F 183 -0.18 -16.58 35.29
C ARG F 183 -0.18 -17.92 36.00
N SER F 184 0.95 -18.28 36.60
CA SER F 184 1.05 -19.57 37.27
C SER F 184 0.05 -19.77 38.38
N VAL F 185 -0.20 -18.76 39.22
CA VAL F 185 -1.08 -18.97 40.38
C VAL F 185 -2.56 -18.84 40.04
N LEU F 186 -2.93 -18.61 38.79
CA LEU F 186 -4.35 -18.50 38.43
C LEU F 186 -4.91 -19.81 37.90
N LYS F 187 -6.22 -19.98 38.02
CA LYS F 187 -6.95 -21.02 37.29
C LYS F 187 -6.77 -20.81 35.78
N LYS F 188 -6.74 -21.89 35.03
CA LYS F 188 -6.68 -21.80 33.58
C LYS F 188 -7.73 -20.87 32.99
N SER F 189 -8.92 -20.82 33.58
CA SER F 189 -10.03 -20.04 33.03
C SER F 189 -10.01 -18.53 33.37
N ASP F 190 -9.20 -18.12 34.34
CA ASP F 190 -9.03 -16.70 34.62
C ASP F 190 -8.32 -16.06 33.41
N LEU F 191 -8.70 -14.82 33.08
CA LEU F 191 -8.02 -14.02 32.08
C LEU F 191 -6.95 -13.15 32.73
N LEU F 192 -5.84 -13.00 32.03
CA LEU F 192 -4.74 -12.21 32.51
C LEU F 192 -4.22 -11.29 31.41
N VAL F 193 -4.29 -9.98 31.71
CA VAL F 193 -3.84 -8.94 30.81
C VAL F 193 -2.55 -8.33 31.39
N ALA F 194 -1.51 -8.26 30.56
CA ALA F 194 -0.26 -7.61 30.93
C ALA F 194 -0.34 -6.21 30.39
N ASP F 195 -0.63 -5.22 31.25
CA ASP F 195 -0.74 -3.81 30.86
C ASP F 195 0.55 -3.00 31.15
N ALA F 196 1.28 -2.65 30.10
CA ALA F 196 2.54 -1.96 30.27
C ALA F 196 2.37 -0.46 30.49
N ASN F 197 1.15 0.04 30.35
CA ASN F 197 0.88 1.51 30.41
C ASN F 197 1.93 2.39 29.75
N THR F 198 2.22 2.07 28.48
CA THR F 198 3.18 2.78 27.67
C THR F 198 4.64 2.62 28.07
N GLY F 199 4.89 1.79 29.08
CA GLY F 199 6.18 1.76 29.70
C GLY F 199 7.37 1.11 28.98
N TRP F 200 7.18 0.61 27.77
CA TRP F 200 8.28 -0.07 27.04
C TRP F 200 8.63 0.69 25.80
N THR F 201 9.91 0.71 25.45
CA THR F 201 10.31 1.06 24.10
C THR F 201 10.09 -0.20 23.26
N ARG F 202 10.20 -0.13 21.94
CA ARG F 202 9.87 -1.35 21.21
C ARG F 202 10.82 -2.53 21.39
N HIS F 203 12.12 -2.30 21.54
CA HIS F 203 13.02 -3.43 21.77
C HIS F 203 12.69 -4.16 23.07
N GLU F 204 12.34 -3.42 24.13
CA GLU F 204 11.89 -4.01 25.40
C GLU F 204 10.59 -4.75 25.23
N ALA F 205 9.67 -4.14 24.49
CA ALA F 205 8.36 -4.73 24.27
C ALA F 205 8.55 -6.06 23.56
N ALA F 206 9.41 -6.08 22.57
CA ALA F 206 9.63 -7.29 21.79
C ALA F 206 10.26 -8.38 22.64
N ARG F 207 11.21 -8.03 23.50
CA ARG F 207 11.81 -9.04 24.39
C ARG F 207 10.75 -9.61 25.34
N VAL F 208 9.89 -8.77 25.93
CA VAL F 208 8.86 -9.29 26.83
C VAL F 208 7.79 -10.14 26.17
N VAL F 209 7.21 -9.69 25.06
CA VAL F 209 6.16 -10.50 24.44
C VAL F 209 6.74 -11.79 23.85
N GLY F 210 8.00 -11.75 23.42
CA GLY F 210 8.70 -12.96 23.06
C GLY F 210 8.85 -13.93 24.23
N ALA F 211 9.24 -13.44 25.39
CA ALA F 211 9.43 -14.31 26.55
C ALA F 211 8.12 -14.73 27.27
N VAL F 212 6.96 -14.30 26.76
CA VAL F 212 5.68 -14.75 27.33
C VAL F 212 4.79 -15.34 26.25
N SER F 213 5.39 -15.58 25.09
CA SER F 213 4.64 -16.12 23.96
C SER F 213 3.90 -17.44 24.25
N SER F 214 4.42 -18.28 25.15
CA SER F 214 3.78 -19.56 25.47
C SER F 214 2.66 -19.45 26.51
N LEU F 215 2.50 -18.28 27.13
CA LEU F 215 1.46 -18.08 28.15
C LEU F 215 0.16 -17.51 27.58
N ASP F 216 -0.93 -17.84 28.24
CA ASP F 216 -2.25 -17.36 27.85
C ASP F 216 -2.48 -16.00 28.47
N VAL F 217 -1.95 -14.98 27.82
CA VAL F 217 -2.06 -13.61 28.30
C VAL F 217 -2.42 -12.67 27.18
N TYR F 218 -2.85 -11.49 27.58
CA TYR F 218 -3.15 -10.38 26.70
C TYR F 218 -2.04 -9.32 26.89
N ILE F 219 -1.67 -8.67 25.81
CA ILE F 219 -0.71 -7.59 25.87
C ILE F 219 -1.48 -6.30 25.68
N GLU F 220 -1.35 -5.39 26.63
CA GLU F 220 -2.00 -4.09 26.53
C GLU F 220 -1.00 -2.94 26.54
N GLN F 221 -1.16 -2.05 25.57
CA GLN F 221 -0.48 -0.77 25.54
C GLN F 221 1.01 -0.84 25.87
N PRO F 222 1.79 -1.55 25.01
CA PRO F 222 3.22 -1.70 25.26
C PRO F 222 4.03 -0.38 25.20
N CYS F 223 3.70 0.55 24.32
CA CYS F 223 4.55 1.71 24.09
C CYS F 223 3.76 3.01 24.16
N LEU F 224 4.48 4.12 24.10
CA LEU F 224 3.91 5.48 24.16
C LEU F 224 3.05 5.88 22.98
N THR F 225 3.50 5.58 21.78
CA THR F 225 2.78 6.02 20.59
C THR F 225 2.05 4.89 19.90
N TYR F 226 1.05 5.26 19.13
CA TYR F 226 0.28 4.31 18.33
C TYR F 226 1.24 3.53 17.41
N GLU F 227 2.16 4.23 16.75
CA GLU F 227 3.06 3.59 15.77
C GLU F 227 3.99 2.57 16.44
N GLU F 228 4.58 2.92 17.58
CA GLU F 228 5.43 1.96 18.30
C GLU F 228 4.64 0.72 18.69
N SER F 229 3.40 0.94 19.14
CA SER F 229 2.60 -0.18 19.62
C SER F 229 2.23 -1.14 18.50
N VAL F 230 1.90 -0.60 17.31
CA VAL F 230 1.55 -1.44 16.17
C VAL F 230 2.74 -2.32 15.75
N SER F 231 3.96 -1.84 16.00
CA SER F 231 5.15 -2.58 15.70
C SER F 231 5.20 -3.84 16.53
N ILE F 232 4.69 -3.76 17.76
CA ILE F 232 4.63 -4.93 18.65
C ILE F 232 3.45 -5.83 18.23
N ARG F 233 2.35 -5.20 17.87
CA ARG F 233 1.15 -5.95 17.47
C ARG F 233 1.45 -6.87 16.28
N ARG F 234 2.16 -6.36 15.28
CA ARG F 234 2.53 -7.18 14.12
C ARG F 234 3.52 -8.32 14.45
N ARG F 235 4.06 -8.36 15.65
CA ARG F 235 5.11 -9.32 15.95
C ARG F 235 4.64 -10.38 16.93
N THR F 236 3.37 -10.34 17.30
CA THR F 236 2.86 -11.31 18.27
C THR F 236 1.53 -11.91 17.84
N ALA F 237 1.35 -13.18 18.19
CA ALA F 237 0.07 -13.85 18.01
C ALA F 237 -0.88 -13.59 19.19
N LEU F 238 -0.37 -13.13 20.32
CA LEU F 238 -1.25 -12.92 21.48
C LEU F 238 -2.30 -11.83 21.19
N PRO F 239 -3.49 -11.95 21.82
CA PRO F 239 -4.52 -10.91 21.68
C PRO F 239 -4.03 -9.58 22.23
N PHE F 240 -4.40 -8.50 21.56
CA PHE F 240 -3.71 -7.23 21.77
C PHE F 240 -4.68 -6.08 22.05
N VAL F 241 -4.32 -5.24 23.02
CA VAL F 241 -5.21 -4.22 23.55
C VAL F 241 -4.53 -2.86 23.52
N LEU F 242 -5.24 -1.84 23.03
CA LEU F 242 -4.77 -0.47 23.09
C LEU F 242 -5.61 0.36 24.06
N ASP F 243 -5.01 1.37 24.68
CA ASP F 243 -5.64 2.07 25.80
C ASP F 243 -5.39 3.55 25.64
N GLU F 244 -4.25 4.01 26.15
CA GLU F 244 -3.90 5.42 26.18
C GLU F 244 -3.92 6.10 24.81
N VAL F 245 -3.53 5.41 23.74
CA VAL F 245 -3.48 6.11 22.45
C VAL F 245 -4.85 6.16 21.77
N ILE F 246 -5.83 5.41 22.28
CA ILE F 246 -7.20 5.51 21.79
C ILE F 246 -7.93 6.60 22.59
N ASP F 247 -7.68 7.87 22.26
CA ASP F 247 -8.21 8.98 23.01
C ASP F 247 -9.53 9.57 22.47
N GLY F 248 -10.14 8.94 21.49
CA GLY F 248 -11.40 9.43 20.99
C GLY F 248 -11.72 8.77 19.66
N PRO F 249 -12.83 9.17 19.04
CA PRO F 249 -13.29 8.46 17.85
C PRO F 249 -12.37 8.53 16.67
N ASN F 250 -11.59 9.58 16.54
CA ASN F 250 -10.71 9.66 15.40
C ASN F 250 -9.58 8.63 15.46
N THR F 251 -8.88 8.55 16.60
CA THR F 251 -7.82 7.52 16.72
C THR F 251 -8.40 6.10 16.71
N LEU F 252 -9.61 5.96 17.23
CA LEU F 252 -10.29 4.69 17.25
C LEU F 252 -10.58 4.20 15.85
N VAL F 253 -11.15 5.09 15.04
CA VAL F 253 -11.39 4.77 13.63
C VAL F 253 -10.12 4.36 12.89
N ARG F 254 -9.05 5.10 13.08
CA ARG F 254 -7.76 4.73 12.49
C ARG F 254 -7.33 3.31 12.93
N GLY F 255 -7.50 3.03 14.21
CA GLY F 255 -7.18 1.74 14.79
C GLY F 255 -8.00 0.60 14.21
N ILE F 256 -9.27 0.88 13.95
CA ILE F 256 -10.17 -0.11 13.39
C ILE F 256 -9.77 -0.36 11.95
N ALA F 257 -9.66 0.71 11.18
CA ALA F 257 -9.28 0.58 9.78
C ALA F 257 -7.92 -0.10 9.60
N GLU F 258 -7.00 0.08 10.55
CA GLU F 258 -5.65 -0.48 10.40
C GLU F 258 -5.38 -1.83 11.10
N ASP F 259 -6.40 -2.39 11.75
CA ASP F 259 -6.27 -3.66 12.48
C ASP F 259 -5.16 -3.52 13.52
N ALA F 260 -5.24 -2.43 14.29
CA ALA F 260 -4.22 -2.13 15.26
C ALA F 260 -4.45 -2.84 16.59
N MET F 261 -5.61 -3.48 16.77
CA MET F 261 -5.95 -4.06 18.07
C MET F 261 -7.18 -4.97 18.05
N ASP F 262 -7.25 -5.83 19.05
CA ASP F 262 -8.32 -6.80 19.15
C ASP F 262 -9.33 -6.29 20.14
N CYS F 263 -8.86 -5.56 21.15
CA CYS F 263 -9.75 -4.93 22.14
C CYS F 263 -9.26 -3.53 22.48
N ILE F 264 -10.11 -2.70 23.07
CA ILE F 264 -9.61 -1.47 23.68
C ILE F 264 -10.04 -1.33 25.15
N ASN F 265 -9.37 -0.38 25.81
CA ASN F 265 -9.77 0.10 27.12
C ASN F 265 -10.37 1.48 26.91
N LEU F 266 -11.55 1.70 27.45
CA LEU F 266 -12.29 2.94 27.23
C LEU F 266 -12.35 3.61 28.57
N LYS F 267 -11.53 4.65 28.74
CA LYS F 267 -11.57 5.46 29.96
C LYS F 267 -12.51 6.68 29.78
N ILE F 268 -13.65 6.66 30.45
CA ILE F 268 -14.69 7.65 30.26
C ILE F 268 -14.23 9.09 30.37
N SER F 269 -13.44 9.43 31.40
CA SER F 269 -13.00 10.82 31.61
C SER F 269 -11.83 11.23 30.70
N LYS F 270 -10.94 10.29 30.42
CA LYS F 270 -9.84 10.54 29.52
C LYS F 270 -10.34 10.91 28.12
N VAL F 271 -11.41 10.27 27.65
CA VAL F 271 -11.93 10.59 26.32
C VAL F 271 -12.89 11.78 26.34
N GLY F 272 -13.14 12.37 27.50
CA GLY F 272 -13.86 13.63 27.54
C GLY F 272 -15.34 13.53 27.84
N GLY F 273 -15.79 12.42 28.41
CA GLY F 273 -17.17 12.35 28.89
C GLY F 273 -17.92 11.15 28.32
N LEU F 274 -19.10 10.90 28.85
CA LEU F 274 -20.01 9.86 28.38
C LEU F 274 -20.51 10.11 26.94
N THR F 275 -20.61 11.36 26.51
CA THR F 275 -21.07 11.62 25.14
C THR F 275 -20.07 11.03 24.13
N LYS F 276 -18.79 11.23 24.38
CA LYS F 276 -17.74 10.62 23.58
C LYS F 276 -17.56 9.14 23.83
N ALA F 277 -17.71 8.72 25.07
CA ALA F 277 -17.54 7.30 25.34
C ALA F 277 -18.60 6.49 24.56
N LYS F 278 -19.84 7.01 24.51
CA LYS F 278 -20.97 6.31 23.87
C LYS F 278 -20.71 6.11 22.36
N LEU F 279 -20.31 7.19 21.69
CA LEU F 279 -19.95 7.12 20.30
C LEU F 279 -18.85 6.03 20.12
N MET F 280 -17.81 6.08 20.96
CA MET F 280 -16.74 5.12 20.84
C MET F 280 -17.26 3.71 21.06
N ARG F 281 -18.07 3.52 22.09
CA ARG F 281 -18.69 2.24 22.32
C ARG F 281 -19.47 1.71 21.10
N ASP F 282 -20.26 2.57 20.47
CA ASP F 282 -21.08 2.14 19.33
C ASP F 282 -20.20 1.73 18.13
N LEU F 283 -19.13 2.48 17.91
CA LEU F 283 -18.18 2.15 16.86
C LEU F 283 -17.50 0.80 17.08
N CYS F 284 -17.12 0.52 18.33
CA CYS F 284 -16.48 -0.74 18.67
C CYS F 284 -17.41 -1.93 18.49
N ILE F 285 -18.63 -1.80 18.97
CA ILE F 285 -19.65 -2.84 18.75
C ILE F 285 -19.80 -3.13 17.24
N ALA F 286 -19.96 -2.10 16.43
CA ALA F 286 -20.10 -2.30 14.98
C ALA F 286 -18.93 -3.08 14.38
N HIS F 287 -17.74 -2.88 14.91
CA HIS F 287 -16.56 -3.55 14.33
C HIS F 287 -16.02 -4.73 15.14
N GLY F 288 -16.83 -5.26 16.06
CA GLY F 288 -16.49 -6.48 16.75
C GLY F 288 -15.40 -6.29 17.77
N ILE F 289 -15.30 -5.10 18.35
CA ILE F 289 -14.18 -4.82 19.24
C ILE F 289 -14.60 -4.72 20.72
N PRO F 290 -14.26 -5.73 21.50
CA PRO F 290 -14.65 -5.68 22.92
C PRO F 290 -13.90 -4.61 23.72
N MET F 291 -14.55 -4.10 24.77
CA MET F 291 -14.03 -2.97 25.53
C MET F 291 -13.95 -3.27 27.00
N THR F 292 -12.89 -2.77 27.61
CA THR F 292 -12.85 -2.66 29.06
C THR F 292 -13.37 -1.29 29.36
N ILE F 293 -14.54 -1.24 29.99
CA ILE F 293 -15.16 0.01 30.33
C ILE F 293 -14.65 0.43 31.69
N GLU F 294 -13.97 1.57 31.76
CA GLU F 294 -13.38 1.99 33.02
C GLU F 294 -13.18 3.51 33.08
N ASP F 295 -12.22 3.94 33.88
CA ASP F 295 -11.76 5.35 33.94
C ASP F 295 -10.32 5.33 34.48
N THR F 296 -9.71 6.50 34.69
CA THR F 296 -8.36 6.53 35.21
C THR F 296 -8.36 5.99 36.64
N TRP F 297 -9.30 6.50 37.42
CA TRP F 297 -9.46 6.15 38.83
C TRP F 297 -10.73 6.84 39.36
N GLY F 298 -11.08 6.60 40.62
CA GLY F 298 -12.14 7.40 41.22
C GLY F 298 -12.77 6.67 42.37
N GLY F 299 -13.88 7.20 42.86
CA GLY F 299 -14.62 6.60 43.96
C GLY F 299 -15.96 6.08 43.47
N ASP F 300 -17.00 6.30 44.26
CA ASP F 300 -18.37 5.85 43.96
C ASP F 300 -19.03 6.47 42.72
N ILE F 301 -18.77 7.73 42.45
CA ILE F 301 -19.48 8.42 41.40
C ILE F 301 -18.84 8.05 40.04
N VAL F 302 -17.51 7.94 40.00
CA VAL F 302 -16.85 7.39 38.81
C VAL F 302 -17.38 5.98 38.57
N THR F 303 -17.48 5.21 39.64
CA THR F 303 -17.95 3.83 39.52
C THR F 303 -19.36 3.75 38.94
N ALA F 304 -20.27 4.62 39.38
CA ALA F 304 -21.63 4.64 38.84
C ALA F 304 -21.60 4.81 37.32
N ALA F 305 -20.82 5.77 36.84
CA ALA F 305 -20.74 6.06 35.42
C ALA F 305 -20.28 4.85 34.62
N ILE F 306 -19.24 4.19 35.12
CA ILE F 306 -18.74 2.96 34.50
C ILE F 306 -19.85 1.89 34.39
N ALA F 307 -20.54 1.65 35.51
CA ALA F 307 -21.56 0.62 35.60
C ALA F 307 -22.72 0.89 34.62
N HIS F 308 -23.11 2.15 34.49
CA HIS F 308 -24.16 2.52 33.55
C HIS F 308 -23.73 2.38 32.09
N LEU F 309 -22.51 2.81 31.75
CA LEU F 309 -22.03 2.64 30.37
C LEU F 309 -21.88 1.15 30.10
N ALA F 310 -21.32 0.39 31.04
CA ALA F 310 -21.13 -1.05 30.81
C ALA F 310 -22.48 -1.78 30.70
N ARG F 311 -23.44 -1.42 31.53
CA ARG F 311 -24.73 -2.11 31.46
C ARG F 311 -25.41 -1.88 30.10
N SER F 312 -25.11 -0.76 29.48
CA SER F 312 -25.69 -0.50 28.18
C SER F 312 -24.84 -1.09 27.06
N THR F 313 -23.89 -1.97 27.38
CA THR F 313 -23.08 -2.61 26.35
C THR F 313 -23.34 -4.10 26.41
N PRO F 314 -23.51 -4.77 25.27
CA PRO F 314 -23.74 -6.22 25.34
C PRO F 314 -22.55 -6.94 25.98
N SER F 315 -22.83 -7.99 26.72
CA SER F 315 -21.79 -8.77 27.37
C SER F 315 -20.68 -9.18 26.35
N GLU F 316 -21.11 -9.59 25.18
CA GLU F 316 -20.24 -9.97 24.09
C GLU F 316 -19.14 -8.93 23.80
N PHE F 317 -19.44 -7.65 24.02
CA PHE F 317 -18.49 -6.57 23.71
C PHE F 317 -17.98 -5.86 24.96
N THR F 318 -18.22 -6.46 26.11
CA THR F 318 -17.70 -5.95 27.37
C THR F 318 -16.63 -6.94 27.80
N PHE F 319 -15.38 -6.58 27.55
CA PHE F 319 -14.29 -7.42 28.02
C PHE F 319 -14.27 -7.41 29.54
N SER F 320 -14.50 -6.24 30.13
CA SER F 320 -14.58 -6.11 31.56
C SER F 320 -14.81 -4.67 31.92
N ALA F 321 -15.13 -4.45 33.19
CA ALA F 321 -15.16 -3.14 33.81
C ALA F 321 -14.42 -3.26 35.16
N THR F 322 -14.30 -2.17 35.89
CA THR F 322 -13.72 -2.28 37.23
C THR F 322 -14.49 -1.40 38.18
N ASP F 323 -14.52 -1.82 39.44
CA ASP F 323 -15.28 -1.15 40.49
C ASP F 323 -14.31 -0.34 41.39
N PHE F 324 -13.96 0.87 40.96
CA PHE F 324 -12.93 1.65 41.64
C PHE F 324 -13.21 1.86 43.15
N ASN F 325 -14.49 1.98 43.52
CA ASN F 325 -14.85 2.24 44.91
C ASN F 325 -14.38 1.17 45.92
N SER F 326 -14.26 -0.09 45.51
CA SER F 326 -13.70 -1.10 46.40
C SER F 326 -12.16 -1.10 46.50
N TYR F 327 -11.47 -0.22 45.76
CA TYR F 327 -10.03 -0.07 45.94
C TYR F 327 -9.68 0.92 47.10
N GLY F 328 -10.64 1.79 47.44
CA GLY F 328 -10.42 2.84 48.42
C GLY F 328 -11.15 2.59 49.73
N THR F 329 -11.07 3.57 50.63
CA THR F 329 -11.63 3.46 51.97
C THR F 329 -12.69 4.51 52.27
N VAL F 330 -12.89 5.46 51.37
CA VAL F 330 -13.85 6.54 51.63
C VAL F 330 -15.07 6.48 50.69
N ASP F 331 -16.26 6.58 51.28
CA ASP F 331 -17.52 6.60 50.53
C ASP F 331 -17.92 8.05 50.27
N ILE F 332 -18.16 8.37 49.01
CA ILE F 332 -18.53 9.74 48.67
C ILE F 332 -19.96 9.85 48.18
N ALA F 333 -20.62 8.72 47.97
CA ALA F 333 -22.00 8.81 47.53
C ALA F 333 -22.78 7.58 47.93
N GLU F 334 -24.07 7.77 48.20
CA GLU F 334 -25.00 6.67 48.36
C GLU F 334 -25.55 6.21 47.02
N GLY F 335 -25.98 4.95 46.97
CA GLY F 335 -26.63 4.40 45.79
C GLY F 335 -25.68 3.93 44.70
N ALA F 336 -24.40 3.88 45.01
CA ALA F 336 -23.42 3.48 44.01
C ALA F 336 -23.39 1.96 43.84
N PRO F 337 -22.82 1.47 42.72
CA PRO F 337 -22.72 0.05 42.47
C PRO F 337 -21.80 -0.60 43.50
N LYS F 338 -22.05 -1.87 43.81
CA LYS F 338 -21.26 -2.58 44.81
C LYS F 338 -20.94 -3.98 44.29
N ARG F 339 -19.66 -4.31 44.25
CA ARG F 339 -19.21 -5.60 43.75
C ARG F 339 -19.77 -6.80 44.54
N VAL F 340 -20.27 -7.80 43.84
CA VAL F 340 -20.69 -9.05 44.44
C VAL F 340 -20.27 -10.17 43.52
N ASN F 341 -19.64 -11.20 44.09
CA ASN F 341 -19.07 -12.29 43.30
C ASN F 341 -18.36 -11.86 42.03
N GLY F 342 -17.62 -10.76 42.09
CA GLY F 342 -16.74 -10.39 41.00
C GLY F 342 -17.46 -9.72 39.85
N ARG F 343 -18.71 -9.35 40.10
CA ARG F 343 -19.51 -8.60 39.13
C ARG F 343 -20.20 -7.44 39.84
N MET F 344 -20.63 -6.41 39.11
CA MET F 344 -21.43 -5.36 39.73
C MET F 344 -22.64 -5.04 38.87
N THR F 345 -23.61 -4.30 39.41
CA THR F 345 -24.73 -3.83 38.60
C THR F 345 -25.15 -2.39 38.91
N THR F 346 -26.33 -1.99 38.44
CA THR F 346 -26.85 -0.68 38.83
C THR F 346 -28.26 -0.80 39.36
N SER F 347 -28.70 0.25 40.04
CA SER F 347 -30.12 0.39 40.35
C SER F 347 -30.76 0.95 39.09
N ASP F 348 -32.07 1.15 39.12
CA ASP F 348 -32.75 1.77 38.01
C ASP F 348 -33.23 3.18 38.41
N LEU F 349 -32.66 3.77 39.46
CA LEU F 349 -32.97 5.15 39.77
C LEU F 349 -32.49 6.05 38.61
N PRO F 350 -33.08 7.23 38.46
CA PRO F 350 -32.76 8.24 37.43
C PRO F 350 -31.29 8.68 37.39
N GLY F 351 -30.82 9.02 36.20
CA GLY F 351 -29.44 9.45 36.06
C GLY F 351 -28.49 8.38 36.57
N LEU F 352 -27.49 8.80 37.34
CA LEU F 352 -26.44 7.89 37.81
C LEU F 352 -26.91 7.01 38.94
N GLY F 353 -28.05 7.41 39.52
CA GLY F 353 -28.65 6.72 40.65
C GLY F 353 -27.96 6.95 41.99
N ILE F 354 -27.08 7.95 42.04
CA ILE F 354 -26.33 8.24 43.27
C ILE F 354 -26.70 9.58 43.89
N THR F 355 -26.54 9.68 45.21
CA THR F 355 -26.66 10.94 45.90
C THR F 355 -25.42 11.09 46.77
N PRO F 356 -24.73 12.23 46.65
CA PRO F 356 -23.44 12.41 47.33
C PRO F 356 -23.53 12.56 48.86
N ILE F 357 -22.45 12.23 49.54
CA ILE F 357 -22.42 12.40 50.98
C ILE F 357 -21.61 13.66 51.24
N PHE F 358 -22.32 14.77 51.44
CA PHE F 358 -21.71 16.10 51.48
C PHE F 358 -20.82 16.38 52.68
N ASP F 359 -20.92 15.54 53.71
CA ASP F 359 -20.10 15.72 54.90
C ASP F 359 -18.65 15.39 54.55
N VAL F 360 -18.48 14.41 53.66
CA VAL F 360 -17.18 13.94 53.23
C VAL F 360 -16.53 14.87 52.18
N LEU F 361 -17.39 15.48 51.36
CA LEU F 361 -16.99 16.36 50.27
C LEU F 361 -16.52 17.72 50.76
N GLY F 362 -17.07 18.19 51.89
CA GLY F 362 -16.72 19.47 52.46
C GLY F 362 -17.36 20.64 51.72
N GLU F 363 -16.88 21.86 52.03
CA GLU F 363 -17.24 23.06 51.28
C GLU F 363 -16.57 22.97 49.92
N PRO F 364 -17.23 23.47 48.88
CA PRO F 364 -16.54 23.40 47.58
C PRO F 364 -15.29 24.27 47.57
N VAL F 365 -14.24 23.86 46.90
CA VAL F 365 -13.04 24.70 46.84
C VAL F 365 -13.33 25.86 45.86
N ALA F 366 -14.41 25.74 45.10
CA ALA F 366 -14.74 26.77 44.14
C ALA F 366 -16.23 26.73 43.83
N ARG F 367 -16.81 27.93 43.72
CA ARG F 367 -18.16 28.09 43.19
C ARG F 367 -18.18 29.06 42.00
N TYR F 368 -18.94 28.70 40.98
CA TYR F 368 -19.13 29.56 39.83
C TYR F 368 -20.63 29.79 39.65
N SER F 369 -21.04 31.05 39.52
CA SER F 369 -22.44 31.36 39.29
C SER F 369 -22.66 32.67 38.53
N MET G 3 46.62 -13.09 -19.83
CA MET G 3 46.92 -11.62 -19.97
C MET G 3 46.97 -10.98 -18.60
N LYS G 4 47.92 -10.07 -18.40
CA LYS G 4 48.07 -9.36 -17.14
C LYS G 4 48.25 -7.85 -17.33
N ILE G 5 47.58 -7.06 -16.50
CA ILE G 5 47.81 -5.61 -16.50
C ILE G 5 49.23 -5.41 -15.99
N THR G 6 50.04 -4.68 -16.74
CA THR G 6 51.41 -4.40 -16.32
C THR G 6 51.63 -2.94 -15.90
N ALA G 7 50.75 -2.05 -16.31
CA ALA G 7 50.91 -0.63 -15.98
C ALA G 7 49.63 0.14 -16.28
N ILE G 8 49.32 1.14 -15.46
CA ILE G 8 48.24 2.09 -15.72
C ILE G 8 48.83 3.49 -15.81
N ASN G 9 48.63 4.17 -16.93
CA ASN G 9 49.11 5.52 -17.09
C ASN G 9 47.99 6.51 -17.19
N VAL G 10 48.19 7.66 -16.55
CA VAL G 10 47.14 8.65 -16.47
C VAL G 10 47.61 9.93 -17.14
N PHE G 11 46.81 10.38 -18.11
CA PHE G 11 47.11 11.56 -18.92
C PHE G 11 46.10 12.66 -18.63
N GLN G 12 46.52 13.92 -18.73
CA GLN G 12 45.62 15.05 -18.58
C GLN G 12 45.56 15.84 -19.87
N VAL G 13 44.37 16.30 -20.24
CA VAL G 13 44.24 17.10 -21.46
C VAL G 13 43.12 18.17 -21.39
N ASP G 14 43.48 19.39 -21.75
CA ASP G 14 42.51 20.46 -21.74
C ASP G 14 41.66 20.40 -23.00
N LEU G 15 40.36 20.48 -22.81
CA LEU G 15 39.40 20.35 -23.88
C LEU G 15 38.66 21.68 -24.00
N PRO G 16 39.16 22.58 -24.86
CA PRO G 16 38.48 23.87 -25.05
C PRO G 16 37.15 23.69 -25.78
N LEU G 17 36.19 24.57 -25.49
CA LEU G 17 34.94 24.68 -26.21
C LEU G 17 35.02 25.51 -27.49
N ARG G 18 34.26 25.12 -28.51
CA ARG G 18 34.15 25.97 -29.69
C ARG G 18 33.53 27.33 -29.36
N GLU G 19 32.60 27.36 -28.42
CA GLU G 19 31.85 28.58 -28.12
C GLU G 19 31.61 28.73 -26.62
N GLU G 31 34.97 27.36 -19.48
CA GLU G 31 35.38 27.58 -20.86
C GLU G 31 36.35 26.50 -21.39
N VAL G 32 37.22 26.01 -20.51
CA VAL G 32 38.10 24.89 -20.83
C VAL G 32 37.84 23.76 -19.83
N PHE G 33 37.70 22.52 -20.32
CA PHE G 33 37.40 21.37 -19.44
C PHE G 33 38.60 20.49 -19.21
N ASP G 34 38.68 19.92 -18.01
CA ASP G 34 39.85 19.14 -17.61
C ASP G 34 39.56 17.67 -17.81
N SER G 35 40.05 17.11 -18.90
CA SER G 35 39.70 15.74 -19.18
C SER G 35 40.84 14.88 -18.74
N THR G 36 40.55 13.64 -18.37
CA THR G 36 41.55 12.66 -18.00
C THR G 36 41.45 11.47 -18.94
N VAL G 37 42.59 11.02 -19.47
CA VAL G 37 42.62 9.81 -20.29
C VAL G 37 43.46 8.74 -19.59
N VAL G 38 42.97 7.50 -19.64
CA VAL G 38 43.62 6.38 -18.98
C VAL G 38 44.10 5.39 -20.02
N GLU G 39 45.32 4.91 -19.81
CA GLU G 39 45.91 3.88 -20.67
C GLU G 39 46.27 2.68 -19.81
N ILE G 40 45.80 1.50 -20.22
CA ILE G 40 46.16 0.25 -19.57
C ILE G 40 47.06 -0.56 -20.50
N GLU G 41 48.22 -0.95 -19.99
CA GLU G 41 49.20 -1.75 -20.72
C GLU G 41 49.22 -3.18 -20.20
N THR G 42 49.37 -4.13 -21.12
CA THR G 42 49.40 -5.55 -20.79
C THR G 42 50.73 -6.19 -21.19
N ASP G 43 51.02 -7.33 -20.57
CA ASP G 43 52.24 -8.09 -20.86
C ASP G 43 52.20 -8.69 -22.27
N GLU G 44 51.17 -8.42 -23.05
CA GLU G 44 51.10 -8.93 -24.40
C GLU G 44 51.18 -7.84 -25.47
N GLY G 45 51.33 -6.58 -25.06
CA GLY G 45 51.45 -5.49 -26.01
C GLY G 45 50.17 -4.71 -26.32
N LEU G 46 49.00 -5.35 -26.16
CA LEU G 46 47.74 -4.65 -26.33
C LEU G 46 47.56 -3.61 -25.21
N LYS G 47 46.98 -2.47 -25.57
CA LYS G 47 46.71 -1.40 -24.63
C LYS G 47 45.24 -1.00 -24.71
N GLY G 48 44.64 -0.64 -23.56
CA GLY G 48 43.27 -0.20 -23.53
C GLY G 48 43.16 1.26 -23.13
N TYR G 49 42.21 1.98 -23.72
CA TYR G 49 42.07 3.40 -23.42
C TYR G 49 40.66 3.77 -23.01
N ALA G 50 40.54 4.84 -22.24
CA ALA G 50 39.26 5.37 -21.83
C ALA G 50 39.46 6.81 -21.47
N GLU G 51 38.36 7.55 -21.36
CA GLU G 51 38.43 8.95 -20.99
C GLU G 51 37.32 9.26 -19.99
N CYS G 52 37.56 10.20 -19.10
CA CYS G 52 36.53 10.66 -18.17
C CYS G 52 36.71 12.15 -17.98
N CYS G 53 35.61 12.89 -18.11
CA CYS G 53 35.65 14.35 -18.00
C CYS G 53 34.37 14.93 -17.34
N PRO G 54 34.40 15.15 -16.01
CA PRO G 54 33.19 15.69 -15.37
C PRO G 54 33.06 17.19 -15.59
N LEU G 55 31.89 17.73 -15.28
CA LEU G 55 31.67 19.16 -15.47
C LEU G 55 32.41 19.98 -14.40
N GLY G 56 33.39 20.78 -14.84
CA GLY G 56 34.16 21.64 -13.96
C GLY G 56 35.07 22.59 -14.73
N SER G 62 38.89 21.02 -9.67
CA SER G 62 37.71 20.61 -8.92
C SER G 62 37.48 19.09 -8.99
N TYR G 63 36.51 18.67 -9.79
CA TYR G 63 36.10 17.27 -9.85
C TYR G 63 37.09 16.36 -10.60
N ALA G 64 37.83 16.93 -11.56
CA ALA G 64 38.86 16.18 -12.25
C ALA G 64 39.94 15.69 -11.27
N LEU G 65 40.23 16.48 -10.22
CA LEU G 65 41.16 16.04 -9.15
C LEU G 65 40.74 14.69 -8.54
N GLY G 66 39.45 14.53 -8.28
CA GLY G 66 38.92 13.31 -7.69
C GLY G 66 38.99 12.11 -8.62
N VAL G 67 38.95 12.36 -9.92
CA VAL G 67 39.06 11.29 -10.88
C VAL G 67 40.48 10.77 -10.77
N ARG G 68 41.43 11.69 -10.82
CA ARG G 68 42.82 11.28 -10.75
C ARG G 68 43.24 10.77 -9.36
N SER G 69 42.73 11.33 -8.27
CA SER G 69 43.01 10.72 -6.94
C SER G 69 42.37 9.31 -6.81
N GLY G 70 41.16 9.14 -7.33
CA GLY G 70 40.52 7.84 -7.34
C GLY G 70 41.31 6.78 -8.11
N LEU G 71 41.87 7.18 -9.25
CA LEU G 71 42.66 6.28 -10.05
C LEU G 71 43.94 5.93 -9.31
N GLN G 72 44.52 6.92 -8.63
CA GLN G 72 45.68 6.68 -7.79
C GLN G 72 45.39 5.61 -6.73
N GLU G 73 44.25 5.72 -6.07
CA GLU G 73 43.88 4.74 -5.06
C GLU G 73 43.52 3.37 -5.65
N LEU G 74 43.03 3.35 -6.89
CA LEU G 74 42.59 2.08 -7.54
C LEU G 74 43.77 1.30 -8.12
N ALA G 75 44.65 1.98 -8.82
CA ALA G 75 45.64 1.35 -9.71
C ALA G 75 46.46 0.22 -9.07
N PRO G 76 47.13 0.47 -7.94
CA PRO G 76 47.96 -0.58 -7.34
C PRO G 76 47.24 -1.93 -7.20
N HIS G 77 45.96 -1.89 -6.85
CA HIS G 77 45.16 -3.10 -6.75
C HIS G 77 44.94 -3.80 -8.11
N LEU G 78 45.13 -3.10 -9.23
CA LEU G 78 44.89 -3.71 -10.55
C LEU G 78 46.12 -4.30 -11.27
N ILE G 79 47.33 -3.88 -10.88
CA ILE G 79 48.54 -4.42 -11.49
C ILE G 79 48.53 -5.93 -11.26
N GLY G 80 48.80 -6.71 -12.31
CA GLY G 80 48.80 -8.16 -12.18
C GLY G 80 47.47 -8.84 -12.49
N LYS G 81 46.38 -8.07 -12.53
CA LYS G 81 45.07 -8.64 -12.77
C LYS G 81 44.86 -8.89 -14.25
N ASP G 82 43.92 -9.78 -14.55
CA ASP G 82 43.48 -10.07 -15.91
C ASP G 82 42.44 -9.05 -16.43
N PRO G 83 42.87 -8.14 -17.33
CA PRO G 83 41.95 -7.08 -17.71
C PRO G 83 40.72 -7.60 -18.47
N LEU G 84 40.77 -8.81 -19.00
CA LEU G 84 39.65 -9.36 -19.76
C LEU G 84 38.55 -9.91 -18.85
N ASN G 85 38.92 -10.29 -17.63
CA ASN G 85 37.92 -10.71 -16.64
C ASN G 85 37.28 -9.45 -16.05
N ILE G 86 36.32 -8.89 -16.77
CA ILE G 86 35.85 -7.55 -16.44
C ILE G 86 35.06 -7.57 -15.12
N GLY G 87 34.41 -8.71 -14.85
CA GLY G 87 33.69 -8.85 -13.58
C GLY G 87 34.63 -8.83 -12.40
N GLU G 88 35.80 -9.43 -12.57
CA GLU G 88 36.80 -9.42 -11.50
C GLU G 88 37.47 -8.03 -11.33
N ILE G 89 37.71 -7.34 -12.43
CA ILE G 89 38.24 -5.99 -12.36
C ILE G 89 37.31 -5.12 -11.50
N ASN G 90 36.01 -5.22 -11.74
CA ASN G 90 35.02 -4.44 -11.02
C ASN G 90 34.89 -4.83 -9.56
N ARG G 91 35.00 -6.11 -9.26
CA ARG G 91 34.94 -6.55 -7.87
C ARG G 91 36.15 -6.01 -7.10
N VAL G 92 37.31 -6.08 -7.72
CA VAL G 92 38.50 -5.57 -7.09
C VAL G 92 38.40 -4.08 -6.83
N MET G 93 37.93 -3.32 -7.81
CA MET G 93 37.82 -1.88 -7.63
C MET G 93 36.83 -1.56 -6.52
N ASP G 94 35.67 -2.20 -6.54
CA ASP G 94 34.65 -1.93 -5.53
C ASP G 94 35.12 -2.29 -4.11
N ALA G 95 35.94 -3.33 -3.99
CA ALA G 95 36.50 -3.72 -2.71
C ALA G 95 37.56 -2.72 -2.21
N ALA G 96 38.32 -2.11 -3.11
CA ALA G 96 39.40 -1.22 -2.71
C ALA G 96 38.91 0.18 -2.40
N LEU G 97 37.77 0.58 -2.95
CA LEU G 97 37.38 1.98 -2.91
C LEU G 97 35.88 2.14 -3.03
N ARG G 98 35.27 2.88 -2.11
CA ARG G 98 33.82 3.12 -2.12
C ARG G 98 33.49 4.33 -2.94
N GLY G 99 32.38 4.22 -3.69
CA GLY G 99 31.94 5.26 -4.59
C GLY G 99 32.92 5.56 -5.73
N HIS G 100 33.19 6.84 -5.94
CA HIS G 100 34.08 7.31 -7.02
C HIS G 100 33.73 6.64 -8.37
N PRO G 101 32.48 6.78 -8.83
CA PRO G 101 32.18 6.15 -10.13
C PRO G 101 32.99 6.76 -11.28
N TYR G 102 33.39 8.02 -11.16
CA TYR G 102 34.14 8.67 -12.23
C TYR G 102 35.58 8.15 -12.35
N ALA G 103 36.10 7.57 -11.28
CA ALA G 103 37.43 6.91 -11.35
C ALA G 103 37.35 5.46 -11.79
N LYS G 104 36.26 4.79 -11.43
CA LYS G 104 36.10 3.39 -11.80
C LYS G 104 35.77 3.24 -13.29
N ALA G 105 35.00 4.19 -13.81
CA ALA G 105 34.46 4.09 -15.15
C ALA G 105 35.53 3.93 -16.24
N PRO G 106 36.59 4.79 -16.26
CA PRO G 106 37.59 4.60 -17.33
C PRO G 106 38.34 3.30 -17.19
N ILE G 107 38.58 2.85 -15.97
CA ILE G 107 39.19 1.53 -15.85
C ILE G 107 38.27 0.50 -16.56
N ASP G 108 37.00 0.44 -16.19
CA ASP G 108 36.10 -0.53 -16.77
C ASP G 108 36.10 -0.42 -18.33
N ILE G 109 36.02 0.80 -18.84
CA ILE G 109 35.91 1.02 -20.29
C ILE G 109 37.21 0.61 -20.99
N ALA G 110 38.36 0.89 -20.38
CA ALA G 110 39.64 0.55 -20.97
C ALA G 110 39.78 -0.96 -21.02
N CYS G 111 39.15 -1.64 -20.08
CA CYS G 111 39.16 -3.11 -20.13
C CYS G 111 38.21 -3.65 -21.21
N TRP G 112 37.08 -3.00 -21.38
CA TRP G 112 36.23 -3.33 -22.52
C TRP G 112 36.98 -3.14 -23.86
N ASP G 113 37.77 -2.08 -23.95
CA ASP G 113 38.54 -1.79 -25.16
C ASP G 113 39.58 -2.91 -25.36
N LEU G 114 40.25 -3.33 -24.29
CA LEU G 114 41.16 -4.47 -24.38
C LEU G 114 40.42 -5.75 -24.82
N LEU G 115 39.21 -5.97 -24.33
CA LEU G 115 38.47 -7.16 -24.71
C LEU G 115 38.12 -7.18 -26.21
N GLY G 116 37.74 -6.03 -26.73
CA GLY G 116 37.58 -5.85 -28.16
C GLY G 116 38.86 -6.14 -28.91
N LYS G 117 39.95 -5.52 -28.47
CA LYS G 117 41.25 -5.75 -29.13
C LYS G 117 41.66 -7.22 -29.11
N ALA G 118 41.50 -7.89 -27.98
CA ALA G 118 41.96 -9.25 -27.84
C ALA G 118 41.05 -10.22 -28.60
N THR G 119 39.82 -9.80 -28.88
CA THR G 119 38.89 -10.68 -29.56
C THR G 119 38.64 -10.23 -30.99
N GLY G 120 39.25 -9.12 -31.36
CA GLY G 120 39.05 -8.54 -32.68
C GLY G 120 37.60 -8.22 -32.97
N GLN G 121 36.89 -7.70 -31.97
CA GLN G 121 35.48 -7.34 -32.14
C GLN G 121 35.20 -5.89 -31.75
N PRO G 122 34.34 -5.21 -32.52
CA PRO G 122 33.96 -3.85 -32.09
C PRO G 122 33.16 -3.90 -30.80
N LEU G 123 33.25 -2.84 -30.02
CA LEU G 123 32.54 -2.84 -28.74
C LEU G 123 31.03 -3.13 -28.84
N TYR G 124 30.35 -2.63 -29.89
CA TYR G 124 28.90 -2.77 -29.98
C TYR G 124 28.50 -4.23 -30.06
N THR G 125 29.37 -5.07 -30.62
CA THR G 125 29.10 -6.50 -30.69
C THR G 125 29.23 -7.12 -29.30
N LEU G 126 30.29 -6.72 -28.60
CA LEU G 126 30.54 -7.29 -27.27
C LEU G 126 29.47 -6.77 -26.30
N LEU G 127 28.85 -5.63 -26.59
CA LEU G 127 27.81 -5.15 -25.69
C LEU G 127 26.44 -5.74 -26.05
N GLY G 128 26.41 -6.73 -26.93
CA GLY G 128 25.19 -7.44 -27.21
C GLY G 128 24.76 -7.46 -28.68
N GLY G 129 25.44 -6.69 -29.52
CA GLY G 129 25.18 -6.71 -30.96
C GLY G 129 24.68 -5.37 -31.49
N ALA G 130 24.97 -5.09 -32.76
CA ALA G 130 24.52 -3.87 -33.40
C ALA G 130 23.00 -3.87 -33.50
N ALA G 131 22.35 -2.81 -33.07
CA ALA G 131 20.91 -2.73 -33.15
C ALA G 131 20.51 -1.53 -34.02
N GLN G 132 21.48 -0.68 -34.32
CA GLN G 132 21.25 0.57 -35.04
C GLN G 132 22.49 0.87 -35.84
N ASP G 133 22.32 1.18 -37.13
CA ASP G 133 23.41 1.57 -38.02
C ASP G 133 24.01 2.91 -37.59
N ASP G 134 23.16 3.85 -37.21
CA ASP G 134 23.62 5.12 -36.64
C ASP G 134 22.56 5.65 -35.69
N VAL G 135 22.92 6.69 -34.92
CA VAL G 135 22.07 7.11 -33.79
C VAL G 135 21.77 8.59 -33.74
N ALA G 136 20.54 8.89 -33.30
CA ALA G 136 20.08 10.26 -33.13
C ALA G 136 20.89 11.03 -32.10
N LEU G 137 20.88 12.34 -32.31
CA LEU G 137 21.51 13.30 -31.40
C LEU G 137 20.49 14.38 -31.02
N TYR G 138 20.85 15.25 -30.09
CA TYR G 138 19.98 16.35 -29.69
C TYR G 138 20.77 17.65 -29.60
N ARG G 139 20.03 18.75 -29.60
CA ARG G 139 20.64 20.06 -29.64
C ARG G 139 20.18 20.88 -28.44
N ALA G 140 21.12 21.40 -27.67
CA ALA G 140 20.80 22.31 -26.58
C ALA G 140 20.58 23.67 -27.17
N ILE G 141 19.48 24.32 -26.78
CA ILE G 141 19.11 25.62 -27.33
C ILE G 141 19.37 26.74 -26.33
N SER G 142 20.37 27.55 -26.63
CA SER G 142 20.70 28.73 -25.82
C SER G 142 19.57 29.73 -25.77
N GLN G 143 19.39 30.36 -24.61
CA GLN G 143 18.31 31.33 -24.42
C GLN G 143 18.73 32.72 -24.86
N GLU G 144 18.23 33.14 -26.02
CA GLU G 144 18.66 34.36 -26.67
C GLU G 144 17.45 35.12 -27.18
N ALA G 145 17.71 36.29 -27.75
CA ALA G 145 16.70 37.01 -28.50
C ALA G 145 16.01 36.05 -29.47
N PRO G 146 14.68 36.11 -29.54
CA PRO G 146 13.82 35.20 -30.29
C PRO G 146 14.19 35.05 -31.78
N GLU G 147 14.94 36.01 -32.30
CA GLU G 147 15.27 36.01 -33.71
C GLU G 147 16.59 35.29 -33.94
N ILE G 148 17.47 35.39 -32.96
CA ILE G 148 18.70 34.63 -33.00
C ILE G 148 18.38 33.17 -32.78
N MET G 149 17.43 32.87 -31.90
CA MET G 149 17.09 31.48 -31.64
C MET G 149 16.53 30.90 -32.94
N ALA G 150 15.61 31.65 -33.56
CA ALA G 150 14.85 31.14 -34.68
C ALA G 150 15.76 30.84 -35.88
N LYS G 151 16.81 31.62 -36.04
CA LYS G 151 17.73 31.41 -37.15
C LYS G 151 18.61 30.20 -36.90
N LYS G 152 19.04 30.03 -35.65
CA LYS G 152 19.85 28.85 -35.28
C LYS G 152 19.03 27.58 -35.42
N ILE G 153 17.78 27.66 -34.99
CA ILE G 153 16.88 26.55 -35.08
C ILE G 153 16.75 26.12 -36.56
N GLU G 154 16.59 27.08 -37.46
CA GLU G 154 16.51 26.79 -38.89
C GLU G 154 17.72 25.97 -39.37
N GLY G 155 18.91 26.36 -38.92
CA GLY G 155 20.15 25.66 -39.22
C GLY G 155 20.21 24.26 -38.59
N TYR G 156 19.87 24.15 -37.31
CA TYR G 156 19.77 22.85 -36.66
C TYR G 156 18.82 21.94 -37.42
N ALA G 157 17.67 22.47 -37.81
CA ALA G 157 16.67 21.66 -38.50
C ALA G 157 17.17 21.23 -39.88
N ALA G 158 17.93 22.11 -40.54
CA ALA G 158 18.47 21.76 -41.83
C ALA G 158 19.49 20.61 -41.75
N GLU G 159 20.23 20.47 -40.64
CA GLU G 159 21.24 19.41 -40.59
C GLU G 159 20.78 18.11 -39.94
N GLY G 160 19.46 17.94 -39.80
CA GLY G 160 18.91 16.68 -39.36
C GLY G 160 18.36 16.67 -37.93
N TYR G 161 18.50 17.74 -37.14
CA TYR G 161 18.06 17.69 -35.73
C TYR G 161 16.54 17.77 -35.56
N THR G 162 15.99 16.90 -34.73
CA THR G 162 14.57 17.00 -34.42
C THR G 162 14.31 16.94 -32.92
N LYS G 163 15.37 16.77 -32.11
CA LYS G 163 15.22 16.72 -30.66
C LYS G 163 16.07 17.81 -30.03
N PHE G 164 15.46 18.56 -29.11
CA PHE G 164 16.05 19.76 -28.57
C PHE G 164 15.89 19.82 -27.06
N GLN G 165 16.77 20.58 -26.43
CA GLN G 165 16.77 20.70 -24.98
C GLN G 165 16.96 22.15 -24.61
N LEU G 166 16.34 22.59 -23.53
CA LEU G 166 16.77 23.86 -22.94
C LEU G 166 17.10 23.68 -21.45
N LYS G 167 18.09 24.45 -20.99
CA LYS G 167 18.47 24.52 -19.57
C LYS G 167 17.46 25.33 -18.81
N VAL G 168 16.90 24.74 -17.77
CA VAL G 168 16.11 25.52 -16.84
C VAL G 168 16.59 25.21 -15.44
N GLY G 169 15.73 25.36 -14.45
CA GLY G 169 16.11 25.08 -13.08
C GLY G 169 16.64 26.32 -12.38
N GLY G 170 16.22 27.50 -12.83
CA GLY G 170 16.60 28.73 -12.18
C GLY G 170 15.42 29.34 -11.47
N ASP G 171 15.16 30.61 -11.74
CA ASP G 171 13.94 31.25 -11.26
C ASP G 171 12.70 30.62 -11.92
N ALA G 172 11.71 30.25 -11.11
CA ALA G 172 10.57 29.54 -11.66
C ALA G 172 9.84 30.34 -12.71
N ASN G 173 9.57 31.61 -12.45
CA ASN G 173 8.79 32.38 -13.42
C ASN G 173 9.57 32.59 -14.73
N ASP G 174 10.88 32.81 -14.63
CA ASP G 174 11.69 32.93 -15.83
C ASP G 174 11.69 31.62 -16.61
N ASP G 175 11.67 30.49 -15.91
CA ASP G 175 11.78 29.21 -16.60
C ASP G 175 10.49 28.91 -17.33
N ILE G 176 9.37 29.26 -16.70
CA ILE G 176 8.08 29.16 -17.35
C ILE G 176 8.11 29.94 -18.69
N ASN G 177 8.63 31.17 -18.67
CA ASN G 177 8.73 31.99 -19.91
C ASN G 177 9.58 31.38 -21.01
N ARG G 178 10.78 30.95 -20.64
CA ARG G 178 11.74 30.33 -21.54
C ARG G 178 11.16 29.09 -22.19
N ILE G 179 10.44 28.29 -21.42
CA ILE G 179 9.88 27.06 -21.96
C ILE G 179 8.79 27.42 -22.95
N HIS G 180 7.97 28.42 -22.63
CA HIS G 180 6.94 28.86 -23.58
C HIS G 180 7.58 29.43 -24.85
N ALA G 181 8.62 30.24 -24.68
CA ALA G 181 9.28 30.89 -25.79
C ALA G 181 9.88 29.85 -26.72
N THR G 182 10.61 28.92 -26.14
CA THR G 182 11.32 27.93 -26.95
C THR G 182 10.32 26.99 -27.65
N ARG G 183 9.23 26.62 -26.97
CA ARG G 183 8.27 25.68 -27.55
C ARG G 183 7.62 26.30 -28.79
N SER G 184 7.39 27.61 -28.74
CA SER G 184 6.84 28.42 -29.84
C SER G 184 7.63 28.45 -31.16
N VAL G 185 8.94 28.56 -31.05
CA VAL G 185 9.79 28.66 -32.23
C VAL G 185 10.17 27.32 -32.84
N LEU G 186 9.63 26.21 -32.33
CA LEU G 186 9.98 24.90 -32.88
C LEU G 186 8.87 24.34 -33.78
N LYS G 187 9.22 23.45 -34.71
CA LYS G 187 8.21 22.73 -35.48
C LYS G 187 7.36 21.93 -34.51
N LYS G 188 6.06 21.80 -34.80
CA LYS G 188 5.17 20.97 -33.97
C LYS G 188 5.67 19.55 -33.77
N SER G 189 6.36 19.01 -34.76
CA SER G 189 6.84 17.63 -34.64
C SER G 189 8.14 17.52 -33.83
N ASP G 190 8.85 18.63 -33.65
CA ASP G 190 10.08 18.63 -32.84
C ASP G 190 9.80 18.27 -31.38
N LEU G 191 10.72 17.53 -30.76
CA LEU G 191 10.67 17.25 -29.32
C LEU G 191 11.47 18.29 -28.49
N LEU G 192 10.94 18.68 -27.33
CA LEU G 192 11.62 19.63 -26.47
C LEU G 192 11.69 19.16 -25.02
N VAL G 193 12.91 19.07 -24.50
CA VAL G 193 13.13 18.61 -23.13
C VAL G 193 13.53 19.83 -22.26
N ALA G 194 12.83 20.07 -21.15
CA ALA G 194 13.23 21.13 -20.19
C ALA G 194 13.94 20.46 -19.06
N ASP G 195 15.26 20.61 -19.05
CA ASP G 195 16.13 19.98 -18.08
C ASP G 195 16.45 20.93 -16.92
N ALA G 196 15.86 20.71 -15.74
CA ALA G 196 16.08 21.66 -14.65
C ALA G 196 17.39 21.37 -13.95
N ASN G 197 18.04 20.27 -14.31
CA ASN G 197 19.28 19.87 -13.66
C ASN G 197 19.27 20.00 -12.11
N THR G 198 18.20 19.51 -11.46
CA THR G 198 18.03 19.48 -9.99
C THR G 198 17.78 20.83 -9.33
N GLY G 199 17.69 21.88 -10.13
CA GLY G 199 17.66 23.24 -9.60
C GLY G 199 16.40 23.76 -8.92
N TRP G 200 15.38 22.93 -8.79
CA TRP G 200 14.14 23.39 -8.23
C TRP G 200 13.89 22.67 -6.92
N THR G 201 13.23 23.36 -6.01
CA THR G 201 12.62 22.71 -4.86
C THR G 201 11.25 22.22 -5.28
N ARG G 202 10.61 21.44 -4.41
CA ARG G 202 9.27 20.93 -4.72
C ARG G 202 8.32 22.09 -5.14
N HIS G 203 8.29 23.18 -4.39
CA HIS G 203 7.25 24.21 -4.65
C HIS G 203 7.51 24.95 -5.96
N GLU G 204 8.78 25.22 -6.25
CA GLU G 204 9.18 25.79 -7.51
C GLU G 204 8.81 24.89 -8.68
N ALA G 205 9.14 23.61 -8.55
CA ALA G 205 8.87 22.63 -9.58
C ALA G 205 7.37 22.48 -9.87
N ALA G 206 6.58 22.43 -8.80
CA ALA G 206 5.14 22.36 -8.91
C ALA G 206 4.61 23.54 -9.73
N ARG G 207 5.11 24.73 -9.44
CA ARG G 207 4.69 25.93 -10.14
C ARG G 207 5.03 25.85 -11.63
N VAL G 208 6.27 25.47 -11.94
CA VAL G 208 6.70 25.35 -13.33
C VAL G 208 5.91 24.30 -14.12
N VAL G 209 5.83 23.06 -13.62
CA VAL G 209 5.18 21.99 -14.40
C VAL G 209 3.70 22.29 -14.49
N GLY G 210 3.18 22.96 -13.47
CA GLY G 210 1.80 23.38 -13.46
C GLY G 210 1.55 24.38 -14.58
N ALA G 211 2.48 25.29 -14.76
CA ALA G 211 2.29 26.37 -15.73
C ALA G 211 2.61 25.92 -17.18
N VAL G 212 3.17 24.72 -17.39
CA VAL G 212 3.42 24.22 -18.77
C VAL G 212 2.69 22.93 -19.11
N SER G 213 1.65 22.65 -18.35
CA SER G 213 0.94 21.37 -18.40
C SER G 213 0.32 21.14 -19.76
N SER G 214 0.01 22.23 -20.44
CA SER G 214 -0.58 22.11 -21.78
C SER G 214 0.43 22.22 -22.94
N LEU G 215 1.71 22.39 -22.61
CA LEU G 215 2.75 22.36 -23.66
C LEU G 215 3.26 20.97 -23.91
N ASP G 216 3.65 20.75 -25.17
CA ASP G 216 4.25 19.49 -25.60
C ASP G 216 5.73 19.48 -25.23
N VAL G 217 5.99 19.25 -23.95
CA VAL G 217 7.33 19.30 -23.42
C VAL G 217 7.63 18.12 -22.47
N TYR G 218 8.90 17.73 -22.36
CA TYR G 218 9.37 16.77 -21.35
C TYR G 218 9.96 17.52 -20.18
N ILE G 219 9.82 16.98 -18.97
CA ILE G 219 10.44 17.60 -17.79
C ILE G 219 11.51 16.65 -17.33
N GLU G 220 12.74 17.14 -17.20
CA GLU G 220 13.85 16.30 -16.78
C GLU G 220 14.47 16.74 -15.45
N GLN G 221 14.58 15.78 -14.51
CA GLN G 221 15.26 15.96 -13.23
C GLN G 221 14.96 17.30 -12.54
N PRO G 222 13.71 17.51 -12.12
CA PRO G 222 13.35 18.79 -11.49
C PRO G 222 14.12 19.10 -10.15
N CYS G 223 14.42 18.08 -9.36
CA CYS G 223 14.97 18.28 -8.00
C CYS G 223 16.20 17.40 -7.68
N LEU G 224 16.72 17.57 -6.47
CA LEU G 224 18.00 16.98 -6.09
C LEU G 224 17.88 15.51 -5.80
N THR G 225 16.78 15.10 -5.18
CA THR G 225 16.63 13.72 -4.78
C THR G 225 15.51 13.00 -5.49
N TYR G 226 15.59 11.67 -5.44
CA TYR G 226 14.52 10.78 -5.84
C TYR G 226 13.18 11.10 -5.19
N GLU G 227 13.17 11.29 -3.87
CA GLU G 227 11.93 11.55 -3.17
C GLU G 227 11.32 12.86 -3.66
N GLU G 228 12.12 13.90 -3.84
CA GLU G 228 11.54 15.16 -4.25
C GLU G 228 11.00 15.00 -5.65
N SER G 229 11.75 14.29 -6.51
CA SER G 229 11.38 14.20 -7.91
C SER G 229 10.06 13.42 -8.07
N VAL G 230 9.93 12.37 -7.27
CA VAL G 230 8.73 11.56 -7.32
C VAL G 230 7.53 12.43 -6.93
N SER G 231 7.74 13.39 -6.04
CA SER G 231 6.65 14.22 -5.59
C SER G 231 6.12 15.05 -6.79
N ILE G 232 7.05 15.50 -7.63
CA ILE G 232 6.67 16.25 -8.80
C ILE G 232 6.00 15.32 -9.86
N ARG G 233 6.58 14.13 -10.02
CA ARG G 233 6.08 13.12 -10.95
C ARG G 233 4.61 12.85 -10.68
N ARG G 234 4.25 12.72 -9.43
CA ARG G 234 2.91 12.35 -9.11
C ARG G 234 1.89 13.45 -9.41
N ARG G 235 2.35 14.65 -9.75
CA ARG G 235 1.47 15.77 -9.99
C ARG G 235 1.47 16.27 -11.42
N THR G 236 2.17 15.60 -12.31
CA THR G 236 2.19 16.04 -13.70
C THR G 236 1.97 14.86 -14.63
N ALA G 237 1.20 15.07 -15.70
CA ALA G 237 1.04 14.03 -16.73
C ALA G 237 2.14 14.07 -17.81
N LEU G 238 3.02 15.08 -17.76
CA LEU G 238 3.99 15.31 -18.81
C LEU G 238 5.01 14.18 -18.82
N PRO G 239 5.58 13.89 -19.99
CA PRO G 239 6.57 12.81 -19.96
C PRO G 239 7.75 13.24 -19.11
N PHE G 240 8.27 12.32 -18.31
CA PHE G 240 9.11 12.67 -17.19
C PHE G 240 10.42 11.89 -17.25
N VAL G 241 11.53 12.60 -17.15
CA VAL G 241 12.84 12.00 -17.31
C VAL G 241 13.64 12.19 -16.00
N LEU G 242 14.32 11.14 -15.56
CA LEU G 242 15.24 11.26 -14.44
C LEU G 242 16.67 11.00 -14.92
N ASP G 243 17.61 11.69 -14.30
CA ASP G 243 19.00 11.70 -14.73
C ASP G 243 19.92 11.45 -13.54
N GLU G 244 20.21 12.51 -12.80
CA GLU G 244 21.17 12.50 -11.69
C GLU G 244 20.88 11.46 -10.61
N VAL G 245 19.60 11.25 -10.30
CA VAL G 245 19.25 10.31 -9.24
C VAL G 245 19.25 8.82 -9.62
N ILE G 246 19.34 8.54 -10.92
CA ILE G 246 19.37 7.17 -11.41
C ILE G 246 20.85 6.86 -11.61
N ASP G 247 21.48 6.34 -10.58
CA ASP G 247 22.93 6.31 -10.54
C ASP G 247 23.47 4.90 -10.62
N GLY G 248 22.57 3.93 -10.78
CA GLY G 248 22.95 2.55 -10.74
C GLY G 248 21.74 1.68 -11.04
N PRO G 249 21.98 0.39 -11.23
CA PRO G 249 20.91 -0.59 -11.45
C PRO G 249 19.91 -0.64 -10.30
N ASN G 250 20.38 -0.42 -9.09
CA ASN G 250 19.50 -0.50 -7.92
C ASN G 250 18.49 0.65 -7.86
N THR G 251 18.96 1.89 -8.02
CA THR G 251 18.04 3.00 -8.01
C THR G 251 17.10 2.93 -9.24
N LEU G 252 17.63 2.46 -10.37
CA LEU G 252 16.83 2.24 -11.55
C LEU G 252 15.68 1.25 -11.28
N VAL G 253 15.96 0.14 -10.64
CA VAL G 253 14.91 -0.84 -10.44
C VAL G 253 13.83 -0.25 -9.51
N ARG G 254 14.28 0.52 -8.53
CA ARG G 254 13.37 1.24 -7.65
C ARG G 254 12.44 2.13 -8.46
N GLY G 255 13.01 2.98 -9.31
CA GLY G 255 12.23 3.84 -10.17
C GLY G 255 11.27 3.10 -11.08
N ILE G 256 11.74 1.98 -11.63
CA ILE G 256 10.92 1.15 -12.49
C ILE G 256 9.72 0.62 -11.71
N ALA G 257 9.98 0.05 -10.54
CA ALA G 257 8.90 -0.56 -9.77
C ALA G 257 7.90 0.50 -9.26
N GLU G 258 8.39 1.69 -8.97
CA GLU G 258 7.55 2.74 -8.43
C GLU G 258 6.97 3.70 -9.47
N ASP G 259 7.19 3.39 -10.76
CA ASP G 259 6.71 4.21 -11.87
C ASP G 259 7.08 5.67 -11.69
N ALA G 260 8.36 5.90 -11.43
CA ALA G 260 8.88 7.23 -11.15
C ALA G 260 9.28 8.01 -12.40
N MET G 261 9.30 7.35 -13.55
CA MET G 261 9.77 8.06 -14.74
C MET G 261 9.43 7.34 -16.01
N ASP G 262 9.31 8.10 -17.11
CA ASP G 262 9.07 7.52 -18.44
C ASP G 262 10.37 7.31 -19.22
N CYS G 263 11.40 8.10 -18.91
CA CYS G 263 12.69 7.96 -19.62
C CYS G 263 13.83 8.19 -18.65
N ILE G 264 15.06 7.84 -19.06
CA ILE G 264 16.21 8.29 -18.28
C ILE G 264 17.29 8.91 -19.16
N ASN G 265 18.15 9.63 -18.47
CA ASN G 265 19.41 10.08 -19.02
C ASN G 265 20.50 9.17 -18.40
N LEU G 266 21.21 8.44 -19.24
CA LEU G 266 22.24 7.51 -18.78
C LEU G 266 23.61 8.06 -19.08
N LYS G 267 24.32 8.44 -18.02
CA LYS G 267 25.66 8.98 -18.18
C LYS G 267 26.67 7.91 -17.80
N ILE G 268 27.42 7.47 -18.81
CA ILE G 268 28.25 6.28 -18.65
C ILE G 268 29.21 6.40 -17.46
N SER G 269 29.86 7.54 -17.30
CA SER G 269 30.84 7.67 -16.22
C SER G 269 30.18 7.84 -14.84
N LYS G 270 29.02 8.49 -14.80
CA LYS G 270 28.39 8.74 -13.52
C LYS G 270 27.88 7.42 -12.94
N VAL G 271 27.54 6.46 -13.78
CA VAL G 271 27.10 5.17 -13.28
C VAL G 271 28.26 4.16 -13.12
N GLY G 272 29.49 4.55 -13.44
CA GLY G 272 30.63 3.69 -13.12
C GLY G 272 31.15 2.77 -14.23
N GLY G 273 30.77 3.03 -15.47
CA GLY G 273 31.32 2.32 -16.64
C GLY G 273 30.30 1.60 -17.53
N LEU G 274 30.80 0.94 -18.56
CA LEU G 274 29.96 0.23 -19.52
C LEU G 274 29.30 -1.01 -18.90
N THR G 275 30.02 -1.71 -18.03
CA THR G 275 29.47 -2.88 -17.39
C THR G 275 28.14 -2.49 -16.73
N LYS G 276 28.17 -1.45 -15.91
CA LYS G 276 26.94 -1.00 -15.25
C LYS G 276 25.96 -0.35 -16.21
N ALA G 277 26.45 0.43 -17.17
CA ALA G 277 25.56 1.12 -18.10
C ALA G 277 24.80 0.09 -18.90
N LYS G 278 25.49 -0.99 -19.28
CA LYS G 278 24.91 -2.06 -20.08
C LYS G 278 23.74 -2.73 -19.32
N LEU G 279 23.94 -3.02 -18.05
CA LEU G 279 22.88 -3.67 -17.29
C LEU G 279 21.68 -2.73 -17.18
N MET G 280 21.96 -1.44 -17.00
CA MET G 280 20.91 -0.48 -16.85
C MET G 280 20.15 -0.38 -18.18
N ARG G 281 20.92 -0.30 -19.26
CA ARG G 281 20.36 -0.28 -20.60
C ARG G 281 19.38 -1.44 -20.84
N ASP G 282 19.74 -2.66 -20.42
CA ASP G 282 18.87 -3.81 -20.63
C ASP G 282 17.63 -3.80 -19.77
N LEU G 283 17.75 -3.28 -18.56
CA LEU G 283 16.61 -3.11 -17.72
C LEU G 283 15.64 -2.12 -18.32
N CYS G 284 16.17 -1.06 -18.92
CA CYS G 284 15.30 -0.01 -19.47
C CYS G 284 14.52 -0.56 -20.64
N ILE G 285 15.23 -1.24 -21.53
CA ILE G 285 14.58 -1.89 -22.65
C ILE G 285 13.43 -2.76 -22.19
N ALA G 286 13.67 -3.64 -21.22
CA ALA G 286 12.61 -4.54 -20.76
C ALA G 286 11.41 -3.81 -20.20
N HIS G 287 11.59 -2.59 -19.71
CA HIS G 287 10.45 -1.91 -19.11
C HIS G 287 9.94 -0.72 -19.95
N GLY G 288 10.31 -0.71 -21.21
CA GLY G 288 9.86 0.32 -22.13
C GLY G 288 10.31 1.71 -21.73
N ILE G 289 11.57 1.83 -21.30
CA ILE G 289 12.11 3.12 -20.88
C ILE G 289 13.27 3.60 -21.75
N PRO G 290 12.99 4.52 -22.67
CA PRO G 290 14.05 5.06 -23.54
C PRO G 290 15.09 5.85 -22.77
N MET G 291 16.31 5.83 -23.31
CA MET G 291 17.45 6.47 -22.66
C MET G 291 18.11 7.50 -23.52
N THR G 292 18.52 8.58 -22.88
CA THR G 292 19.44 9.52 -23.47
C THR G 292 20.84 9.08 -23.04
N ILE G 293 21.62 8.65 -24.01
CA ILE G 293 22.87 7.99 -23.76
C ILE G 293 23.98 8.97 -24.03
N GLU G 294 24.63 9.36 -22.93
CA GLU G 294 25.71 10.35 -23.01
C GLU G 294 26.71 10.16 -21.86
N ASP G 295 27.19 11.28 -21.32
CA ASP G 295 28.13 11.29 -20.19
C ASP G 295 28.09 12.71 -19.70
N THR G 296 28.90 13.07 -18.70
CA THR G 296 28.90 14.47 -18.24
C THR G 296 29.54 15.41 -19.28
N TRP G 297 30.63 14.98 -19.90
CA TRP G 297 31.32 15.76 -20.94
C TRP G 297 32.41 14.83 -21.46
N GLY G 298 33.15 15.27 -22.48
CA GLY G 298 34.30 14.53 -22.94
C GLY G 298 34.71 14.89 -24.36
N GLY G 299 35.81 14.29 -24.80
CA GLY G 299 36.33 14.48 -26.15
C GLY G 299 36.07 13.25 -26.99
N ASP G 300 37.00 12.94 -27.87
CA ASP G 300 36.83 11.82 -28.80
C ASP G 300 36.58 10.48 -28.13
N ILE G 301 37.28 10.20 -27.04
CA ILE G 301 37.22 8.87 -26.44
C ILE G 301 35.96 8.63 -25.58
N VAL G 302 35.43 9.68 -24.98
CA VAL G 302 34.12 9.57 -24.32
C VAL G 302 33.04 9.37 -25.38
N THR G 303 33.21 10.02 -26.52
CA THR G 303 32.20 9.98 -27.57
C THR G 303 32.14 8.57 -28.19
N ALA G 304 33.28 7.91 -28.27
CA ALA G 304 33.32 6.54 -28.79
C ALA G 304 32.56 5.57 -27.88
N ALA G 305 32.78 5.70 -26.58
CA ALA G 305 32.08 4.88 -25.61
C ALA G 305 30.56 5.08 -25.74
N ILE G 306 30.14 6.33 -25.79
CA ILE G 306 28.74 6.66 -26.06
C ILE G 306 28.16 6.03 -27.33
N ALA G 307 28.81 6.23 -28.47
CA ALA G 307 28.36 5.66 -29.75
C ALA G 307 28.28 4.13 -29.75
N HIS G 308 29.27 3.44 -29.19
CA HIS G 308 29.18 1.98 -29.10
C HIS G 308 27.97 1.53 -28.26
N LEU G 309 27.76 2.19 -27.13
CA LEU G 309 26.62 1.81 -26.29
C LEU G 309 25.28 2.12 -26.95
N ALA G 310 25.19 3.29 -27.59
CA ALA G 310 23.99 3.68 -28.31
C ALA G 310 23.71 2.74 -29.49
N ARG G 311 24.76 2.32 -30.16
CA ARG G 311 24.59 1.42 -31.32
C ARG G 311 24.09 0.06 -30.89
N SER G 312 24.31 -0.31 -29.62
CA SER G 312 23.85 -1.61 -29.13
C SER G 312 22.47 -1.49 -28.52
N THR G 313 21.89 -0.31 -28.63
CA THR G 313 20.54 -0.09 -28.13
C THR G 313 19.60 0.04 -29.32
N PRO G 314 18.43 -0.61 -29.25
CA PRO G 314 17.50 -0.37 -30.36
C PRO G 314 17.02 1.09 -30.43
N SER G 315 16.60 1.51 -31.63
CA SER G 315 16.18 2.87 -31.85
C SER G 315 15.02 3.23 -30.93
N GLU G 316 14.09 2.30 -30.78
CA GLU G 316 12.95 2.49 -29.89
C GLU G 316 13.35 2.93 -28.47
N PHE G 317 14.54 2.56 -28.00
CA PHE G 317 14.89 2.86 -26.61
C PHE G 317 16.08 3.80 -26.50
N THR G 318 16.40 4.41 -27.63
CA THR G 318 17.39 5.47 -27.69
C THR G 318 16.66 6.78 -27.95
N PHE G 319 16.51 7.58 -26.91
CA PHE G 319 15.92 8.89 -27.11
C PHE G 319 16.91 9.78 -27.89
N SER G 320 18.18 9.72 -27.55
CA SER G 320 19.26 10.29 -28.34
C SER G 320 20.57 9.92 -27.69
N ALA G 321 21.67 10.19 -28.40
CA ALA G 321 23.01 10.09 -27.83
C ALA G 321 23.65 11.45 -28.00
N THR G 322 24.90 11.62 -27.58
CA THR G 322 25.52 12.90 -27.85
C THR G 322 26.97 12.86 -28.29
N ASP G 323 27.24 13.76 -29.23
CA ASP G 323 28.51 13.88 -29.92
C ASP G 323 29.32 14.98 -29.26
N PHE G 324 29.84 14.71 -28.07
CA PHE G 324 30.58 15.72 -27.33
C PHE G 324 31.74 16.29 -28.11
N ASN G 325 32.41 15.46 -28.92
CA ASN G 325 33.60 15.95 -29.62
C ASN G 325 33.29 17.10 -30.60
N SER G 326 32.09 17.09 -31.17
CA SER G 326 31.63 18.23 -32.00
C SER G 326 31.75 19.57 -31.27
N TYR G 327 31.75 19.56 -29.94
CA TYR G 327 31.68 20.81 -29.18
C TYR G 327 33.05 21.32 -28.73
N GLY G 328 34.10 20.58 -29.05
CA GLY G 328 35.45 20.99 -28.71
C GLY G 328 36.28 21.36 -29.93
N THR G 329 37.53 21.73 -29.70
CA THR G 329 38.40 22.17 -30.79
C THR G 329 39.70 21.37 -30.87
N VAL G 330 39.83 20.37 -30.00
CA VAL G 330 41.06 19.57 -29.93
C VAL G 330 40.74 18.09 -30.15
N ASP G 331 41.34 17.50 -31.18
CA ASP G 331 41.14 16.07 -31.45
C ASP G 331 42.16 15.29 -30.62
N ILE G 332 41.72 14.24 -29.93
CA ILE G 332 42.62 13.48 -29.05
C ILE G 332 42.75 12.02 -29.46
N ALA G 333 41.98 11.61 -30.44
CA ALA G 333 42.06 10.24 -30.92
C ALA G 333 41.60 10.23 -32.33
N GLU G 334 42.16 9.30 -33.10
CA GLU G 334 41.65 9.06 -34.45
C GLU G 334 40.69 7.89 -34.37
N GLY G 335 39.83 7.77 -35.39
CA GLY G 335 38.83 6.73 -35.46
C GLY G 335 37.58 7.02 -34.62
N ALA G 336 37.51 8.22 -34.06
CA ALA G 336 36.35 8.61 -33.22
C ALA G 336 35.07 8.72 -34.04
N PRO G 337 33.89 8.59 -33.39
CA PRO G 337 32.66 8.89 -34.13
C PRO G 337 32.60 10.37 -34.50
N LYS G 338 31.85 10.67 -35.55
CA LYS G 338 31.69 12.03 -36.03
C LYS G 338 30.26 12.29 -36.43
N ARG G 339 29.74 13.46 -36.12
CA ARG G 339 28.40 13.79 -36.55
C ARG G 339 28.33 13.99 -38.07
N VAL G 340 27.38 13.32 -38.71
CA VAL G 340 26.97 13.59 -40.07
C VAL G 340 25.45 13.78 -40.09
N ASN G 341 25.00 14.92 -40.58
CA ASN G 341 23.58 15.22 -40.71
C ASN G 341 22.72 14.90 -39.48
N GLY G 342 23.11 15.45 -38.34
CA GLY G 342 22.40 15.22 -37.10
C GLY G 342 22.49 13.83 -36.49
N ARG G 343 23.40 12.99 -37.00
CA ARG G 343 23.56 11.63 -36.48
C ARG G 343 25.02 11.19 -36.43
N MET G 344 25.27 10.09 -35.71
CA MET G 344 26.60 9.65 -35.31
C MET G 344 26.64 8.15 -35.46
N THR G 345 27.77 7.61 -35.90
CA THR G 345 27.97 6.16 -35.88
C THR G 345 29.37 5.75 -35.35
N THR G 346 29.79 4.51 -35.60
CA THR G 346 31.14 4.07 -35.27
C THR G 346 31.62 3.27 -36.43
N SER G 347 32.92 2.99 -36.47
CA SER G 347 33.48 1.99 -37.38
C SER G 347 33.20 0.61 -36.80
N ASP G 348 33.64 -0.43 -37.51
CA ASP G 348 33.62 -1.78 -36.96
C ASP G 348 35.00 -2.22 -36.47
N LEU G 349 35.92 -1.29 -36.25
CA LEU G 349 37.26 -1.67 -35.78
C LEU G 349 37.16 -2.22 -34.37
N PRO G 350 38.18 -3.01 -33.96
CA PRO G 350 38.17 -3.65 -32.63
C PRO G 350 38.05 -2.64 -31.49
N GLY G 351 37.39 -3.09 -30.42
CA GLY G 351 37.22 -2.28 -29.21
C GLY G 351 36.45 -0.98 -29.43
N LEU G 352 36.95 0.10 -28.85
CA LEU G 352 36.37 1.43 -29.05
C LEU G 352 36.65 1.89 -30.47
N GLY G 353 37.65 1.28 -31.09
CA GLY G 353 37.98 1.64 -32.47
C GLY G 353 38.76 2.93 -32.57
N ILE G 354 39.35 3.37 -31.46
CA ILE G 354 40.11 4.62 -31.49
C ILE G 354 41.60 4.41 -31.25
N THR G 355 42.38 5.42 -31.60
CA THR G 355 43.80 5.41 -31.35
C THR G 355 44.15 6.79 -30.85
N PRO G 356 44.75 6.85 -29.66
CA PRO G 356 45.02 8.19 -29.15
C PRO G 356 46.16 8.89 -29.85
N ILE G 357 46.04 10.20 -29.93
CA ILE G 357 47.04 11.07 -30.54
C ILE G 357 47.92 11.59 -29.42
N PHE G 358 49.03 10.91 -29.19
CA PHE G 358 49.84 11.18 -28.00
C PHE G 358 50.52 12.55 -27.96
N ASP G 359 50.70 13.18 -29.13
CA ASP G 359 51.21 14.55 -29.16
C ASP G 359 50.32 15.47 -28.33
N VAL G 360 49.01 15.24 -28.43
CA VAL G 360 48.02 16.05 -27.73
C VAL G 360 47.91 15.69 -26.24
N LEU G 361 48.18 14.43 -25.90
CA LEU G 361 47.92 13.96 -24.53
C LEU G 361 49.05 14.32 -23.59
N GLY G 362 50.22 14.55 -24.15
CA GLY G 362 51.39 14.87 -23.37
C GLY G 362 51.97 13.65 -22.70
N GLU G 363 52.80 13.92 -21.70
CA GLU G 363 53.38 12.90 -20.86
C GLU G 363 52.39 12.56 -19.75
N PRO G 364 52.32 11.29 -19.36
CA PRO G 364 51.54 10.89 -18.20
C PRO G 364 51.74 11.83 -17.01
N VAL G 365 50.65 12.17 -16.32
CA VAL G 365 50.77 12.90 -15.06
C VAL G 365 50.97 11.87 -13.94
N ALA G 366 50.65 10.62 -14.23
CA ALA G 366 50.90 9.56 -13.29
C ALA G 366 51.13 8.23 -14.00
N ARG G 367 52.03 7.41 -13.45
CA ARG G 367 52.20 6.04 -13.92
C ARG G 367 52.12 5.13 -12.73
N TYR G 368 51.43 4.00 -12.90
CA TYR G 368 51.40 2.94 -11.88
C TYR G 368 51.84 1.62 -12.51
N SER G 369 52.67 0.87 -11.79
CA SER G 369 53.19 -0.39 -12.30
C SER G 369 53.64 -1.27 -11.14
N HIS H 2 -42.09 -20.98 -28.32
CA HIS H 2 -41.10 -21.01 -27.22
C HIS H 2 -41.72 -20.87 -25.81
N MET H 3 -41.12 -21.61 -24.88
CA MET H 3 -41.63 -21.85 -23.52
C MET H 3 -41.89 -20.61 -22.69
N LYS H 4 -42.97 -20.68 -21.92
CA LYS H 4 -43.36 -19.63 -21.01
C LYS H 4 -43.72 -20.28 -19.68
N ILE H 5 -43.44 -19.57 -18.59
CA ILE H 5 -43.83 -20.03 -17.25
C ILE H 5 -45.32 -19.80 -17.03
N THR H 6 -46.04 -20.83 -16.62
CA THR H 6 -47.50 -20.77 -16.49
C THR H 6 -47.97 -20.81 -15.05
N ALA H 7 -47.17 -21.38 -14.16
CA ALA H 7 -47.51 -21.44 -12.75
C ALA H 7 -46.25 -21.61 -11.91
N ILE H 8 -46.24 -21.03 -10.71
CA ILE H 8 -45.22 -21.36 -9.70
C ILE H 8 -45.88 -21.88 -8.43
N ASN H 9 -45.61 -23.13 -8.08
CA ASN H 9 -46.18 -23.72 -6.87
C ASN H 9 -45.13 -23.92 -5.79
N VAL H 10 -45.50 -23.56 -4.56
CA VAL H 10 -44.62 -23.62 -3.41
C VAL H 10 -45.09 -24.62 -2.36
N PHE H 11 -44.25 -25.62 -2.09
CA PHE H 11 -44.55 -26.63 -1.12
C PHE H 11 -43.75 -26.41 0.15
N GLN H 12 -44.28 -26.89 1.26
CA GLN H 12 -43.56 -26.85 2.52
C GLN H 12 -43.46 -28.27 3.06
N VAL H 13 -42.25 -28.69 3.41
CA VAL H 13 -42.07 -30.01 4.03
C VAL H 13 -41.13 -29.96 5.23
N ASP H 14 -41.53 -30.67 6.31
CA ASP H 14 -40.68 -30.82 7.49
C ASP H 14 -39.56 -31.82 7.21
N LEU H 15 -38.35 -31.45 7.64
CA LEU H 15 -37.19 -32.32 7.54
C LEU H 15 -36.63 -32.53 8.94
N PRO H 16 -36.91 -33.70 9.53
CA PRO H 16 -36.37 -34.12 10.83
C PRO H 16 -34.94 -34.63 10.73
N LEU H 17 -34.23 -34.61 11.85
CA LEU H 17 -32.84 -35.01 11.88
C LEU H 17 -32.75 -36.42 12.43
N ARG H 18 -31.64 -37.09 12.14
CA ARG H 18 -31.39 -38.40 12.72
C ARG H 18 -30.88 -38.30 14.16
N GLU H 19 -30.07 -37.27 14.43
CA GLU H 19 -29.52 -37.08 15.77
C GLU H 19 -30.48 -36.32 16.70
N GLY H 20 -31.57 -35.82 16.13
CA GLY H 20 -32.57 -35.10 16.90
C GLY H 20 -32.27 -33.62 17.05
N ARG H 21 -31.01 -33.23 17.04
CA ARG H 21 -30.67 -31.83 17.23
C ARG H 21 -29.35 -31.46 16.55
N TYR H 22 -29.36 -30.30 15.89
CA TYR H 22 -28.18 -29.73 15.28
C TYR H 22 -27.84 -28.36 15.90
N SER H 23 -26.66 -28.26 16.53
CA SER H 23 -26.25 -27.05 17.23
C SER H 23 -25.01 -26.42 16.59
N TRP H 24 -25.00 -25.09 16.48
CA TRP H 24 -23.81 -24.39 16.03
C TRP H 24 -23.55 -23.11 16.84
N SER H 25 -22.82 -22.18 16.25
CA SER H 25 -22.33 -21.00 16.95
C SER H 25 -23.45 -20.22 17.64
N ASN H 26 -23.06 -19.40 18.62
CA ASN H 26 -24.00 -18.51 19.30
C ASN H 26 -25.17 -19.25 19.98
N GLY H 27 -24.89 -20.41 20.59
CA GLY H 27 -25.91 -21.23 21.24
C GLY H 27 -27.08 -21.71 20.37
N ASN H 28 -26.99 -21.47 19.05
CA ASN H 28 -28.04 -21.85 18.09
C ASN H 28 -28.23 -23.36 18.00
N PHE H 29 -29.48 -23.78 17.80
CA PHE H 29 -29.78 -25.18 17.53
C PHE H 29 -31.14 -25.30 16.81
N VAL H 30 -31.34 -26.44 16.18
CA VAL H 30 -32.61 -26.71 15.51
C VAL H 30 -32.86 -28.21 15.65
N GLU H 31 -34.13 -28.60 15.68
CA GLU H 31 -34.46 -30.02 15.79
C GLU H 31 -35.23 -30.53 14.57
N VAL H 32 -36.08 -29.68 13.99
CA VAL H 32 -36.76 -30.02 12.74
C VAL H 32 -36.70 -28.84 11.79
N PHE H 33 -36.05 -29.04 10.65
CA PHE H 33 -35.86 -27.97 9.66
C PHE H 33 -37.10 -27.75 8.81
N ASP H 34 -37.37 -26.47 8.49
CA ASP H 34 -38.43 -26.10 7.58
C ASP H 34 -37.87 -25.92 6.17
N SER H 35 -38.20 -26.86 5.29
CA SER H 35 -37.77 -26.75 3.91
C SER H 35 -38.88 -26.32 2.99
N THR H 36 -38.49 -25.73 1.87
CA THR H 36 -39.41 -25.32 0.83
C THR H 36 -39.00 -25.94 -0.49
N VAL H 37 -39.98 -26.49 -1.18
CA VAL H 37 -39.80 -26.96 -2.53
C VAL H 37 -40.60 -26.10 -3.51
N VAL H 38 -39.93 -25.69 -4.58
CA VAL H 38 -40.54 -24.88 -5.63
C VAL H 38 -40.77 -25.74 -6.87
N GLU H 39 -41.94 -25.56 -7.47
CA GLU H 39 -42.27 -26.20 -8.75
C GLU H 39 -42.64 -25.14 -9.77
N ILE H 40 -41.96 -25.16 -10.91
CA ILE H 40 -42.26 -24.25 -12.01
C ILE H 40 -42.90 -24.98 -13.18
N GLU H 41 -44.14 -24.63 -13.50
CA GLU H 41 -44.86 -25.23 -14.60
C GLU H 41 -44.74 -24.41 -15.88
N THR H 42 -44.68 -25.09 -17.01
CA THR H 42 -44.63 -24.40 -18.30
C THR H 42 -45.81 -24.81 -19.20
N ASP H 43 -46.06 -24.00 -20.24
CA ASP H 43 -47.11 -24.28 -21.21
C ASP H 43 -46.63 -25.29 -22.24
N GLU H 44 -45.68 -26.13 -21.89
CA GLU H 44 -45.33 -27.26 -22.74
C GLU H 44 -45.27 -28.52 -21.89
N GLY H 45 -45.87 -28.46 -20.72
CA GLY H 45 -45.92 -29.61 -19.84
C GLY H 45 -44.67 -29.86 -18.99
N LEU H 46 -43.49 -29.43 -19.47
CA LEU H 46 -42.26 -29.58 -18.70
C LEU H 46 -42.40 -28.91 -17.35
N LYS H 47 -41.80 -29.52 -16.33
CA LYS H 47 -41.82 -28.94 -14.99
C LYS H 47 -40.40 -28.84 -14.32
N GLY H 48 -40.10 -27.69 -13.76
CA GLY H 48 -38.83 -27.51 -13.05
C GLY H 48 -38.98 -27.58 -11.54
N TYR H 49 -38.03 -28.21 -10.85
CA TYR H 49 -38.07 -28.30 -9.38
C TYR H 49 -36.78 -27.79 -8.69
N ALA H 50 -36.94 -27.25 -7.47
CA ALA H 50 -35.80 -26.88 -6.63
C ALA H 50 -36.20 -26.84 -5.17
N GLU H 51 -35.22 -26.88 -4.27
CA GLU H 51 -35.49 -26.84 -2.84
C GLU H 51 -34.56 -25.84 -2.16
N CYS H 52 -35.06 -25.23 -1.09
CA CYS H 52 -34.27 -24.33 -0.29
C CYS H 52 -34.62 -24.49 1.19
N CYS H 53 -33.61 -24.80 1.99
CA CYS H 53 -33.76 -25.01 3.42
C CYS H 53 -32.71 -24.27 4.23
N PRO H 54 -33.00 -23.04 4.66
CA PRO H 54 -32.01 -22.33 5.48
C PRO H 54 -31.95 -22.84 6.94
N LEU H 55 -30.91 -22.45 7.67
CA LEU H 55 -30.80 -22.86 9.07
C LEU H 55 -31.95 -22.31 9.92
N SER H 62 -38.83 -18.71 11.15
CA SER H 62 -37.73 -17.76 11.00
C SER H 62 -37.38 -17.53 9.51
N TYR H 63 -36.20 -17.96 9.08
CA TYR H 63 -35.70 -17.69 7.72
C TYR H 63 -36.53 -18.37 6.62
N ALA H 64 -37.12 -19.53 6.91
CA ALA H 64 -37.93 -20.19 5.90
C ALA H 64 -39.15 -19.34 5.54
N LEU H 65 -39.64 -18.51 6.48
CA LEU H 65 -40.76 -17.61 6.20
C LEU H 65 -40.36 -16.60 5.13
N GLY H 66 -39.13 -16.10 5.25
CA GLY H 66 -38.57 -15.18 4.29
C GLY H 66 -38.39 -15.79 2.91
N VAL H 67 -38.00 -17.05 2.85
CA VAL H 67 -37.97 -17.77 1.60
C VAL H 67 -39.35 -17.69 0.91
N ARG H 68 -40.42 -18.00 1.63
CA ARG H 68 -41.77 -18.02 1.03
C ARG H 68 -42.39 -16.65 0.84
N SER H 69 -42.09 -15.70 1.73
CA SER H 69 -42.53 -14.35 1.48
C SER H 69 -41.77 -13.80 0.26
N GLY H 70 -40.48 -14.15 0.15
CA GLY H 70 -39.67 -13.73 -0.99
C GLY H 70 -40.25 -14.25 -2.30
N LEU H 71 -40.63 -15.51 -2.30
CA LEU H 71 -41.23 -16.11 -3.47
C LEU H 71 -42.55 -15.48 -3.87
N GLN H 72 -43.28 -14.95 -2.89
CA GLN H 72 -44.57 -14.36 -3.21
C GLN H 72 -44.35 -13.07 -3.94
N GLU H 73 -43.31 -12.35 -3.53
CA GLU H 73 -42.99 -11.06 -4.10
C GLU H 73 -42.44 -11.24 -5.52
N LEU H 74 -41.70 -12.32 -5.74
CA LEU H 74 -41.05 -12.55 -7.05
C LEU H 74 -41.98 -13.12 -8.11
N ALA H 75 -42.76 -14.13 -7.73
CA ALA H 75 -43.39 -15.04 -8.70
C ALA H 75 -44.29 -14.33 -9.71
N PRO H 76 -45.10 -13.37 -9.25
CA PRO H 76 -45.93 -12.61 -10.19
C PRO H 76 -45.12 -12.03 -11.35
N HIS H 77 -43.89 -11.56 -11.07
CA HIS H 77 -43.07 -11.01 -12.16
C HIS H 77 -42.50 -12.07 -13.14
N LEU H 78 -42.58 -13.35 -12.77
CA LEU H 78 -41.99 -14.44 -13.56
C LEU H 78 -43.00 -15.16 -14.48
N ILE H 79 -44.27 -15.15 -14.12
CA ILE H 79 -45.32 -15.72 -14.97
C ILE H 79 -45.22 -15.15 -16.38
N GLY H 80 -45.28 -16.02 -17.37
CA GLY H 80 -45.14 -15.61 -18.76
C GLY H 80 -43.70 -15.51 -19.29
N LYS H 81 -42.71 -15.58 -18.41
CA LYS H 81 -41.32 -15.47 -18.84
C LYS H 81 -40.78 -16.80 -19.35
N ASP H 82 -39.65 -16.72 -20.06
CA ASP H 82 -39.01 -17.87 -20.66
C ASP H 82 -38.04 -18.41 -19.63
N PRO H 83 -38.32 -19.61 -19.10
CA PRO H 83 -37.42 -20.16 -18.07
C PRO H 83 -36.05 -20.63 -18.58
N LEU H 84 -35.93 -20.83 -19.90
CA LEU H 84 -34.66 -21.27 -20.48
C LEU H 84 -33.72 -20.07 -20.64
N ASN H 85 -34.27 -18.86 -20.61
CA ASN H 85 -33.45 -17.69 -20.62
C ASN H 85 -33.06 -17.31 -19.18
N ILE H 86 -32.14 -18.08 -18.61
CA ILE H 86 -31.87 -18.00 -17.19
C ILE H 86 -31.32 -16.62 -16.80
N GLY H 87 -30.53 -16.01 -17.68
CA GLY H 87 -30.02 -14.68 -17.44
C GLY H 87 -31.13 -13.65 -17.33
N GLU H 88 -32.22 -13.83 -18.08
CA GLU H 88 -33.33 -12.89 -18.03
C GLU H 88 -34.18 -13.08 -16.79
N ILE H 89 -34.35 -14.33 -16.39
CA ILE H 89 -34.98 -14.66 -15.13
C ILE H 89 -34.28 -13.96 -13.96
N ASN H 90 -32.97 -14.14 -13.90
CA ASN H 90 -32.21 -13.59 -12.80
C ASN H 90 -32.30 -12.06 -12.76
N ARG H 91 -32.22 -11.43 -13.93
CA ARG H 91 -32.36 -9.99 -14.03
C ARG H 91 -33.75 -9.49 -13.60
N VAL H 92 -34.79 -10.22 -14.00
CA VAL H 92 -36.15 -9.84 -13.65
C VAL H 92 -36.31 -9.88 -12.13
N MET H 93 -35.73 -10.91 -11.52
CA MET H 93 -35.82 -11.09 -10.08
C MET H 93 -35.09 -9.97 -9.33
N ASP H 94 -33.87 -9.67 -9.75
CA ASP H 94 -33.05 -8.65 -9.10
C ASP H 94 -33.74 -7.31 -9.21
N ALA H 95 -34.38 -7.08 -10.34
CA ALA H 95 -35.11 -5.83 -10.54
C ALA H 95 -36.37 -5.78 -9.67
N ALA H 96 -36.92 -6.94 -9.36
CA ALA H 96 -38.15 -7.04 -8.62
C ALA H 96 -37.94 -6.94 -7.10
N LEU H 97 -36.77 -7.36 -6.63
CA LEU H 97 -36.60 -7.59 -5.20
C LEU H 97 -35.11 -7.57 -4.83
N ARG H 98 -34.75 -6.72 -3.86
CA ARG H 98 -33.39 -6.60 -3.38
C ARG H 98 -33.12 -7.63 -2.29
N GLY H 99 -31.92 -8.22 -2.34
CA GLY H 99 -31.51 -9.26 -1.40
C GLY H 99 -32.27 -10.55 -1.63
N HIS H 100 -32.71 -11.16 -0.54
CA HIS H 100 -33.49 -12.40 -0.59
C HIS H 100 -32.84 -13.49 -1.43
N PRO H 101 -31.53 -13.72 -1.27
CA PRO H 101 -30.88 -14.73 -2.09
C PRO H 101 -31.52 -16.11 -1.93
N TYR H 102 -31.97 -16.47 -0.73
CA TYR H 102 -32.62 -17.77 -0.53
C TYR H 102 -33.95 -17.95 -1.29
N ALA H 103 -34.64 -16.85 -1.63
CA ALA H 103 -35.89 -16.91 -2.42
C ALA H 103 -35.59 -17.04 -3.93
N LYS H 104 -34.55 -16.34 -4.38
CA LYS H 104 -34.17 -16.32 -5.79
C LYS H 104 -33.57 -17.66 -6.21
N ALA H 105 -32.84 -18.29 -5.29
CA ALA H 105 -32.06 -19.44 -5.61
C ALA H 105 -32.89 -20.56 -6.22
N PRO H 106 -34.00 -20.95 -5.57
CA PRO H 106 -34.70 -22.12 -6.09
C PRO H 106 -35.37 -21.85 -7.42
N ILE H 107 -35.59 -20.58 -7.73
CA ILE H 107 -36.16 -20.21 -9.03
C ILE H 107 -35.10 -20.41 -10.11
N ASP H 108 -33.90 -19.93 -9.82
CA ASP H 108 -32.75 -20.13 -10.70
C ASP H 108 -32.57 -21.63 -10.93
N ILE H 109 -32.57 -22.41 -9.85
CA ILE H 109 -32.25 -23.83 -9.92
C ILE H 109 -33.37 -24.58 -10.63
N ALA H 110 -34.62 -24.19 -10.40
CA ALA H 110 -35.72 -24.82 -11.11
C ALA H 110 -35.62 -24.53 -12.61
N CYS H 111 -35.16 -23.33 -12.98
CA CYS H 111 -34.93 -23.04 -14.40
C CYS H 111 -33.75 -23.84 -14.99
N TRP H 112 -32.65 -23.99 -14.24
CA TRP H 112 -31.59 -24.92 -14.63
C TRP H 112 -32.15 -26.34 -14.82
N ASP H 113 -33.10 -26.72 -13.96
CA ASP H 113 -33.70 -28.05 -14.08
C ASP H 113 -34.53 -28.16 -15.37
N LEU H 114 -35.33 -27.14 -15.68
CA LEU H 114 -36.07 -27.07 -16.93
C LEU H 114 -35.18 -27.06 -18.18
N LEU H 115 -34.01 -26.45 -18.08
CA LEU H 115 -33.10 -26.42 -19.21
C LEU H 115 -32.49 -27.81 -19.44
N GLY H 116 -32.26 -28.54 -18.36
CA GLY H 116 -31.90 -29.95 -18.47
C GLY H 116 -32.99 -30.73 -19.18
N LYS H 117 -34.20 -30.63 -18.67
CA LYS H 117 -35.32 -31.37 -19.23
C LYS H 117 -35.53 -31.00 -20.70
N ALA H 118 -35.54 -29.71 -20.99
CA ALA H 118 -35.74 -29.24 -22.36
C ALA H 118 -34.66 -29.72 -23.34
N THR H 119 -33.41 -29.78 -22.90
CA THR H 119 -32.30 -30.11 -23.78
C THR H 119 -31.83 -31.55 -23.66
N GLY H 120 -32.40 -32.30 -22.73
CA GLY H 120 -32.00 -33.69 -22.55
C GLY H 120 -30.63 -33.90 -21.92
N GLN H 121 -30.18 -32.95 -21.11
CA GLN H 121 -28.85 -33.04 -20.53
C GLN H 121 -28.90 -32.98 -19.01
N PRO H 122 -28.08 -33.81 -18.35
CA PRO H 122 -27.96 -33.65 -16.91
C PRO H 122 -27.31 -32.29 -16.58
N LEU H 123 -27.55 -31.74 -15.38
CA LEU H 123 -26.96 -30.45 -14.98
C LEU H 123 -25.45 -30.42 -15.02
N TYR H 124 -24.79 -31.49 -14.63
CA TYR H 124 -23.33 -31.46 -14.54
C TYR H 124 -22.76 -31.23 -15.95
N THR H 125 -23.50 -31.65 -16.96
CA THR H 125 -23.10 -31.33 -18.32
C THR H 125 -23.35 -29.86 -18.64
N LEU H 126 -24.56 -29.35 -18.38
CA LEU H 126 -24.85 -27.92 -18.58
C LEU H 126 -24.03 -26.97 -17.70
N LEU H 127 -23.62 -27.44 -16.51
CA LEU H 127 -22.75 -26.65 -15.63
C LEU H 127 -21.27 -26.64 -16.06
N GLY H 128 -20.94 -27.33 -17.16
CA GLY H 128 -19.60 -27.24 -17.73
C GLY H 128 -18.95 -28.55 -18.12
N GLY H 129 -19.54 -29.67 -17.70
CA GLY H 129 -19.03 -31.00 -18.05
C GLY H 129 -18.68 -31.80 -16.82
N ALA H 130 -18.89 -33.11 -16.87
CA ALA H 130 -18.46 -33.99 -15.79
C ALA H 130 -16.94 -33.95 -15.63
N ALA H 131 -16.46 -33.57 -14.46
CA ALA H 131 -15.04 -33.70 -14.18
C ALA H 131 -14.72 -34.82 -13.17
N GLN H 132 -15.75 -35.45 -12.60
CA GLN H 132 -15.61 -36.46 -11.54
C GLN H 132 -16.72 -37.49 -11.67
N ASP H 133 -16.39 -38.76 -11.60
CA ASP H 133 -17.40 -39.82 -11.49
C ASP H 133 -18.18 -39.61 -10.20
N ASP H 134 -17.49 -39.55 -9.07
CA ASP H 134 -18.15 -39.33 -7.78
C ASP H 134 -17.38 -38.33 -6.93
N VAL H 135 -18.02 -37.79 -5.91
CA VAL H 135 -17.40 -36.72 -5.14
C VAL H 135 -17.27 -37.06 -3.67
N ALA H 136 -16.21 -36.54 -3.05
CA ALA H 136 -15.92 -36.84 -1.67
C ALA H 136 -16.89 -36.10 -0.74
N LEU H 137 -17.17 -36.72 0.39
CA LEU H 137 -18.09 -36.17 1.39
C LEU H 137 -17.41 -35.88 2.73
N TYR H 138 -17.88 -34.84 3.42
CA TYR H 138 -17.47 -34.59 4.79
C TYR H 138 -18.69 -34.73 5.70
N ARG H 139 -18.46 -35.04 6.97
CA ARG H 139 -19.56 -35.06 7.94
C ARG H 139 -19.46 -33.91 8.94
N ALA H 140 -20.55 -33.13 9.03
CA ALA H 140 -20.69 -31.97 9.93
C ALA H 140 -20.98 -32.41 11.35
N ILE H 141 -20.15 -32.00 12.29
CA ILE H 141 -20.24 -32.46 13.68
C ILE H 141 -20.86 -31.36 14.57
N SER H 142 -22.06 -31.65 15.09
CA SER H 142 -22.84 -30.70 15.88
C SER H 142 -22.11 -30.23 17.16
N GLN H 143 -22.31 -28.96 17.53
CA GLN H 143 -21.67 -28.39 18.73
C GLN H 143 -22.17 -29.02 20.05
N GLU H 144 -21.31 -29.87 20.61
CA GLU H 144 -21.61 -30.59 21.87
C GLU H 144 -20.31 -30.78 22.63
N ALA H 145 -20.38 -31.35 23.83
CA ALA H 145 -19.17 -31.56 24.62
C ALA H 145 -18.14 -32.35 23.82
N PRO H 146 -16.85 -32.00 24.00
CA PRO H 146 -15.69 -32.60 23.29
C PRO H 146 -15.67 -34.13 23.19
N GLU H 147 -16.24 -34.85 24.15
CA GLU H 147 -16.20 -36.32 24.15
C GLU H 147 -17.35 -36.93 23.35
N ILE H 148 -18.46 -36.19 23.26
CA ILE H 148 -19.61 -36.62 22.44
C ILE H 148 -19.30 -36.33 20.97
N MET H 149 -18.74 -35.15 20.72
CA MET H 149 -18.37 -34.77 19.36
C MET H 149 -17.36 -35.76 18.81
N ALA H 150 -16.47 -36.26 19.68
CA ALA H 150 -15.43 -37.22 19.29
C ALA H 150 -15.94 -38.65 19.08
N LYS H 151 -16.87 -39.09 19.93
CA LYS H 151 -17.51 -40.39 19.76
C LYS H 151 -18.35 -40.44 18.46
N LYS H 152 -18.94 -39.29 18.09
CA LYS H 152 -19.74 -39.22 16.85
C LYS H 152 -18.91 -39.19 15.56
N ILE H 153 -17.81 -38.46 15.55
CA ILE H 153 -16.85 -38.50 14.44
C ILE H 153 -16.30 -39.92 14.20
N GLU H 154 -15.76 -40.53 15.27
CA GLU H 154 -15.22 -41.90 15.25
C GLU H 154 -16.13 -42.85 14.50
N GLY H 155 -17.40 -42.87 14.90
CA GLY H 155 -18.43 -43.64 14.23
C GLY H 155 -18.71 -43.22 12.80
N TYR H 156 -18.89 -41.91 12.55
CA TYR H 156 -19.07 -41.40 11.18
C TYR H 156 -17.91 -41.75 10.27
N ALA H 157 -16.72 -41.87 10.86
CA ALA H 157 -15.52 -42.25 10.09
C ALA H 157 -15.50 -43.74 9.84
N ALA H 158 -16.18 -44.49 10.72
CA ALA H 158 -16.31 -45.92 10.54
C ALA H 158 -17.24 -46.17 9.33
N GLU H 159 -17.98 -45.15 8.91
CA GLU H 159 -18.84 -45.24 7.73
C GLU H 159 -18.12 -44.93 6.40
N GLY H 160 -16.88 -44.43 6.47
CA GLY H 160 -16.12 -44.16 5.25
C GLY H 160 -15.87 -42.68 4.96
N TYR H 161 -16.48 -41.82 5.77
CA TYR H 161 -16.16 -40.40 5.77
C TYR H 161 -14.70 -40.21 6.19
N THR H 162 -13.94 -39.49 5.39
CA THR H 162 -12.57 -39.13 5.72
C THR H 162 -12.37 -37.62 5.90
N LYS H 163 -13.46 -36.86 6.01
CA LYS H 163 -13.36 -35.40 6.17
C LYS H 163 -14.44 -34.96 7.11
N PHE H 164 -14.14 -33.95 7.92
CA PHE H 164 -15.04 -33.51 8.99
C PHE H 164 -15.01 -32.01 9.24
N GLN H 165 -16.16 -31.47 9.65
CA GLN H 165 -16.32 -30.05 9.94
C GLN H 165 -16.89 -29.86 11.34
N LEU H 166 -16.01 -29.72 12.33
CA LEU H 166 -16.44 -29.41 13.70
C LEU H 166 -17.20 -28.12 13.73
N LYS H 167 -18.29 -28.09 14.49
CA LYS H 167 -19.06 -26.85 14.66
C LYS H 167 -18.60 -26.18 15.94
N VAL H 168 -17.53 -25.37 15.87
CA VAL H 168 -17.07 -24.62 17.04
C VAL H 168 -17.66 -23.21 16.97
N GLY H 169 -16.93 -22.20 17.44
CA GLY H 169 -17.52 -20.86 17.53
C GLY H 169 -18.43 -20.63 18.75
N GLY H 170 -18.20 -21.40 19.80
CA GLY H 170 -18.83 -21.10 21.08
C GLY H 170 -17.80 -20.47 21.99
N ASP H 171 -17.62 -21.04 23.17
CA ASP H 171 -16.65 -20.55 24.13
C ASP H 171 -15.26 -20.94 23.65
N ALA H 172 -14.34 -20.00 23.63
CA ALA H 172 -13.00 -20.25 23.13
C ALA H 172 -12.35 -21.49 23.76
N ASN H 173 -12.50 -21.64 25.07
CA ASN H 173 -11.82 -22.72 25.77
C ASN H 173 -12.44 -24.09 25.48
N ASP H 174 -13.76 -24.18 25.58
CA ASP H 174 -14.45 -25.36 25.13
C ASP H 174 -13.99 -25.71 23.70
N ASP H 175 -13.90 -24.71 22.84
CA ASP H 175 -13.53 -24.95 21.45
C ASP H 175 -12.07 -25.47 21.28
N ILE H 176 -11.12 -24.92 22.03
CA ILE H 176 -9.77 -25.51 22.04
C ILE H 176 -9.79 -27.00 22.46
N ASN H 177 -10.58 -27.36 23.48
CA ASN H 177 -10.73 -28.77 23.88
C ASN H 177 -11.41 -29.64 22.83
N ARG H 178 -12.53 -29.18 22.29
CA ARG H 178 -13.20 -29.89 21.22
C ARG H 178 -12.22 -30.16 20.05
N ILE H 179 -11.50 -29.13 19.61
CA ILE H 179 -10.59 -29.32 18.48
C ILE H 179 -9.56 -30.41 18.83
N HIS H 180 -8.86 -30.28 19.96
CA HIS H 180 -7.87 -31.29 20.39
C HIS H 180 -8.42 -32.72 20.54
N ALA H 181 -9.51 -32.86 21.28
CA ALA H 181 -10.18 -34.15 21.43
C ALA H 181 -10.48 -34.78 20.07
N THR H 182 -11.14 -34.00 19.22
CA THR H 182 -11.59 -34.53 17.95
C THR H 182 -10.42 -34.92 17.05
N ARG H 183 -9.38 -34.08 17.00
CA ARG H 183 -8.22 -34.33 16.13
C ARG H 183 -7.52 -35.66 16.46
N SER H 184 -7.39 -35.97 17.75
CA SER H 184 -6.56 -37.10 18.19
C SER H 184 -7.23 -38.47 17.99
N VAL H 185 -8.55 -38.49 17.75
CA VAL H 185 -9.26 -39.72 17.43
C VAL H 185 -9.21 -40.06 15.94
N LEU H 186 -8.63 -39.18 15.13
CA LEU H 186 -8.64 -39.41 13.69
C LEU H 186 -7.34 -40.01 13.17
N LYS H 187 -7.47 -40.81 12.12
CA LYS H 187 -6.30 -41.23 11.36
C LYS H 187 -5.59 -39.97 10.86
N LYS H 188 -4.27 -39.98 10.91
CA LYS H 188 -3.45 -38.87 10.47
C LYS H 188 -3.95 -38.36 9.12
N SER H 189 -4.42 -39.27 8.27
CA SER H 189 -4.84 -38.93 6.90
C SER H 189 -6.19 -38.21 6.79
N ASP H 190 -6.97 -38.20 7.87
CA ASP H 190 -8.29 -37.59 7.86
C ASP H 190 -8.18 -36.04 7.95
N LEU H 191 -9.04 -35.36 7.21
CA LEU H 191 -9.09 -33.90 7.28
C LEU H 191 -10.07 -33.44 8.34
N LEU H 192 -9.67 -32.42 9.09
CA LEU H 192 -10.53 -31.82 10.12
C LEU H 192 -10.62 -30.31 9.93
N VAL H 193 -11.83 -29.82 9.68
CA VAL H 193 -12.09 -28.38 9.60
C VAL H 193 -12.76 -27.91 10.88
N ALA H 194 -12.25 -26.82 11.48
CA ALA H 194 -12.89 -26.20 12.65
C ALA H 194 -13.66 -25.02 12.17
N ASP H 195 -14.98 -25.12 12.18
CA ASP H 195 -15.85 -24.09 11.62
C ASP H 195 -16.49 -23.32 12.76
N ALA H 196 -16.07 -22.08 12.91
CA ALA H 196 -16.62 -21.22 13.96
C ALA H 196 -17.96 -20.58 13.58
N ASN H 197 -18.33 -20.65 12.30
CA ASN H 197 -19.56 -20.04 11.79
C ASN H 197 -19.77 -18.64 12.35
N THR H 198 -18.71 -17.83 12.34
CA THR H 198 -18.73 -16.43 12.77
C THR H 198 -18.70 -16.20 14.29
N GLY H 199 -18.71 -17.28 15.06
CA GLY H 199 -18.92 -17.17 16.50
C GLY H 199 -17.81 -16.62 17.37
N TRP H 200 -16.68 -16.19 16.80
CA TRP H 200 -15.64 -15.56 17.61
C TRP H 200 -15.50 -14.07 17.30
N THR H 201 -15.17 -13.30 18.32
CA THR H 201 -14.57 -11.99 18.13
C THR H 201 -13.06 -12.24 17.91
N ARG H 202 -12.31 -11.26 17.45
CA ARG H 202 -10.94 -11.59 17.10
C ARG H 202 -10.04 -11.93 18.29
N HIS H 203 -10.31 -11.39 19.49
CA HIS H 203 -9.44 -11.81 20.58
C HIS H 203 -9.68 -13.27 20.89
N GLU H 204 -10.91 -13.73 20.77
CA GLU H 204 -11.22 -15.14 21.02
C GLU H 204 -10.56 -16.01 19.93
N ALA H 205 -10.71 -15.57 18.68
CA ALA H 205 -10.16 -16.33 17.57
C ALA H 205 -8.63 -16.41 17.66
N ALA H 206 -7.99 -15.32 18.04
CA ALA H 206 -6.54 -15.34 18.27
C ALA H 206 -6.12 -16.43 19.26
N ARG H 207 -6.85 -16.54 20.38
CA ARG H 207 -6.53 -17.54 21.40
C ARG H 207 -6.71 -18.98 20.90
N VAL H 208 -7.81 -19.23 20.18
CA VAL H 208 -8.06 -20.56 19.61
C VAL H 208 -6.97 -20.93 18.59
N VAL H 209 -6.77 -20.12 17.57
CA VAL H 209 -5.86 -20.51 16.48
C VAL H 209 -4.42 -20.52 16.97
N GLY H 210 -4.16 -19.77 18.03
CA GLY H 210 -2.85 -19.78 18.68
C GLY H 210 -2.62 -21.13 19.33
N ALA H 211 -3.63 -21.63 20.03
CA ALA H 211 -3.52 -22.86 20.79
C ALA H 211 -3.61 -24.13 19.93
N VAL H 212 -4.08 -24.04 18.69
CA VAL H 212 -4.12 -25.23 17.86
C VAL H 212 -3.11 -25.15 16.71
N SER H 213 -2.19 -24.21 16.81
CA SER H 213 -1.27 -23.91 15.69
C SER H 213 -0.48 -25.16 15.21
N SER H 214 -0.35 -26.15 16.10
CA SER H 214 0.46 -27.31 15.80
C SER H 214 -0.41 -28.54 15.58
N LEU H 215 -1.73 -28.35 15.54
CA LEU H 215 -2.63 -29.41 15.10
C LEU H 215 -2.83 -29.38 13.58
N ASP H 216 -3.11 -30.54 12.99
CA ASP H 216 -3.34 -30.56 11.55
C ASP H 216 -4.81 -30.23 11.29
N VAL H 217 -5.13 -28.95 11.30
CA VAL H 217 -6.52 -28.56 11.30
C VAL H 217 -6.67 -27.40 10.38
N TYR H 218 -7.89 -27.21 9.85
CA TYR H 218 -8.26 -26.01 9.10
C TYR H 218 -9.12 -25.09 9.97
N ILE H 219 -8.99 -23.79 9.77
CA ILE H 219 -9.78 -22.81 10.50
C ILE H 219 -10.75 -22.14 9.51
N GLU H 220 -12.05 -22.21 9.78
CA GLU H 220 -13.07 -21.73 8.85
C GLU H 220 -13.96 -20.63 9.47
N GLN H 221 -14.02 -19.48 8.83
CA GLN H 221 -14.96 -18.43 9.19
C GLN H 221 -14.99 -18.14 10.70
N PRO H 222 -13.87 -17.64 11.23
CA PRO H 222 -13.76 -17.31 12.66
C PRO H 222 -14.71 -16.17 13.11
N CYS H 223 -14.93 -15.16 12.27
CA CYS H 223 -15.63 -13.97 12.74
C CYS H 223 -16.77 -13.56 11.81
N LEU H 224 -17.56 -12.61 12.29
CA LEU H 224 -18.76 -12.12 11.61
C LEU H 224 -18.46 -11.42 10.30
N THR H 225 -17.39 -10.61 10.26
CA THR H 225 -17.08 -9.87 9.05
C THR H 225 -15.76 -10.29 8.39
N TYR H 226 -15.64 -9.88 7.14
CA TYR H 226 -14.46 -10.08 6.30
C TYR H 226 -13.22 -9.46 6.93
N GLU H 227 -13.38 -8.23 7.38
CA GLU H 227 -12.26 -7.54 7.99
C GLU H 227 -11.80 -8.25 9.24
N GLU H 228 -12.73 -8.71 10.08
CA GLU H 228 -12.30 -9.35 11.30
C GLU H 228 -11.58 -10.67 10.97
N SER H 229 -12.08 -11.36 9.95
CA SER H 229 -11.54 -12.66 9.59
C SER H 229 -10.14 -12.54 8.97
N VAL H 230 -9.94 -11.51 8.14
CA VAL H 230 -8.64 -11.28 7.58
C VAL H 230 -7.63 -11.02 8.68
N SER H 231 -8.05 -10.31 9.72
CA SER H 231 -7.14 -10.08 10.86
C SER H 231 -6.61 -11.39 11.48
N ILE H 232 -7.41 -12.44 11.43
CA ILE H 232 -7.01 -13.71 12.02
C ILE H 232 -6.11 -14.47 11.03
N ARG H 233 -6.53 -14.47 9.78
CA ARG H 233 -5.78 -15.13 8.73
C ARG H 233 -4.33 -14.65 8.76
N ARG H 234 -4.10 -13.35 9.00
CA ARG H 234 -2.73 -12.82 8.99
C ARG H 234 -1.97 -13.24 10.23
N ARG H 235 -2.64 -13.73 11.27
CA ARG H 235 -1.92 -14.19 12.44
C ARG H 235 -1.73 -15.71 12.52
N THR H 236 -2.16 -16.45 11.51
CA THR H 236 -2.03 -17.91 11.54
C THR H 236 -1.47 -18.47 10.25
N ALA H 237 -0.69 -19.53 10.38
CA ALA H 237 -0.11 -20.16 9.22
C ALA H 237 -1.05 -21.26 8.74
N LEU H 238 -2.06 -21.60 9.56
CA LEU H 238 -2.99 -22.70 9.25
C LEU H 238 -3.74 -22.46 7.94
N PRO H 239 -4.07 -23.54 7.23
CA PRO H 239 -4.92 -23.38 6.06
C PRO H 239 -6.24 -22.76 6.50
N PHE H 240 -6.75 -21.83 5.69
CA PHE H 240 -7.79 -20.91 6.11
C PHE H 240 -8.94 -20.83 5.09
N VAL H 241 -10.16 -20.89 5.60
CA VAL H 241 -11.37 -21.06 4.79
C VAL H 241 -12.40 -20.00 5.15
N LEU H 242 -12.92 -19.30 4.15
CA LEU H 242 -14.05 -18.38 4.34
C LEU H 242 -15.36 -18.92 3.75
N ASP H 243 -16.48 -18.51 4.34
CA ASP H 243 -17.77 -19.13 4.06
C ASP H 243 -18.86 -18.05 4.01
N GLU H 244 -19.41 -17.72 5.18
CA GLU H 244 -20.52 -16.78 5.28
C GLU H 244 -20.22 -15.42 4.63
N VAL H 245 -19.00 -14.91 4.78
CA VAL H 245 -18.67 -13.62 4.19
C VAL H 245 -18.30 -13.66 2.68
N ILE H 246 -18.26 -14.85 2.07
CA ILE H 246 -18.10 -14.94 0.62
C ILE H 246 -19.49 -15.23 0.01
N ASP H 247 -20.26 -14.17 -0.21
CA ASP H 247 -21.67 -14.30 -0.54
C ASP H 247 -21.97 -14.10 -2.03
N GLY H 248 -20.95 -13.86 -2.84
CA GLY H 248 -21.12 -13.80 -4.28
C GLY H 248 -19.81 -13.52 -4.95
N PRO H 249 -19.84 -13.34 -6.27
CA PRO H 249 -18.61 -13.13 -7.05
C PRO H 249 -17.80 -11.91 -6.63
N ASN H 250 -18.46 -10.84 -6.18
CA ASN H 250 -17.74 -9.62 -5.85
C ASN H 250 -16.92 -9.70 -4.56
N THR H 251 -17.53 -10.19 -3.47
CA THR H 251 -16.75 -10.39 -2.25
C THR H 251 -15.72 -11.47 -2.52
N LEU H 252 -16.04 -12.44 -3.38
CA LEU H 252 -15.08 -13.48 -3.69
C LEU H 252 -13.80 -12.90 -4.35
N VAL H 253 -13.97 -12.02 -5.33
CA VAL H 253 -12.83 -11.41 -6.02
C VAL H 253 -11.96 -10.58 -5.06
N ARG H 254 -12.60 -9.88 -4.14
CA ARG H 254 -11.88 -9.14 -3.14
C ARG H 254 -10.99 -10.08 -2.30
N GLY H 255 -11.57 -11.18 -1.84
CA GLY H 255 -10.83 -12.16 -1.07
C GLY H 255 -9.68 -12.74 -1.88
N ILE H 256 -9.91 -12.90 -3.18
CA ILE H 256 -8.86 -13.46 -4.05
C ILE H 256 -7.72 -12.45 -4.22
N ALA H 257 -8.06 -11.20 -4.50
CA ALA H 257 -7.05 -10.17 -4.78
C ALA H 257 -6.28 -9.88 -3.50
N GLU H 258 -6.91 -10.07 -2.34
CA GLU H 258 -6.29 -9.72 -1.08
C GLU H 258 -5.71 -10.90 -0.28
N ASP H 259 -5.75 -12.09 -0.86
CA ASP H 259 -5.15 -13.28 -0.23
C ASP H 259 -5.78 -13.50 1.13
N ALA H 260 -7.11 -13.42 1.15
CA ALA H 260 -7.89 -13.54 2.38
C ALA H 260 -8.12 -15.00 2.81
N MET H 261 -7.87 -15.96 1.91
CA MET H 261 -8.16 -17.34 2.24
C MET H 261 -7.56 -18.33 1.27
N ASP H 262 -7.49 -19.59 1.70
CA ASP H 262 -6.98 -20.70 0.89
C ASP H 262 -8.06 -21.54 0.28
N CYS H 263 -9.22 -21.58 0.94
CA CYS H 263 -10.36 -22.32 0.42
C CYS H 263 -11.62 -21.51 0.75
N ILE H 264 -12.72 -21.80 0.06
CA ILE H 264 -14.00 -21.24 0.47
C ILE H 264 -15.03 -22.33 0.57
N ASN H 265 -16.13 -22.01 1.25
CA ASN H 265 -17.35 -22.81 1.19
C ASN H 265 -18.35 -22.12 0.31
N LEU H 266 -18.98 -22.90 -0.54
CA LEU H 266 -19.90 -22.37 -1.50
C LEU H 266 -21.25 -22.93 -1.13
N LYS H 267 -22.10 -22.06 -0.58
CA LYS H 267 -23.44 -22.47 -0.24
C LYS H 267 -24.39 -22.04 -1.37
N ILE H 268 -24.91 -23.02 -2.10
CA ILE H 268 -25.59 -22.74 -3.36
C ILE H 268 -26.75 -21.74 -3.22
N SER H 269 -27.59 -21.91 -2.19
CA SER H 269 -28.76 -21.07 -2.01
C SER H 269 -28.36 -19.72 -1.42
N LYS H 270 -27.38 -19.73 -0.51
CA LYS H 270 -26.87 -18.51 0.10
C LYS H 270 -26.35 -17.53 -0.94
N VAL H 271 -25.69 -18.04 -1.97
CA VAL H 271 -25.14 -17.15 -2.98
C VAL H 271 -26.20 -16.85 -4.06
N GLY H 272 -27.39 -17.45 -3.93
CA GLY H 272 -28.53 -17.13 -4.80
C GLY H 272 -28.76 -17.93 -6.08
N GLY H 273 -28.33 -19.20 -6.09
CA GLY H 273 -28.65 -20.12 -7.17
C GLY H 273 -27.42 -20.72 -7.85
N LEU H 274 -27.65 -21.60 -8.82
CA LEU H 274 -26.58 -22.25 -9.55
C LEU H 274 -25.88 -21.28 -10.53
N THR H 275 -26.59 -20.27 -10.99
CA THR H 275 -25.96 -19.34 -11.92
C THR H 275 -24.83 -18.60 -11.25
N LYS H 276 -25.08 -18.10 -10.05
CA LYS H 276 -24.06 -17.42 -9.26
C LYS H 276 -22.99 -18.39 -8.78
N ALA H 277 -23.39 -19.58 -8.34
CA ALA H 277 -22.43 -20.53 -7.77
C ALA H 277 -21.45 -20.98 -8.83
N LYS H 278 -21.94 -21.14 -10.07
CA LYS H 278 -21.09 -21.58 -11.15
C LYS H 278 -20.03 -20.54 -11.47
N LEU H 279 -20.45 -19.28 -11.54
CA LEU H 279 -19.53 -18.18 -11.79
C LEU H 279 -18.42 -18.19 -10.72
N MET H 280 -18.81 -18.35 -9.47
CA MET H 280 -17.86 -18.34 -8.36
C MET H 280 -16.99 -19.57 -8.42
N ARG H 281 -17.57 -20.67 -8.87
CA ARG H 281 -16.85 -21.93 -8.96
C ARG H 281 -15.74 -21.84 -10.00
N ASP H 282 -16.08 -21.29 -11.16
CA ASP H 282 -15.09 -21.08 -12.26
C ASP H 282 -13.98 -20.10 -11.87
N LEU H 283 -14.32 -19.04 -11.13
CA LEU H 283 -13.29 -18.14 -10.65
C LEU H 283 -12.37 -18.85 -9.66
N CYS H 284 -12.95 -19.65 -8.78
CA CYS H 284 -12.17 -20.37 -7.77
C CYS H 284 -11.16 -21.29 -8.42
N ILE H 285 -11.61 -22.08 -9.38
CA ILE H 285 -10.72 -22.94 -10.16
C ILE H 285 -9.54 -22.13 -10.73
N ALA H 286 -9.86 -21.02 -11.38
CA ALA H 286 -8.83 -20.24 -12.08
C ALA H 286 -7.80 -19.69 -11.12
N HIS H 287 -8.11 -19.63 -9.83
CA HIS H 287 -7.17 -19.06 -8.89
C HIS H 287 -6.62 -20.06 -7.89
N GLY H 288 -6.81 -21.33 -8.17
CA GLY H 288 -6.24 -22.36 -7.33
C GLY H 288 -6.90 -22.50 -5.98
N ILE H 289 -8.20 -22.21 -5.94
CA ILE H 289 -8.94 -22.16 -4.68
C ILE H 289 -9.97 -23.31 -4.58
N PRO H 290 -9.69 -24.33 -3.75
CA PRO H 290 -10.66 -25.41 -3.61
C PRO H 290 -11.90 -25.00 -2.86
N MET H 291 -12.98 -25.70 -3.14
CA MET H 291 -14.29 -25.37 -2.58
C MET H 291 -14.88 -26.57 -1.90
N THR H 292 -15.53 -26.29 -0.78
CA THR H 292 -16.47 -27.22 -0.19
C THR H 292 -17.81 -26.84 -0.84
N ILE H 293 -18.32 -27.73 -1.68
CA ILE H 293 -19.58 -27.44 -2.36
C ILE H 293 -20.77 -27.95 -1.55
N GLU H 294 -21.68 -27.05 -1.21
CA GLU H 294 -22.75 -27.43 -0.30
C GLU H 294 -23.92 -26.44 -0.30
N ASP H 295 -24.62 -26.35 0.83
CA ASP H 295 -25.74 -25.44 1.00
C ASP H 295 -26.00 -25.33 2.50
N THR H 296 -26.94 -24.48 2.89
CA THR H 296 -27.25 -24.28 4.32
C THR H 296 -27.76 -25.56 4.96
N TRP H 297 -28.69 -26.20 4.27
CA TRP H 297 -29.29 -27.46 4.70
C TRP H 297 -30.26 -27.87 3.61
N GLY H 298 -30.81 -29.05 3.75
CA GLY H 298 -31.93 -29.48 2.94
C GLY H 298 -32.07 -31.00 2.85
N GLY H 299 -32.82 -31.43 1.84
CA GLY H 299 -33.17 -32.83 1.68
C GLY H 299 -32.62 -33.38 0.38
N ASP H 300 -33.42 -34.25 -0.25
CA ASP H 300 -32.96 -34.92 -1.48
C ASP H 300 -32.69 -33.96 -2.65
N ILE H 301 -33.55 -32.97 -2.83
CA ILE H 301 -33.50 -32.08 -3.99
C ILE H 301 -32.32 -31.11 -3.90
N VAL H 302 -32.11 -30.52 -2.71
CA VAL H 302 -30.88 -29.80 -2.38
C VAL H 302 -29.63 -30.66 -2.62
N THR H 303 -29.68 -31.93 -2.19
CA THR H 303 -28.53 -32.81 -2.33
C THR H 303 -28.21 -33.08 -3.80
N ALA H 304 -29.25 -33.10 -4.64
CA ALA H 304 -29.09 -33.28 -6.08
C ALA H 304 -28.34 -32.09 -6.71
N ALA H 305 -28.73 -30.87 -6.34
CA ALA H 305 -28.11 -29.69 -6.89
C ALA H 305 -26.64 -29.65 -6.49
N ILE H 306 -26.37 -29.91 -5.22
CA ILE H 306 -25.01 -30.04 -4.74
C ILE H 306 -24.20 -31.02 -5.60
N ALA H 307 -24.70 -32.22 -5.75
CA ALA H 307 -24.00 -33.29 -6.47
C ALA H 307 -23.65 -32.91 -7.93
N HIS H 308 -24.57 -32.20 -8.60
CA HIS H 308 -24.37 -31.80 -9.99
C HIS H 308 -23.32 -30.73 -10.09
N LEU H 309 -23.36 -29.76 -9.20
CA LEU H 309 -22.29 -28.78 -9.19
C LEU H 309 -20.97 -29.47 -8.84
N ALA H 310 -21.00 -30.35 -7.84
CA ALA H 310 -19.76 -30.95 -7.39
C ALA H 310 -19.16 -31.81 -8.50
N ARG H 311 -19.99 -32.55 -9.22
CA ARG H 311 -19.45 -33.38 -10.29
C ARG H 311 -18.86 -32.55 -11.43
N SER H 312 -19.36 -31.33 -11.63
CA SER H 312 -18.82 -30.50 -12.69
C SER H 312 -17.55 -29.80 -12.23
N THR H 313 -17.06 -30.16 -11.05
CA THR H 313 -15.82 -29.57 -10.55
C THR H 313 -14.70 -30.61 -10.45
N PRO H 314 -13.53 -30.26 -11.00
CA PRO H 314 -12.38 -31.15 -10.86
C PRO H 314 -12.13 -31.51 -9.39
N SER H 315 -11.72 -32.74 -9.16
CA SER H 315 -11.42 -33.21 -7.82
C SER H 315 -10.39 -32.29 -7.15
N GLU H 316 -9.40 -31.85 -7.92
CA GLU H 316 -8.35 -30.95 -7.43
C GLU H 316 -8.90 -29.75 -6.65
N PHE H 317 -10.10 -29.30 -7.00
CA PHE H 317 -10.65 -28.08 -6.41
C PHE H 317 -11.97 -28.33 -5.69
N THR H 318 -12.22 -29.62 -5.40
CA THR H 318 -13.33 -30.02 -4.57
C THR H 318 -12.78 -30.50 -3.24
N PHE H 319 -12.65 -29.59 -2.30
CA PHE H 319 -12.24 -29.95 -0.96
C PHE H 319 -13.20 -31.02 -0.40
N SER H 320 -14.50 -30.84 -0.68
CA SER H 320 -15.54 -31.80 -0.32
C SER H 320 -16.91 -31.31 -0.73
N ALA H 321 -17.89 -32.22 -0.70
CA ALA H 321 -19.31 -31.84 -0.74
C ALA H 321 -19.99 -32.46 0.47
N THR H 322 -21.31 -32.32 0.55
CA THR H 322 -22.01 -32.94 1.67
C THR H 322 -23.37 -33.44 1.24
N ASP H 323 -23.78 -34.58 1.78
CA ASP H 323 -25.01 -35.26 1.42
C ASP H 323 -26.08 -35.03 2.50
N PHE H 324 -26.82 -33.93 2.39
CA PHE H 324 -27.72 -33.54 3.48
C PHE H 324 -28.83 -34.54 3.70
N ASN H 325 -29.25 -35.22 2.63
CA ASN H 325 -30.35 -36.16 2.72
C ASN H 325 -30.11 -37.35 3.70
N SER H 326 -28.86 -37.66 3.99
CA SER H 326 -28.55 -38.77 4.88
C SER H 326 -28.45 -38.29 6.35
N TYR H 327 -28.55 -36.99 6.56
CA TYR H 327 -28.63 -36.45 7.92
C TYR H 327 -30.09 -36.46 8.40
N GLY H 328 -31.01 -36.83 7.50
CA GLY H 328 -32.44 -36.76 7.78
C GLY H 328 -33.23 -38.02 7.46
N THR H 329 -34.44 -38.09 7.98
CA THR H 329 -35.22 -39.34 7.97
C THR H 329 -36.24 -39.45 6.85
N VAL H 330 -36.53 -38.33 6.19
CA VAL H 330 -37.64 -38.27 5.26
C VAL H 330 -37.17 -38.08 3.81
N ASP H 331 -37.53 -39.00 2.93
CA ASP H 331 -37.24 -38.83 1.52
C ASP H 331 -38.34 -38.01 0.86
N ILE H 332 -37.95 -37.03 0.05
CA ILE H 332 -38.90 -36.17 -0.67
C ILE H 332 -38.74 -36.29 -2.18
N ALA H 333 -37.76 -37.06 -2.63
CA ALA H 333 -37.69 -37.31 -4.05
C ALA H 333 -37.00 -38.62 -4.37
N GLU H 334 -37.35 -39.15 -5.52
CA GLU H 334 -36.66 -40.28 -6.08
C GLU H 334 -35.70 -39.73 -7.12
N GLY H 335 -34.59 -40.42 -7.34
CA GLY H 335 -33.55 -39.95 -8.24
C GLY H 335 -32.37 -39.32 -7.52
N ALA H 336 -32.49 -39.13 -6.21
CA ALA H 336 -31.50 -38.35 -5.48
C ALA H 336 -30.19 -39.09 -5.38
N PRO H 337 -29.08 -38.35 -5.18
CA PRO H 337 -27.80 -39.00 -4.88
C PRO H 337 -27.86 -39.78 -3.56
N LYS H 338 -27.02 -40.83 -3.43
CA LYS H 338 -26.97 -41.60 -2.22
C LYS H 338 -25.53 -41.93 -1.85
N ARG H 339 -25.18 -41.68 -0.60
CA ARG H 339 -23.81 -41.90 -0.16
C ARG H 339 -23.48 -43.38 -0.19
N VAL H 340 -22.36 -43.71 -0.81
CA VAL H 340 -21.79 -45.04 -0.68
C VAL H 340 -20.29 -44.92 -0.41
N ASN H 341 -19.91 -45.23 0.81
CA ASN H 341 -18.52 -45.29 1.18
C ASN H 341 -17.90 -43.92 1.15
N GLY H 342 -18.59 -42.96 1.75
CA GLY H 342 -18.05 -41.61 1.88
C GLY H 342 -18.11 -40.82 0.59
N ARG H 343 -18.86 -41.31 -0.40
CA ARG H 343 -18.97 -40.61 -1.69
C ARG H 343 -20.37 -40.62 -2.30
N MET H 344 -20.59 -39.66 -3.19
CA MET H 344 -21.88 -39.36 -3.82
C MET H 344 -21.62 -39.29 -5.28
N THR H 345 -22.64 -39.60 -6.07
CA THR H 345 -22.57 -39.37 -7.49
C THR H 345 -23.95 -38.86 -7.91
N THR H 346 -24.17 -38.77 -9.22
CA THR H 346 -25.51 -38.54 -9.74
C THR H 346 -25.79 -39.54 -10.86
N SER H 347 -27.04 -39.55 -11.32
CA SER H 347 -27.40 -40.26 -12.54
C SER H 347 -27.15 -39.37 -13.75
N ASP H 348 -27.38 -39.89 -14.95
CA ASP H 348 -27.22 -39.05 -16.13
C ASP H 348 -28.58 -38.61 -16.67
N LEU H 349 -29.63 -38.68 -15.85
CA LEU H 349 -30.94 -38.21 -16.29
C LEU H 349 -30.96 -36.69 -16.40
N PRO H 350 -31.90 -36.15 -17.18
CA PRO H 350 -31.96 -34.70 -17.47
C PRO H 350 -32.18 -33.82 -16.25
N GLY H 351 -31.55 -32.65 -16.25
CA GLY H 351 -31.73 -31.70 -15.18
C GLY H 351 -31.14 -32.25 -13.92
N LEU H 352 -31.87 -32.11 -12.80
CA LEU H 352 -31.37 -32.54 -11.51
C LEU H 352 -31.45 -34.04 -11.43
N GLY H 353 -32.25 -34.63 -12.30
CA GLY H 353 -32.42 -36.08 -12.31
C GLY H 353 -33.37 -36.60 -11.25
N ILE H 354 -34.12 -35.70 -10.60
CA ILE H 354 -35.00 -36.10 -9.50
C ILE H 354 -36.47 -36.02 -9.89
N THR H 355 -37.31 -36.78 -9.20
CA THR H 355 -38.77 -36.68 -9.35
C THR H 355 -39.39 -36.67 -7.95
N PRO H 356 -40.06 -35.58 -7.58
CA PRO H 356 -40.54 -35.41 -6.20
C PRO H 356 -41.70 -36.34 -5.82
N ILE H 357 -41.75 -36.67 -4.54
CA ILE H 357 -42.80 -37.48 -3.98
C ILE H 357 -43.87 -36.52 -3.51
N PHE H 358 -44.82 -36.24 -4.39
CA PHE H 358 -45.79 -35.18 -4.15
C PHE H 358 -46.69 -35.52 -2.97
N ASP H 359 -46.43 -36.70 -2.44
CA ASP H 359 -47.20 -37.30 -1.39
C ASP H 359 -46.71 -36.80 -0.04
N VAL H 360 -45.39 -36.81 0.11
CA VAL H 360 -44.65 -36.27 1.25
C VAL H 360 -44.74 -34.75 1.29
N LEU H 361 -44.78 -34.14 0.11
CA LEU H 361 -44.85 -32.68 -0.03
C LEU H 361 -46.18 -32.13 0.43
N GLY H 362 -47.26 -32.75 -0.03
CA GLY H 362 -48.60 -32.33 0.31
C GLY H 362 -49.15 -31.36 -0.71
N GLU H 363 -50.28 -30.75 -0.39
CA GLU H 363 -50.87 -29.74 -1.24
C GLU H 363 -50.02 -28.49 -1.11
N PRO H 364 -49.86 -27.74 -2.21
CA PRO H 364 -49.06 -26.52 -2.14
C PRO H 364 -49.58 -25.53 -1.10
N VAL H 365 -48.70 -24.87 -0.37
CA VAL H 365 -49.09 -23.78 0.51
C VAL H 365 -49.22 -22.46 -0.27
N ALA H 366 -48.78 -22.45 -1.53
CA ALA H 366 -49.00 -21.30 -2.41
C ALA H 366 -49.00 -21.65 -3.89
N ARG H 367 -49.82 -20.95 -4.66
CA ARG H 367 -49.88 -21.12 -6.11
C ARG H 367 -49.87 -19.74 -6.71
N TYR H 368 -49.05 -19.54 -7.74
CA TYR H 368 -49.07 -18.28 -8.52
C TYR H 368 -49.28 -18.57 -10.01
N SER H 369 -50.17 -17.80 -10.63
CA SER H 369 -50.44 -17.92 -12.06
C SER H 369 -50.92 -16.61 -12.66
#